data_7XST
#
_entry.id   7XST
#
_cell.length_a   1.00
_cell.length_b   1.00
_cell.length_c   1.00
_cell.angle_alpha   90.00
_cell.angle_beta   90.00
_cell.angle_gamma   90.00
#
_symmetry.space_group_name_H-M   'P 1'
#
loop_
_entity.id
_entity.type
_entity.pdbx_description
1 polymer 'Spike glycoprotein'
2 polymer 'F61 heavy chain'
3 polymer 'F61 light chain'
4 polymer 'D2 heavy chain'
5 polymer 'D2 light chain'
6 non-polymer 2-acetamido-2-deoxy-beta-D-glucopyranose
#
loop_
_entity_poly.entity_id
_entity_poly.type
_entity_poly.pdbx_seq_one_letter_code
_entity_poly.pdbx_strand_id
1 'polypeptide(L)'
;MFVFLVLLPLVSSQCVNLTTRTQLPPAYTNSFTRGVYYPDKVFRSSVLHSTQDLFLPFFSNVTWFHVISGTNGTKRFDNP
VLPFNDGVYFASIEKSNIIRGWIFGTTLDSKTQSLLIVNNATNVVIKVCEFQFCNDPFLDHKNNKSWMESEFRVYSSANN
CTFEYVSQPFLMDLEGKQGNFKNLREFVFKNIDGYFKIYSKHTPIIVREPEDLPQGFSALEPLVDLPIGINITRFQTLLA
LHRSYLTPGDSSSGWTAGAAAYYVGYLQPRTFLLKYNENGTITDAVDCALDPLSETKCTLKSFTVEKGIYQTSNFRVQPT
ESIVRFPNITNLCPFDEVFNATRFASVYAWNRKRISNCVADYSVLYNLAPFFTFKCYGVSPTKLNDLCFTNVYADSFVIR
GDEVRQIAPGQTGNIADYNYKLPDDFTGCVIAWNSNKLDSKVSGNYNYLYRLFRKSNLKPFERDISTEIYQAGNKPCNGV
AGFNCYFPLRSYSFRPTYGVGHQPYRVVVLSFELLHAPATVCGPKKSTNLVKNKCVNFNFNGLKGTGVLTESNKKFLPFQ
QFGRDIADTTDAVRDPQTLEILDITPCSFGGVSVITPGTNTSNQVAVLYQGVNCTEVPVAIHADQLTPTWRVYSTGSNVF
QTRAGCLIGAEYVNNSYECDIPIGAGICASYQTQTKSHGSASSVASQSIIAYTMSLGAENSVAYSNNSIAIPTNFTISVT
TEILPVSMTKTSVDCTMYICGDSTECSNLLLQYGSFCTQLKRALTGIAVEQDKNTQEVFAQVKQIYKTPPIKYFGGFNFS
QILPDPSKPSKRSPIEDLLFNKVTLADAGFIKQYGDCLGDIAARDLICAQKFKGLTVLPPLLTDEMIAQYTSALLAGTIT
SGWTFGAGPALQIPFPMQMAYRFNGIGVTQNVLYENQKLIANQFNSAIGKIQDSLSSTPSALGKLQDVVNHNAQALNTLV
KQLSSKFGAISSVLNDIFSRLDPPEAEVQIDRLITGRLQSLQTYVTQQLIRAAEIRASANLAATKMSECVLGQSKRVDFC
GKGYHLMSFPQSAPHGVVFLHVTYVPAQEKNFTTAPAICHDGKAHFPREGVFVSNGTHWFVTQRNFYEPQIITTDNTFVS
GNCDVVIGIVNNTVYDPLQPELDSFKEELDKYFKNHTSPDVDLGDISGINASVVNIQKEIDRLNEVAKNLNESLIDLQEL
GKYEQYIKWP
;
A,B,C
2 'polypeptide(L)'
;EVQLVESGGGLVQPGGSLRLSCEASEIIVNRNYMNWVRQAPGKGLEWVSIIYPGGSTFYADSVKGRFTISRDNSKNTMYL
QMNSLRAEDTAVYYCARSYGDFYVDFWGQGTLVTVSS
;
L,H,D
3 'polypeptide(L)'
;QSVLTQPPSVSAAPGQKVTISCSGSSSNIGNNYVSWYQQLPGTAPKLLIYDNNKRPSGIPDRFSGSKSGTSATLGITGLQ
TGDEADYYCGTWDSSLSAWVFGGGTKLTVL
;
M,I,E
4 'polypeptide(L)'
;EVQLVESGGGLVQPGRSLTLSCGASGFTFEDYAMHWVRQAPGKGLEWVSGIDWNSGVIGYADSVKGRFIISRDNAKNSLY
LHMRSLTAEDTALYYCAKDVYSESGSGSYYDYWGQGTLVTVSS
;
N,J,F
5 'polypeptide(L)'
;QSVLTQPPSVSAAPGQKVAISCSGSTSNIGDNFVSWYQQFPGTAPKLLLYDDARRPSGIPDRFSGSKSGTSATLGITGLQ
TGDEAVYFCSTWDNSLNVVLFGGGTKLTVL
;
O,K,G
#
loop_
_chem_comp.id
_chem_comp.type
_chem_comp.name
_chem_comp.formula
NAG D-saccharide, beta linking 2-acetamido-2-deoxy-beta-D-glucopyranose 'C8 H15 N O6'
#
# COMPACT_ATOMS: atom_id res chain seq x y z
N ALA A 27 29.27 -41.99 32.49
CA ALA A 27 29.20 -40.70 33.16
C ALA A 27 27.95 -39.94 32.73
N TYR A 28 26.78 -40.41 33.18
CA TYR A 28 25.51 -39.78 32.85
C TYR A 28 24.55 -39.96 34.00
N THR A 29 23.72 -38.95 34.26
CA THR A 29 22.63 -39.08 35.21
C THR A 29 21.58 -38.04 34.84
N ASN A 30 20.33 -38.32 35.19
CA ASN A 30 19.23 -37.51 34.69
C ASN A 30 18.90 -36.38 35.65
N SER A 31 18.46 -35.25 35.04
CA SER A 31 18.00 -34.05 35.78
C SER A 31 16.50 -34.19 35.95
N PHE A 32 16.03 -34.51 37.15
CA PHE A 32 14.60 -34.87 37.27
C PHE A 32 13.66 -33.75 36.87
N THR A 33 13.88 -32.56 37.38
CA THR A 33 12.98 -31.42 37.10
C THR A 33 13.83 -30.19 37.29
N ARG A 34 15.15 -30.35 37.40
CA ARG A 34 15.89 -29.13 37.64
C ARG A 34 16.04 -28.33 36.34
N GLY A 35 16.45 -27.06 36.47
CA GLY A 35 16.81 -26.30 35.27
C GLY A 35 15.90 -25.18 34.85
N VAL A 36 14.79 -24.98 35.54
CA VAL A 36 13.84 -23.97 35.08
C VAL A 36 14.16 -22.67 35.80
N TYR A 37 13.71 -21.56 35.24
CA TYR A 37 14.10 -20.25 35.77
C TYR A 37 13.00 -19.24 35.49
N TYR A 38 13.08 -18.11 36.16
CA TYR A 38 12.19 -17.00 35.87
C TYR A 38 12.52 -16.44 34.49
N PRO A 39 11.69 -16.65 33.47
CA PRO A 39 12.13 -16.30 32.11
C PRO A 39 12.16 -14.81 31.83
N ASP A 40 11.23 -13.98 32.35
CA ASP A 40 11.22 -12.56 31.87
C ASP A 40 11.08 -11.39 32.84
N LYS A 41 11.24 -11.54 34.16
CA LYS A 41 11.26 -10.36 35.08
C LYS A 41 10.03 -9.45 35.00
N VAL A 42 8.82 -10.00 34.92
CA VAL A 42 7.55 -9.22 34.96
C VAL A 42 6.66 -9.95 35.97
N PHE A 43 6.53 -9.42 37.18
CA PHE A 43 5.86 -10.14 38.28
C PHE A 43 4.49 -10.69 37.92
N ARG A 44 4.11 -11.90 38.37
CA ARG A 44 2.74 -12.45 38.20
C ARG A 44 2.39 -13.17 39.49
N SER A 45 1.30 -12.82 40.13
CA SER A 45 0.89 -13.49 41.37
C SER A 45 -0.21 -14.50 41.08
N SER A 46 0.03 -15.75 41.47
CA SER A 46 -1.00 -16.80 41.48
C SER A 46 -1.69 -16.94 40.12
N VAL A 47 -0.90 -16.95 39.05
CA VAL A 47 -1.43 -17.06 37.70
C VAL A 47 -0.49 -17.95 36.89
N LEU A 48 -0.99 -19.10 36.45
CA LEU A 48 -0.20 -20.01 35.64
C LEU A 48 0.15 -19.35 34.32
N HIS A 49 1.44 -19.17 34.07
CA HIS A 49 1.92 -18.53 32.85
C HIS A 49 2.28 -19.59 31.82
N SER A 50 2.55 -19.16 30.60
CA SER A 50 2.88 -20.06 29.49
C SER A 50 3.96 -19.41 28.64
N THR A 51 5.20 -19.80 28.85
CA THR A 51 6.33 -19.16 28.20
C THR A 51 7.09 -20.16 27.34
N GLN A 52 7.44 -19.72 26.12
CA GLN A 52 8.24 -20.50 25.18
C GLN A 52 9.62 -19.84 25.09
N ASP A 53 10.66 -20.59 25.46
CA ASP A 53 12.01 -20.04 25.49
C ASP A 53 12.99 -21.22 25.57
N LEU A 54 14.26 -20.94 25.84
CA LEU A 54 15.30 -21.96 25.88
C LEU A 54 15.34 -22.58 27.28
N PHE A 55 14.75 -23.76 27.43
CA PHE A 55 14.65 -24.44 28.71
C PHE A 55 15.41 -25.75 28.67
N LEU A 56 15.69 -26.30 29.85
CA LEU A 56 16.27 -27.64 29.93
C LEU A 56 15.17 -28.68 29.90
N PRO A 57 15.13 -29.55 28.89
CA PRO A 57 14.07 -30.56 28.82
C PRO A 57 14.06 -31.43 30.06
N PHE A 58 12.90 -31.44 30.74
CA PHE A 58 12.73 -32.27 31.93
C PHE A 58 13.12 -33.71 31.64
N PHE A 59 13.91 -34.28 32.55
CA PHE A 59 14.35 -35.67 32.49
C PHE A 59 15.33 -35.94 31.35
N SER A 60 16.05 -34.92 30.89
CA SER A 60 17.22 -35.19 30.07
C SER A 60 18.28 -35.90 30.91
N ASN A 61 19.25 -36.48 30.23
CA ASN A 61 20.38 -37.11 30.90
C ASN A 61 21.61 -36.22 30.76
N VAL A 62 21.95 -35.53 31.85
CA VAL A 62 23.05 -34.59 31.88
C VAL A 62 24.33 -35.33 32.21
N THR A 63 25.43 -34.87 31.62
CA THR A 63 26.72 -35.51 31.81
C THR A 63 27.20 -35.33 33.23
N TRP A 64 27.95 -36.30 33.72
CA TRP A 64 28.53 -36.28 35.06
C TRP A 64 30.04 -36.11 34.90
N PHE A 65 30.67 -35.38 35.81
CA PHE A 65 32.12 -35.19 35.75
C PHE A 65 32.72 -35.43 37.14
N HIS A 66 34.05 -35.29 37.22
CA HIS A 66 34.77 -35.56 38.46
C HIS A 66 36.02 -34.69 38.49
N VAL A 67 36.70 -34.73 39.64
CA VAL A 67 37.99 -34.07 39.82
C VAL A 67 39.02 -35.08 40.29
N ILE A 68 38.55 -36.17 40.89
CA ILE A 68 39.44 -37.21 41.38
C ILE A 68 39.35 -38.45 40.49
N ASP A 78 40.12 -34.06 35.61
CA ASP A 78 39.96 -33.85 34.16
C ASP A 78 38.77 -32.92 33.92
N ASN A 79 39.03 -31.80 33.26
CA ASN A 79 38.02 -30.78 32.99
C ASN A 79 38.09 -30.36 31.52
N PRO A 80 37.71 -31.24 30.61
CA PRO A 80 37.88 -30.95 29.19
C PRO A 80 36.92 -29.87 28.72
N VAL A 81 37.29 -29.21 27.63
CA VAL A 81 36.43 -28.21 27.03
C VAL A 81 35.14 -28.87 26.57
N LEU A 82 34.07 -28.09 26.51
CA LEU A 82 32.74 -28.60 26.20
C LEU A 82 32.08 -27.69 25.18
N PRO A 83 31.13 -28.22 24.41
CA PRO A 83 30.34 -27.34 23.53
C PRO A 83 29.30 -26.56 24.30
N PHE A 84 28.87 -25.45 23.70
CA PHE A 84 27.92 -24.51 24.29
C PHE A 84 26.84 -24.29 23.23
N ASN A 85 25.85 -25.17 23.22
CA ASN A 85 24.90 -25.21 22.10
C ASN A 85 23.93 -24.04 22.14
N ASP A 86 23.07 -23.99 23.15
CA ASP A 86 22.04 -22.97 23.24
C ASP A 86 21.94 -22.47 24.68
N GLY A 87 23.09 -22.34 25.33
CA GLY A 87 23.13 -22.14 26.77
C GLY A 87 23.46 -23.44 27.48
N VAL A 88 23.73 -23.32 28.78
CA VAL A 88 24.12 -24.48 29.57
C VAL A 88 23.52 -24.36 30.96
N TYR A 89 22.94 -25.46 31.44
CA TYR A 89 22.61 -25.61 32.84
C TYR A 89 23.77 -26.30 33.51
N PHE A 90 24.39 -25.62 34.47
CA PHE A 90 25.61 -26.09 35.11
C PHE A 90 25.35 -26.28 36.59
N ALA A 91 25.88 -27.35 37.17
CA ALA A 91 25.65 -27.54 38.60
C ALA A 91 26.98 -27.76 39.32
N SER A 92 26.92 -28.04 40.61
CA SER A 92 28.10 -28.40 41.39
C SER A 92 27.65 -28.87 42.76
N ILE A 93 28.36 -29.86 43.30
CA ILE A 93 28.10 -30.38 44.63
C ILE A 93 29.43 -30.65 45.31
N GLU A 94 29.66 -30.01 46.45
CA GLU A 94 30.90 -30.18 47.19
C GLU A 94 30.72 -29.57 48.57
N LYS A 95 31.70 -29.82 49.45
CA LYS A 95 31.66 -29.22 50.78
C LYS A 95 32.43 -27.91 50.85
N SER A 96 33.57 -27.83 50.16
CA SER A 96 34.39 -26.63 50.12
C SER A 96 34.57 -26.21 48.67
N ASN A 97 34.52 -24.89 48.44
CA ASN A 97 34.48 -24.36 47.08
C ASN A 97 35.72 -24.79 46.31
N ILE A 98 35.51 -25.58 45.25
CA ILE A 98 36.58 -26.07 44.40
C ILE A 98 36.34 -25.59 42.98
N ILE A 99 35.07 -25.41 42.62
CA ILE A 99 34.69 -24.95 41.29
C ILE A 99 34.58 -23.43 41.36
N ARG A 100 35.57 -22.74 40.78
CA ARG A 100 35.72 -21.31 40.98
C ARG A 100 35.18 -20.47 39.82
N GLY A 101 35.47 -20.85 38.58
CA GLY A 101 35.14 -19.97 37.47
C GLY A 101 35.04 -20.73 36.18
N TRP A 102 34.64 -19.98 35.15
CA TRP A 102 34.44 -20.52 33.81
C TRP A 102 35.17 -19.66 32.79
N ILE A 103 35.47 -20.25 31.64
CA ILE A 103 35.98 -19.53 30.48
C ILE A 103 35.12 -19.89 29.29
N PHE A 104 34.73 -18.88 28.52
CA PHE A 104 33.80 -19.01 27.41
C PHE A 104 34.46 -18.47 26.14
N GLY A 105 33.96 -18.92 25.00
CA GLY A 105 34.39 -18.36 23.74
C GLY A 105 34.34 -19.39 22.63
N THR A 106 34.46 -18.90 21.40
CA THR A 106 34.43 -19.77 20.23
C THR A 106 35.73 -20.55 20.05
N THR A 107 36.84 -20.07 20.63
CA THR A 107 38.12 -20.77 20.53
C THR A 107 38.86 -20.89 21.86
N LEU A 108 38.52 -20.09 22.87
CA LEU A 108 39.22 -20.12 24.16
C LEU A 108 40.72 -19.91 23.98
N ASP A 109 41.07 -18.92 23.18
CA ASP A 109 42.48 -18.61 22.90
C ASP A 109 42.58 -17.16 22.45
N SER A 110 43.82 -16.71 22.21
CA SER A 110 44.06 -15.33 21.81
C SER A 110 43.62 -15.04 20.38
N LYS A 111 43.27 -16.07 19.60
CA LYS A 111 42.84 -15.84 18.22
C LYS A 111 41.57 -15.02 18.15
N THR A 112 40.61 -15.30 19.02
CA THR A 112 39.33 -14.61 18.99
C THR A 112 38.95 -14.19 20.41
N GLN A 113 37.91 -13.37 20.50
CA GLN A 113 37.49 -12.82 21.78
C GLN A 113 36.94 -13.93 22.67
N SER A 114 37.23 -13.84 23.96
CA SER A 114 36.76 -14.85 24.91
C SER A 114 36.40 -14.17 26.23
N LEU A 115 35.90 -14.97 27.16
CA LEU A 115 35.34 -14.48 28.41
C LEU A 115 35.84 -15.31 29.59
N LEU A 116 35.99 -14.66 30.74
CA LEU A 116 36.37 -15.32 31.98
C LEU A 116 35.50 -14.81 33.11
N ILE A 117 34.92 -15.73 33.88
CA ILE A 117 34.17 -15.42 35.08
C ILE A 117 34.84 -16.15 36.23
N VAL A 118 35.09 -15.45 37.33
CA VAL A 118 35.72 -16.10 38.47
C VAL A 118 35.16 -15.53 39.77
N ASN A 119 34.71 -16.44 40.64
CA ASN A 119 34.27 -16.09 41.98
C ASN A 119 35.46 -16.22 42.92
N ASN A 120 36.17 -15.11 43.13
CA ASN A 120 37.38 -15.13 43.94
C ASN A 120 37.01 -15.26 45.42
N ALA A 121 38.01 -15.15 46.30
CA ALA A 121 37.78 -15.34 47.73
C ALA A 121 36.75 -14.36 48.26
N THR A 122 36.70 -13.15 47.69
CA THR A 122 35.76 -12.15 48.17
C THR A 122 35.04 -11.40 47.05
N ASN A 123 35.40 -11.60 45.79
CA ASN A 123 34.79 -10.85 44.70
C ASN A 123 34.59 -11.76 43.49
N VAL A 124 33.57 -11.43 42.69
CA VAL A 124 33.38 -12.01 41.37
C VAL A 124 33.90 -11.02 40.34
N VAL A 125 34.78 -11.49 39.48
CA VAL A 125 35.38 -10.70 38.42
C VAL A 125 34.94 -11.32 37.10
N ILE A 126 34.38 -10.49 36.23
CA ILE A 126 33.94 -10.88 34.90
C ILE A 126 34.71 -10.03 33.88
N LYS A 127 35.36 -10.69 32.93
CA LYS A 127 36.16 -9.98 31.94
C LYS A 127 35.90 -10.64 30.59
N VAL A 128 35.93 -9.86 29.51
CA VAL A 128 35.86 -10.42 28.16
C VAL A 128 37.05 -9.86 27.38
N CYS A 129 38.20 -10.52 27.51
CA CYS A 129 39.36 -10.03 26.79
C CYS A 129 40.35 -11.06 26.26
N GLU A 130 39.96 -12.31 26.07
CA GLU A 130 40.65 -13.23 25.16
C GLU A 130 42.13 -13.42 25.54
N PHE A 131 42.33 -14.02 26.71
CA PHE A 131 43.69 -14.37 27.10
C PHE A 131 44.17 -15.61 26.34
N GLN A 132 45.46 -15.89 26.46
CA GLN A 132 46.03 -17.13 25.94
C GLN A 132 45.84 -18.19 27.01
N PHE A 133 44.67 -18.80 27.02
CA PHE A 133 44.33 -19.77 28.05
C PHE A 133 45.23 -20.98 27.96
N CYS A 134 45.69 -21.46 29.11
CA CYS A 134 46.47 -22.68 29.16
C CYS A 134 45.59 -23.87 28.78
N ASN A 135 46.22 -24.90 28.24
CA ASN A 135 45.47 -26.09 27.82
C ASN A 135 44.85 -26.80 29.02
N ASP A 136 45.30 -26.49 30.23
CA ASP A 136 44.70 -27.01 31.47
C ASP A 136 44.55 -25.84 32.43
N PRO A 137 43.57 -24.97 32.21
CA PRO A 137 43.43 -23.78 33.07
C PRO A 137 43.14 -24.17 34.51
N PHE A 138 43.65 -23.35 35.43
CA PHE A 138 43.70 -23.74 36.83
C PHE A 138 43.80 -22.48 37.66
N LEU A 139 43.33 -22.57 38.90
CA LEU A 139 43.46 -21.49 39.86
C LEU A 139 43.89 -22.07 41.20
N ASP A 140 44.87 -21.43 41.83
CA ASP A 140 45.39 -21.90 43.11
C ASP A 140 44.69 -21.22 44.28
N PHE A 152 46.73 -17.17 41.79
CA PHE A 152 46.02 -16.97 40.54
C PHE A 152 46.98 -16.89 39.36
N ARG A 153 46.52 -16.28 38.27
CA ARG A 153 47.28 -16.00 37.06
C ARG A 153 47.68 -17.27 36.31
N VAL A 154 47.29 -18.45 36.77
CA VAL A 154 47.62 -19.68 36.05
C VAL A 154 46.85 -19.76 34.74
N TYR A 155 45.63 -19.23 34.72
CA TYR A 155 44.79 -19.35 33.52
C TYR A 155 45.26 -18.42 32.41
N SER A 156 45.24 -17.12 32.67
CA SER A 156 45.45 -16.12 31.64
C SER A 156 46.95 -15.88 31.41
N SER A 157 47.28 -15.39 30.21
CA SER A 157 48.65 -15.03 29.87
C SER A 157 48.79 -13.56 29.55
N ALA A 158 47.97 -13.07 28.61
CA ALA A 158 48.02 -11.66 28.19
C ALA A 158 46.67 -11.29 27.60
N ASN A 159 46.39 -9.98 27.54
CA ASN A 159 45.05 -9.56 27.07
C ASN A 159 44.84 -8.05 27.02
N ASN A 160 44.11 -7.56 26.02
CA ASN A 160 43.71 -6.13 26.01
C ASN A 160 42.21 -6.17 26.34
N CYS A 161 41.79 -5.56 27.45
CA CYS A 161 40.38 -5.78 27.88
C CYS A 161 39.37 -4.73 27.41
N THR A 162 38.13 -5.14 27.15
CA THR A 162 37.05 -4.28 26.68
C THR A 162 35.97 -4.07 27.71
N PHE A 163 35.38 -5.14 28.23
CA PHE A 163 34.39 -5.08 29.30
C PHE A 163 35.00 -5.62 30.59
N GLU A 164 34.51 -5.12 31.71
CA GLU A 164 34.99 -5.58 33.01
C GLU A 164 33.89 -5.30 34.03
N TYR A 165 33.76 -6.23 34.98
CA TYR A 165 32.67 -6.18 35.94
C TYR A 165 33.15 -6.84 37.23
N VAL A 166 32.71 -6.29 38.36
CA VAL A 166 33.08 -6.84 39.66
C VAL A 166 31.88 -6.73 40.59
N SER A 167 31.70 -7.74 41.43
CA SER A 167 30.57 -7.75 42.35
C SER A 167 30.85 -8.72 43.49
N GLN A 168 29.83 -8.96 44.31
CA GLN A 168 29.94 -9.88 45.44
C GLN A 168 30.10 -11.32 44.93
N PRO A 169 30.64 -12.21 45.76
CA PRO A 169 30.82 -13.60 45.33
C PRO A 169 29.50 -14.25 44.96
N PHE A 170 29.56 -15.13 43.95
CA PHE A 170 28.35 -15.78 43.45
C PHE A 170 27.71 -16.65 44.52
N LEU A 171 28.54 -17.39 45.27
CA LEU A 171 28.03 -18.27 46.31
C LEU A 171 28.62 -17.91 47.67
N LYS A 182 28.45 -30.50 50.58
CA LYS A 182 27.17 -30.40 51.27
C LYS A 182 26.37 -29.18 50.82
N ASN A 183 26.68 -28.67 49.63
CA ASN A 183 25.87 -27.62 49.04
C ASN A 183 25.78 -27.87 47.54
N LEU A 184 24.73 -27.37 46.91
CA LEU A 184 24.47 -27.60 45.50
C LEU A 184 24.28 -26.28 44.79
N ARG A 185 25.30 -25.85 44.05
CA ARG A 185 25.16 -24.64 43.26
C ARG A 185 24.36 -24.98 42.01
N GLU A 186 24.10 -23.99 41.15
CA GLU A 186 23.39 -24.16 39.90
C GLU A 186 23.52 -22.85 39.13
N PHE A 187 23.51 -22.97 37.81
CA PHE A 187 23.61 -21.81 36.95
C PHE A 187 22.93 -22.12 35.64
N VAL A 188 22.50 -21.06 34.94
CA VAL A 188 22.05 -21.14 33.57
C VAL A 188 22.74 -20.01 32.83
N PHE A 189 23.55 -20.35 31.82
CA PHE A 189 24.22 -19.36 30.99
C PHE A 189 23.51 -19.36 29.63
N LYS A 190 22.95 -18.21 29.25
CA LYS A 190 22.35 -18.09 27.93
C LYS A 190 22.77 -16.76 27.31
N ASN A 191 23.20 -16.80 26.05
CA ASN A 191 23.70 -15.63 25.33
C ASN A 191 22.81 -15.40 24.11
N ILE A 192 21.99 -14.34 24.18
CA ILE A 192 21.06 -14.03 23.10
C ILE A 192 21.10 -12.53 22.81
N ASP A 193 21.02 -12.18 21.52
CA ASP A 193 20.96 -10.79 21.08
C ASP A 193 22.15 -9.98 21.55
N GLY A 194 23.32 -10.60 21.60
CA GLY A 194 24.49 -9.90 22.10
C GLY A 194 24.47 -9.60 23.57
N TYR A 195 23.64 -10.29 24.35
CA TYR A 195 23.55 -10.10 25.79
C TYR A 195 23.75 -11.45 26.46
N PHE A 196 24.71 -11.51 27.37
CA PHE A 196 24.90 -12.68 28.22
C PHE A 196 23.95 -12.60 29.40
N LYS A 197 23.53 -13.76 29.90
CA LYS A 197 22.62 -13.82 31.03
C LYS A 197 23.00 -15.01 31.90
N ILE A 198 23.20 -14.73 33.18
CA ILE A 198 23.59 -15.74 34.15
C ILE A 198 22.51 -15.81 35.22
N TYR A 199 22.00 -17.02 35.47
CA TYR A 199 21.10 -17.23 36.58
C TYR A 199 21.81 -18.09 37.63
N SER A 200 21.18 -18.29 38.77
CA SER A 200 21.88 -18.99 39.85
C SER A 200 20.92 -19.35 40.98
N LYS A 201 21.26 -20.43 41.67
CA LYS A 201 20.56 -20.82 42.88
C LYS A 201 21.44 -21.67 43.80
N HIS A 202 22.00 -21.06 44.83
CA HIS A 202 22.75 -21.82 45.83
C HIS A 202 21.79 -22.40 46.86
N THR A 203 21.94 -23.68 47.15
CA THR A 203 21.03 -24.39 48.03
C THR A 203 21.82 -25.26 48.99
N PRO A 204 21.27 -25.53 50.20
CA PRO A 204 21.89 -26.50 51.09
C PRO A 204 21.37 -27.93 50.90
N ILE A 205 22.30 -28.86 50.73
CA ILE A 205 21.93 -30.26 50.49
C ILE A 205 22.51 -31.16 51.58
N ASP A 212 23.67 -38.01 41.25
CA ASP A 212 22.35 -38.11 41.86
C ASP A 212 21.79 -36.73 42.20
N LEU A 213 21.28 -36.04 41.18
CA LEU A 213 20.65 -34.75 41.42
C LEU A 213 19.41 -34.94 42.30
N PRO A 214 19.08 -33.97 43.15
CA PRO A 214 17.91 -34.11 44.02
C PRO A 214 16.62 -34.17 43.21
N GLN A 215 15.63 -34.86 43.76
CA GLN A 215 14.35 -35.00 43.08
C GLN A 215 13.49 -33.75 43.21
N GLY A 216 13.88 -32.79 44.03
CA GLY A 216 13.04 -31.64 44.29
C GLY A 216 12.93 -30.67 43.14
N PHE A 217 12.64 -29.40 43.46
CA PHE A 217 12.40 -28.40 42.44
C PHE A 217 12.78 -27.03 42.97
N SER A 218 13.48 -26.24 42.15
CA SER A 218 13.91 -24.91 42.55
C SER A 218 14.10 -24.06 41.30
N ALA A 219 13.61 -22.82 41.35
CA ALA A 219 13.66 -21.89 40.24
C ALA A 219 14.87 -20.98 40.37
N LEU A 220 15.45 -20.62 39.23
CA LEU A 220 16.74 -19.94 39.19
C LEU A 220 16.52 -18.45 38.97
N GLU A 221 16.71 -17.66 40.01
CA GLU A 221 16.48 -16.22 39.92
C GLU A 221 17.60 -15.57 39.10
N PRO A 222 17.26 -14.59 38.27
CA PRO A 222 18.30 -13.90 37.49
C PRO A 222 19.36 -13.28 38.40
N LEU A 223 20.60 -13.28 37.92
CA LEU A 223 21.70 -12.72 38.69
C LEU A 223 22.37 -11.55 37.99
N VAL A 224 22.75 -11.71 36.71
CA VAL A 224 23.32 -10.63 35.92
C VAL A 224 22.93 -10.80 34.46
N ASP A 225 22.99 -9.67 33.73
CA ASP A 225 22.69 -9.57 32.30
C ASP A 225 23.80 -8.71 31.70
N LEU A 226 24.84 -9.37 31.21
CA LEU A 226 26.06 -8.67 30.80
C LEU A 226 25.96 -8.22 29.36
N PRO A 227 25.83 -6.92 29.07
CA PRO A 227 25.78 -6.47 27.68
C PRO A 227 27.15 -6.49 27.05
N ILE A 228 27.36 -7.54 26.22
CA ILE A 228 28.68 -7.74 25.54
C ILE A 228 28.41 -8.44 24.20
N GLY A 229 28.82 -7.84 23.08
CA GLY A 229 28.52 -8.43 21.76
C GLY A 229 29.63 -9.36 21.33
N ILE A 230 29.57 -10.64 21.71
CA ILE A 230 30.65 -11.62 21.40
C ILE A 230 29.99 -12.94 21.04
N ASN A 231 30.69 -13.86 20.36
CA ASN A 231 30.15 -15.22 20.09
C ASN A 231 30.69 -16.17 21.17
N ILE A 232 29.85 -17.07 21.68
CA ILE A 232 30.26 -18.11 22.67
C ILE A 232 29.78 -19.47 22.17
N THR A 233 30.73 -20.35 21.78
CA THR A 233 30.36 -21.69 21.36
C THR A 233 31.01 -22.79 22.18
N ARG A 234 32.03 -22.50 23.00
CA ARG A 234 32.69 -23.52 23.80
C ARG A 234 33.09 -22.93 25.14
N PHE A 235 32.89 -23.71 26.20
CA PHE A 235 33.21 -23.25 27.54
C PHE A 235 33.98 -24.35 28.28
N GLN A 236 34.67 -23.95 29.34
CA GLN A 236 35.43 -24.87 30.16
C GLN A 236 35.54 -24.33 31.57
N THR A 237 35.32 -25.21 32.55
CA THR A 237 35.37 -24.82 33.95
C THR A 237 36.81 -24.76 34.47
N LEU A 238 36.96 -24.22 35.67
CA LEU A 238 38.24 -24.13 36.38
C LEU A 238 38.09 -24.81 37.73
N LEU A 239 39.22 -25.13 38.35
CA LEU A 239 39.25 -25.80 39.64
C LEU A 239 40.19 -25.08 40.60
N ALA A 240 40.28 -25.60 41.82
CA ALA A 240 41.11 -25.01 42.87
C ALA A 240 41.88 -26.10 43.62
N LEU A 241 42.44 -27.05 42.89
CA LEU A 241 43.23 -28.10 43.53
C LEU A 241 44.59 -27.54 43.98
N HIS A 242 45.41 -28.42 44.56
CA HIS A 242 46.63 -27.96 45.21
C HIS A 242 47.83 -28.02 44.28
N ARG A 243 48.16 -29.21 43.78
CA ARG A 243 49.40 -29.43 43.05
C ARG A 243 49.13 -29.43 41.54
N SER A 244 49.72 -28.47 40.84
CA SER A 244 49.65 -28.43 39.39
C SER A 244 50.71 -27.47 38.87
N TYR A 245 50.95 -27.54 37.56
CA TYR A 245 51.97 -26.75 36.90
C TYR A 245 51.33 -25.69 36.00
N LEU A 246 51.94 -24.51 35.94
CA LEU A 246 51.44 -23.46 35.07
C LEU A 246 51.46 -23.90 33.61
N THR A 247 52.50 -24.61 33.20
CA THR A 247 52.53 -25.24 31.90
C THR A 247 51.58 -26.44 31.90
N PRO A 248 51.09 -26.85 30.73
CA PRO A 248 50.17 -28.00 30.67
C PRO A 248 50.88 -29.33 30.92
N GLY A 249 51.50 -29.44 32.10
CA GLY A 249 52.21 -30.64 32.48
C GLY A 249 51.38 -31.72 33.13
N ASP A 250 50.21 -31.36 33.68
CA ASP A 250 49.34 -32.32 34.34
C ASP A 250 48.33 -32.84 33.32
N SER A 251 48.69 -33.96 32.68
CA SER A 251 47.81 -34.61 31.71
C SER A 251 47.45 -35.98 32.24
N SER A 252 46.14 -36.23 32.40
CA SER A 252 45.58 -37.48 32.90
C SER A 252 46.06 -37.82 34.30
N SER A 253 46.64 -36.87 35.03
CA SER A 253 47.14 -37.11 36.37
C SER A 253 47.39 -35.77 37.05
N GLY A 254 47.49 -35.81 38.37
CA GLY A 254 47.74 -34.60 39.13
C GLY A 254 47.26 -34.75 40.56
N TRP A 255 47.08 -33.61 41.21
CA TRP A 255 46.57 -33.58 42.57
C TRP A 255 45.15 -34.12 42.64
N THR A 256 44.91 -34.98 43.62
CA THR A 256 43.57 -35.53 43.88
C THR A 256 43.00 -34.78 45.08
N ALA A 257 42.18 -33.77 44.81
CA ALA A 257 41.56 -32.96 45.84
C ALA A 257 40.26 -33.59 46.32
N GLY A 258 39.55 -32.85 47.17
CA GLY A 258 38.24 -33.28 47.63
C GLY A 258 37.29 -33.50 46.48
N ALA A 259 36.42 -34.50 46.60
CA ALA A 259 35.52 -34.83 45.51
C ALA A 259 34.62 -33.64 45.17
N ALA A 260 34.65 -33.24 43.90
CA ALA A 260 33.84 -32.13 43.42
C ALA A 260 33.17 -32.55 42.13
N ALA A 261 31.88 -32.83 42.20
CA ALA A 261 31.12 -33.31 41.05
C ALA A 261 30.28 -32.16 40.51
N TYR A 262 30.42 -31.88 39.22
CA TYR A 262 29.66 -30.82 38.57
C TYR A 262 29.00 -31.38 37.33
N TYR A 263 27.76 -30.98 37.10
CA TYR A 263 26.91 -31.58 36.08
C TYR A 263 26.70 -30.54 34.98
N VAL A 264 26.48 -31.00 33.76
CA VAL A 264 26.32 -30.10 32.61
C VAL A 264 25.22 -30.62 31.70
N GLY A 265 24.20 -29.80 31.46
CA GLY A 265 23.18 -30.12 30.49
C GLY A 265 23.02 -28.99 29.50
N TYR A 266 22.50 -29.32 28.32
CA TYR A 266 22.33 -28.37 27.23
C TYR A 266 20.86 -28.04 27.07
N LEU A 267 20.54 -26.77 26.90
CA LEU A 267 19.17 -26.31 26.82
C LEU A 267 18.64 -26.42 25.39
N GLN A 268 17.39 -26.85 25.28
CA GLN A 268 16.66 -26.92 24.02
C GLN A 268 15.58 -25.85 24.01
N PRO A 269 15.13 -25.43 22.83
CA PRO A 269 14.01 -24.48 22.76
C PRO A 269 12.69 -25.20 22.98
N ARG A 270 12.03 -24.90 24.09
CA ARG A 270 10.84 -25.59 24.52
C ARG A 270 9.80 -24.56 24.93
N THR A 271 8.68 -25.05 25.48
CA THR A 271 7.59 -24.20 25.91
C THR A 271 6.97 -24.76 27.19
N PHE A 272 7.28 -24.14 28.31
CA PHE A 272 6.79 -24.59 29.60
C PHE A 272 5.59 -23.75 30.00
N LEU A 273 4.84 -24.24 30.98
CA LEU A 273 3.70 -23.51 31.53
C LEU A 273 3.99 -23.33 33.02
N LEU A 274 4.70 -22.26 33.34
CA LEU A 274 5.16 -22.02 34.70
C LEU A 274 4.00 -21.64 35.62
N LYS A 275 4.14 -21.95 36.90
CA LYS A 275 3.12 -21.66 37.89
C LYS A 275 3.71 -20.70 38.92
N TYR A 276 3.32 -19.44 38.82
CA TYR A 276 3.65 -18.45 39.84
C TYR A 276 2.67 -18.58 40.99
N ASN A 277 3.18 -18.51 42.21
CA ASN A 277 2.33 -18.59 43.39
C ASN A 277 1.96 -17.18 43.86
N GLU A 278 1.44 -17.05 45.08
CA GLU A 278 0.97 -15.74 45.60
C GLU A 278 2.02 -14.63 45.55
N ASN A 279 3.29 -14.91 45.82
CA ASN A 279 4.30 -13.81 45.88
C ASN A 279 5.09 -13.74 44.58
N GLY A 280 4.81 -14.63 43.63
CA GLY A 280 5.53 -14.64 42.35
C GLY A 280 6.72 -15.58 42.39
N THR A 281 6.66 -16.63 43.21
CA THR A 281 7.74 -17.61 43.29
C THR A 281 7.31 -18.88 42.58
N ILE A 282 7.99 -19.20 41.47
CA ILE A 282 7.70 -20.42 40.73
C ILE A 282 7.75 -21.61 41.68
N THR A 283 6.76 -22.50 41.56
CA THR A 283 6.71 -23.67 42.43
C THR A 283 6.66 -25.00 41.68
N ASP A 284 6.36 -25.00 40.38
CA ASP A 284 6.25 -26.18 39.52
C ASP A 284 6.39 -25.74 38.08
N ALA A 285 6.46 -26.72 37.17
CA ALA A 285 6.48 -26.47 35.74
C ALA A 285 6.13 -27.76 35.03
N VAL A 286 5.46 -27.63 33.89
CA VAL A 286 4.96 -28.75 33.13
C VAL A 286 5.56 -28.71 31.72
N ASP A 287 6.43 -29.67 31.42
CA ASP A 287 7.00 -29.78 30.09
C ASP A 287 5.89 -30.12 29.11
N CYS A 288 5.89 -29.45 27.96
CA CYS A 288 4.73 -29.48 27.08
C CYS A 288 4.93 -30.44 25.91
N ALA A 289 5.90 -31.35 26.13
CA ALA A 289 6.25 -32.38 25.12
C ALA A 289 6.98 -33.57 25.76
N LEU A 290 7.12 -33.64 27.07
CA LEU A 290 7.74 -34.84 27.68
C LEU A 290 6.87 -36.08 27.54
N ASP A 291 5.57 -36.01 27.80
CA ASP A 291 4.73 -37.22 27.90
C ASP A 291 3.44 -36.93 27.19
N PRO A 292 2.51 -37.91 27.02
CA PRO A 292 1.19 -37.62 26.48
C PRO A 292 0.34 -36.79 27.46
N LEU A 293 0.40 -37.05 28.75
CA LEU A 293 -0.41 -36.31 29.75
C LEU A 293 0.09 -34.89 29.85
N SER A 294 1.39 -34.71 29.98
CA SER A 294 1.98 -33.37 30.16
C SER A 294 1.44 -32.49 29.07
N GLU A 295 1.43 -32.98 27.85
CA GLU A 295 1.04 -32.12 26.76
C GLU A 295 -0.41 -31.66 26.88
N THR A 296 -1.29 -32.56 27.34
CA THR A 296 -2.66 -32.16 27.64
C THR A 296 -2.69 -31.07 28.70
N LYS A 297 -1.92 -31.28 29.78
CA LYS A 297 -1.83 -30.27 30.84
C LYS A 297 -1.41 -28.93 30.28
N CYS A 298 -0.41 -28.93 29.40
CA CYS A 298 0.06 -27.71 28.76
C CYS A 298 -1.01 -27.07 27.89
N THR A 299 -1.82 -27.87 27.19
CA THR A 299 -2.81 -27.28 26.29
C THR A 299 -3.95 -26.62 27.06
N LEU A 300 -4.49 -27.31 28.06
CA LEU A 300 -5.62 -26.78 28.83
C LEU A 300 -5.22 -25.66 29.78
N LYS A 301 -3.93 -25.33 29.86
CA LYS A 301 -3.43 -24.36 30.83
C LYS A 301 -3.88 -24.73 32.25
N SER A 302 -3.63 -25.97 32.62
CA SER A 302 -3.99 -26.49 33.94
C SER A 302 -3.04 -27.62 34.32
N PHE A 303 -2.81 -27.78 35.61
CA PHE A 303 -1.98 -28.85 36.12
C PHE A 303 -2.74 -30.13 36.38
N THR A 304 -4.06 -30.11 36.29
CA THR A 304 -4.90 -31.28 36.51
C THR A 304 -5.71 -31.58 35.25
N VAL A 305 -5.92 -32.84 35.00
CA VAL A 305 -6.80 -33.21 33.88
C VAL A 305 -7.91 -34.07 34.50
N GLU A 306 -9.19 -33.79 34.26
CA GLU A 306 -10.30 -34.65 34.74
C GLU A 306 -10.48 -35.75 33.72
N LYS A 307 -11.27 -36.78 34.02
CA LYS A 307 -11.43 -37.96 33.15
C LYS A 307 -12.04 -37.60 31.80
N GLY A 308 -11.46 -38.08 30.71
CA GLY A 308 -11.98 -37.68 29.40
C GLY A 308 -11.09 -38.12 28.31
N ILE A 309 -11.51 -37.83 27.09
CA ILE A 309 -10.73 -37.87 25.84
C ILE A 309 -10.50 -36.41 25.48
N TYR A 310 -9.25 -35.98 25.28
CA TYR A 310 -8.92 -34.58 25.02
C TYR A 310 -8.10 -34.54 23.75
N GLN A 311 -8.36 -33.64 22.82
CA GLN A 311 -7.62 -33.65 21.53
C GLN A 311 -6.46 -32.73 21.75
N THR A 312 -5.24 -33.23 21.63
CA THR A 312 -4.06 -32.46 22.06
C THR A 312 -3.20 -32.02 20.90
N SER A 313 -3.19 -32.75 19.80
CA SER A 313 -2.23 -32.37 18.75
C SER A 313 -2.61 -33.05 17.46
N ASN A 314 -1.78 -32.89 16.44
CA ASN A 314 -2.04 -33.62 15.19
C ASN A 314 -0.83 -34.50 14.88
N PHE A 315 -1.08 -35.76 14.55
CA PHE A 315 0.00 -36.70 14.16
C PHE A 315 0.20 -36.41 12.69
N ARG A 316 1.41 -36.47 12.18
CA ARG A 316 1.64 -36.10 10.78
C ARG A 316 2.88 -36.82 10.32
N VAL A 317 2.74 -37.97 9.66
CA VAL A 317 3.96 -38.64 9.14
C VAL A 317 4.78 -37.63 8.36
N GLN A 318 6.11 -37.72 8.41
CA GLN A 318 6.99 -36.68 7.83
C GLN A 318 7.65 -37.13 6.53
N PRO A 319 8.00 -36.19 5.63
CA PRO A 319 8.61 -36.52 4.34
C PRO A 319 10.13 -36.73 4.31
N THR A 320 10.58 -37.84 3.73
CA THR A 320 12.02 -38.11 3.57
C THR A 320 12.20 -39.44 2.84
N THR A 330 16.35 -34.85 -25.51
CA THR A 330 17.06 -33.56 -25.36
C THR A 330 17.63 -33.10 -26.71
N ASN A 331 17.33 -31.87 -27.15
CA ASN A 331 17.94 -31.30 -28.38
C ASN A 331 19.11 -30.42 -27.95
N LEU A 332 20.34 -30.94 -27.97
CA LEU A 332 21.47 -30.16 -27.40
C LEU A 332 21.74 -28.97 -28.30
N CYS A 333 22.09 -27.84 -27.69
CA CYS A 333 22.28 -26.61 -28.49
C CYS A 333 23.60 -26.78 -29.23
N PRO A 334 23.71 -26.39 -30.50
CA PRO A 334 24.95 -26.62 -31.28
C PRO A 334 26.06 -25.65 -30.93
N PHE A 335 26.65 -25.84 -29.74
CA PHE A 335 27.89 -25.16 -29.41
C PHE A 335 29.08 -25.83 -30.08
N ASP A 336 28.98 -27.13 -30.36
CA ASP A 336 30.06 -27.89 -30.97
C ASP A 336 30.40 -27.38 -32.37
N GLU A 337 29.42 -26.87 -33.11
CA GLU A 337 29.70 -26.31 -34.43
C GLU A 337 30.49 -25.01 -34.36
N VAL A 338 30.47 -24.31 -33.23
CA VAL A 338 31.19 -23.04 -33.11
C VAL A 338 32.53 -23.23 -32.41
N PHE A 339 32.54 -23.87 -31.25
CA PHE A 339 33.79 -24.00 -30.49
C PHE A 339 34.75 -24.96 -31.14
N ASN A 340 34.25 -25.92 -31.93
CA ASN A 340 35.09 -26.95 -32.53
C ASN A 340 35.16 -26.81 -34.05
N ALA A 341 34.78 -25.66 -34.60
CA ALA A 341 34.87 -25.44 -36.03
C ALA A 341 36.34 -25.46 -36.47
N THR A 342 36.55 -25.87 -37.73
CA THR A 342 37.92 -26.02 -38.21
C THR A 342 38.61 -24.67 -38.33
N ARG A 343 37.90 -23.64 -38.78
CA ARG A 343 38.47 -22.32 -38.95
C ARG A 343 37.55 -21.27 -38.34
N PHE A 344 38.15 -20.18 -37.87
CA PHE A 344 37.43 -19.11 -37.20
C PHE A 344 37.50 -17.82 -37.99
N ALA A 345 36.45 -17.02 -37.87
CA ALA A 345 36.33 -15.80 -38.66
C ALA A 345 37.33 -14.75 -38.22
N SER A 346 37.79 -13.95 -39.17
CA SER A 346 38.62 -12.81 -38.85
C SER A 346 37.88 -11.89 -37.88
N VAL A 347 38.64 -11.06 -37.16
CA VAL A 347 38.02 -10.24 -36.12
C VAL A 347 37.12 -9.17 -36.73
N TYR A 348 37.40 -8.69 -37.97
CA TYR A 348 36.64 -7.61 -38.70
C TYR A 348 35.35 -8.11 -39.32
N ALA A 349 35.17 -9.41 -39.49
CA ALA A 349 33.93 -10.04 -40.02
C ALA A 349 33.53 -11.14 -39.06
N TRP A 350 33.30 -10.82 -37.83
CA TRP A 350 32.98 -11.83 -36.82
C TRP A 350 31.68 -12.52 -37.22
N ASN A 351 31.45 -13.77 -36.85
CA ASN A 351 30.14 -14.40 -37.15
C ASN A 351 29.13 -14.04 -36.08
N ARG A 352 27.93 -14.65 -36.08
CA ARG A 352 26.89 -14.41 -35.03
C ARG A 352 25.90 -15.56 -35.05
N LYS A 353 26.34 -16.76 -34.69
CA LYS A 353 25.47 -17.95 -34.80
C LYS A 353 24.36 -17.85 -33.78
N ARG A 354 23.18 -17.41 -34.17
CA ARG A 354 22.01 -17.34 -33.31
C ARG A 354 21.65 -18.74 -32.83
N ILE A 355 21.37 -18.86 -31.53
CA ILE A 355 21.05 -20.14 -30.91
C ILE A 355 19.77 -19.97 -30.12
N SER A 356 18.79 -20.83 -30.43
CA SER A 356 17.48 -20.79 -29.79
C SER A 356 16.82 -22.15 -29.97
N ASN A 357 15.78 -22.38 -29.17
CA ASN A 357 14.95 -23.59 -29.26
C ASN A 357 15.80 -24.85 -29.13
N CYS A 358 16.59 -24.87 -28.05
CA CYS A 358 17.41 -26.07 -27.77
C CYS A 358 17.71 -26.11 -26.27
N VAL A 359 18.41 -27.12 -25.78
CA VAL A 359 18.82 -27.11 -24.35
C VAL A 359 20.32 -26.86 -24.29
N ALA A 360 20.74 -25.72 -23.74
CA ALA A 360 22.16 -25.36 -23.79
C ALA A 360 22.90 -25.90 -22.60
N ASP A 361 23.68 -26.97 -22.74
CA ASP A 361 24.50 -27.45 -21.60
C ASP A 361 25.77 -26.62 -21.53
N TYR A 362 25.89 -25.73 -20.55
CA TYR A 362 27.05 -24.81 -20.49
C TYR A 362 28.26 -25.49 -19.87
N SER A 363 28.12 -26.74 -19.45
CA SER A 363 29.25 -27.37 -18.73
C SER A 363 30.33 -27.81 -19.71
N VAL A 364 29.95 -28.22 -20.90
CA VAL A 364 30.97 -28.78 -21.82
C VAL A 364 31.98 -27.69 -22.15
N LEU A 365 31.56 -26.42 -22.12
CA LEU A 365 32.43 -25.27 -22.45
C LEU A 365 33.59 -25.18 -21.44
N TYR A 366 33.49 -25.75 -20.23
CA TYR A 366 34.52 -25.56 -19.17
C TYR A 366 35.92 -26.02 -19.60
N ASN A 367 36.08 -27.10 -20.36
CA ASN A 367 37.40 -27.65 -20.76
C ASN A 367 38.56 -26.84 -20.14
N ALA A 369 41.71 -26.88 -25.60
CA ALA A 369 42.99 -26.31 -25.21
C ALA A 369 42.78 -25.43 -23.98
N PRO A 370 43.77 -25.34 -23.06
CA PRO A 370 43.52 -24.70 -21.77
C PRO A 370 42.87 -23.33 -21.88
N PHE A 371 41.70 -23.19 -21.27
CA PHE A 371 40.88 -21.97 -21.38
C PHE A 371 41.54 -20.87 -20.55
N PHE A 372 42.63 -20.34 -21.11
CA PHE A 372 43.40 -19.29 -20.46
C PHE A 372 42.52 -18.13 -20.00
N THR A 373 41.33 -17.99 -20.56
CA THR A 373 40.38 -16.98 -20.12
C THR A 373 38.96 -17.53 -20.24
N PHE A 374 38.17 -17.30 -19.20
CA PHE A 374 36.72 -17.50 -19.24
C PHE A 374 36.12 -16.49 -18.26
N LYS A 375 35.76 -15.32 -18.78
CA LYS A 375 35.14 -14.31 -17.94
C LYS A 375 33.66 -14.24 -18.24
N CYS A 376 32.92 -13.59 -17.34
CA CYS A 376 31.50 -13.35 -17.57
C CYS A 376 31.12 -12.00 -16.97
N TYR A 377 30.35 -11.24 -17.72
CA TYR A 377 29.92 -9.90 -17.34
C TYR A 377 28.40 -9.87 -17.32
N GLY A 378 27.82 -9.79 -16.12
CA GLY A 378 26.38 -9.70 -15.94
C GLY A 378 25.77 -10.93 -15.30
N VAL A 379 26.39 -12.10 -15.48
CA VAL A 379 25.89 -13.35 -14.92
C VAL A 379 27.06 -14.10 -14.30
N SER A 380 26.80 -14.75 -13.18
CA SER A 380 27.87 -15.50 -12.49
C SER A 380 28.19 -16.78 -13.25
N PRO A 381 29.44 -17.00 -13.63
CA PRO A 381 29.76 -18.21 -14.42
C PRO A 381 29.50 -19.51 -13.67
N THR A 382 29.69 -19.52 -12.36
CA THR A 382 29.69 -20.78 -11.61
C THR A 382 28.29 -21.34 -11.45
N LYS A 383 27.99 -22.38 -12.22
CA LYS A 383 26.76 -23.16 -12.09
C LYS A 383 25.50 -22.28 -12.08
N ASN A 385 23.55 -21.96 -14.96
CA ASN A 385 22.99 -22.30 -16.26
C ASN A 385 21.48 -22.52 -16.23
N ASP A 386 20.86 -22.32 -15.07
CA ASP A 386 19.45 -22.63 -14.88
C ASP A 386 18.55 -21.41 -15.14
N LEU A 387 18.97 -20.53 -16.06
CA LEU A 387 18.16 -19.42 -16.50
C LEU A 387 17.80 -19.61 -17.97
N CYS A 388 16.65 -19.03 -18.35
CA CYS A 388 16.10 -19.20 -19.69
C CYS A 388 16.19 -17.88 -20.45
N PHE A 389 16.83 -17.92 -21.61
CA PHE A 389 17.00 -16.76 -22.48
C PHE A 389 16.38 -17.04 -23.83
N THR A 390 15.77 -16.01 -24.42
CA THR A 390 15.10 -16.22 -25.70
C THR A 390 16.08 -16.33 -26.86
N ASN A 391 17.30 -15.86 -26.68
CA ASN A 391 18.30 -15.87 -27.75
C ASN A 391 19.70 -15.90 -27.15
N VAL A 392 20.57 -16.74 -27.69
CA VAL A 392 21.99 -16.72 -27.37
C VAL A 392 22.76 -16.43 -28.65
N TYR A 393 23.51 -15.36 -28.66
CA TYR A 393 24.33 -15.01 -29.82
C TYR A 393 25.79 -15.35 -29.51
N ALA A 394 26.38 -16.20 -30.34
CA ALA A 394 27.79 -16.56 -30.22
C ALA A 394 28.54 -15.82 -31.32
N ASP A 395 29.38 -14.86 -30.93
CA ASP A 395 30.22 -14.13 -31.85
C ASP A 395 31.64 -14.66 -31.72
N SER A 396 32.16 -15.27 -32.79
CA SER A 396 33.41 -16.01 -32.69
C SER A 396 34.44 -15.44 -33.64
N PHE A 397 35.67 -15.28 -33.16
CA PHE A 397 36.72 -14.74 -34.02
C PHE A 397 38.09 -15.17 -33.48
N VAL A 398 39.14 -14.59 -34.04
CA VAL A 398 40.51 -14.89 -33.68
C VAL A 398 41.25 -13.59 -33.46
N ILE A 399 41.56 -13.27 -32.18
CA ILE A 399 42.26 -12.05 -31.71
C ILE A 399 43.60 -12.48 -31.12
N ARG A 400 44.63 -11.66 -31.12
CA ARG A 400 45.97 -12.03 -30.67
C ARG A 400 45.89 -12.03 -29.19
N GLY A 401 46.88 -12.51 -28.49
CA GLY A 401 46.79 -12.66 -27.02
C GLY A 401 46.70 -11.40 -26.23
N ASP A 402 47.53 -10.43 -26.56
CA ASP A 402 47.56 -9.19 -25.75
C ASP A 402 46.25 -8.44 -25.89
N GLU A 403 45.45 -8.71 -26.91
CA GLU A 403 44.18 -8.00 -27.16
C GLU A 403 42.99 -8.81 -26.68
N VAL A 404 43.19 -9.90 -25.96
CA VAL A 404 42.03 -10.53 -25.34
C VAL A 404 41.47 -9.62 -24.25
N ARG A 405 42.33 -8.81 -23.64
CA ARG A 405 41.92 -7.87 -22.60
C ARG A 405 41.05 -6.75 -23.15
N GLN A 406 40.96 -6.59 -24.46
CA GLN A 406 40.12 -5.56 -25.06
C GLN A 406 38.70 -6.04 -25.32
N ILE A 407 38.43 -7.34 -25.19
CA ILE A 407 37.06 -7.86 -25.29
C ILE A 407 36.49 -7.78 -23.88
N ALA A 408 35.98 -6.60 -23.54
CA ALA A 408 35.49 -6.33 -22.19
C ALA A 408 34.65 -5.07 -22.24
N PRO A 409 33.53 -5.01 -21.51
CA PRO A 409 32.69 -3.80 -21.54
C PRO A 409 33.45 -2.58 -21.06
N GLY A 410 33.23 -1.46 -21.74
CA GLY A 410 33.87 -0.22 -21.38
C GLY A 410 35.38 -0.25 -21.52
N GLN A 411 35.87 -0.75 -22.65
CA GLN A 411 37.29 -0.82 -22.94
C GLN A 411 37.55 -0.31 -24.35
N THR A 412 38.74 0.26 -24.57
CA THR A 412 39.04 0.93 -25.83
C THR A 412 40.40 0.47 -26.35
N GLY A 413 40.57 0.62 -27.66
CA GLY A 413 41.81 0.27 -28.32
C GLY A 413 41.55 -0.11 -29.77
N ASN A 414 42.49 -0.87 -30.35
CA ASN A 414 42.37 -1.27 -31.75
C ASN A 414 41.17 -2.19 -31.98
N ILE A 415 40.93 -3.12 -31.05
CA ILE A 415 39.92 -4.14 -31.29
C ILE A 415 38.54 -3.66 -30.87
N ALA A 416 38.44 -3.04 -29.69
CA ALA A 416 37.12 -2.69 -29.19
C ALA A 416 36.54 -1.47 -29.91
N ASP A 417 37.39 -0.57 -30.42
CA ASP A 417 36.87 0.60 -31.10
C ASP A 417 36.41 0.27 -32.51
N TYR A 418 37.27 -0.37 -33.30
CA TYR A 418 37.05 -0.47 -34.74
C TYR A 418 36.61 -1.84 -35.23
N ASN A 419 36.95 -2.92 -34.52
CA ASN A 419 36.63 -4.26 -34.99
C ASN A 419 35.41 -4.85 -34.29
N TYR A 420 35.44 -4.97 -32.96
CA TYR A 420 34.35 -5.60 -32.22
C TYR A 420 34.10 -4.78 -30.95
N LYS A 421 32.96 -4.11 -30.89
CA LYS A 421 32.64 -3.22 -29.78
C LYS A 421 31.58 -3.87 -28.90
N LEU A 422 31.96 -4.18 -27.66
CA LEU A 422 31.04 -4.66 -26.63
C LEU A 422 30.34 -3.49 -25.96
N PRO A 423 29.03 -3.58 -25.71
CA PRO A 423 28.31 -2.45 -25.13
C PRO A 423 28.71 -2.20 -23.68
N ASP A 424 28.08 -1.20 -23.06
CA ASP A 424 28.40 -0.89 -21.66
C ASP A 424 27.63 -1.77 -20.70
N ASP A 425 26.55 -2.39 -21.16
CA ASP A 425 25.75 -3.29 -20.30
C ASP A 425 25.82 -4.73 -20.83
N PHE A 426 27.00 -5.24 -21.16
CA PHE A 426 27.08 -6.58 -21.78
C PHE A 426 26.65 -7.64 -20.77
N THR A 427 25.84 -8.62 -21.16
CA THR A 427 25.50 -9.76 -20.28
C THR A 427 25.94 -11.03 -21.00
N GLY A 428 27.01 -11.67 -20.58
CA GLY A 428 27.48 -12.84 -21.34
C GLY A 428 28.87 -13.26 -20.94
N CYS A 429 29.50 -14.13 -21.71
CA CYS A 429 30.80 -14.65 -21.24
C CYS A 429 31.87 -14.69 -22.31
N VAL A 430 32.87 -13.82 -22.25
CA VAL A 430 34.00 -13.79 -23.20
C VAL A 430 34.93 -14.98 -22.96
N ILE A 431 34.80 -16.09 -23.69
CA ILE A 431 35.61 -17.29 -23.61
C ILE A 431 36.76 -17.16 -24.59
N ALA A 432 37.90 -17.74 -24.26
CA ALA A 432 39.07 -17.62 -25.12
C ALA A 432 40.03 -18.74 -24.82
N TRP A 433 40.86 -19.06 -25.81
CA TRP A 433 41.86 -20.11 -25.58
C TRP A 433 42.93 -20.05 -26.65
N ASN A 434 44.16 -20.39 -26.27
CA ASN A 434 45.26 -20.39 -27.21
C ASN A 434 45.02 -21.41 -28.31
N SER A 435 45.47 -21.09 -29.52
CA SER A 435 45.26 -21.97 -30.66
C SER A 435 46.49 -22.01 -31.56
N ASN A 436 47.68 -21.89 -30.97
CA ASN A 436 48.89 -21.82 -31.76
C ASN A 436 49.09 -23.06 -32.62
N LYS A 437 48.48 -24.18 -32.24
CA LYS A 437 48.61 -25.39 -33.05
C LYS A 437 47.79 -25.30 -34.33
N LEU A 438 46.53 -24.85 -34.23
CA LEU A 438 45.60 -24.85 -35.34
C LEU A 438 45.75 -23.62 -36.23
N ASP A 439 45.55 -22.42 -35.68
CA ASP A 439 45.40 -21.20 -36.45
C ASP A 439 46.72 -20.48 -36.71
N SER A 440 47.85 -21.18 -36.70
CA SER A 440 49.13 -20.51 -36.84
C SER A 440 50.03 -21.18 -37.87
N LYS A 441 49.48 -21.49 -39.05
CA LYS A 441 50.28 -22.10 -40.10
C LYS A 441 51.14 -21.05 -40.80
N VAL A 442 51.89 -21.51 -41.81
CA VAL A 442 52.65 -20.62 -42.68
C VAL A 442 52.06 -20.55 -44.08
N SER A 443 51.18 -21.46 -44.45
CA SER A 443 50.42 -21.29 -45.69
C SER A 443 49.27 -20.32 -45.50
N GLY A 444 48.67 -20.31 -44.31
CA GLY A 444 47.59 -19.40 -44.00
C GLY A 444 48.02 -18.13 -43.28
N ASN A 445 49.03 -17.44 -43.81
CA ASN A 445 49.44 -16.16 -43.22
C ASN A 445 48.30 -15.17 -43.24
N TYR A 446 47.70 -14.96 -44.41
CA TYR A 446 46.84 -13.80 -44.65
C TYR A 446 45.36 -14.14 -44.50
N ASN A 447 45.02 -15.10 -43.65
CA ASN A 447 43.62 -15.45 -43.40
C ASN A 447 42.99 -14.61 -42.29
N TYR A 448 43.80 -13.90 -41.50
CA TYR A 448 43.32 -13.16 -40.34
C TYR A 448 43.71 -11.70 -40.48
N LEU A 449 42.71 -10.83 -40.62
CA LEU A 449 42.92 -9.40 -40.81
C LEU A 449 42.13 -8.64 -39.75
N TYR A 450 42.62 -7.45 -39.41
CA TYR A 450 41.91 -6.60 -38.47
C TYR A 450 41.83 -5.19 -39.05
N ARG A 451 40.84 -4.44 -38.61
CA ARG A 451 40.58 -3.11 -39.14
C ARG A 451 41.42 -2.09 -38.37
N LEU A 452 42.47 -1.59 -39.00
CA LEU A 452 43.39 -0.66 -38.35
C LEU A 452 42.91 0.79 -38.42
N PHE A 453 42.14 1.16 -39.44
CA PHE A 453 41.69 2.52 -39.63
C PHE A 453 40.18 2.57 -39.74
N ARG A 454 39.59 3.67 -39.26
CA ARG A 454 38.17 3.92 -39.42
C ARG A 454 37.87 5.36 -39.03
N LYS A 455 36.72 5.91 -39.41
CA LYS A 455 36.44 7.33 -39.12
C LYS A 455 35.73 7.52 -37.77
N SER A 456 35.08 6.49 -37.21
CA SER A 456 34.47 6.67 -35.91
C SER A 456 34.37 5.33 -35.21
N ASN A 457 34.27 5.38 -33.89
CA ASN A 457 34.15 4.16 -33.09
C ASN A 457 32.95 3.34 -33.55
N LEU A 458 32.93 2.06 -33.21
CA LEU A 458 31.86 1.19 -33.64
C LEU A 458 30.66 1.29 -32.71
N LYS A 459 29.50 1.47 -33.31
CA LYS A 459 28.28 1.32 -32.53
C LYS A 459 28.19 -0.12 -32.03
N PRO A 460 27.88 -0.32 -30.75
CA PRO A 460 27.92 -1.68 -30.18
C PRO A 460 27.26 -2.75 -31.05
N PHE A 461 28.04 -3.78 -31.36
CA PHE A 461 27.59 -4.92 -32.17
C PHE A 461 27.33 -4.51 -33.62
N GLU A 462 28.23 -3.70 -34.19
CA GLU A 462 28.19 -3.35 -35.60
C GLU A 462 29.33 -4.02 -36.33
N ARG A 463 29.06 -4.64 -37.49
CA ARG A 463 30.11 -5.38 -38.23
C ARG A 463 30.38 -4.60 -39.50
N ASP A 464 31.62 -4.31 -39.77
CA ASP A 464 31.83 -3.63 -41.06
C ASP A 464 32.75 -4.51 -41.87
N ILE A 465 32.30 -5.00 -43.00
CA ILE A 465 33.17 -5.81 -43.86
C ILE A 465 33.69 -4.86 -44.91
N SER A 466 33.08 -3.68 -45.10
CA SER A 466 33.51 -2.84 -46.20
C SER A 466 35.02 -2.64 -46.21
N THR A 467 35.56 -2.46 -47.40
CA THR A 467 36.99 -2.30 -47.61
C THR A 467 37.28 -1.02 -48.38
N GLU A 468 36.55 0.04 -48.08
CA GLU A 468 36.78 1.32 -48.74
C GLU A 468 38.13 1.88 -48.33
N ILE A 469 38.92 2.31 -49.32
CA ILE A 469 40.21 2.94 -49.02
C ILE A 469 40.00 4.12 -48.09
N TYR A 470 40.57 4.04 -46.90
CA TYR A 470 40.47 5.11 -45.92
C TYR A 470 41.23 6.33 -46.39
N GLN A 471 40.56 7.49 -46.34
CA GLN A 471 41.10 8.76 -46.80
C GLN A 471 41.57 9.52 -45.57
N ALA A 472 42.88 9.75 -45.48
CA ALA A 472 43.48 10.52 -44.39
C ALA A 472 44.23 11.72 -44.94
N GLY A 473 43.61 12.42 -45.89
CA GLY A 473 44.24 13.57 -46.52
C GLY A 473 43.25 14.32 -47.37
N ASN A 474 43.71 15.47 -47.88
CA ASN A 474 42.84 16.32 -48.69
C ASN A 474 42.63 15.74 -50.08
N LYS A 475 43.70 15.26 -50.71
CA LYS A 475 43.61 14.74 -52.06
C LYS A 475 42.75 13.48 -52.08
N PRO A 476 41.91 13.30 -53.09
CA PRO A 476 41.08 12.09 -53.14
C PRO A 476 41.92 10.84 -53.38
N CYS A 477 41.45 9.72 -52.83
CA CYS A 477 42.19 8.47 -52.92
C CYS A 477 42.07 7.86 -54.31
N ASN A 478 40.95 8.10 -54.99
CA ASN A 478 40.66 7.57 -56.32
C ASN A 478 40.47 6.06 -56.32
N GLY A 479 40.32 5.44 -55.15
CA GLY A 479 40.12 4.01 -55.08
C GLY A 479 41.38 3.18 -55.15
N VAL A 480 42.55 3.81 -55.09
CA VAL A 480 43.83 3.11 -55.10
C VAL A 480 44.64 3.59 -53.91
N ALA A 481 45.22 2.64 -53.17
CA ALA A 481 45.99 2.98 -51.98
C ALA A 481 47.21 3.81 -52.33
N GLY A 482 47.55 4.74 -51.44
CA GLY A 482 48.68 5.62 -51.67
C GLY A 482 48.98 6.43 -50.43
N PHE A 483 49.92 7.37 -50.59
CA PHE A 483 50.29 8.24 -49.48
C PHE A 483 49.05 8.94 -48.92
N ASN A 484 48.92 8.88 -47.60
CA ASN A 484 47.77 9.42 -46.88
C ASN A 484 46.45 8.80 -47.35
N CYS A 485 46.52 7.63 -48.00
CA CYS A 485 45.33 6.89 -48.43
C CYS A 485 45.59 5.42 -48.09
N TYR A 486 45.05 4.99 -46.96
CA TYR A 486 45.44 3.72 -46.35
C TYR A 486 44.35 2.67 -46.53
N PHE A 487 44.76 1.46 -46.88
CA PHE A 487 43.83 0.34 -46.87
C PHE A 487 43.60 -0.11 -45.43
N PRO A 488 42.36 -0.12 -44.94
CA PRO A 488 42.16 -0.37 -43.50
C PRO A 488 42.68 -1.71 -43.01
N LEU A 489 42.22 -2.83 -43.58
CA LEU A 489 42.52 -4.15 -43.04
C LEU A 489 44.01 -4.46 -43.15
N ARG A 490 44.59 -4.86 -42.03
CA ARG A 490 45.98 -5.29 -41.98
C ARG A 490 46.07 -6.70 -41.38
N SER A 491 47.06 -7.46 -41.84
CA SER A 491 47.14 -8.88 -41.54
C SER A 491 47.92 -9.16 -40.26
N TYR A 492 47.36 -10.04 -39.42
CA TYR A 492 48.10 -10.58 -38.29
C TYR A 492 49.39 -11.27 -38.73
N SER A 493 49.30 -12.14 -39.74
CA SER A 493 50.43 -12.95 -40.20
C SER A 493 51.02 -13.75 -39.03
N PHE A 494 50.20 -14.64 -38.49
CA PHE A 494 50.60 -15.44 -37.34
C PHE A 494 51.76 -16.37 -37.69
N ARG A 495 52.65 -16.56 -36.73
CA ARG A 495 53.74 -17.52 -36.82
C ARG A 495 53.73 -18.40 -35.58
N PRO A 496 54.21 -19.65 -35.70
CA PRO A 496 54.16 -20.55 -34.53
C PRO A 496 55.26 -20.28 -33.51
N THR A 497 56.32 -19.56 -33.89
CA THR A 497 57.46 -19.33 -33.00
C THR A 497 57.32 -18.05 -32.19
N TYR A 498 56.23 -17.31 -32.29
CA TYR A 498 56.14 -16.02 -31.56
C TYR A 498 55.85 -16.28 -30.09
N GLY A 499 55.47 -15.24 -29.35
CA GLY A 499 55.27 -15.36 -27.89
C GLY A 499 53.92 -15.89 -27.53
N VAL A 500 53.56 -15.84 -26.26
CA VAL A 500 52.21 -16.29 -25.83
C VAL A 500 51.38 -15.04 -25.78
N GLY A 501 51.99 -13.94 -26.20
CA GLY A 501 51.23 -12.69 -26.25
C GLY A 501 51.01 -12.24 -27.66
N HIS A 502 51.41 -13.05 -28.62
CA HIS A 502 51.12 -12.71 -30.02
C HIS A 502 50.60 -13.97 -30.71
N GLN A 503 50.02 -14.90 -29.96
CA GLN A 503 49.64 -16.14 -30.64
C GLN A 503 48.13 -16.20 -30.72
N PRO A 504 47.51 -16.78 -31.74
CA PRO A 504 46.07 -16.67 -31.97
C PRO A 504 45.21 -17.23 -30.84
N TYR A 505 44.67 -16.34 -30.02
CA TYR A 505 43.75 -16.73 -28.95
C TYR A 505 42.35 -16.68 -29.53
N ARG A 506 41.85 -17.85 -29.92
CA ARG A 506 40.48 -17.90 -30.43
C ARG A 506 39.55 -17.36 -29.36
N VAL A 507 38.46 -16.71 -29.75
CA VAL A 507 37.56 -16.06 -28.81
C VAL A 507 36.13 -16.32 -29.23
N VAL A 508 35.27 -16.54 -28.23
CA VAL A 508 33.83 -16.68 -28.45
C VAL A 508 33.13 -15.82 -27.41
N VAL A 509 32.20 -14.99 -27.85
CA VAL A 509 31.46 -14.09 -26.98
C VAL A 509 30.01 -14.53 -27.02
N LEU A 510 29.50 -15.00 -25.88
CA LEU A 510 28.10 -15.41 -25.78
C LEU A 510 27.30 -14.30 -25.13
N SER A 511 26.31 -13.80 -25.85
CA SER A 511 25.37 -12.81 -25.32
C SER A 511 24.02 -13.47 -25.12
N PHE A 512 23.48 -13.34 -23.91
CA PHE A 512 22.17 -13.89 -23.57
C PHE A 512 21.17 -12.75 -23.58
N GLU A 513 20.05 -12.93 -24.28
CA GLU A 513 19.15 -11.82 -24.57
C GLU A 513 17.74 -12.20 -24.13
N LEU A 514 16.96 -11.19 -23.70
CA LEU A 514 15.67 -11.40 -23.03
C LEU A 514 14.64 -10.42 -23.57
N LEU A 515 13.75 -10.91 -24.43
CA LEU A 515 12.67 -10.09 -24.97
C LEU A 515 11.35 -10.45 -24.33
N HIS A 516 10.28 -9.84 -24.84
CA HIS A 516 8.91 -10.14 -24.42
C HIS A 516 8.34 -11.23 -25.34
N ALA A 517 9.11 -12.30 -25.48
CA ALA A 517 8.77 -13.45 -26.30
C ALA A 517 9.11 -14.70 -25.53
N PRO A 518 8.48 -15.82 -25.84
CA PRO A 518 8.71 -17.04 -25.05
C PRO A 518 10.17 -17.49 -25.13
N ALA A 519 10.84 -17.44 -23.99
CA ALA A 519 12.23 -17.88 -23.90
C ALA A 519 12.29 -19.40 -24.04
N THR A 520 13.30 -19.88 -24.78
CA THR A 520 13.39 -21.29 -25.07
C THR A 520 14.76 -21.91 -24.82
N VAL A 521 15.81 -21.12 -24.59
CA VAL A 521 17.14 -21.65 -24.32
C VAL A 521 17.21 -21.89 -22.81
N CYS A 522 16.72 -23.05 -22.39
CA CYS A 522 16.75 -23.45 -20.99
C CYS A 522 17.70 -24.63 -20.89
N GLY A 523 18.88 -24.40 -20.30
CA GLY A 523 19.93 -25.37 -20.35
C GLY A 523 20.27 -26.03 -19.04
N PRO A 524 19.85 -27.28 -18.85
CA PRO A 524 20.32 -28.13 -17.76
C PRO A 524 21.44 -29.07 -18.19
N THR A 528 17.02 -36.77 -9.07
CA THR A 528 16.49 -37.07 -10.40
C THR A 528 16.17 -38.56 -10.53
N ASN A 529 15.91 -39.21 -9.39
CA ASN A 529 15.62 -40.63 -9.36
C ASN A 529 14.21 -40.83 -8.86
N LEU A 530 13.66 -42.02 -9.14
CA LEU A 530 12.28 -42.32 -8.80
C LEU A 530 12.23 -43.37 -7.70
N VAL A 531 11.36 -43.13 -6.72
CA VAL A 531 11.17 -44.05 -5.60
C VAL A 531 9.71 -43.99 -5.21
N LYS A 532 9.17 -45.12 -4.76
CA LYS A 532 7.74 -45.26 -4.52
C LYS A 532 7.50 -45.82 -3.13
N ASN A 533 6.25 -45.68 -2.68
CA ASN A 533 5.75 -46.23 -1.41
C ASN A 533 6.43 -45.62 -0.20
N LYS A 534 6.84 -44.35 -0.26
CA LYS A 534 7.42 -43.67 0.88
C LYS A 534 7.21 -42.18 0.71
N CYS A 535 6.97 -41.49 1.82
CA CYS A 535 6.72 -40.06 1.77
C CYS A 535 7.94 -39.31 1.24
N VAL A 536 7.80 -38.75 0.05
CA VAL A 536 8.92 -38.11 -0.63
C VAL A 536 8.47 -36.75 -1.14
N ASN A 537 9.43 -35.84 -1.28
CA ASN A 537 9.17 -34.55 -1.89
C ASN A 537 9.38 -34.66 -3.39
N PHE A 538 8.28 -34.62 -4.15
CA PHE A 538 8.32 -34.93 -5.57
C PHE A 538 8.17 -33.68 -6.42
N ASN A 539 8.82 -33.70 -7.58
CA ASN A 539 8.79 -32.62 -8.55
C ASN A 539 8.85 -33.23 -9.95
N PHE A 540 7.76 -33.10 -10.71
CA PHE A 540 7.61 -33.70 -12.03
C PHE A 540 7.27 -32.60 -13.03
N ASN A 541 8.30 -32.05 -13.68
CA ASN A 541 8.13 -30.89 -14.57
C ASN A 541 7.41 -29.76 -13.86
N GLY A 542 7.80 -29.52 -12.62
CA GLY A 542 7.01 -28.70 -11.71
C GLY A 542 6.17 -29.58 -10.80
N LEU A 543 4.94 -29.15 -10.53
CA LEU A 543 4.01 -29.93 -9.71
C LEU A 543 4.64 -30.33 -8.37
N LYS A 544 5.34 -29.38 -7.75
CA LYS A 544 6.03 -29.65 -6.51
C LYS A 544 5.03 -30.07 -5.44
N GLY A 545 5.31 -31.20 -4.79
CA GLY A 545 4.36 -31.68 -3.80
C GLY A 545 5.02 -32.66 -2.84
N THR A 546 4.23 -33.11 -1.87
CA THR A 546 4.68 -34.07 -0.88
C THR A 546 3.65 -35.18 -0.76
N GLY A 547 4.10 -36.43 -0.83
CA GLY A 547 3.21 -37.55 -0.73
C GLY A 547 3.94 -38.85 -1.05
N VAL A 548 3.15 -39.91 -1.17
CA VAL A 548 3.65 -41.24 -1.51
C VAL A 548 3.16 -41.57 -2.92
N LEU A 549 4.05 -42.12 -3.73
CA LEU A 549 3.79 -42.43 -5.13
C LEU A 549 3.56 -43.92 -5.28
N THR A 550 2.41 -44.30 -5.86
CA THR A 550 2.09 -45.70 -6.04
C THR A 550 1.69 -45.94 -7.48
N GLU A 551 1.81 -47.20 -7.93
CA GLU A 551 1.36 -47.55 -9.26
C GLU A 551 -0.16 -47.49 -9.33
N SER A 552 -0.68 -47.04 -10.46
CA SER A 552 -2.10 -46.79 -10.63
C SER A 552 -2.61 -47.49 -11.89
N ASN A 553 -3.93 -47.44 -12.07
CA ASN A 553 -4.59 -48.02 -13.22
C ASN A 553 -5.46 -47.04 -13.98
N LYS A 554 -5.29 -45.74 -13.77
CA LYS A 554 -6.04 -44.74 -14.52
C LYS A 554 -5.66 -44.79 -15.99
N LYS A 555 -6.58 -44.38 -16.85
CA LYS A 555 -6.37 -44.41 -18.30
C LYS A 555 -6.19 -42.97 -18.79
N PHE A 556 -4.95 -42.49 -18.72
CA PHE A 556 -4.64 -41.16 -19.23
C PHE A 556 -4.62 -41.17 -20.74
N LEU A 557 -5.24 -40.16 -21.34
CA LEU A 557 -5.08 -39.96 -22.77
C LEU A 557 -3.67 -39.46 -23.06
N PRO A 558 -3.13 -39.80 -24.23
CA PRO A 558 -1.69 -39.56 -24.46
C PRO A 558 -1.25 -38.12 -24.31
N PHE A 559 -2.15 -37.16 -24.53
CA PHE A 559 -1.79 -35.75 -24.39
C PHE A 559 -1.93 -35.23 -22.97
N GLN A 560 -2.46 -36.04 -22.05
CA GLN A 560 -2.70 -35.60 -20.68
C GLN A 560 -1.52 -35.95 -19.79
N GLN A 561 -1.07 -35.00 -18.98
CA GLN A 561 0.10 -35.16 -18.14
C GLN A 561 -0.25 -35.58 -16.72
N PHE A 562 -1.14 -34.87 -16.04
CA PHE A 562 -1.49 -35.18 -14.66
C PHE A 562 -2.99 -35.15 -14.49
N GLY A 563 -3.49 -35.78 -13.45
CA GLY A 563 -4.92 -35.88 -13.20
C GLY A 563 -5.28 -35.02 -12.03
N ARG A 564 -6.58 -34.78 -11.83
CA ARG A 564 -7.05 -33.87 -10.76
C ARG A 564 -8.36 -34.39 -10.22
N ASP A 565 -8.49 -34.50 -8.90
CA ASP A 565 -9.68 -35.10 -8.25
C ASP A 565 -10.81 -34.09 -8.14
N ILE A 566 -12.04 -34.53 -7.87
CA ILE A 566 -13.10 -33.51 -7.62
C ILE A 566 -12.52 -32.76 -6.43
N ALA A 567 -12.51 -31.42 -6.42
CA ALA A 567 -11.85 -30.58 -5.39
C ALA A 567 -10.49 -30.15 -5.89
N ASP A 568 -10.14 -30.51 -7.12
CA ASP A 568 -8.88 -30.01 -7.74
C ASP A 568 -7.61 -30.34 -6.95
N THR A 569 -7.39 -31.60 -6.59
CA THR A 569 -6.13 -31.96 -5.91
C THR A 569 -5.35 -32.89 -6.83
N THR A 570 -4.09 -32.60 -7.15
CA THR A 570 -3.41 -33.49 -8.11
C THR A 570 -3.46 -34.87 -7.50
N ASP A 571 -4.01 -35.84 -8.22
CA ASP A 571 -4.21 -37.20 -7.68
C ASP A 571 -3.30 -38.16 -8.43
N ALA A 572 -2.90 -37.83 -9.64
CA ALA A 572 -2.11 -38.77 -10.43
C ALA A 572 -1.16 -37.93 -11.22
N VAL A 573 -0.14 -38.55 -11.78
CA VAL A 573 0.87 -37.85 -12.56
C VAL A 573 1.53 -38.83 -13.52
N ARG A 574 1.77 -38.38 -14.76
CA ARG A 574 2.63 -39.09 -15.69
C ARG A 574 4.07 -38.61 -15.54
N ASP A 575 4.97 -39.53 -15.23
CA ASP A 575 6.39 -39.18 -15.12
C ASP A 575 6.97 -38.95 -16.51
N PRO A 576 7.73 -37.88 -16.73
CA PRO A 576 8.21 -37.58 -18.09
C PRO A 576 9.10 -38.66 -18.69
N GLN A 577 9.88 -39.35 -17.87
CA GLN A 577 10.87 -40.30 -18.40
C GLN A 577 10.24 -41.58 -18.90
N THR A 578 9.57 -42.32 -18.02
CA THR A 578 9.07 -43.65 -18.36
C THR A 578 7.60 -43.66 -18.77
N LEU A 579 6.92 -42.51 -18.73
CA LEU A 579 5.52 -42.37 -19.14
C LEU A 579 4.58 -43.26 -18.34
N GLU A 580 4.87 -43.50 -17.07
CA GLU A 580 3.99 -44.29 -16.22
C GLU A 580 3.02 -43.38 -15.46
N ILE A 581 1.87 -43.92 -15.10
CA ILE A 581 0.85 -43.18 -14.37
C ILE A 581 0.94 -43.56 -12.90
N LEU A 582 1.17 -42.57 -12.04
CA LEU A 582 1.40 -42.79 -10.62
C LEU A 582 0.35 -42.03 -9.81
N ASP A 583 -0.30 -42.73 -8.88
CA ASP A 583 -1.17 -42.07 -7.93
C ASP A 583 -0.36 -41.45 -6.81
N ILE A 584 -0.79 -40.27 -6.37
CA ILE A 584 -0.18 -39.55 -5.26
C ILE A 584 -1.14 -39.60 -4.09
N THR A 585 -0.67 -40.08 -2.95
CA THR A 585 -1.47 -40.12 -1.75
C THR A 585 -0.80 -39.29 -0.67
N PRO A 586 -1.53 -38.38 -0.01
CA PRO A 586 -0.91 -37.56 1.03
C PRO A 586 -0.42 -38.41 2.20
N CYS A 587 0.60 -37.92 2.88
CA CYS A 587 1.18 -38.64 4.00
C CYS A 587 0.16 -38.79 5.12
N SER A 588 0.37 -39.80 5.95
CA SER A 588 -0.57 -40.09 7.03
C SER A 588 -0.65 -38.94 8.01
N PHE A 589 -1.86 -38.57 8.38
CA PHE A 589 -2.10 -37.52 9.35
C PHE A 589 -3.39 -37.82 10.08
N GLY A 590 -3.59 -37.13 11.20
CA GLY A 590 -4.80 -37.33 11.98
C GLY A 590 -4.64 -36.68 13.33
N GLY A 591 -5.74 -36.71 14.09
CA GLY A 591 -5.72 -36.15 15.42
C GLY A 591 -5.22 -37.15 16.44
N VAL A 592 -4.73 -36.62 17.56
CA VAL A 592 -4.27 -37.42 18.69
C VAL A 592 -5.12 -37.04 19.90
N SER A 593 -5.77 -38.04 20.50
CA SER A 593 -6.60 -37.83 21.69
C SER A 593 -5.98 -38.59 22.84
N VAL A 594 -5.97 -37.97 24.02
CA VAL A 594 -5.39 -38.57 25.22
C VAL A 594 -6.52 -38.95 26.15
N ILE A 595 -6.69 -40.25 26.35
CA ILE A 595 -7.70 -40.78 27.27
C ILE A 595 -7.08 -40.88 28.66
N THR A 596 -7.61 -40.10 29.60
CA THR A 596 -7.06 -39.97 30.94
C THR A 596 -8.12 -40.41 31.95
N PRO A 597 -7.80 -41.31 32.88
CA PRO A 597 -8.75 -41.66 33.94
C PRO A 597 -8.88 -40.61 35.04
N GLY A 598 -8.25 -39.45 34.88
CA GLY A 598 -8.25 -38.43 35.91
C GLY A 598 -6.90 -38.35 36.58
N THR A 599 -6.33 -37.14 36.64
CA THR A 599 -5.02 -36.97 37.26
C THR A 599 -5.04 -37.38 38.73
N ASN A 600 -6.13 -37.05 39.44
CA ASN A 600 -6.22 -37.40 40.85
C ASN A 600 -6.25 -38.91 41.05
N THR A 601 -6.70 -39.65 40.05
CA THR A 601 -6.79 -41.10 40.16
C THR A 601 -5.48 -41.78 39.75
N SER A 602 -4.98 -41.47 38.56
CA SER A 602 -3.76 -42.10 38.06
C SER A 602 -3.13 -41.22 37.00
N ASN A 603 -1.85 -41.48 36.75
CA ASN A 603 -1.10 -40.80 35.70
C ASN A 603 -0.99 -41.63 34.42
N GLN A 604 -1.61 -42.80 34.38
CA GLN A 604 -1.64 -43.60 33.16
C GLN A 604 -2.50 -42.91 32.12
N VAL A 605 -2.17 -43.12 30.84
CA VAL A 605 -2.93 -42.56 29.74
C VAL A 605 -3.09 -43.61 28.65
N ALA A 606 -4.01 -43.35 27.74
CA ALA A 606 -4.10 -44.07 26.47
C ALA A 606 -4.09 -43.05 25.35
N VAL A 607 -3.62 -43.44 24.18
CA VAL A 607 -3.50 -42.53 23.05
C VAL A 607 -4.31 -43.07 21.89
N LEU A 608 -5.18 -42.24 21.33
CA LEU A 608 -5.99 -42.60 20.17
C LEU A 608 -5.53 -41.76 18.98
N TYR A 609 -5.10 -42.44 17.92
CA TYR A 609 -4.75 -41.79 16.67
C TYR A 609 -5.97 -41.93 15.76
N GLN A 610 -6.56 -40.80 15.40
CA GLN A 610 -7.86 -40.81 14.74
C GLN A 610 -7.72 -41.04 13.24
N GLY A 611 -8.42 -42.04 12.72
CA GLY A 611 -8.38 -42.34 11.31
C GLY A 611 -7.06 -42.86 10.81
N VAL A 612 -6.19 -43.33 11.69
CA VAL A 612 -4.89 -43.85 11.32
C VAL A 612 -4.88 -45.35 11.52
N ASN A 613 -4.34 -46.07 10.54
CA ASN A 613 -4.21 -47.52 10.63
C ASN A 613 -3.06 -47.88 11.56
N CYS A 614 -3.22 -48.98 12.29
CA CYS A 614 -2.18 -49.42 13.21
C CYS A 614 -0.97 -49.99 12.50
N THR A 615 -1.03 -50.18 11.18
CA THR A 615 0.16 -50.56 10.43
C THR A 615 1.24 -49.50 10.49
N GLU A 616 0.89 -48.29 10.90
CA GLU A 616 1.87 -47.22 11.10
C GLU A 616 1.85 -46.76 12.54
N VAL A 617 2.65 -45.75 12.87
CA VAL A 617 2.72 -45.26 14.24
C VAL A 617 1.41 -44.56 14.62
N SER A 637 2.22 -50.37 25.22
CA SER A 637 2.47 -51.79 24.96
C SER A 637 1.41 -52.37 24.04
N ASN A 638 0.16 -52.21 24.42
CA ASN A 638 -0.95 -52.75 23.63
C ASN A 638 -1.21 -51.88 22.41
N VAL A 639 -1.65 -52.51 21.33
CA VAL A 639 -2.08 -51.83 20.12
C VAL A 639 -3.39 -52.47 19.66
N PHE A 640 -4.42 -51.65 19.47
CA PHE A 640 -5.74 -52.13 19.11
C PHE A 640 -6.27 -51.27 17.96
N GLN A 641 -7.05 -51.88 17.09
CA GLN A 641 -7.58 -51.19 15.91
C GLN A 641 -9.09 -51.05 16.04
N THR A 642 -9.58 -49.82 15.92
CA THR A 642 -10.99 -49.51 16.03
C THR A 642 -11.41 -48.68 14.82
N ARG A 643 -12.71 -48.67 14.54
CA ARG A 643 -13.21 -47.83 13.46
C ARG A 643 -12.89 -46.36 13.69
N ALA A 644 -12.65 -45.97 14.95
CA ALA A 644 -12.23 -44.62 15.25
C ALA A 644 -10.76 -44.38 14.91
N GLY A 645 -9.91 -45.39 15.11
CA GLY A 645 -8.49 -45.23 14.85
C GLY A 645 -7.68 -46.26 15.61
N CYS A 646 -6.41 -45.92 15.84
CA CYS A 646 -5.49 -46.82 16.51
C CYS A 646 -5.37 -46.43 17.98
N LEU A 647 -5.64 -47.39 18.86
CA LEU A 647 -5.65 -47.16 20.30
C LEU A 647 -4.45 -47.85 20.92
N ILE A 648 -3.60 -47.08 21.61
CA ILE A 648 -2.36 -47.58 22.18
C ILE A 648 -2.38 -47.31 23.68
N GLY A 649 -2.05 -48.32 24.46
CA GLY A 649 -2.04 -48.20 25.89
C GLY A 649 -3.29 -48.69 26.58
N ALA A 650 -4.21 -49.31 25.85
CA ALA A 650 -5.44 -49.81 26.43
C ALA A 650 -5.63 -51.26 26.02
N GLU A 651 -5.86 -52.12 26.99
CA GLU A 651 -6.11 -53.54 26.75
C GLU A 651 -7.59 -53.77 26.50
N TYR A 652 -7.91 -54.31 25.33
CA TYR A 652 -9.30 -54.60 25.01
C TYR A 652 -9.78 -55.71 25.93
N VAL A 653 -10.92 -55.49 26.58
CA VAL A 653 -11.53 -56.46 27.46
C VAL A 653 -12.91 -56.76 26.91
N ASN A 654 -13.17 -58.05 26.66
CA ASN A 654 -14.31 -58.44 25.84
C ASN A 654 -15.58 -58.63 26.67
N ASN A 655 -15.56 -58.17 27.91
CA ASN A 655 -16.75 -58.03 28.74
C ASN A 655 -17.34 -56.65 28.54
N SER A 656 -18.67 -56.57 28.39
CA SER A 656 -19.31 -55.30 28.10
C SER A 656 -19.73 -54.59 29.39
N TYR A 657 -19.32 -53.33 29.51
CA TYR A 657 -19.69 -52.49 30.64
C TYR A 657 -20.42 -51.27 30.11
N GLU A 658 -20.95 -50.47 31.03
CA GLU A 658 -21.49 -49.17 30.65
C GLU A 658 -20.36 -48.25 30.20
N CYS A 659 -20.69 -47.29 29.34
CA CYS A 659 -19.69 -46.41 28.76
C CYS A 659 -19.22 -45.42 29.81
N ASP A 660 -17.90 -45.37 30.03
CA ASP A 660 -17.29 -44.38 30.90
C ASP A 660 -16.65 -43.24 30.09
N ILE A 661 -15.72 -43.58 29.20
CA ILE A 661 -15.08 -42.60 28.34
C ILE A 661 -15.33 -42.98 26.89
N PRO A 662 -16.12 -42.21 26.14
CA PRO A 662 -16.49 -42.59 24.77
C PRO A 662 -15.30 -42.48 23.82
N ILE A 663 -14.88 -43.61 23.27
CA ILE A 663 -13.85 -43.60 22.24
C ILE A 663 -14.46 -43.45 20.86
N GLY A 664 -15.49 -44.22 20.56
CA GLY A 664 -16.21 -44.08 19.31
C GLY A 664 -16.55 -45.42 18.69
N ALA A 665 -17.49 -45.36 17.75
CA ALA A 665 -17.95 -46.53 16.98
C ALA A 665 -18.42 -47.64 17.92
N GLY A 666 -19.03 -47.27 19.03
CA GLY A 666 -19.51 -48.23 19.99
C GLY A 666 -18.48 -48.78 20.94
N ILE A 667 -17.31 -48.17 21.03
CA ILE A 667 -16.24 -48.64 21.90
C ILE A 667 -15.92 -47.55 22.92
N CYS A 668 -15.86 -47.95 24.18
CA CYS A 668 -15.59 -47.05 25.29
C CYS A 668 -14.39 -47.55 26.08
N ALA A 669 -13.86 -46.69 26.95
CA ALA A 669 -12.69 -47.02 27.76
C ALA A 669 -12.93 -46.62 29.21
N SER A 670 -12.29 -47.33 30.12
CA SER A 670 -12.44 -47.05 31.54
C SER A 670 -11.24 -47.58 32.32
N TYR A 671 -11.03 -47.03 33.50
CA TYR A 671 -9.95 -47.43 34.40
C TYR A 671 -10.41 -48.68 35.15
N GLN A 672 -9.72 -49.80 34.90
CA GLN A 672 -10.20 -51.09 35.40
C GLN A 672 -10.23 -51.13 36.93
N THR A 673 -9.17 -50.64 37.57
CA THR A 673 -9.04 -50.67 39.02
C THR A 673 -9.19 -52.09 39.57
N GLN A 687 -5.87 -50.02 38.07
CA GLN A 687 -4.85 -50.98 37.67
C GLN A 687 -4.35 -50.68 36.26
N SER A 688 -5.28 -50.66 35.30
CA SER A 688 -4.93 -50.36 33.91
C SER A 688 -6.16 -49.83 33.21
N ILE A 689 -5.93 -49.18 32.07
CA ILE A 689 -7.01 -48.67 31.25
C ILE A 689 -7.44 -49.74 30.27
N ILE A 690 -8.74 -50.04 30.25
CA ILE A 690 -9.29 -51.09 29.41
C ILE A 690 -10.26 -50.48 28.41
N ALA A 691 -10.39 -51.15 27.26
CA ALA A 691 -11.34 -50.77 26.23
C ALA A 691 -12.32 -51.90 26.01
N TYR A 692 -13.59 -51.55 25.87
CA TYR A 692 -14.64 -52.55 25.73
C TYR A 692 -15.71 -52.03 24.79
N THR A 693 -16.61 -52.93 24.40
CA THR A 693 -17.78 -52.55 23.62
C THR A 693 -18.92 -52.22 24.56
N MET A 694 -19.37 -50.97 24.53
CA MET A 694 -20.36 -50.52 25.49
C MET A 694 -21.64 -51.34 25.39
N SER A 695 -22.26 -51.59 26.54
CA SER A 695 -23.49 -52.37 26.62
C SER A 695 -24.67 -51.42 26.64
N LEU A 696 -25.72 -51.76 25.91
CA LEU A 696 -26.90 -50.91 25.86
C LEU A 696 -27.74 -51.04 27.11
N GLY A 697 -27.71 -52.21 27.73
CA GLY A 697 -28.55 -52.46 28.90
C GLY A 697 -28.72 -53.94 29.17
N ALA A 698 -29.57 -54.29 30.09
CA ALA A 698 -29.76 -55.71 30.50
C ALA A 698 -30.96 -56.33 29.81
N GLU A 699 -30.78 -57.46 29.13
CA GLU A 699 -31.90 -58.03 28.35
C GLU A 699 -32.98 -58.49 29.31
N ASN A 700 -34.23 -58.19 28.99
CA ASN A 700 -35.34 -58.58 29.86
C ASN A 700 -36.47 -58.97 28.96
N SER A 701 -36.53 -60.18 28.48
CA SER A 701 -37.72 -60.62 27.72
C SER A 701 -38.97 -60.53 28.61
N VAL A 702 -40.06 -59.94 28.13
CA VAL A 702 -41.31 -59.93 28.93
C VAL A 702 -42.07 -61.21 28.60
N ALA A 703 -42.79 -61.74 29.57
CA ALA A 703 -43.46 -63.02 29.40
C ALA A 703 -44.77 -62.84 28.67
N TYR A 704 -44.69 -62.49 27.40
CA TYR A 704 -45.92 -62.25 26.67
C TYR A 704 -46.70 -63.54 26.49
N SER A 705 -48.00 -63.47 26.78
CA SER A 705 -48.94 -64.55 26.51
C SER A 705 -50.28 -63.90 26.23
N ASN A 706 -51.16 -64.62 25.53
CA ASN A 706 -52.41 -64.00 25.12
C ASN A 706 -53.51 -64.13 26.15
N ASN A 707 -53.21 -64.67 27.33
CA ASN A 707 -54.19 -64.65 28.41
C ASN A 707 -53.55 -64.38 29.77
N SER A 708 -52.42 -63.68 29.84
CA SER A 708 -51.79 -63.36 31.11
C SER A 708 -51.51 -61.87 31.18
N ILE A 709 -51.77 -61.30 32.36
CA ILE A 709 -51.54 -59.89 32.63
C ILE A 709 -50.71 -59.78 33.89
N ALA A 710 -50.04 -58.65 34.06
CA ALA A 710 -49.30 -58.34 35.27
C ALA A 710 -49.86 -57.07 35.88
N ILE A 711 -50.24 -57.13 37.15
CA ILE A 711 -50.84 -55.97 37.82
C ILE A 711 -50.03 -55.64 39.06
N PRO A 712 -49.66 -54.37 39.27
CA PRO A 712 -48.84 -54.00 40.43
C PRO A 712 -49.67 -53.97 41.70
N THR A 713 -49.12 -54.57 42.76
CA THR A 713 -49.81 -54.65 44.04
C THR A 713 -49.35 -53.61 45.04
N ASN A 714 -48.41 -52.75 44.67
CA ASN A 714 -47.90 -51.73 45.57
C ASN A 714 -47.39 -50.57 44.73
N PHE A 715 -46.93 -49.52 45.41
CA PHE A 715 -46.41 -48.37 44.69
C PHE A 715 -45.23 -47.80 45.45
N THR A 716 -44.52 -46.89 44.78
CA THR A 716 -43.50 -46.07 45.40
C THR A 716 -43.69 -44.64 44.91
N ILE A 717 -43.18 -43.69 45.68
CA ILE A 717 -43.24 -42.29 45.30
C ILE A 717 -41.83 -41.78 45.04
N SER A 718 -41.63 -41.22 43.86
CA SER A 718 -40.31 -40.79 43.43
C SER A 718 -40.27 -39.28 43.30
N VAL A 719 -39.20 -38.68 43.78
CA VAL A 719 -38.95 -37.25 43.63
C VAL A 719 -37.73 -37.12 42.72
N THR A 720 -37.97 -36.80 41.46
CA THR A 720 -36.91 -36.56 40.50
C THR A 720 -36.51 -35.09 40.56
N THR A 721 -35.26 -34.80 40.23
CA THR A 721 -34.76 -33.44 40.21
C THR A 721 -34.34 -33.07 38.79
N GLU A 722 -34.87 -31.95 38.28
CA GLU A 722 -34.59 -31.50 36.94
C GLU A 722 -34.09 -30.06 36.97
N ILE A 723 -32.89 -29.83 36.41
CA ILE A 723 -32.27 -28.51 36.39
C ILE A 723 -32.39 -27.94 35.00
N LEU A 724 -32.90 -26.70 34.90
CA LEU A 724 -33.06 -26.02 33.62
C LEU A 724 -32.45 -24.63 33.72
N PRO A 725 -31.46 -24.29 32.90
CA PRO A 725 -31.00 -22.90 32.82
C PRO A 725 -32.09 -21.99 32.30
N VAL A 726 -32.10 -20.75 32.79
CA VAL A 726 -33.14 -19.79 32.44
C VAL A 726 -32.61 -18.50 31.87
N SER A 727 -31.40 -18.04 32.22
CA SER A 727 -30.89 -16.77 31.74
C SER A 727 -29.38 -16.80 31.77
N MET A 728 -28.78 -15.89 30.99
CA MET A 728 -27.33 -15.72 30.97
C MET A 728 -26.94 -14.55 31.85
N THR A 729 -25.65 -14.21 31.76
CA THR A 729 -25.12 -13.02 32.39
C THR A 729 -25.27 -11.85 31.41
N LYS A 730 -25.93 -10.78 31.84
CA LYS A 730 -26.02 -9.57 31.04
C LYS A 730 -24.64 -8.92 30.95
N THR A 731 -24.20 -8.57 29.75
CA THR A 731 -22.89 -8.02 29.54
C THR A 731 -22.97 -6.79 28.64
N SER A 732 -22.02 -5.88 28.82
CA SER A 732 -21.95 -4.66 28.03
C SER A 732 -20.50 -4.40 27.64
N VAL A 733 -20.30 -3.90 26.42
CA VAL A 733 -18.97 -3.71 25.87
C VAL A 733 -18.84 -2.27 25.40
N ASP A 734 -17.72 -1.64 25.75
CA ASP A 734 -17.41 -0.28 25.31
C ASP A 734 -16.38 -0.37 24.19
N CYS A 735 -16.73 0.15 23.01
CA CYS A 735 -15.84 0.08 21.86
C CYS A 735 -14.52 0.81 22.11
N THR A 736 -14.60 2.08 22.53
CA THR A 736 -13.39 2.88 22.63
C THR A 736 -12.41 2.31 23.64
N MET A 737 -12.92 1.87 24.79
CA MET A 737 -12.03 1.30 25.80
C MET A 737 -11.41 -0.01 25.35
N TYR A 738 -12.12 -0.79 24.54
CA TYR A 738 -11.61 -2.08 24.11
C TYR A 738 -10.65 -1.94 22.93
N ILE A 739 -11.14 -1.41 21.81
CA ILE A 739 -10.34 -1.35 20.60
C ILE A 739 -9.16 -0.41 20.77
N CYS A 740 -9.41 0.80 21.27
CA CYS A 740 -8.40 1.85 21.30
C CYS A 740 -7.86 2.15 22.69
N GLY A 741 -8.49 1.64 23.74
CA GLY A 741 -7.99 1.93 25.08
C GLY A 741 -8.11 3.41 25.39
N ASP A 742 -7.01 3.99 25.87
CA ASP A 742 -6.97 5.40 26.24
C ASP A 742 -6.25 6.26 25.20
N SER A 743 -6.08 5.77 23.98
CA SER A 743 -5.45 6.53 22.92
C SER A 743 -6.48 7.41 22.22
N THR A 744 -6.18 8.71 22.11
CA THR A 744 -7.11 9.63 21.47
C THR A 744 -7.08 9.50 19.95
N GLU A 745 -5.90 9.31 19.38
CA GLU A 745 -5.78 9.23 17.92
C GLU A 745 -6.52 8.02 17.37
N CYS A 746 -6.40 6.88 18.04
CA CYS A 746 -7.14 5.70 17.62
C CYS A 746 -8.64 5.94 17.70
N SER A 747 -9.09 6.62 18.76
CA SER A 747 -10.51 6.93 18.89
C SER A 747 -10.98 7.81 17.74
N ASN A 748 -10.17 8.81 17.37
CA ASN A 748 -10.54 9.67 16.25
C ASN A 748 -10.60 8.87 14.94
N LEU A 749 -9.64 7.98 14.74
CA LEU A 749 -9.65 7.17 13.52
C LEU A 749 -10.82 6.19 13.50
N LEU A 750 -11.33 5.83 14.67
CA LEU A 750 -12.39 4.84 14.75
C LEU A 750 -13.70 5.31 14.12
N LEU A 751 -13.94 6.62 14.06
CA LEU A 751 -15.21 7.11 13.52
C LEU A 751 -15.38 6.75 12.05
N GLN A 752 -14.27 6.61 11.32
CA GLN A 752 -14.35 6.41 9.88
C GLN A 752 -15.01 5.09 9.48
N TYR A 753 -15.14 4.13 10.39
CA TYR A 753 -15.71 2.83 10.06
C TYR A 753 -17.22 2.79 10.16
N GLY A 754 -17.85 3.83 10.72
CA GLY A 754 -19.29 3.95 10.65
C GLY A 754 -20.09 3.37 11.80
N SER A 755 -21.18 2.69 11.45
CA SER A 755 -22.21 2.29 12.41
C SER A 755 -22.00 0.89 12.96
N PHE A 756 -20.75 0.43 13.06
CA PHE A 756 -20.49 -0.88 13.65
C PHE A 756 -20.86 -0.89 15.13
N CYS A 757 -20.31 0.05 15.90
CA CYS A 757 -20.52 0.04 17.35
C CYS A 757 -21.98 0.20 17.72
N THR A 758 -22.73 0.99 16.94
CA THR A 758 -24.13 1.18 17.24
C THR A 758 -24.88 -0.15 17.18
N GLN A 759 -24.63 -0.95 16.13
CA GLN A 759 -25.36 -2.21 16.00
C GLN A 759 -24.84 -3.24 17.01
N LEU A 760 -23.55 -3.21 17.33
CA LEU A 760 -23.03 -4.10 18.35
C LEU A 760 -23.70 -3.84 19.70
N LYS A 761 -23.80 -2.56 20.08
CA LYS A 761 -24.45 -2.22 21.34
C LYS A 761 -25.94 -2.50 21.30
N ARG A 762 -26.59 -2.32 20.14
CA ARG A 762 -28.00 -2.67 20.03
C ARG A 762 -28.21 -4.16 20.25
N ALA A 763 -27.35 -4.99 19.66
CA ALA A 763 -27.47 -6.44 19.85
C ALA A 763 -27.28 -6.83 21.30
N LEU A 764 -26.27 -6.25 21.96
CA LEU A 764 -26.03 -6.61 23.36
C LEU A 764 -27.18 -6.14 24.26
N THR A 765 -27.73 -4.96 23.99
CA THR A 765 -28.86 -4.48 24.78
C THR A 765 -30.08 -5.37 24.59
N GLY A 766 -30.33 -5.80 23.35
CA GLY A 766 -31.42 -6.73 23.11
C GLY A 766 -31.23 -8.03 23.85
N ILE A 767 -29.99 -8.53 23.90
CA ILE A 767 -29.70 -9.76 24.64
C ILE A 767 -29.99 -9.58 26.12
N ALA A 768 -29.58 -8.44 26.70
CA ALA A 768 -29.81 -8.22 28.13
C ALA A 768 -31.29 -8.12 28.46
N VAL A 769 -32.03 -7.33 27.68
CA VAL A 769 -33.47 -7.23 27.90
C VAL A 769 -34.14 -8.58 27.73
N GLU A 770 -33.64 -9.40 26.80
CA GLU A 770 -34.15 -10.75 26.63
C GLU A 770 -33.91 -11.61 27.87
N GLN A 771 -32.74 -11.48 28.50
CA GLN A 771 -32.49 -12.25 29.73
C GLN A 771 -33.49 -11.87 30.81
N ASP A 772 -33.73 -10.57 30.97
CA ASP A 772 -34.72 -10.15 31.98
C ASP A 772 -36.12 -10.67 31.64
N LYS A 773 -36.49 -10.66 30.35
CA LYS A 773 -37.79 -11.19 29.94
C LYS A 773 -37.88 -12.68 30.22
N ASN A 774 -36.80 -13.42 29.99
CA ASN A 774 -36.78 -14.84 30.31
C ASN A 774 -37.08 -15.09 31.77
N THR A 775 -36.37 -14.39 32.66
CA THR A 775 -36.61 -14.58 34.09
C THR A 775 -38.05 -14.20 34.45
N GLN A 776 -38.55 -13.10 33.90
CA GLN A 776 -39.92 -12.68 34.19
C GLN A 776 -40.93 -13.73 33.76
N GLU A 777 -40.79 -14.27 32.56
CA GLU A 777 -41.80 -15.19 32.05
C GLU A 777 -41.71 -16.55 32.71
N VAL A 778 -40.55 -16.90 33.27
CA VAL A 778 -40.46 -18.17 33.99
C VAL A 778 -41.04 -18.01 35.40
N PHE A 779 -40.58 -17.01 36.15
CA PHE A 779 -40.85 -16.96 37.59
C PHE A 779 -42.07 -16.12 37.97
N ALA A 780 -42.45 -15.13 37.16
CA ALA A 780 -43.52 -14.22 37.51
C ALA A 780 -44.88 -14.69 37.03
N GLN A 781 -45.10 -16.00 36.96
CA GLN A 781 -46.38 -16.53 36.53
C GLN A 781 -47.49 -16.23 37.52
N VAL A 782 -47.16 -16.05 38.80
CA VAL A 782 -48.15 -15.93 39.85
C VAL A 782 -48.62 -14.47 39.92
N LYS A 783 -49.90 -14.27 40.22
CA LYS A 783 -50.46 -12.88 40.36
C LYS A 783 -50.20 -12.24 41.75
N GLN A 784 -50.73 -12.82 42.82
CA GLN A 784 -50.56 -12.35 44.20
C GLN A 784 -49.36 -13.01 44.81
N ILE A 785 -48.96 -12.64 46.02
CA ILE A 785 -47.78 -13.22 46.70
C ILE A 785 -48.36 -14.01 47.85
N TYR A 786 -48.60 -15.28 47.65
CA TYR A 786 -49.30 -16.11 48.63
C TYR A 786 -48.37 -16.41 49.80
N LYS A 787 -48.95 -16.60 50.98
CA LYS A 787 -48.20 -16.84 52.20
C LYS A 787 -48.56 -18.19 52.78
N THR A 788 -47.55 -18.91 53.24
CA THR A 788 -47.77 -20.20 53.89
C THR A 788 -48.42 -19.98 55.26
N PRO A 789 -49.49 -20.71 55.59
CA PRO A 789 -50.15 -20.50 56.88
C PRO A 789 -49.25 -20.87 58.03
N PRO A 790 -49.39 -20.21 59.18
CA PRO A 790 -48.44 -20.42 60.29
C PRO A 790 -48.41 -21.84 60.82
N ILE A 791 -49.56 -22.52 60.91
CA ILE A 791 -49.62 -23.89 61.40
C ILE A 791 -49.31 -24.79 60.21
N LYS A 792 -48.06 -25.22 60.12
CA LYS A 792 -47.58 -25.96 58.95
C LYS A 792 -47.74 -27.46 59.12
N TYR A 793 -48.98 -27.91 59.26
CA TYR A 793 -49.32 -29.33 59.28
C TYR A 793 -50.20 -29.64 58.08
N PHE A 794 -49.71 -30.50 57.18
CA PHE A 794 -50.35 -30.73 55.89
C PHE A 794 -50.66 -32.22 55.70
N GLY A 795 -51.25 -32.83 56.72
CA GLY A 795 -51.67 -34.21 56.61
C GLY A 795 -50.55 -35.22 56.79
N GLY A 796 -49.43 -34.78 57.35
CA GLY A 796 -48.27 -35.62 57.54
C GLY A 796 -47.16 -35.37 56.55
N PHE A 797 -47.45 -34.67 55.45
CA PHE A 797 -46.42 -34.33 54.49
C PHE A 797 -45.55 -33.21 55.07
N ASN A 798 -44.24 -33.31 54.83
CA ASN A 798 -43.26 -32.44 55.45
C ASN A 798 -42.56 -31.64 54.35
N PHE A 799 -42.92 -30.36 54.24
CA PHE A 799 -42.36 -29.47 53.23
C PHE A 799 -41.28 -28.55 53.79
N SER A 800 -40.76 -28.87 54.99
CA SER A 800 -39.78 -27.99 55.62
C SER A 800 -38.52 -27.82 54.78
N GLN A 801 -38.20 -28.82 53.95
CA GLN A 801 -37.00 -28.75 53.15
C GLN A 801 -37.17 -27.90 51.91
N ILE A 802 -38.40 -27.56 51.54
CA ILE A 802 -38.64 -26.71 50.38
C ILE A 802 -39.25 -25.36 50.75
N LEU A 803 -39.90 -25.24 51.90
CA LEU A 803 -40.46 -24.00 52.36
C LEU A 803 -39.38 -23.11 52.97
N PRO A 804 -39.53 -21.79 52.89
CA PRO A 804 -38.45 -20.91 53.33
C PRO A 804 -38.19 -21.00 54.82
N ASP A 805 -36.92 -20.85 55.18
CA ASP A 805 -36.49 -20.83 56.57
C ASP A 805 -36.21 -19.38 56.97
N PRO A 806 -36.98 -18.81 57.90
CA PRO A 806 -36.83 -17.38 58.19
C PRO A 806 -35.58 -17.02 58.99
N SER A 807 -34.82 -18.01 59.46
CA SER A 807 -33.68 -17.72 60.33
C SER A 807 -32.62 -16.91 59.59
N LYS A 808 -32.35 -17.27 58.35
CA LYS A 808 -31.28 -16.63 57.58
C LYS A 808 -31.69 -15.23 57.14
N PRO A 809 -30.70 -14.37 56.85
CA PRO A 809 -31.04 -13.07 56.23
C PRO A 809 -31.77 -13.23 54.91
N SER A 810 -31.42 -14.24 54.11
CA SER A 810 -32.15 -14.58 52.90
C SER A 810 -33.07 -15.74 53.20
N LYS A 811 -34.38 -15.53 53.01
CA LYS A 811 -35.37 -16.53 53.38
C LYS A 811 -35.49 -17.57 52.26
N ARG A 812 -34.35 -18.19 51.96
CA ARG A 812 -34.27 -19.31 51.05
C ARG A 812 -34.45 -20.61 51.81
N SER A 813 -35.03 -21.62 51.19
CA SER A 813 -35.32 -22.87 51.89
C SER A 813 -34.05 -23.64 52.10
N PRO A 814 -34.00 -24.67 52.95
CA PRO A 814 -32.81 -25.48 53.01
C PRO A 814 -32.18 -26.05 51.73
N ILE A 815 -32.92 -26.57 50.75
CA ILE A 815 -32.44 -27.05 49.45
C ILE A 815 -31.95 -25.88 48.60
N GLU A 816 -32.60 -24.72 48.71
CA GLU A 816 -32.13 -23.56 47.97
C GLU A 816 -30.77 -23.09 48.49
N ASP A 817 -30.55 -23.17 49.81
CA ASP A 817 -29.21 -22.92 50.35
C ASP A 817 -28.18 -23.82 49.68
N LEU A 818 -28.46 -25.13 49.65
CA LEU A 818 -27.48 -26.03 49.05
C LEU A 818 -27.29 -25.72 47.57
N LEU A 819 -28.36 -25.40 46.86
CA LEU A 819 -28.24 -25.12 45.42
C LEU A 819 -27.38 -23.89 45.16
N PHE A 820 -27.55 -22.84 45.97
CA PHE A 820 -26.78 -21.63 45.74
C PHE A 820 -25.33 -21.80 46.20
N ASN A 821 -25.09 -22.66 47.18
CA ASN A 821 -23.71 -22.90 47.59
C ASN A 821 -22.99 -23.82 46.60
N LYS A 822 -23.75 -24.70 45.92
CA LYS A 822 -23.13 -25.68 45.03
C LYS A 822 -22.65 -25.04 43.73
N VAL A 823 -23.36 -24.03 43.22
CA VAL A 823 -22.95 -23.36 41.99
C VAL A 823 -22.00 -22.24 42.36
N THR A 824 -20.72 -22.41 42.03
CA THR A 824 -19.73 -21.38 42.26
C THR A 824 -19.66 -20.44 41.06
N LEU A 825 -19.81 -19.15 41.33
CA LEU A 825 -19.85 -18.15 40.27
C LEU A 825 -18.45 -17.67 39.91
N LYS A 851 -15.60 -4.58 35.46
CA LYS A 851 -15.07 -3.36 34.87
C LYS A 851 -13.65 -3.58 34.36
N PHE A 852 -13.47 -4.61 33.54
CA PHE A 852 -12.15 -4.95 33.00
C PHE A 852 -12.07 -4.49 31.55
N LYS A 853 -11.45 -3.32 31.36
CA LYS A 853 -11.19 -2.71 30.06
C LYS A 853 -12.39 -2.82 29.11
N GLY A 854 -13.50 -2.21 29.54
CA GLY A 854 -14.64 -2.02 28.69
C GLY A 854 -15.69 -3.10 28.75
N LEU A 855 -15.41 -4.23 29.39
CA LEU A 855 -16.35 -5.34 29.45
C LEU A 855 -16.95 -5.38 30.86
N THR A 856 -18.21 -4.98 30.98
CA THR A 856 -18.88 -4.88 32.27
C THR A 856 -20.07 -5.82 32.30
N VAL A 857 -20.56 -6.08 33.52
CA VAL A 857 -21.67 -6.97 33.76
C VAL A 857 -22.80 -6.17 34.40
N LEU A 858 -23.96 -6.19 33.79
CA LEU A 858 -25.15 -5.49 34.27
C LEU A 858 -25.93 -6.36 35.24
N PRO A 859 -26.39 -5.80 36.36
CA PRO A 859 -27.17 -6.59 37.31
C PRO A 859 -28.56 -6.88 36.78
N PRO A 860 -29.12 -8.05 37.11
CA PRO A 860 -30.48 -8.35 36.68
C PRO A 860 -31.51 -7.52 37.45
N LEU A 861 -32.66 -7.33 36.82
CA LEU A 861 -33.71 -6.51 37.43
C LEU A 861 -34.24 -7.16 38.70
N LEU A 862 -34.44 -8.46 38.73
CA LEU A 862 -35.05 -9.14 39.88
C LEU A 862 -33.94 -9.77 40.71
N THR A 863 -33.68 -9.25 41.90
CA THR A 863 -32.66 -9.78 42.80
C THR A 863 -33.02 -11.20 43.21
N ASP A 864 -32.04 -11.88 43.83
CA ASP A 864 -32.26 -13.27 44.22
C ASP A 864 -33.37 -13.37 45.27
N GLU A 865 -33.56 -12.33 46.09
CA GLU A 865 -34.61 -12.35 47.09
C GLU A 865 -35.99 -12.23 46.44
N MET A 866 -36.11 -11.45 45.38
CA MET A 866 -37.38 -11.36 44.66
C MET A 866 -37.73 -12.68 44.00
N ILE A 867 -36.75 -13.35 43.39
CA ILE A 867 -36.98 -14.66 42.80
C ILE A 867 -37.35 -15.67 43.88
N ALA A 868 -36.71 -15.58 45.04
CA ALA A 868 -37.07 -16.47 46.14
C ALA A 868 -38.51 -16.20 46.62
N GLN A 869 -38.92 -14.94 46.64
CA GLN A 869 -40.30 -14.62 47.00
C GLN A 869 -41.28 -15.17 45.99
N TYR A 870 -40.96 -15.08 44.71
CA TYR A 870 -41.81 -15.66 43.67
C TYR A 870 -41.94 -17.16 43.84
N THR A 871 -40.81 -17.84 44.08
CA THR A 871 -40.83 -19.28 44.28
C THR A 871 -41.64 -19.65 45.53
N SER A 872 -41.49 -18.88 46.60
CA SER A 872 -42.25 -19.14 47.82
C SER A 872 -43.74 -18.95 47.60
N ALA A 873 -44.12 -17.92 46.83
CA ALA A 873 -45.53 -17.73 46.49
C ALA A 873 -46.06 -18.90 45.68
N LEU A 874 -45.28 -19.38 44.71
CA LEU A 874 -45.70 -20.53 43.91
C LEU A 874 -45.90 -21.75 44.79
N LEU A 875 -44.96 -22.14 45.63
CA LEU A 875 -45.07 -23.33 46.50
C LEU A 875 -46.15 -23.19 47.53
N ALA A 876 -46.48 -22.02 48.00
CA ALA A 876 -47.44 -21.85 49.11
C ALA A 876 -48.85 -21.70 48.65
N GLY A 877 -49.10 -21.62 47.38
CA GLY A 877 -50.43 -21.58 46.82
C GLY A 877 -50.70 -22.87 46.13
N THR A 878 -49.74 -23.76 46.03
CA THR A 878 -49.90 -25.12 45.48
C THR A 878 -50.16 -26.01 46.67
N ILE A 879 -49.59 -25.75 47.80
CA ILE A 879 -49.77 -26.55 49.03
C ILE A 879 -51.11 -26.18 49.64
N THR A 880 -51.63 -24.97 49.41
CA THR A 880 -52.89 -24.50 50.04
C THR A 880 -54.08 -24.31 49.10
N SER A 881 -54.05 -24.71 47.83
CA SER A 881 -55.09 -24.45 46.81
C SER A 881 -55.05 -25.54 45.77
N GLY A 882 -53.91 -25.86 45.24
CA GLY A 882 -53.77 -26.96 44.27
C GLY A 882 -53.45 -26.42 42.93
N TRP A 883 -54.20 -26.85 41.95
CA TRP A 883 -54.11 -26.21 40.65
C TRP A 883 -55.15 -25.11 40.46
N THR A 884 -55.92 -24.79 41.50
CA THR A 884 -56.99 -23.81 41.35
C THR A 884 -56.45 -22.40 41.22
N PHE A 885 -55.28 -22.13 41.80
CA PHE A 885 -54.74 -20.78 41.81
C PHE A 885 -54.13 -20.37 40.47
N GLY A 886 -53.89 -21.32 39.57
CA GLY A 886 -53.33 -20.98 38.28
C GLY A 886 -54.38 -20.75 37.21
N ALA A 887 -55.61 -21.16 37.50
CA ALA A 887 -56.71 -21.07 36.54
C ALA A 887 -57.75 -20.03 36.92
N GLY A 888 -57.55 -19.27 37.98
CA GLY A 888 -58.51 -18.28 38.41
C GLY A 888 -58.32 -17.85 39.84
N PRO A 889 -59.42 -17.72 40.58
CA PRO A 889 -59.34 -17.36 41.99
C PRO A 889 -58.84 -18.55 42.80
N ALA A 890 -57.85 -18.30 43.65
CA ALA A 890 -57.26 -19.38 44.45
C ALA A 890 -58.26 -19.88 45.49
N LEU A 891 -58.59 -21.16 45.41
CA LEU A 891 -59.55 -21.79 46.30
C LEU A 891 -58.82 -22.82 47.14
N GLN A 892 -59.00 -22.76 48.46
CA GLN A 892 -58.24 -23.62 49.35
C GLN A 892 -58.85 -25.02 49.41
N ILE A 893 -58.06 -26.07 49.68
CA ILE A 893 -58.50 -27.49 49.73
C ILE A 893 -57.60 -28.19 50.73
N PRO A 894 -58.05 -29.08 51.64
CA PRO A 894 -57.12 -29.76 52.47
C PRO A 894 -56.09 -30.57 51.69
N PHE A 895 -54.79 -30.55 51.98
CA PHE A 895 -53.72 -31.22 51.18
C PHE A 895 -53.88 -32.72 51.16
N PRO A 896 -54.17 -33.46 52.24
CA PRO A 896 -54.38 -34.86 52.10
C PRO A 896 -55.42 -35.08 51.00
N MET A 897 -56.43 -34.22 50.78
CA MET A 897 -57.51 -34.27 49.76
C MET A 897 -57.14 -33.71 48.41
N GLN A 898 -56.03 -33.03 48.20
CA GLN A 898 -55.59 -32.64 46.84
C GLN A 898 -54.79 -33.79 46.30
N MET A 899 -54.03 -34.59 47.06
CA MET A 899 -53.39 -35.83 46.62
C MET A 899 -54.42 -36.86 46.18
N ALA A 900 -55.60 -36.86 46.79
CA ALA A 900 -56.67 -37.73 46.31
C ALA A 900 -57.08 -37.34 44.89
N TYR A 901 -57.18 -36.05 44.61
CA TYR A 901 -57.50 -35.58 43.27
C TYR A 901 -56.43 -36.01 42.27
N ARG A 902 -55.16 -35.89 42.65
CA ARG A 902 -54.08 -36.24 41.74
C ARG A 902 -53.99 -37.75 41.52
N PHE A 903 -54.28 -38.54 42.56
CA PHE A 903 -54.40 -39.99 42.37
C PHE A 903 -55.50 -40.33 41.41
N ASN A 904 -56.66 -39.67 41.52
CA ASN A 904 -57.68 -39.81 40.49
C ASN A 904 -57.17 -39.40 39.12
N GLY A 905 -56.31 -38.39 39.07
CA GLY A 905 -55.77 -37.93 37.81
C GLY A 905 -54.86 -38.92 37.12
N ILE A 906 -54.15 -39.77 37.88
CA ILE A 906 -53.27 -40.76 37.27
C ILE A 906 -53.99 -42.08 37.03
N GLY A 907 -55.28 -42.17 37.32
CA GLY A 907 -56.04 -43.37 37.08
C GLY A 907 -56.21 -44.28 38.27
N VAL A 908 -55.81 -43.85 39.45
CA VAL A 908 -55.95 -44.65 40.66
C VAL A 908 -57.09 -44.07 41.49
N THR A 909 -57.93 -44.93 42.04
CA THR A 909 -59.04 -44.47 42.85
C THR A 909 -58.52 -43.71 44.07
N GLN A 910 -59.37 -42.86 44.63
CA GLN A 910 -58.94 -42.02 45.74
C GLN A 910 -58.87 -42.79 47.05
N ASN A 911 -59.68 -43.84 47.19
CA ASN A 911 -59.63 -44.62 48.42
C ASN A 911 -58.29 -45.30 48.61
N VAL A 912 -57.51 -45.44 47.54
CA VAL A 912 -56.17 -45.99 47.66
C VAL A 912 -55.30 -45.09 48.52
N LEU A 913 -55.58 -43.79 48.54
CA LEU A 913 -54.73 -42.87 49.31
C LEU A 913 -55.15 -42.80 50.77
N TYR A 914 -56.44 -42.58 51.03
CA TYR A 914 -56.91 -42.51 52.41
C TYR A 914 -56.62 -43.81 53.16
N GLU A 915 -56.67 -44.94 52.47
CA GLU A 915 -56.34 -46.21 53.09
C GLU A 915 -54.84 -46.36 53.32
N ASN A 916 -54.01 -45.67 52.56
CA ASN A 916 -52.56 -45.73 52.70
C ASN A 916 -51.98 -44.34 52.86
N GLN A 917 -52.60 -43.51 53.70
CA GLN A 917 -52.18 -42.11 53.78
C GLN A 917 -50.82 -41.99 54.47
N LYS A 918 -50.73 -42.43 55.72
CA LYS A 918 -49.50 -42.27 56.49
C LYS A 918 -48.31 -42.85 55.75
N LEU A 919 -48.42 -44.11 55.32
CA LEU A 919 -47.39 -44.72 54.48
C LEU A 919 -46.96 -43.78 53.38
N ILE A 920 -47.91 -43.31 52.57
CA ILE A 920 -47.57 -42.43 51.46
C ILE A 920 -46.79 -41.23 51.96
N ALA A 921 -47.28 -40.58 53.02
CA ALA A 921 -46.57 -39.44 53.58
C ALA A 921 -45.12 -39.78 53.87
N ASN A 922 -44.90 -40.88 54.60
CA ASN A 922 -43.53 -41.27 54.91
C ASN A 922 -42.70 -41.41 53.65
N GLN A 923 -43.23 -42.13 52.65
CA GLN A 923 -42.50 -42.28 51.40
C GLN A 923 -42.10 -40.92 50.87
N PHE A 924 -43.08 -40.01 50.75
CA PHE A 924 -42.77 -38.68 50.25
C PHE A 924 -41.65 -38.05 51.07
N ASN A 925 -41.81 -38.06 52.40
CA ASN A 925 -40.80 -37.42 53.23
C ASN A 925 -39.43 -38.03 52.97
N SER A 926 -39.36 -39.36 52.94
CA SER A 926 -38.08 -40.02 52.73
C SER A 926 -37.46 -39.57 51.42
N ALA A 927 -38.27 -39.49 50.37
CA ALA A 927 -37.74 -39.07 49.07
C ALA A 927 -37.11 -37.70 49.17
N ILE A 928 -37.79 -36.76 49.84
CA ILE A 928 -37.21 -35.43 50.00
C ILE A 928 -35.92 -35.50 50.78
N GLY A 929 -35.90 -36.34 51.83
CA GLY A 929 -34.68 -36.49 52.60
C GLY A 929 -33.52 -36.99 51.76
N LYS A 930 -33.81 -37.75 50.70
CA LYS A 930 -32.74 -38.18 49.82
C LYS A 930 -32.26 -37.04 48.92
N ILE A 931 -33.17 -36.21 48.43
CA ILE A 931 -32.81 -35.21 47.43
C ILE A 931 -31.66 -34.34 47.94
N GLN A 932 -31.78 -33.87 49.17
CA GLN A 932 -30.72 -33.10 49.81
C GLN A 932 -29.37 -33.77 49.61
N ASP A 933 -29.22 -35.01 50.10
CA ASP A 933 -27.96 -35.72 49.96
C ASP A 933 -27.64 -35.94 48.48
N SER A 934 -28.65 -36.27 47.68
CA SER A 934 -28.42 -36.52 46.27
C SER A 934 -27.82 -35.31 45.58
N LEU A 935 -28.02 -34.11 46.16
CA LEU A 935 -27.38 -32.93 45.61
C LEU A 935 -26.07 -32.64 46.33
N SER A 936 -26.02 -32.93 47.63
CA SER A 936 -24.83 -32.60 48.41
C SER A 936 -23.66 -33.52 48.05
N SER A 937 -23.91 -34.83 47.97
CA SER A 937 -22.82 -35.77 47.76
C SER A 937 -22.23 -35.64 46.36
N THR A 938 -23.08 -35.63 45.33
CA THR A 938 -22.62 -35.59 43.94
C THR A 938 -22.19 -34.17 43.62
N PRO A 939 -20.90 -33.99 43.33
CA PRO A 939 -20.38 -32.67 43.04
C PRO A 939 -20.77 -32.19 41.65
N SER A 940 -21.12 -33.10 40.74
CA SER A 940 -21.49 -32.75 39.38
C SER A 940 -23.00 -32.73 39.17
N ALA A 941 -23.77 -32.36 40.21
CA ALA A 941 -25.22 -32.38 40.10
C ALA A 941 -25.73 -31.25 39.20
N LEU A 942 -25.19 -30.05 39.37
CA LEU A 942 -25.67 -28.87 38.65
C LEU A 942 -24.73 -28.46 37.52
N GLY A 943 -24.14 -29.43 36.83
CA GLY A 943 -23.23 -29.11 35.75
C GLY A 943 -23.93 -28.45 34.57
N LYS A 944 -25.18 -28.85 34.30
CA LYS A 944 -25.93 -28.26 33.19
C LYS A 944 -26.16 -26.77 33.42
N LEU A 945 -26.09 -26.32 34.67
CA LEU A 945 -26.32 -24.94 35.02
C LEU A 945 -25.03 -24.17 35.29
N GLN A 946 -23.94 -24.88 35.58
CA GLN A 946 -22.63 -24.26 35.72
C GLN A 946 -21.93 -24.10 34.37
N ASP A 947 -22.28 -24.92 33.39
CA ASP A 947 -21.60 -24.85 32.11
C ASP A 947 -21.94 -23.56 31.37
N VAL A 948 -23.12 -22.99 31.61
CA VAL A 948 -23.44 -21.71 30.98
C VAL A 948 -22.56 -20.61 31.55
N VAL A 949 -22.33 -20.62 32.87
CA VAL A 949 -21.42 -19.68 33.49
C VAL A 949 -20.02 -19.85 32.92
N ASN A 950 -19.58 -21.10 32.80
CA ASN A 950 -18.23 -21.36 32.28
C ASN A 950 -18.09 -20.91 30.84
N HIS A 951 -19.12 -21.12 30.02
CA HIS A 951 -19.08 -20.69 28.62
C HIS A 951 -19.04 -19.18 28.51
N ASN A 952 -19.85 -18.47 29.29
CA ASN A 952 -19.80 -17.01 29.26
C ASN A 952 -18.45 -16.50 29.69
N ALA A 953 -17.90 -17.07 30.77
CA ALA A 953 -16.59 -16.64 31.25
C ALA A 953 -15.51 -16.93 30.23
N GLN A 954 -15.57 -18.08 29.55
CA GLN A 954 -14.58 -18.42 28.54
C GLN A 954 -14.65 -17.49 27.35
N ALA A 955 -15.87 -17.14 26.91
CA ALA A 955 -16.01 -16.20 25.81
C ALA A 955 -15.44 -14.84 26.17
N LEU A 956 -15.73 -14.37 27.38
CA LEU A 956 -15.19 -13.07 27.79
C LEU A 956 -13.68 -13.13 27.93
N ASN A 957 -13.15 -14.27 28.40
CA ASN A 957 -11.71 -14.43 28.59
C ASN A 957 -10.99 -14.43 27.25
N THR A 958 -11.53 -15.14 26.26
CA THR A 958 -10.89 -15.12 24.95
C THR A 958 -11.03 -13.76 24.28
N LEU A 959 -12.13 -13.05 24.53
CA LEU A 959 -12.24 -11.68 24.03
C LEU A 959 -11.17 -10.79 24.62
N VAL A 960 -10.88 -10.93 25.91
CA VAL A 960 -9.81 -10.14 26.52
C VAL A 960 -8.45 -10.57 25.97
N LYS A 961 -8.20 -11.87 25.90
CA LYS A 961 -6.87 -12.35 25.54
C LYS A 961 -6.56 -12.17 24.07
N GLN A 962 -7.57 -11.93 23.24
CA GLN A 962 -7.31 -11.74 21.82
C GLN A 962 -6.90 -10.31 21.50
N LEU A 963 -6.84 -9.43 22.51
CA LEU A 963 -6.26 -8.10 22.31
C LEU A 963 -4.77 -8.18 22.00
N SER A 964 -4.10 -9.22 22.48
CA SER A 964 -2.65 -9.34 22.30
C SER A 964 -2.28 -9.65 20.85
N SER A 965 -3.21 -10.14 20.04
CA SER A 965 -2.89 -10.51 18.67
C SER A 965 -2.55 -9.26 17.86
N LYS A 966 -1.42 -9.34 17.13
CA LYS A 966 -0.98 -8.23 16.30
C LYS A 966 -1.78 -8.11 15.01
N PHE A 967 -2.43 -9.20 14.58
CA PHE A 967 -3.21 -9.22 13.34
C PHE A 967 -2.35 -8.86 12.14
N GLY A 968 -1.04 -9.11 12.23
CA GLY A 968 -0.11 -8.75 11.18
C GLY A 968 0.50 -7.38 11.28
N ALA A 969 0.19 -6.62 12.32
CA ALA A 969 0.79 -5.31 12.51
C ALA A 969 2.11 -5.43 13.27
N ILE A 970 2.78 -4.30 13.45
CA ILE A 970 4.10 -4.30 14.06
C ILE A 970 4.02 -4.67 15.53
N SER A 971 2.98 -4.18 16.23
CA SER A 971 2.83 -4.44 17.64
C SER A 971 1.36 -4.33 18.03
N SER A 972 1.02 -4.93 19.17
CA SER A 972 -0.35 -4.90 19.68
C SER A 972 -0.63 -3.72 20.59
N VAL A 973 0.39 -2.95 20.96
CA VAL A 973 0.23 -1.80 21.84
C VAL A 973 0.31 -0.53 21.00
N LEU A 974 -0.61 0.41 21.24
CA LEU A 974 -0.72 1.57 20.38
C LEU A 974 0.39 2.58 20.65
N ASN A 975 0.96 2.56 21.86
CA ASN A 975 2.00 3.53 22.19
C ASN A 975 3.22 3.40 21.29
N ASP A 976 3.67 2.15 21.05
CA ASP A 976 4.82 1.96 20.17
C ASP A 976 4.52 2.41 18.75
N ILE A 977 3.32 2.08 18.25
CA ILE A 977 2.95 2.45 16.89
C ILE A 977 2.94 3.97 16.74
N PHE A 978 2.35 4.66 17.73
CA PHE A 978 2.20 6.11 17.60
C PHE A 978 3.51 6.83 17.86
N SER A 979 4.41 6.24 18.65
CA SER A 979 5.67 6.91 18.96
C SER A 979 6.70 6.69 17.86
N ARG A 980 6.94 5.43 17.48
CA ARG A 980 8.06 5.13 16.59
C ARG A 980 7.79 5.55 15.15
N LEU A 981 6.53 5.63 14.75
CA LEU A 981 6.18 5.92 13.36
C LEU A 981 5.31 7.16 13.29
N ASP A 982 5.54 7.96 12.25
CA ASP A 982 4.72 9.14 11.97
C ASP A 982 3.35 8.72 11.44
N PRO A 983 2.36 9.60 11.55
CA PRO A 983 0.97 9.23 11.21
C PRO A 983 0.80 8.65 9.82
N PRO A 984 1.50 9.17 8.77
CA PRO A 984 1.26 8.66 7.40
C PRO A 984 1.16 7.14 7.26
N GLU A 985 2.18 6.39 7.69
CA GLU A 985 2.11 4.94 7.59
C GLU A 985 1.62 4.28 8.88
N ALA A 986 1.64 4.98 10.00
CA ALA A 986 1.05 4.43 11.23
C ALA A 986 -0.46 4.29 11.08
N GLU A 987 -1.06 5.05 10.15
CA GLU A 987 -2.48 4.91 9.88
C GLU A 987 -2.83 3.51 9.43
N VAL A 988 -1.98 2.89 8.60
CA VAL A 988 -2.25 1.54 8.11
C VAL A 988 -2.21 0.54 9.26
N GLN A 989 -1.21 0.67 10.14
CA GLN A 989 -1.12 -0.21 11.30
C GLN A 989 -2.34 -0.06 12.20
N ILE A 990 -2.76 1.19 12.44
CA ILE A 990 -3.93 1.42 13.29
C ILE A 990 -5.17 0.82 12.65
N ASP A 991 -5.33 1.00 11.33
CA ASP A 991 -6.49 0.43 10.65
C ASP A 991 -6.49 -1.09 10.75
N ARG A 992 -5.31 -1.72 10.59
CA ARG A 992 -5.25 -3.17 10.69
C ARG A 992 -5.63 -3.65 12.08
N LEU A 993 -5.10 -3.00 13.12
CA LEU A 993 -5.47 -3.37 14.49
C LEU A 993 -6.96 -3.18 14.73
N ILE A 994 -7.51 -2.06 14.26
CA ILE A 994 -8.93 -1.77 14.48
C ILE A 994 -9.79 -2.80 13.77
N THR A 995 -9.44 -3.16 12.53
CA THR A 995 -10.21 -4.18 11.82
C THR A 995 -10.15 -5.52 12.52
N GLY A 996 -8.97 -5.92 13.00
CA GLY A 996 -8.87 -7.18 13.72
C GLY A 996 -9.73 -7.20 14.98
N ARG A 997 -9.68 -6.09 15.74
CA ARG A 997 -10.42 -6.05 16.99
C ARG A 997 -11.93 -5.96 16.73
N LEU A 998 -12.33 -5.25 15.68
CA LEU A 998 -13.74 -5.23 15.31
C LEU A 998 -14.22 -6.61 14.87
N GLN A 999 -13.38 -7.34 14.14
CA GLN A 999 -13.73 -8.71 13.76
C GLN A 999 -13.91 -9.59 14.98
N SER A 1000 -13.00 -9.48 15.95
CA SER A 1000 -13.14 -10.29 17.17
C SER A 1000 -14.40 -9.91 17.95
N LEU A 1001 -14.69 -8.62 18.04
CA LEU A 1001 -15.87 -8.16 18.76
C LEU A 1001 -17.16 -8.64 18.08
N GLN A 1002 -17.20 -8.56 16.75
CA GLN A 1002 -18.39 -9.03 16.02
C GLN A 1002 -18.55 -10.53 16.17
N THR A 1003 -17.44 -11.28 16.14
CA THR A 1003 -17.52 -12.71 16.39
C THR A 1003 -18.09 -13.00 17.77
N TYR A 1004 -17.64 -12.24 18.78
CA TYR A 1004 -18.14 -12.41 20.13
C TYR A 1004 -19.65 -12.19 20.18
N VAL A 1005 -20.13 -11.12 19.55
CA VAL A 1005 -21.55 -10.81 19.63
C VAL A 1005 -22.39 -11.83 18.86
N THR A 1006 -21.89 -12.32 17.73
CA THR A 1006 -22.62 -13.37 17.01
C THR A 1006 -22.73 -14.65 17.85
N GLN A 1007 -21.61 -15.04 18.49
CA GLN A 1007 -21.66 -16.21 19.37
C GLN A 1007 -22.64 -15.99 20.50
N GLN A 1008 -22.68 -14.76 21.03
CA GLN A 1008 -23.62 -14.44 22.11
C GLN A 1008 -25.07 -14.54 21.64
N LEU A 1009 -25.34 -14.10 20.41
CA LEU A 1009 -26.70 -14.22 19.88
C LEU A 1009 -27.11 -15.67 19.76
N ILE A 1010 -26.21 -16.53 19.28
CA ILE A 1010 -26.52 -17.95 19.18
C ILE A 1010 -26.78 -18.55 20.56
N ARG A 1011 -25.91 -18.25 21.52
CA ARG A 1011 -26.08 -18.77 22.88
C ARG A 1011 -27.34 -18.24 23.54
N ALA A 1012 -27.70 -16.98 23.29
CA ALA A 1012 -28.93 -16.42 23.83
C ALA A 1012 -30.16 -17.07 23.22
N ALA A 1013 -30.11 -17.43 21.94
CA ALA A 1013 -31.20 -18.19 21.36
C ALA A 1013 -31.35 -19.55 22.04
N GLU A 1014 -30.23 -20.21 22.32
CA GLU A 1014 -30.29 -21.48 23.05
C GLU A 1014 -30.89 -21.30 24.44
N ILE A 1015 -30.45 -20.28 25.16
CA ILE A 1015 -30.97 -20.01 26.51
C ILE A 1015 -32.45 -19.64 26.45
N ARG A 1016 -32.87 -18.91 25.42
CA ARG A 1016 -34.28 -18.55 25.29
C ARG A 1016 -35.14 -19.79 25.06
N ALA A 1017 -34.66 -20.73 24.25
CA ALA A 1017 -35.39 -21.98 24.10
C ALA A 1017 -35.49 -22.73 25.43
N SER A 1018 -34.38 -22.75 26.19
CA SER A 1018 -34.42 -23.40 27.50
C SER A 1018 -35.40 -22.71 28.44
N ALA A 1019 -35.46 -21.39 28.41
CA ALA A 1019 -36.35 -20.65 29.30
C ALA A 1019 -37.80 -20.81 28.90
N ASN A 1020 -38.08 -20.93 27.59
CA ASN A 1020 -39.43 -21.26 27.16
C ASN A 1020 -39.84 -22.64 27.64
N LEU A 1021 -38.91 -23.60 27.58
CA LEU A 1021 -39.19 -24.92 28.12
C LEU A 1021 -39.47 -24.87 29.63
N ALA A 1022 -38.68 -24.09 30.36
CA ALA A 1022 -38.87 -23.97 31.81
C ALA A 1022 -40.19 -23.29 32.14
N ALA A 1023 -40.59 -22.30 31.35
CA ALA A 1023 -41.89 -21.67 31.57
C ALA A 1023 -43.03 -22.63 31.30
N THR A 1024 -42.91 -23.43 30.24
CA THR A 1024 -43.93 -24.45 29.98
C THR A 1024 -43.98 -25.48 31.10
N LYS A 1025 -42.81 -25.84 31.65
CA LYS A 1025 -42.78 -26.81 32.74
C LYS A 1025 -43.38 -26.24 34.01
N MET A 1026 -43.16 -24.96 34.28
CA MET A 1026 -43.84 -24.32 35.41
C MET A 1026 -45.34 -24.29 35.20
N SER A 1027 -45.79 -23.98 33.99
CA SER A 1027 -47.22 -23.89 33.73
C SER A 1027 -47.89 -25.25 33.85
N GLU A 1028 -47.29 -26.29 33.27
CA GLU A 1028 -47.96 -27.57 33.14
C GLU A 1028 -47.62 -28.56 34.24
N CYS A 1029 -46.48 -28.41 34.92
CA CYS A 1029 -46.09 -29.26 36.04
C CYS A 1029 -46.47 -28.69 37.38
N VAL A 1030 -46.22 -27.40 37.61
CA VAL A 1030 -46.41 -26.77 38.91
C VAL A 1030 -47.83 -26.26 39.08
N LEU A 1031 -48.41 -25.67 38.04
CA LEU A 1031 -49.77 -25.19 38.13
C LEU A 1031 -50.81 -26.21 37.71
N GLY A 1032 -50.41 -27.44 37.42
CA GLY A 1032 -51.38 -28.47 37.07
C GLY A 1032 -50.78 -29.84 37.22
N GLN A 1033 -51.49 -30.82 36.67
CA GLN A 1033 -51.01 -32.20 36.61
C GLN A 1033 -50.96 -32.62 35.15
N SER A 1034 -49.79 -33.08 34.69
CA SER A 1034 -49.51 -33.27 33.28
C SER A 1034 -49.75 -34.71 32.89
N LYS A 1035 -50.36 -34.92 31.71
CA LYS A 1035 -50.57 -36.25 31.16
C LYS A 1035 -49.53 -36.62 30.12
N ARG A 1036 -48.67 -35.69 29.73
CA ARG A 1036 -47.59 -35.97 28.81
C ARG A 1036 -46.62 -36.96 29.45
N VAL A 1037 -46.15 -37.93 28.68
CA VAL A 1037 -45.73 -39.21 29.26
C VAL A 1037 -44.45 -39.06 30.08
N ASP A 1038 -43.46 -38.32 29.57
CA ASP A 1038 -42.23 -38.09 30.33
C ASP A 1038 -41.89 -36.62 30.42
N PHE A 1039 -42.90 -35.75 30.48
CA PHE A 1039 -42.65 -34.33 30.59
C PHE A 1039 -42.25 -33.95 32.01
N CYS A 1040 -43.12 -34.25 32.97
CA CYS A 1040 -42.91 -33.80 34.35
C CYS A 1040 -42.28 -34.92 35.18
N GLY A 1041 -41.16 -35.43 34.70
CA GLY A 1041 -40.45 -36.52 35.36
C GLY A 1041 -40.91 -37.90 34.91
N LYS A 1042 -40.10 -38.90 35.28
CA LYS A 1042 -40.38 -40.27 34.88
C LYS A 1042 -41.33 -40.94 35.88
N GLY A 1043 -42.40 -41.54 35.34
CA GLY A 1043 -43.47 -42.05 36.15
C GLY A 1043 -44.76 -41.27 35.96
N TYR A 1044 -45.83 -41.76 36.58
CA TYR A 1044 -47.11 -41.06 36.51
C TYR A 1044 -47.07 -39.82 37.40
N HIS A 1045 -47.15 -38.65 36.76
CA HIS A 1045 -46.96 -37.38 37.44
C HIS A 1045 -48.00 -37.17 38.53
N LEU A 1046 -47.53 -36.81 39.73
CA LEU A 1046 -48.40 -36.37 40.81
C LEU A 1046 -48.35 -34.86 40.97
N MET A 1047 -47.17 -34.27 41.15
CA MET A 1047 -47.06 -32.83 41.32
C MET A 1047 -45.60 -32.43 41.10
N SER A 1048 -45.33 -31.14 41.24
CA SER A 1048 -43.97 -30.63 41.07
C SER A 1048 -43.80 -29.38 41.91
N PHE A 1049 -42.54 -29.11 42.26
CA PHE A 1049 -42.20 -28.00 43.14
C PHE A 1049 -41.03 -27.22 42.55
N PRO A 1050 -41.14 -25.90 42.43
CA PRO A 1050 -40.02 -25.11 41.93
C PRO A 1050 -39.06 -24.68 43.02
N GLN A 1051 -37.79 -24.63 42.66
CA GLN A 1051 -36.73 -24.12 43.52
C GLN A 1051 -35.84 -23.21 42.71
N SER A 1052 -35.51 -22.05 43.29
CA SER A 1052 -34.66 -21.10 42.61
C SER A 1052 -33.23 -21.63 42.55
N ALA A 1053 -32.51 -21.19 41.52
CA ALA A 1053 -31.11 -21.52 41.32
C ALA A 1053 -30.43 -20.28 40.77
N PRO A 1054 -29.09 -20.23 40.81
CA PRO A 1054 -28.40 -19.00 40.36
C PRO A 1054 -28.84 -18.46 39.01
N HIS A 1055 -28.68 -19.20 37.92
CA HIS A 1055 -29.20 -18.76 36.63
C HIS A 1055 -30.19 -19.74 36.05
N GLY A 1056 -31.01 -20.36 36.87
CA GLY A 1056 -31.95 -21.32 36.36
C GLY A 1056 -33.00 -21.67 37.38
N VAL A 1057 -33.57 -22.84 37.22
CA VAL A 1057 -34.63 -23.33 38.09
C VAL A 1057 -34.48 -24.83 38.24
N VAL A 1058 -34.95 -25.36 39.37
CA VAL A 1058 -34.90 -26.78 39.68
C VAL A 1058 -36.31 -27.24 39.99
N PHE A 1059 -36.77 -28.28 39.29
CA PHE A 1059 -38.09 -28.83 39.49
C PHE A 1059 -37.95 -30.14 40.25
N LEU A 1060 -38.68 -30.26 41.35
CA LEU A 1060 -38.80 -31.51 42.09
C LEU A 1060 -40.10 -32.15 41.65
N HIS A 1061 -39.99 -33.20 40.85
CA HIS A 1061 -41.13 -33.88 40.26
C HIS A 1061 -41.52 -35.06 41.14
N VAL A 1062 -42.67 -34.97 41.80
CA VAL A 1062 -43.22 -36.08 42.56
C VAL A 1062 -44.10 -36.91 41.65
N THR A 1063 -43.75 -38.19 41.50
CA THR A 1063 -44.42 -39.10 40.59
C THR A 1063 -44.69 -40.42 41.29
N TYR A 1064 -45.60 -41.19 40.70
CA TYR A 1064 -46.10 -42.45 41.22
C TYR A 1064 -45.55 -43.59 40.39
N VAL A 1065 -44.86 -44.53 41.02
CA VAL A 1065 -44.25 -45.64 40.30
C VAL A 1065 -44.87 -46.96 40.76
N PRO A 1066 -45.49 -47.73 39.88
CA PRO A 1066 -46.00 -49.05 40.28
C PRO A 1066 -44.90 -49.97 40.76
N ALA A 1067 -45.22 -50.93 41.62
CA ALA A 1067 -44.22 -51.83 42.16
C ALA A 1067 -44.90 -53.10 42.63
N GLN A 1068 -44.11 -54.17 42.71
CA GLN A 1068 -44.55 -55.47 43.21
C GLN A 1068 -45.73 -56.02 42.39
N GLU A 1069 -45.45 -56.20 41.10
CA GLU A 1069 -46.43 -56.73 40.17
C GLU A 1069 -46.61 -58.22 40.37
N LYS A 1070 -47.79 -58.71 39.98
CA LYS A 1070 -48.12 -60.13 40.08
C LYS A 1070 -48.81 -60.59 38.81
N ASN A 1071 -48.67 -61.87 38.50
CA ASN A 1071 -49.26 -62.46 37.31
C ASN A 1071 -50.70 -62.88 37.55
N PHE A 1072 -51.53 -62.75 36.51
CA PHE A 1072 -52.91 -63.18 36.58
C PHE A 1072 -53.36 -63.62 35.19
N THR A 1073 -54.51 -64.29 35.15
CA THR A 1073 -55.16 -64.70 33.91
C THR A 1073 -56.31 -63.75 33.60
N THR A 1074 -56.41 -63.35 32.33
CA THR A 1074 -57.42 -62.40 31.91
C THR A 1074 -58.31 -62.99 30.84
N ALA A 1075 -59.43 -62.30 30.60
CA ALA A 1075 -60.36 -62.61 29.54
C ALA A 1075 -60.98 -61.28 29.12
N PRO A 1076 -61.10 -61.01 27.83
CA PRO A 1076 -61.65 -59.71 27.41
C PRO A 1076 -63.10 -59.49 27.79
N ALA A 1077 -63.87 -60.56 28.00
CA ALA A 1077 -65.28 -60.42 28.33
C ALA A 1077 -65.74 -61.65 29.08
N ILE A 1078 -66.91 -61.54 29.71
CA ILE A 1078 -67.50 -62.63 30.49
C ILE A 1078 -68.85 -62.97 29.87
N CYS A 1079 -69.01 -64.23 29.44
CA CYS A 1079 -70.27 -64.66 28.86
C CYS A 1079 -71.20 -65.14 29.97
N HIS A 1080 -72.19 -64.32 30.31
CA HIS A 1080 -73.19 -64.69 31.30
C HIS A 1080 -74.57 -64.56 30.68
N ASP A 1081 -75.42 -65.55 30.95
CA ASP A 1081 -76.82 -65.56 30.50
C ASP A 1081 -76.91 -65.39 28.98
N GLY A 1082 -75.90 -65.87 28.26
CA GLY A 1082 -75.89 -65.79 26.82
C GLY A 1082 -75.47 -64.45 26.24
N LYS A 1083 -74.94 -63.54 27.05
CA LYS A 1083 -74.51 -62.24 26.56
C LYS A 1083 -73.16 -61.88 27.17
N ALA A 1084 -72.40 -61.07 26.44
CA ALA A 1084 -71.05 -60.70 26.83
C ALA A 1084 -71.08 -59.51 27.79
N HIS A 1085 -70.13 -59.50 28.72
CA HIS A 1085 -69.98 -58.41 29.67
C HIS A 1085 -68.54 -57.90 29.62
N PHE A 1086 -68.42 -56.60 29.51
CA PHE A 1086 -67.11 -55.97 29.49
C PHE A 1086 -67.02 -55.07 30.71
N PRO A 1087 -65.88 -54.84 31.35
CA PRO A 1087 -65.77 -54.02 32.56
C PRO A 1087 -65.85 -52.54 32.24
N ARG A 1088 -66.63 -51.81 33.04
CA ARG A 1088 -66.73 -50.37 32.84
C ARG A 1088 -65.37 -49.71 33.01
N GLU A 1089 -64.70 -49.98 34.11
CA GLU A 1089 -63.32 -49.59 34.29
C GLU A 1089 -62.57 -50.70 35.01
N GLY A 1090 -61.39 -51.02 34.50
CA GLY A 1090 -60.64 -52.11 35.05
C GLY A 1090 -60.58 -53.29 34.11
N VAL A 1091 -59.98 -54.37 34.60
CA VAL A 1091 -59.80 -55.60 33.83
C VAL A 1091 -60.32 -56.77 34.64
N PHE A 1092 -60.66 -57.84 33.93
CA PHE A 1092 -61.00 -59.12 34.55
C PHE A 1092 -59.70 -59.88 34.81
N VAL A 1093 -59.51 -60.33 36.04
CA VAL A 1093 -58.35 -61.11 36.41
C VAL A 1093 -58.81 -62.35 37.16
N SER A 1094 -57.92 -63.34 37.24
CA SER A 1094 -58.24 -64.60 37.89
C SER A 1094 -57.06 -65.10 38.70
N ASN A 1095 -57.34 -65.77 39.81
CA ASN A 1095 -56.33 -66.48 40.58
C ASN A 1095 -56.58 -67.97 40.60
N GLY A 1096 -57.35 -68.49 39.64
CA GLY A 1096 -57.73 -69.89 39.63
C GLY A 1096 -59.14 -70.09 40.15
N THR A 1097 -60.08 -70.35 39.23
CA THR A 1097 -61.47 -70.70 39.53
C THR A 1097 -62.25 -69.48 40.00
N HIS A 1098 -61.56 -68.35 40.24
CA HIS A 1098 -62.21 -67.15 40.72
C HIS A 1098 -61.85 -65.99 39.80
N TRP A 1099 -62.85 -65.16 39.50
CA TRP A 1099 -62.68 -64.04 38.59
C TRP A 1099 -63.09 -62.76 39.30
N PHE A 1100 -62.32 -61.68 39.08
CA PHE A 1100 -62.54 -60.41 39.74
C PHE A 1100 -62.38 -59.28 38.74
N VAL A 1101 -63.07 -58.17 39.01
CA VAL A 1101 -62.82 -56.91 38.31
C VAL A 1101 -61.87 -56.10 39.16
N THR A 1102 -60.80 -55.60 38.55
CA THR A 1102 -59.86 -54.78 39.28
C THR A 1102 -59.60 -53.50 38.50
N GLN A 1103 -59.03 -52.50 39.17
CA GLN A 1103 -58.58 -51.33 38.45
C GLN A 1103 -57.26 -51.62 37.75
N ARG A 1104 -56.93 -50.80 36.76
CA ARG A 1104 -55.90 -51.16 35.80
C ARG A 1104 -54.52 -51.23 36.45
N ASN A 1105 -54.15 -50.22 37.22
CA ASN A 1105 -52.77 -50.11 37.71
C ASN A 1105 -52.66 -50.16 39.23
N PHE A 1106 -53.49 -50.96 39.89
CA PHE A 1106 -53.33 -51.27 41.31
C PHE A 1106 -54.21 -52.47 41.62
N TYR A 1107 -53.63 -53.52 42.17
CA TYR A 1107 -54.39 -54.73 42.42
C TYR A 1107 -55.38 -54.51 43.55
N GLU A 1108 -56.67 -54.46 43.22
CA GLU A 1108 -57.75 -54.35 44.19
C GLU A 1108 -58.96 -55.11 43.66
N PRO A 1109 -59.02 -56.41 43.87
CA PRO A 1109 -60.07 -57.21 43.22
C PRO A 1109 -61.43 -57.04 43.86
N GLN A 1110 -62.45 -56.91 43.01
CA GLN A 1110 -63.83 -56.87 43.46
C GLN A 1110 -64.61 -57.95 42.73
N ILE A 1111 -65.68 -58.41 43.38
CA ILE A 1111 -66.57 -59.40 42.77
C ILE A 1111 -67.20 -58.81 41.52
N ILE A 1112 -67.43 -59.66 40.52
CA ILE A 1112 -68.03 -59.23 39.26
C ILE A 1112 -69.52 -59.08 39.46
N THR A 1113 -70.04 -57.88 39.27
CA THR A 1113 -71.47 -57.63 39.36
C THR A 1113 -71.90 -56.82 38.13
N THR A 1114 -73.17 -56.42 38.10
CA THR A 1114 -73.66 -55.63 36.98
C THR A 1114 -73.37 -54.14 37.17
N ASP A 1115 -72.92 -53.75 38.36
CA ASP A 1115 -72.63 -52.34 38.60
C ASP A 1115 -71.29 -51.93 38.00
N ASN A 1116 -70.38 -52.88 37.78
CA ASN A 1116 -69.08 -52.60 37.21
C ASN A 1116 -68.88 -53.23 35.84
N THR A 1117 -69.92 -53.89 35.30
CA THR A 1117 -69.82 -54.58 34.00
C THR A 1117 -70.93 -54.08 33.07
N PHE A 1118 -70.64 -53.93 31.78
CA PHE A 1118 -71.59 -53.46 30.75
C PHE A 1118 -71.87 -54.55 29.72
N VAL A 1119 -73.12 -54.94 29.47
CA VAL A 1119 -73.46 -55.99 28.48
C VAL A 1119 -73.39 -55.38 27.11
N SER A 1120 -72.91 -56.11 26.14
CA SER A 1120 -72.89 -55.61 24.76
C SER A 1120 -72.84 -56.72 23.72
N GLY A 1121 -73.91 -57.47 23.53
CA GLY A 1121 -73.92 -58.46 22.46
C GLY A 1121 -74.08 -59.86 22.95
N ASN A 1122 -74.04 -60.82 22.04
CA ASN A 1122 -74.08 -62.24 22.46
C ASN A 1122 -72.62 -62.67 22.58
N CYS A 1123 -72.35 -63.72 23.34
CA CYS A 1123 -70.97 -64.12 23.59
C CYS A 1123 -70.43 -65.10 22.56
N ASP A 1124 -70.81 -64.97 21.29
CA ASP A 1124 -70.27 -65.83 20.25
C ASP A 1124 -69.50 -65.07 19.18
N VAL A 1125 -69.13 -63.81 19.42
CA VAL A 1125 -68.40 -63.01 18.45
C VAL A 1125 -67.05 -62.55 19.00
N VAL A 1126 -66.83 -62.65 20.30
CA VAL A 1126 -65.62 -62.18 20.95
C VAL A 1126 -64.64 -63.34 21.06
N ILE A 1127 -63.41 -63.11 20.65
CA ILE A 1127 -62.38 -64.14 20.63
C ILE A 1127 -61.66 -64.14 21.98
N GLY A 1128 -61.82 -65.23 22.73
CA GLY A 1128 -61.21 -65.32 24.03
C GLY A 1128 -62.14 -65.10 25.20
N ILE A 1129 -63.44 -65.00 24.95
CA ILE A 1129 -64.42 -64.80 26.02
C ILE A 1129 -64.52 -66.06 26.86
N VAL A 1130 -64.51 -65.89 28.18
CA VAL A 1130 -64.75 -66.98 29.11
C VAL A 1130 -66.14 -66.79 29.69
N ASN A 1131 -66.65 -67.83 30.32
CA ASN A 1131 -67.99 -67.79 30.89
C ASN A 1131 -67.95 -67.95 32.40
N ASN A 1132 -68.61 -67.04 33.11
CA ASN A 1132 -68.61 -67.00 34.55
C ASN A 1132 -69.88 -66.30 35.02
N THR A 1133 -70.19 -66.43 36.30
CA THR A 1133 -71.37 -65.80 36.85
C THR A 1133 -71.12 -64.31 37.12
N VAL A 1134 -72.16 -63.51 36.94
CA VAL A 1134 -72.10 -62.07 37.20
C VAL A 1134 -73.24 -61.77 38.17
N TYR A 1135 -72.89 -61.45 39.41
CA TYR A 1135 -73.89 -61.29 40.46
C TYR A 1135 -74.80 -60.12 40.17
N ASP A 1136 -76.09 -60.31 40.43
CA ASP A 1136 -77.07 -59.23 40.27
C ASP A 1136 -77.34 -58.60 41.62
N PRO A 1137 -76.98 -57.33 41.83
CA PRO A 1137 -77.17 -56.72 43.15
C PRO A 1137 -78.61 -56.61 43.60
N LEU A 1138 -79.57 -56.58 42.68
CA LEU A 1138 -80.98 -56.45 43.05
C LEU A 1138 -81.64 -57.79 43.30
N GLN A 1139 -80.99 -58.89 42.93
CA GLN A 1139 -81.58 -60.21 43.11
C GLN A 1139 -81.83 -60.60 44.56
N PRO A 1140 -80.87 -60.49 45.50
CA PRO A 1140 -81.10 -61.09 46.81
C PRO A 1140 -82.08 -60.33 47.70
N GLU A 1141 -81.97 -59.01 47.79
CA GLU A 1141 -82.86 -58.28 48.68
C GLU A 1141 -84.27 -58.16 48.12
N LEU A 1142 -84.41 -58.04 46.80
CA LEU A 1142 -85.75 -57.96 46.22
C LEU A 1142 -86.35 -59.35 46.02
N ASP A 1143 -85.59 -60.40 46.29
CA ASP A 1143 -86.09 -61.76 46.15
C ASP A 1143 -85.27 -62.73 47.00
N ALA B 27 -23.76 -18.03 -48.52
CA ALA B 27 -22.70 -18.94 -48.11
C ALA B 27 -22.57 -18.97 -46.60
N TYR B 28 -23.56 -19.57 -45.93
CA TYR B 28 -23.57 -19.69 -44.48
C TYR B 28 -24.26 -20.98 -44.08
N THR B 29 -23.76 -21.61 -43.02
CA THR B 29 -24.46 -22.75 -42.42
C THR B 29 -24.00 -22.86 -40.98
N ASN B 30 -24.85 -23.41 -40.13
CA ASN B 30 -24.61 -23.37 -38.69
C ASN B 30 -23.83 -24.58 -38.22
N SER B 31 -22.87 -24.33 -37.32
CA SER B 31 -22.04 -25.38 -36.72
C SER B 31 -22.79 -25.89 -35.50
N PHE B 32 -23.57 -26.96 -35.68
CA PHE B 32 -24.59 -27.35 -34.72
C PHE B 32 -24.07 -27.32 -33.29
N THR B 33 -23.11 -28.21 -32.99
CA THR B 33 -22.45 -28.22 -31.69
C THR B 33 -20.96 -28.49 -31.80
N ARG B 34 -20.36 -28.32 -32.97
CA ARG B 34 -18.96 -28.61 -33.17
C ARG B 34 -18.10 -27.50 -32.56
N GLY B 35 -16.82 -27.79 -32.41
CA GLY B 35 -15.84 -26.78 -32.09
C GLY B 35 -15.38 -26.68 -30.65
N VAL B 36 -15.67 -27.69 -29.82
CA VAL B 36 -15.19 -27.67 -28.45
C VAL B 36 -13.94 -28.54 -28.38
N TYR B 37 -13.12 -28.33 -27.36
CA TYR B 37 -11.82 -29.00 -27.29
C TYR B 37 -11.43 -29.18 -25.84
N TYR B 38 -10.43 -30.03 -25.62
CA TYR B 38 -9.84 -30.18 -24.31
C TYR B 38 -9.10 -28.90 -23.93
N PRO B 39 -9.61 -28.08 -23.01
CA PRO B 39 -9.00 -26.75 -22.82
C PRO B 39 -7.65 -26.77 -22.13
N ASP B 40 -7.42 -27.68 -21.17
CA ASP B 40 -6.28 -27.56 -20.28
C ASP B 40 -5.39 -28.80 -20.18
N LYS B 41 -5.86 -29.97 -20.59
CA LYS B 41 -5.04 -31.18 -20.67
C LYS B 41 -4.49 -31.60 -19.30
N VAL B 42 -5.40 -31.79 -18.36
CA VAL B 42 -5.08 -32.38 -17.06
C VAL B 42 -6.16 -33.40 -16.69
N PHE B 43 -5.80 -34.68 -16.77
CA PHE B 43 -6.72 -35.80 -16.67
C PHE B 43 -7.74 -35.63 -15.56
N ARG B 44 -9.02 -35.65 -15.93
CA ARG B 44 -10.14 -35.68 -15.00
C ARG B 44 -11.08 -36.79 -15.44
N SER B 45 -11.50 -37.63 -14.51
CA SER B 45 -12.37 -38.76 -14.81
C SER B 45 -13.75 -38.55 -14.21
N SER B 46 -14.77 -38.62 -15.06
CA SER B 46 -16.17 -38.66 -14.64
C SER B 46 -16.52 -37.51 -13.70
N VAL B 47 -16.10 -36.30 -14.06
CA VAL B 47 -16.34 -35.11 -13.25
C VAL B 47 -16.64 -33.95 -14.19
N LEU B 48 -17.86 -33.43 -14.11
CA LEU B 48 -18.24 -32.28 -14.94
C LEU B 48 -17.41 -31.07 -14.56
N HIS B 49 -16.63 -30.56 -15.52
CA HIS B 49 -15.75 -29.42 -15.29
C HIS B 49 -16.46 -28.15 -15.74
N SER B 50 -15.87 -27.00 -15.41
CA SER B 50 -16.44 -25.70 -15.75
C SER B 50 -15.30 -24.76 -16.14
N THR B 51 -15.09 -24.59 -17.44
CA THR B 51 -13.96 -23.83 -17.93
C THR B 51 -14.43 -22.64 -18.75
N GLN B 52 -13.79 -21.48 -18.50
CA GLN B 52 -14.04 -20.24 -19.23
C GLN B 52 -12.81 -19.97 -20.10
N ASP B 53 -13.02 -19.92 -21.41
CA ASP B 53 -11.90 -19.74 -22.35
C ASP B 53 -12.50 -19.35 -23.71
N LEU B 54 -11.67 -19.38 -24.75
CA LEU B 54 -12.10 -18.97 -26.09
C LEU B 54 -12.72 -20.16 -26.80
N PHE B 55 -14.05 -20.21 -26.84
CA PHE B 55 -14.78 -21.32 -27.43
C PHE B 55 -15.59 -20.84 -28.63
N LEU B 56 -16.03 -21.79 -29.46
CA LEU B 56 -16.94 -21.47 -30.55
C LEU B 56 -18.37 -21.50 -30.04
N PRO B 57 -19.08 -20.37 -30.07
CA PRO B 57 -20.47 -20.36 -29.58
C PRO B 57 -21.34 -21.38 -30.30
N PHE B 58 -21.92 -22.29 -29.54
CA PHE B 58 -22.81 -23.30 -30.09
C PHE B 58 -23.88 -22.65 -30.96
N PHE B 59 -24.08 -23.21 -32.14
CA PHE B 59 -25.10 -22.78 -33.10
C PHE B 59 -24.80 -21.42 -33.70
N SER B 60 -23.55 -21.00 -33.74
CA SER B 60 -23.18 -19.89 -34.60
C SER B 60 -23.38 -20.30 -36.06
N ASN B 61 -23.39 -19.32 -36.94
CA ASN B 61 -23.46 -19.57 -38.38
C ASN B 61 -22.10 -19.33 -39.00
N VAL B 62 -21.41 -20.41 -39.33
CA VAL B 62 -20.06 -20.38 -39.87
C VAL B 62 -20.15 -20.24 -41.39
N THR B 63 -19.19 -19.50 -41.95
CA THR B 63 -19.16 -19.25 -43.38
C THR B 63 -18.89 -20.54 -44.14
N TRP B 64 -19.43 -20.63 -45.35
CA TRP B 64 -19.23 -21.77 -46.23
C TRP B 64 -18.37 -21.30 -47.40
N PHE B 65 -17.50 -22.16 -47.90
CA PHE B 65 -16.66 -21.80 -49.03
C PHE B 65 -16.67 -22.93 -50.07
N HIS B 66 -15.94 -22.72 -51.16
CA HIS B 66 -15.93 -23.68 -52.27
C HIS B 66 -14.59 -23.59 -52.99
N VAL B 67 -14.38 -24.51 -53.91
CA VAL B 67 -13.21 -24.52 -54.78
C VAL B 67 -13.66 -24.52 -56.24
N ILE B 68 -14.88 -24.98 -56.48
CA ILE B 68 -15.43 -25.04 -57.83
C ILE B 68 -16.50 -23.97 -58.01
N ASP B 78 -11.92 -20.00 -55.34
CA ASP B 78 -11.72 -18.71 -54.69
C ASP B 78 -11.44 -18.94 -53.20
N ASN B 79 -10.28 -18.47 -52.75
CA ASN B 79 -9.83 -18.66 -51.37
C ASN B 79 -9.32 -17.33 -50.82
N PRO B 80 -10.22 -16.37 -50.59
CA PRO B 80 -9.78 -15.04 -50.18
C PRO B 80 -9.25 -15.03 -48.76
N VAL B 81 -8.42 -14.03 -48.48
CA VAL B 81 -7.90 -13.86 -47.13
C VAL B 81 -9.05 -13.58 -46.17
N LEU B 82 -8.85 -13.94 -44.91
CA LEU B 82 -9.89 -13.85 -43.91
C LEU B 82 -9.33 -13.22 -42.64
N PRO B 83 -10.17 -12.61 -41.82
CA PRO B 83 -9.72 -12.13 -40.52
C PRO B 83 -9.56 -13.27 -39.52
N PHE B 84 -8.74 -13.00 -38.51
CA PHE B 84 -8.39 -13.98 -37.47
C PHE B 84 -8.62 -13.27 -36.14
N ASN B 85 -9.87 -13.32 -35.66
CA ASN B 85 -10.26 -12.47 -34.54
C ASN B 85 -9.69 -12.96 -33.22
N ASP B 86 -10.11 -14.13 -32.77
CA ASP B 86 -9.69 -14.67 -31.48
C ASP B 86 -9.38 -16.16 -31.62
N GLY B 87 -8.79 -16.53 -32.73
CA GLY B 87 -8.69 -17.92 -33.12
C GLY B 87 -9.73 -18.28 -34.17
N VAL B 88 -9.59 -19.47 -34.73
CA VAL B 88 -10.48 -19.90 -35.80
C VAL B 88 -10.75 -21.39 -35.64
N TYR B 89 -12.03 -21.77 -35.76
CA TYR B 89 -12.41 -23.16 -35.96
C TYR B 89 -12.52 -23.38 -37.46
N PHE B 90 -11.70 -24.28 -37.98
CA PHE B 90 -11.59 -24.50 -39.41
C PHE B 90 -11.98 -25.95 -39.71
N ALA B 91 -12.73 -26.16 -40.79
CA ALA B 91 -13.09 -27.54 -41.11
C ALA B 91 -12.72 -27.87 -42.55
N SER B 92 -13.08 -29.06 -43.00
CA SER B 92 -12.90 -29.45 -44.40
C SER B 92 -13.62 -30.76 -44.62
N ILE B 93 -14.20 -30.91 -45.81
CA ILE B 93 -14.88 -32.14 -46.21
C ILE B 93 -14.54 -32.42 -47.67
N GLU B 94 -13.95 -33.58 -47.93
CA GLU B 94 -13.56 -33.96 -49.28
C GLU B 94 -13.21 -35.44 -49.28
N LYS B 95 -13.03 -35.99 -50.49
CA LYS B 95 -12.62 -37.39 -50.60
C LYS B 95 -11.11 -37.53 -50.72
N SER B 96 -10.46 -36.61 -51.45
CA SER B 96 -9.01 -36.63 -51.62
C SER B 96 -8.46 -35.29 -51.16
N ASN B 97 -7.31 -35.33 -50.50
CA ASN B 97 -6.76 -34.16 -49.82
C ASN B 97 -6.52 -33.05 -50.84
N ILE B 98 -7.24 -31.93 -50.68
CA ILE B 98 -7.12 -30.77 -51.55
C ILE B 98 -6.71 -29.57 -50.71
N ILE B 99 -7.11 -29.57 -49.44
CA ILE B 99 -6.79 -28.48 -48.53
C ILE B 99 -5.50 -28.88 -47.82
N ARG B 100 -4.40 -28.24 -48.19
CA ARG B 100 -3.07 -28.66 -47.76
C ARG B 100 -2.51 -27.84 -46.61
N GLY B 101 -2.62 -26.53 -46.63
CA GLY B 101 -1.91 -25.73 -45.65
C GLY B 101 -2.55 -24.36 -45.49
N TRP B 102 -2.01 -23.62 -44.53
CA TRP B 102 -2.49 -22.28 -44.20
C TRP B 102 -1.31 -21.32 -44.15
N ILE B 103 -1.63 -20.03 -44.31
CA ILE B 103 -0.67 -18.95 -44.09
C ILE B 103 -1.31 -17.94 -43.15
N PHE B 104 -0.55 -17.51 -42.15
CA PHE B 104 -1.01 -16.65 -41.09
C PHE B 104 -0.15 -15.39 -41.03
N GLY B 105 -0.70 -14.33 -40.47
CA GLY B 105 0.08 -13.14 -40.22
C GLY B 105 -0.78 -11.90 -40.28
N THR B 106 -0.20 -10.80 -39.80
CA THR B 106 -0.90 -9.52 -39.81
C THR B 106 -0.97 -8.89 -41.19
N THR B 107 -0.07 -9.27 -42.10
CA THR B 107 -0.10 -8.74 -43.46
C THR B 107 0.04 -9.80 -44.54
N LEU B 108 0.53 -11.00 -44.22
CA LEU B 108 0.74 -12.06 -45.21
C LEU B 108 1.64 -11.58 -46.36
N ASP B 109 2.73 -10.93 -45.99
CA ASP B 109 3.67 -10.39 -46.97
C ASP B 109 5.04 -10.24 -46.31
N SER B 110 6.01 -9.79 -47.10
CA SER B 110 7.38 -9.62 -46.60
C SER B 110 7.52 -8.42 -45.68
N LYS B 111 6.51 -7.56 -45.58
CA LYS B 111 6.61 -6.40 -44.72
C LYS B 111 6.74 -6.80 -43.25
N THR B 112 5.98 -7.80 -42.81
CA THR B 112 6.00 -8.21 -41.41
C THR B 112 6.11 -9.72 -41.33
N GLN B 113 6.35 -10.21 -40.13
CA GLN B 113 6.54 -11.64 -39.92
C GLN B 113 5.24 -12.39 -40.19
N SER B 114 5.37 -13.58 -40.78
CA SER B 114 4.21 -14.40 -41.09
C SER B 114 4.55 -15.87 -40.89
N LEU B 115 3.55 -16.71 -41.08
CA LEU B 115 3.64 -18.13 -40.77
C LEU B 115 3.06 -18.97 -41.90
N LEU B 116 3.61 -20.16 -42.10
CA LEU B 116 3.12 -21.12 -43.08
C LEU B 116 3.09 -22.50 -42.45
N ILE B 117 1.96 -23.18 -42.59
CA ILE B 117 1.81 -24.57 -42.17
C ILE B 117 1.40 -25.37 -43.40
N VAL B 118 2.06 -26.49 -43.64
CA VAL B 118 1.70 -27.29 -44.80
C VAL B 118 1.84 -28.77 -44.47
N ASN B 119 0.78 -29.53 -44.73
CA ASN B 119 0.80 -30.98 -44.60
C ASN B 119 1.16 -31.56 -45.95
N ASN B 120 2.45 -31.82 -46.16
CA ASN B 120 2.94 -32.30 -47.45
C ASN B 120 2.57 -33.77 -47.61
N ALA B 121 3.07 -34.39 -48.69
CA ALA B 121 2.70 -35.76 -49.00
C ALA B 121 3.06 -36.71 -47.87
N THR B 122 4.13 -36.42 -47.13
CA THR B 122 4.54 -37.30 -46.05
C THR B 122 4.94 -36.55 -44.78
N ASN B 123 5.02 -35.22 -44.80
CA ASN B 123 5.48 -34.47 -43.63
C ASN B 123 4.67 -33.20 -43.48
N VAL B 124 4.53 -32.74 -42.24
CA VAL B 124 4.03 -31.41 -41.92
C VAL B 124 5.22 -30.50 -41.63
N VAL B 125 5.26 -29.38 -42.34
CA VAL B 125 6.31 -28.39 -42.19
C VAL B 125 5.66 -27.11 -41.69
N ILE B 126 6.18 -26.58 -40.59
CA ILE B 126 5.72 -25.34 -39.99
C ILE B 126 6.90 -24.37 -39.97
N LYS B 127 6.68 -23.17 -40.52
CA LYS B 127 7.75 -22.18 -40.61
C LYS B 127 7.14 -20.83 -40.26
N VAL B 128 7.92 -19.95 -39.64
CA VAL B 128 7.48 -18.57 -39.40
C VAL B 128 8.58 -17.66 -39.96
N CYS B 129 8.51 -17.38 -41.26
CA CYS B 129 9.54 -16.51 -41.82
C CYS B 129 9.13 -15.58 -42.95
N GLU B 130 7.85 -15.25 -43.09
CA GLU B 130 7.42 -14.03 -43.80
C GLU B 130 7.90 -14.01 -45.26
N PHE B 131 7.40 -14.95 -46.04
CA PHE B 131 7.70 -14.95 -47.46
C PHE B 131 6.88 -13.86 -48.17
N GLN B 132 7.22 -13.61 -49.43
CA GLN B 132 6.43 -12.74 -50.29
C GLN B 132 5.33 -13.59 -50.90
N PHE B 133 4.24 -13.76 -50.16
CA PHE B 133 3.16 -14.63 -50.59
C PHE B 133 2.52 -14.09 -51.86
N CYS B 134 2.23 -15.00 -52.79
CA CYS B 134 1.50 -14.61 -54.00
C CYS B 134 0.07 -14.23 -53.63
N ASN B 135 -0.51 -13.35 -54.45
CA ASN B 135 -1.88 -12.90 -54.19
C ASN B 135 -2.88 -14.04 -54.32
N ASP B 136 -2.48 -15.16 -54.93
CA ASP B 136 -3.29 -16.37 -55.01
C ASP B 136 -2.40 -17.55 -54.68
N PRO B 137 -2.08 -17.75 -53.41
CA PRO B 137 -1.15 -18.83 -53.04
C PRO B 137 -1.72 -20.19 -53.38
N PHE B 138 -0.82 -21.11 -53.74
CA PHE B 138 -1.24 -22.34 -54.37
C PHE B 138 -0.14 -23.37 -54.17
N LEU B 139 -0.51 -24.65 -54.18
CA LEU B 139 0.43 -25.75 -54.12
C LEU B 139 0.04 -26.80 -55.13
N ASP B 140 1.01 -27.30 -55.89
CA ASP B 140 0.74 -28.29 -56.91
C ASP B 140 0.94 -29.71 -56.36
N PHE B 152 5.64 -27.66 -55.65
CA PHE B 152 5.57 -26.68 -54.57
C PHE B 152 6.16 -25.35 -55.02
N ARG B 153 6.56 -24.53 -54.05
CA ARG B 153 7.24 -23.25 -54.20
C ARG B 153 6.36 -22.20 -54.86
N VAL B 154 5.09 -22.49 -55.16
CA VAL B 154 4.22 -21.49 -55.76
C VAL B 154 3.89 -20.41 -54.75
N TYR B 155 3.78 -20.78 -53.46
CA TYR B 155 3.37 -19.82 -52.45
C TYR B 155 4.49 -18.83 -52.12
N SER B 156 5.61 -19.34 -51.62
CA SER B 156 6.66 -18.50 -51.07
C SER B 156 7.58 -17.97 -52.18
N SER B 157 8.25 -16.86 -51.90
CA SER B 157 9.22 -16.28 -52.81
C SER B 157 10.61 -16.22 -52.20
N ALA B 158 10.74 -15.63 -51.02
CA ALA B 158 12.02 -15.50 -50.34
C ALA B 158 11.77 -15.33 -48.84
N ASN B 159 12.79 -15.59 -48.03
CA ASN B 159 12.57 -15.54 -46.56
C ASN B 159 13.82 -15.84 -45.73
N ASN B 160 13.97 -15.16 -44.60
CA ASN B 160 15.05 -15.52 -43.64
C ASN B 160 14.30 -16.17 -42.49
N CYS B 161 14.56 -17.45 -42.19
CA CYS B 161 13.69 -18.15 -41.21
C CYS B 161 14.19 -18.15 -39.76
N THR B 162 13.26 -18.11 -38.81
CA THR B 162 13.56 -18.08 -37.38
C THR B 162 13.17 -19.37 -36.67
N PHE B 163 11.90 -19.78 -36.77
CA PHE B 163 11.42 -21.04 -36.23
C PHE B 163 11.14 -22.02 -37.36
N GLU B 164 11.30 -23.31 -37.07
CA GLU B 164 11.02 -24.34 -38.05
C GLU B 164 10.68 -25.62 -37.31
N TYR B 165 9.75 -26.38 -37.88
CA TYR B 165 9.22 -27.56 -37.21
C TYR B 165 8.77 -28.54 -38.28
N VAL B 166 8.97 -29.83 -38.02
CA VAL B 166 8.56 -30.87 -38.95
C VAL B 166 8.05 -32.07 -38.16
N SER B 167 7.01 -32.70 -38.68
CA SER B 167 6.41 -33.84 -38.00
C SER B 167 5.61 -34.68 -39.00
N GLN B 168 4.87 -35.65 -38.48
CA GLN B 168 4.03 -36.51 -39.29
C GLN B 168 2.88 -35.71 -39.90
N PRO B 169 2.28 -36.19 -40.98
CA PRO B 169 1.17 -35.47 -41.59
C PRO B 169 0.00 -35.30 -40.64
N PHE B 170 -0.68 -34.16 -40.76
CA PHE B 170 -1.77 -33.84 -39.85
C PHE B 170 -2.92 -34.83 -40.01
N LEU B 171 -3.24 -35.21 -41.24
CA LEU B 171 -4.33 -36.14 -41.49
C LEU B 171 -3.82 -37.36 -42.26
N LYS B 182 -15.23 -37.70 -48.34
CA LYS B 182 -15.78 -38.68 -47.41
C LYS B 182 -15.03 -38.68 -46.07
N ASN B 183 -14.36 -37.58 -45.77
CA ASN B 183 -13.76 -37.41 -44.44
C ASN B 183 -13.94 -35.96 -44.04
N LEU B 184 -13.93 -35.70 -42.73
CA LEU B 184 -14.16 -34.37 -42.18
C LEU B 184 -13.03 -34.00 -41.24
N ARG B 185 -12.13 -33.14 -41.71
CA ARG B 185 -11.08 -32.66 -40.85
C ARG B 185 -11.66 -31.59 -39.92
N GLU B 186 -10.84 -31.03 -39.04
CA GLU B 186 -11.24 -29.97 -38.11
C GLU B 186 -9.98 -29.46 -37.44
N PHE B 187 -9.99 -28.19 -37.10
CA PHE B 187 -8.86 -27.57 -36.43
C PHE B 187 -9.37 -26.42 -35.59
N VAL B 188 -8.59 -26.07 -34.57
CA VAL B 188 -8.77 -24.85 -33.80
C VAL B 188 -7.40 -24.21 -33.69
N PHE B 189 -7.26 -23.00 -34.23
CA PHE B 189 -6.02 -22.24 -34.11
C PHE B 189 -6.26 -21.12 -33.11
N LYS B 190 -5.48 -21.10 -32.03
CA LYS B 190 -5.55 -20.02 -31.07
C LYS B 190 -4.14 -19.59 -30.68
N ASN B 191 -3.89 -18.28 -30.69
CA ASN B 191 -2.57 -17.71 -30.40
C ASN B 191 -2.70 -16.81 -29.18
N ILE B 192 -2.16 -17.27 -28.05
CA ILE B 192 -2.24 -16.53 -26.79
C ILE B 192 -0.87 -16.53 -26.11
N ASP B 193 -0.52 -15.39 -25.50
CA ASP B 193 0.71 -15.25 -24.72
C ASP B 193 1.96 -15.58 -25.54
N GLY B 194 1.95 -15.24 -26.83
CA GLY B 194 3.08 -15.58 -27.67
C GLY B 194 3.22 -17.05 -27.96
N TYR B 195 2.18 -17.84 -27.78
CA TYR B 195 2.20 -19.27 -28.05
C TYR B 195 1.06 -19.59 -29.00
N PHE B 196 1.38 -20.23 -30.13
CA PHE B 196 0.39 -20.75 -31.04
C PHE B 196 -0.06 -22.12 -30.54
N LYS B 197 -1.32 -22.46 -30.82
CA LYS B 197 -1.86 -23.74 -30.41
C LYS B 197 -2.79 -24.25 -31.49
N ILE B 198 -2.55 -25.48 -31.93
CA ILE B 198 -3.33 -26.11 -32.98
C ILE B 198 -3.96 -27.36 -32.41
N TYR B 199 -5.27 -27.49 -32.58
CA TYR B 199 -5.96 -28.72 -32.22
C TYR B 199 -6.46 -29.37 -33.51
N SER B 200 -7.01 -30.58 -33.40
CA SER B 200 -7.38 -31.30 -34.61
C SER B 200 -8.21 -32.52 -34.29
N LYS B 201 -9.06 -32.89 -35.26
CA LYS B 201 -9.82 -34.13 -35.18
C LYS B 201 -10.22 -34.63 -36.56
N HIS B 202 -9.48 -35.61 -37.10
CA HIS B 202 -9.88 -36.23 -38.35
C HIS B 202 -10.91 -37.32 -38.09
N THR B 203 -11.99 -37.30 -38.86
CA THR B 203 -13.10 -38.23 -38.64
C THR B 203 -13.56 -38.79 -39.97
N PRO B 204 -14.13 -40.00 -39.98
CA PRO B 204 -14.77 -40.52 -41.18
C PRO B 204 -16.25 -40.18 -41.29
N ILE B 205 -16.64 -39.61 -42.43
CA ILE B 205 -18.02 -39.19 -42.64
C ILE B 205 -18.63 -39.92 -43.84
N ASP B 212 -23.44 -28.47 -44.66
CA ASP B 212 -24.18 -29.34 -43.76
C ASP B 212 -23.24 -30.06 -42.80
N LEU B 213 -22.80 -29.35 -41.76
CA LEU B 213 -21.98 -29.98 -40.75
C LEU B 213 -22.77 -31.07 -40.03
N PRO B 214 -22.13 -32.15 -39.60
CA PRO B 214 -22.85 -33.22 -38.91
C PRO B 214 -23.44 -32.75 -37.59
N GLN B 215 -24.55 -33.37 -37.21
CA GLN B 215 -25.22 -33.00 -35.97
C GLN B 215 -24.54 -33.55 -34.74
N GLY B 216 -23.56 -34.45 -34.91
CA GLY B 216 -22.95 -35.12 -33.79
C GLY B 216 -22.06 -34.24 -32.93
N PHE B 217 -21.10 -34.86 -32.25
CA PHE B 217 -20.26 -34.14 -31.30
C PHE B 217 -18.90 -34.83 -31.21
N SER B 218 -17.84 -34.03 -31.23
CA SER B 218 -16.48 -34.57 -31.13
C SER B 218 -15.56 -33.52 -30.56
N ALA B 219 -14.70 -33.93 -29.63
CA ALA B 219 -13.78 -33.04 -28.95
C ALA B 219 -12.43 -33.05 -29.64
N LEU B 220 -11.76 -31.90 -29.64
CA LEU B 220 -10.55 -31.70 -30.43
C LEU B 220 -9.32 -31.82 -29.54
N GLU B 221 -8.61 -32.93 -29.68
CA GLU B 221 -7.44 -33.17 -28.85
C GLU B 221 -6.30 -32.27 -29.28
N PRO B 222 -5.52 -31.74 -28.33
CA PRO B 222 -4.38 -30.90 -28.69
C PRO B 222 -3.41 -31.63 -29.59
N LEU B 223 -2.80 -30.89 -30.52
CA LEU B 223 -1.84 -31.47 -31.44
C LEU B 223 -0.45 -30.87 -31.32
N VAL B 224 -0.33 -29.55 -31.32
CA VAL B 224 0.95 -28.86 -31.11
C VAL B 224 0.71 -27.53 -30.42
N ASP B 225 1.79 -27.04 -29.77
CA ASP B 225 1.84 -25.77 -29.04
C ASP B 225 3.15 -25.11 -29.44
N LEU B 226 3.09 -24.27 -30.47
CA LEU B 226 4.29 -23.74 -31.09
C LEU B 226 4.75 -22.46 -30.38
N PRO B 227 5.85 -22.50 -29.63
CA PRO B 227 6.32 -21.27 -28.97
C PRO B 227 6.98 -20.32 -29.96
N ILE B 228 6.26 -19.29 -30.38
CA ILE B 228 6.69 -18.38 -31.43
C ILE B 228 6.16 -16.98 -31.15
N GLY B 229 7.03 -15.99 -31.34
CA GLY B 229 6.63 -14.60 -31.15
C GLY B 229 6.18 -13.96 -32.44
N ILE B 230 4.87 -13.86 -32.69
CA ILE B 230 4.42 -13.28 -33.98
C ILE B 230 3.08 -12.65 -33.67
N ASN B 231 2.60 -11.70 -34.47
CA ASN B 231 1.24 -11.18 -34.26
C ASN B 231 0.42 -11.65 -35.45
N ILE B 232 -0.59 -12.49 -35.24
CA ILE B 232 -1.36 -13.04 -36.38
C ILE B 232 -2.68 -12.30 -36.43
N THR B 233 -3.07 -11.75 -37.60
CA THR B 233 -4.28 -10.91 -37.67
C THR B 233 -5.11 -11.29 -38.89
N ARG B 234 -4.62 -12.18 -39.73
CA ARG B 234 -5.27 -12.58 -40.98
C ARG B 234 -4.65 -13.89 -41.48
N PHE B 235 -5.51 -14.79 -41.94
CA PHE B 235 -5.04 -16.08 -42.43
C PHE B 235 -5.72 -16.39 -43.76
N GLN B 236 -5.10 -17.32 -44.51
CA GLN B 236 -5.63 -17.72 -45.80
C GLN B 236 -5.19 -19.16 -46.08
N THR B 237 -6.13 -19.97 -46.56
CA THR B 237 -5.86 -21.36 -46.85
C THR B 237 -5.18 -21.53 -48.21
N LEU B 238 -4.72 -22.75 -48.47
CA LEU B 238 -4.09 -23.13 -49.73
C LEU B 238 -4.85 -24.31 -50.31
N LEU B 239 -4.64 -24.58 -51.59
CA LEU B 239 -5.31 -25.67 -52.29
C LEU B 239 -4.31 -26.50 -53.07
N ALA B 240 -4.81 -27.54 -53.74
CA ALA B 240 -3.97 -28.46 -54.51
C ALA B 240 -4.63 -28.78 -55.86
N LEU B 241 -5.16 -27.77 -56.52
CA LEU B 241 -5.76 -27.98 -57.83
C LEU B 241 -4.67 -28.21 -58.88
N HIS B 242 -5.10 -28.39 -60.13
CA HIS B 242 -4.17 -28.82 -61.18
C HIS B 242 -3.60 -27.63 -61.95
N ARG B 243 -4.47 -26.85 -62.59
CA ARG B 243 -4.04 -25.81 -63.52
C ARG B 243 -4.07 -24.45 -62.84
N SER B 244 -2.90 -23.82 -62.72
CA SER B 244 -2.79 -22.47 -62.21
C SER B 244 -1.42 -21.91 -62.56
N TYR B 245 -1.29 -20.60 -62.41
CA TYR B 245 -0.06 -19.88 -62.74
C TYR B 245 0.63 -19.39 -61.47
N LEU B 246 1.96 -19.41 -61.48
CA LEU B 246 2.72 -18.91 -60.34
C LEU B 246 2.43 -17.43 -60.10
N THR B 247 2.34 -16.66 -61.17
CA THR B 247 1.87 -15.29 -61.08
C THR B 247 0.37 -15.28 -60.78
N PRO B 248 -0.14 -14.20 -60.18
CA PRO B 248 -1.58 -14.13 -59.87
C PRO B 248 -2.44 -13.94 -61.12
N GLY B 249 -2.33 -14.90 -62.04
CA GLY B 249 -3.09 -14.86 -63.28
C GLY B 249 -4.47 -15.46 -63.22
N ASP B 250 -4.73 -16.33 -62.24
CA ASP B 250 -6.04 -16.97 -62.09
C ASP B 250 -6.90 -16.13 -61.15
N SER B 251 -7.66 -15.22 -61.73
CA SER B 251 -8.58 -14.37 -60.98
C SER B 251 -10.00 -14.69 -61.41
N SER B 252 -10.83 -15.10 -60.44
CA SER B 252 -12.23 -15.46 -60.65
C SER B 252 -12.41 -16.62 -61.63
N SER B 253 -11.35 -17.36 -61.94
CA SER B 253 -11.42 -18.48 -62.86
C SER B 253 -10.16 -19.33 -62.70
N GLY B 254 -10.24 -20.55 -63.21
CA GLY B 254 -9.11 -21.45 -63.14
C GLY B 254 -9.57 -22.89 -63.21
N TRP B 255 -8.68 -23.78 -62.77
CA TRP B 255 -8.99 -25.21 -62.74
C TRP B 255 -10.13 -25.49 -61.77
N THR B 256 -11.06 -26.31 -62.22
CA THR B 256 -12.18 -26.77 -61.40
C THR B 256 -11.88 -28.20 -60.94
N ALA B 257 -11.35 -28.33 -59.73
CA ALA B 257 -10.97 -29.63 -59.17
C ALA B 257 -12.18 -30.26 -58.46
N GLY B 258 -11.91 -31.38 -57.80
CA GLY B 258 -12.92 -32.04 -57.01
C GLY B 258 -13.49 -31.13 -55.94
N ALA B 259 -14.78 -31.24 -55.66
CA ALA B 259 -15.41 -30.35 -54.70
C ALA B 259 -14.76 -30.47 -53.33
N ALA B 260 -14.30 -29.34 -52.80
CA ALA B 260 -13.67 -29.29 -51.49
C ALA B 260 -14.26 -28.14 -50.71
N ALA B 261 -15.12 -28.46 -49.74
CA ALA B 261 -15.81 -27.45 -48.96
C ALA B 261 -15.15 -27.36 -47.59
N TYR B 262 -14.75 -26.16 -47.21
CA TYR B 262 -14.13 -25.92 -45.92
C TYR B 262 -14.84 -24.78 -45.21
N TYR B 263 -15.05 -24.94 -43.91
CA TYR B 263 -15.89 -24.05 -43.15
C TYR B 263 -15.02 -23.26 -42.19
N VAL B 264 -15.44 -22.05 -41.84
CA VAL B 264 -14.63 -21.18 -40.98
C VAL B 264 -15.55 -20.47 -39.99
N GLY B 265 -15.28 -20.64 -38.70
CA GLY B 265 -15.96 -19.89 -37.67
C GLY B 265 -14.96 -19.22 -36.75
N TYR B 266 -15.43 -18.15 -36.09
CA TYR B 266 -14.59 -17.34 -35.22
C TYR B 266 -14.98 -17.59 -33.77
N LEU B 267 -13.98 -17.76 -32.92
CA LEU B 267 -14.21 -18.09 -31.52
C LEU B 267 -14.47 -16.84 -30.70
N GLN B 268 -15.41 -16.94 -29.77
CA GLN B 268 -15.72 -15.89 -28.81
C GLN B 268 -15.28 -16.35 -27.43
N PRO B 269 -15.03 -15.42 -26.50
CA PRO B 269 -14.71 -15.80 -25.13
C PRO B 269 -15.97 -16.18 -24.36
N ARG B 270 -16.09 -17.46 -24.02
CA ARG B 270 -17.30 -18.00 -23.42
C ARG B 270 -16.89 -18.85 -22.21
N THR B 271 -17.87 -19.53 -21.64
CA THR B 271 -17.66 -20.37 -20.47
C THR B 271 -18.53 -21.62 -20.55
N PHE B 272 -17.91 -22.74 -20.90
CA PHE B 272 -18.62 -23.99 -21.06
C PHE B 272 -18.47 -24.81 -19.79
N LEU B 273 -19.32 -25.83 -19.65
CA LEU B 273 -19.23 -26.76 -18.53
C LEU B 273 -19.05 -28.15 -19.14
N LEU B 274 -17.79 -28.50 -19.40
CA LEU B 274 -17.46 -29.74 -20.09
C LEU B 274 -17.73 -30.95 -19.21
N LYS B 275 -18.02 -32.08 -19.85
CA LYS B 275 -18.31 -33.32 -19.15
C LYS B 275 -17.26 -34.35 -19.54
N TYR B 276 -16.31 -34.59 -18.65
CA TYR B 276 -15.35 -35.68 -18.81
C TYR B 276 -16.01 -36.99 -18.39
N ASN B 277 -15.79 -38.05 -19.15
CA ASN B 277 -16.34 -39.36 -18.81
C ASN B 277 -15.29 -40.15 -18.04
N GLU B 278 -15.50 -41.46 -17.90
CA GLU B 278 -14.60 -42.33 -17.09
C GLU B 278 -13.12 -42.25 -17.51
N ASN B 279 -12.80 -42.16 -18.80
CA ASN B 279 -11.36 -42.20 -19.20
C ASN B 279 -10.85 -40.79 -19.46
N GLY B 280 -11.71 -39.78 -19.31
CA GLY B 280 -11.30 -38.38 -19.55
C GLY B 280 -11.57 -37.95 -20.98
N THR B 281 -12.58 -38.54 -21.62
CA THR B 281 -12.95 -38.17 -22.98
C THR B 281 -14.23 -37.34 -22.94
N ILE B 282 -14.11 -36.06 -23.33
CA ILE B 282 -15.28 -35.19 -23.38
C ILE B 282 -16.37 -35.84 -24.22
N THR B 283 -17.61 -35.79 -23.72
CA THR B 283 -18.72 -36.39 -24.43
C THR B 283 -19.87 -35.43 -24.74
N ASP B 284 -19.92 -34.27 -24.08
CA ASP B 284 -20.96 -33.25 -24.23
C ASP B 284 -20.41 -31.92 -23.73
N ALA B 285 -21.17 -30.86 -23.94
CA ALA B 285 -20.85 -29.55 -23.42
C ALA B 285 -22.10 -28.69 -23.45
N VAL B 286 -22.21 -27.78 -22.49
CA VAL B 286 -23.39 -26.95 -22.31
C VAL B 286 -22.98 -25.49 -22.39
N ASP B 287 -23.41 -24.81 -23.45
CA ASP B 287 -23.14 -23.39 -23.58
C ASP B 287 -23.89 -22.64 -22.49
N CYS B 288 -23.23 -21.69 -21.86
CA CYS B 288 -23.73 -21.11 -20.62
C CYS B 288 -24.41 -19.77 -20.85
N ALA B 289 -24.58 -19.35 -22.10
CA ALA B 289 -25.29 -18.12 -22.41
C ALA B 289 -26.19 -18.27 -23.63
N LEU B 290 -26.31 -19.47 -24.19
CA LEU B 290 -27.12 -19.65 -25.39
C LEU B 290 -28.60 -19.50 -25.09
N ASP B 291 -29.08 -20.22 -24.08
CA ASP B 291 -30.54 -20.26 -23.88
C ASP B 291 -30.82 -20.10 -22.42
N PRO B 292 -32.09 -19.94 -22.00
CA PRO B 292 -32.40 -19.91 -20.61
C PRO B 292 -32.16 -21.26 -19.91
N LEU B 293 -32.50 -22.38 -20.54
CA LEU B 293 -32.38 -23.69 -19.90
C LEU B 293 -30.93 -24.01 -19.70
N SER B 294 -30.10 -23.69 -20.67
CA SER B 294 -28.70 -24.10 -20.59
C SER B 294 -27.99 -23.19 -19.63
N GLU B 295 -28.40 -21.94 -19.52
CA GLU B 295 -27.75 -21.15 -18.49
C GLU B 295 -28.03 -21.70 -17.10
N THR B 296 -29.26 -22.17 -16.87
CA THR B 296 -29.57 -22.85 -15.62
C THR B 296 -28.69 -24.09 -15.45
N LYS B 297 -28.59 -24.90 -16.51
CA LYS B 297 -27.73 -26.09 -16.48
C LYS B 297 -26.30 -25.71 -16.10
N CYS B 298 -25.79 -24.64 -16.69
CA CYS B 298 -24.45 -24.16 -16.39
C CYS B 298 -24.32 -23.70 -14.93
N THR B 299 -25.35 -23.08 -14.37
CA THR B 299 -25.24 -22.57 -13.00
C THR B 299 -25.24 -23.69 -11.98
N LEU B 300 -26.16 -24.65 -12.11
CA LEU B 300 -26.27 -25.74 -11.15
C LEU B 300 -25.16 -26.78 -11.30
N LYS B 301 -24.28 -26.62 -12.28
CA LYS B 301 -23.26 -27.62 -12.60
C LYS B 301 -23.88 -29.00 -12.78
N SER B 302 -24.90 -29.05 -13.65
CA SER B 302 -25.59 -30.29 -13.95
C SER B 302 -26.19 -30.20 -15.35
N PHE B 303 -26.31 -31.35 -16.00
CA PHE B 303 -26.90 -31.42 -17.33
C PHE B 303 -28.42 -31.59 -17.30
N THR B 304 -28.90 -32.12 -16.17
CA THR B 304 -30.34 -32.46 -16.02
C THR B 304 -31.01 -31.65 -14.92
N VAL B 305 -31.72 -30.58 -15.27
CA VAL B 305 -32.49 -29.75 -14.31
C VAL B 305 -33.75 -30.53 -13.85
N GLU B 306 -34.32 -30.24 -12.69
CA GLU B 306 -35.54 -30.88 -12.16
C GLU B 306 -36.56 -29.77 -11.99
N LYS B 307 -37.85 -30.07 -11.80
CA LYS B 307 -38.91 -29.03 -11.86
C LYS B 307 -38.72 -27.88 -10.86
N GLY B 308 -38.94 -26.65 -11.30
CA GLY B 308 -38.89 -25.56 -10.34
C GLY B 308 -38.44 -24.25 -10.87
N ILE B 309 -38.72 -23.19 -10.14
CA ILE B 309 -38.22 -21.84 -10.49
C ILE B 309 -36.86 -21.90 -9.86
N TYR B 310 -35.82 -21.58 -10.64
CA TYR B 310 -34.41 -21.55 -10.24
C TYR B 310 -33.88 -20.19 -10.66
N GLN B 311 -33.18 -19.47 -9.80
CA GLN B 311 -32.69 -18.10 -10.08
C GLN B 311 -31.39 -18.20 -10.83
N THR B 312 -31.39 -17.73 -12.08
CA THR B 312 -30.27 -17.95 -13.00
C THR B 312 -29.34 -16.74 -13.08
N SER B 313 -29.86 -15.53 -13.08
CA SER B 313 -28.97 -14.37 -13.29
C SER B 313 -29.63 -13.11 -12.79
N ASN B 314 -29.23 -11.95 -13.30
CA ASN B 314 -29.90 -10.69 -12.98
C ASN B 314 -29.87 -9.90 -14.27
N PHE B 315 -30.80 -9.00 -14.46
CA PHE B 315 -30.87 -8.31 -15.76
C PHE B 315 -30.81 -6.82 -15.50
N ARG B 316 -30.15 -6.07 -16.35
CA ARG B 316 -30.14 -4.60 -16.21
C ARG B 316 -30.36 -3.99 -17.58
N VAL B 317 -30.99 -2.82 -17.66
CA VAL B 317 -31.11 -2.11 -18.96
C VAL B 317 -29.88 -1.25 -19.09
N GLN B 318 -29.05 -1.50 -20.10
CA GLN B 318 -27.76 -0.80 -20.22
C GLN B 318 -28.02 0.62 -20.75
N PRO B 319 -27.10 1.59 -20.56
CA PRO B 319 -27.36 2.97 -20.96
C PRO B 319 -27.35 3.26 -22.45
N THR B 320 -28.35 3.97 -22.94
CA THR B 320 -28.47 4.29 -24.38
C THR B 320 -27.82 5.65 -24.63
N THR B 330 -20.01 31.45 -19.65
CA THR B 330 -18.70 31.39 -20.36
C THR B 330 -18.19 32.81 -20.68
N ASN B 331 -16.97 33.16 -20.28
CA ASN B 331 -16.35 34.47 -20.65
C ASN B 331 -15.45 34.23 -21.86
N LEU B 332 -15.95 34.47 -23.07
CA LEU B 332 -15.16 34.10 -24.27
C LEU B 332 -13.93 35.00 -24.35
N CYS B 333 -12.80 34.44 -24.78
CA CYS B 333 -11.56 35.24 -24.80
C CYS B 333 -11.68 36.19 -25.97
N PRO B 334 -11.26 37.46 -25.85
CA PRO B 334 -11.45 38.46 -26.93
C PRO B 334 -10.46 38.28 -28.07
N PHE B 335 -10.66 37.21 -28.85
CA PHE B 335 -9.96 37.10 -30.13
C PHE B 335 -10.58 37.98 -31.19
N ASP B 336 -11.88 38.27 -31.07
CA ASP B 336 -12.61 39.07 -32.04
C ASP B 336 -12.06 40.49 -32.12
N GLU B 337 -11.56 41.04 -31.02
CA GLU B 337 -10.97 42.38 -31.05
C GLU B 337 -9.65 42.42 -31.80
N VAL B 338 -8.97 41.29 -31.97
CA VAL B 338 -7.69 41.26 -32.67
C VAL B 338 -7.87 40.82 -34.12
N PHE B 339 -8.52 39.68 -34.35
CA PHE B 339 -8.63 39.17 -35.71
C PHE B 339 -9.58 40.00 -36.57
N ASN B 340 -10.52 40.71 -35.95
CA ASN B 340 -11.51 41.49 -36.69
C ASN B 340 -11.35 42.99 -36.49
N ALA B 341 -10.19 43.42 -36.00
CA ALA B 341 -9.94 44.85 -35.83
C ALA B 341 -9.92 45.55 -37.19
N THR B 342 -10.30 46.83 -37.19
CA THR B 342 -10.40 47.55 -38.45
C THR B 342 -9.03 47.76 -39.09
N ARG B 343 -8.00 48.05 -38.28
CA ARG B 343 -6.67 48.28 -38.78
C ARG B 343 -5.66 47.49 -37.96
N PHE B 344 -4.57 47.10 -38.62
CA PHE B 344 -3.53 46.29 -38.01
C PHE B 344 -2.22 47.06 -37.92
N ALA B 345 -1.45 46.74 -36.88
CA ALA B 345 -0.22 47.46 -36.59
C ALA B 345 0.85 47.18 -37.65
N SER B 346 1.68 48.18 -37.92
CA SER B 346 2.84 47.98 -38.76
C SER B 346 3.71 46.87 -38.19
N VAL B 347 4.55 46.28 -39.05
CA VAL B 347 5.33 45.13 -38.61
C VAL B 347 6.39 45.55 -37.59
N TYR B 348 6.91 46.80 -37.63
CA TYR B 348 7.97 47.34 -36.73
C TYR B 348 7.47 47.75 -35.37
N ALA B 349 6.16 47.90 -35.18
CA ALA B 349 5.51 48.23 -33.89
C ALA B 349 4.39 47.25 -33.68
N TRP B 350 4.68 45.98 -33.67
CA TRP B 350 3.64 44.97 -33.56
C TRP B 350 2.93 45.15 -32.23
N ASN B 351 1.66 44.77 -32.07
CA ASN B 351 1.00 44.85 -30.76
C ASN B 351 1.32 43.60 -29.94
N ARG B 352 0.66 43.41 -28.79
CA ARG B 352 0.86 42.21 -27.94
C ARG B 352 -0.31 42.17 -26.97
N LYS B 353 -1.49 41.80 -27.50
CA LYS B 353 -2.70 41.79 -26.64
C LYS B 353 -2.66 40.58 -25.74
N ARG B 354 -2.23 40.75 -24.50
CA ARG B 354 -2.21 39.69 -23.51
C ARG B 354 -3.63 39.19 -23.26
N ILE B 355 -3.78 37.87 -23.22
CA ILE B 355 -5.07 37.23 -23.04
C ILE B 355 -4.96 36.22 -21.90
N SER B 356 -5.83 36.38 -20.91
CA SER B 356 -5.83 35.52 -19.73
C SER B 356 -7.20 35.61 -19.08
N ASN B 357 -7.48 34.64 -18.21
CA ASN B 357 -8.70 34.61 -17.40
C ASN B 357 -9.95 34.66 -18.28
N CYS B 358 -9.97 33.75 -19.25
CA CYS B 358 -11.15 33.64 -20.12
C CYS B 358 -11.22 32.22 -20.69
N VAL B 359 -12.22 31.89 -21.49
CA VAL B 359 -12.23 30.55 -22.14
C VAL B 359 -11.94 30.75 -23.63
N ALA B 360 -10.81 30.26 -24.11
CA ALA B 360 -10.40 30.55 -25.50
C ALA B 360 -10.96 29.52 -26.45
N ASP B 361 -12.01 29.83 -27.20
CA ASP B 361 -12.49 28.86 -28.23
C ASP B 361 -11.64 29.00 -29.48
N TYR B 362 -10.77 28.03 -29.75
CA TYR B 362 -9.82 28.16 -30.88
C TYR B 362 -10.48 27.77 -32.20
N SER B 363 -11.74 27.37 -32.16
CA SER B 363 -12.37 26.87 -33.41
C SER B 363 -12.75 28.04 -34.30
N VAL B 364 -13.15 29.15 -33.73
CA VAL B 364 -13.66 30.26 -34.58
C VAL B 364 -12.54 30.73 -35.49
N LEU B 365 -11.28 30.61 -35.06
CA LEU B 365 -10.10 31.05 -35.84
C LEU B 365 -10.01 30.26 -37.15
N TYR B 366 -10.60 29.06 -37.28
CA TYR B 366 -10.41 28.20 -38.49
C TYR B 366 -10.82 28.88 -39.79
N ASN B 367 -11.89 29.68 -39.83
CA ASN B 367 -12.40 30.33 -41.08
C ASN B 367 -11.58 29.90 -42.30
N ALA B 369 -11.43 35.83 -44.44
CA ALA B 369 -10.84 35.66 -45.76
C ALA B 369 -9.98 34.40 -45.75
N PRO B 370 -9.89 33.67 -46.88
CA PRO B 370 -9.28 32.33 -46.86
C PRO B 370 -7.92 32.29 -46.17
N PHE B 371 -7.83 31.49 -45.11
CA PHE B 371 -6.63 31.42 -44.28
C PHE B 371 -5.53 30.69 -45.04
N PHE B 372 -4.96 31.42 -46.00
CA PHE B 372 -3.90 30.89 -46.86
C PHE B 372 -2.78 30.25 -46.07
N THR B 373 -2.65 30.59 -44.77
CA THR B 373 -1.68 29.96 -43.90
C THR B 373 -2.26 29.85 -42.50
N PHE B 374 -2.08 28.67 -41.90
CA PHE B 374 -2.31 28.46 -40.48
C PHE B 374 -1.33 27.37 -40.04
N LYS B 375 -0.16 27.78 -39.56
CA LYS B 375 0.82 26.83 -39.09
C LYS B 375 0.87 26.85 -37.57
N CYS B 376 1.48 25.82 -36.99
CA CYS B 376 1.68 25.79 -35.55
C CYS B 376 3.01 25.10 -35.26
N TYR B 377 3.77 25.69 -34.35
CA TYR B 377 5.09 25.20 -33.97
C TYR B 377 5.09 24.91 -32.48
N GLY B 378 5.12 23.63 -32.11
CA GLY B 378 5.18 23.19 -30.74
C GLY B 378 3.92 22.48 -30.27
N VAL B 379 2.78 22.80 -30.86
CA VAL B 379 1.50 22.20 -30.50
C VAL B 379 0.76 21.81 -31.78
N SER B 380 0.08 20.68 -31.74
CA SER B 380 -0.66 20.20 -32.92
C SER B 380 -1.91 21.04 -33.12
N PRO B 381 -2.09 21.65 -34.30
CA PRO B 381 -3.27 22.50 -34.50
C PRO B 381 -4.59 21.76 -34.40
N THR B 382 -4.64 20.50 -34.82
CA THR B 382 -5.90 19.80 -34.98
C THR B 382 -6.49 19.41 -33.63
N LYS B 383 -7.53 20.13 -33.22
CA LYS B 383 -8.34 19.80 -32.05
C LYS B 383 -7.50 19.54 -30.81
N ASN B 385 -7.16 22.03 -28.36
CA ASN B 385 -7.49 23.22 -27.59
C ASN B 385 -7.75 22.92 -26.12
N ASP B 386 -7.60 21.66 -25.70
CA ASP B 386 -7.93 21.24 -24.35
C ASP B 386 -6.74 21.31 -23.40
N LEU B 387 -5.83 22.26 -23.63
CA LEU B 387 -4.72 22.53 -22.73
C LEU B 387 -4.89 23.91 -22.11
N CYS B 388 -4.33 24.08 -20.91
CA CYS B 388 -4.48 25.30 -20.15
C CYS B 388 -3.15 26.03 -20.07
N PHE B 389 -3.15 27.29 -20.50
CA PHE B 389 -1.96 28.13 -20.48
C PHE B 389 -2.23 29.36 -19.63
N THR B 390 -1.20 29.82 -18.91
CA THR B 390 -1.40 30.95 -18.02
C THR B 390 -1.47 32.27 -18.79
N ASN B 391 -0.98 32.30 -20.02
CA ASN B 391 -0.93 33.53 -20.81
C ASN B 391 -0.95 33.18 -22.28
N VAL B 392 -1.76 33.90 -23.06
CA VAL B 392 -1.71 33.83 -24.52
C VAL B 392 -1.38 35.22 -25.04
N TYR B 393 -0.28 35.34 -25.77
CA TYR B 393 0.10 36.62 -26.37
C TYR B 393 -0.21 36.58 -27.85
N ALA B 394 -1.02 37.52 -28.30
CA ALA B 394 -1.34 37.66 -29.72
C ALA B 394 -0.57 38.86 -30.24
N ASP B 395 0.40 38.60 -31.12
CA ASP B 395 1.17 39.63 -31.78
C ASP B 395 0.67 39.78 -33.20
N SER B 396 0.09 40.93 -33.53
CA SER B 396 -0.61 41.07 -34.80
C SER B 396 0.00 42.17 -35.63
N PHE B 397 0.18 41.92 -36.93
CA PHE B 397 0.75 42.94 -37.79
C PHE B 397 0.35 42.67 -39.24
N VAL B 398 0.98 43.39 -40.17
CA VAL B 398 0.68 43.29 -41.59
C VAL B 398 2.01 43.15 -42.33
N ILE B 399 2.30 41.94 -42.85
CA ILE B 399 3.53 41.58 -43.60
C ILE B 399 3.12 41.24 -45.03
N ARG B 400 3.98 41.41 -46.03
CA ARG B 400 3.61 41.22 -47.43
C ARG B 400 3.59 39.74 -47.61
N GLY B 401 3.12 39.25 -48.73
CA GLY B 401 2.93 37.79 -48.90
C GLY B 401 4.17 36.96 -48.93
N ASP B 402 5.17 37.39 -49.66
CA ASP B 402 6.39 36.59 -49.82
C ASP B 402 7.12 36.47 -48.49
N GLU B 403 6.84 37.33 -47.53
CA GLU B 403 7.53 37.34 -46.21
C GLU B 403 6.69 36.67 -45.15
N VAL B 404 5.58 36.03 -45.50
CA VAL B 404 4.91 35.23 -44.49
C VAL B 404 5.78 34.04 -44.10
N ARG B 405 6.60 33.57 -45.04
CA ARG B 405 7.51 32.46 -44.81
C ARG B 405 8.62 32.81 -43.83
N GLN B 406 8.81 34.08 -43.50
CA GLN B 406 9.82 34.50 -42.54
C GLN B 406 9.32 34.51 -41.11
N ILE B 407 8.02 34.37 -40.90
CA ILE B 407 7.46 34.24 -39.55
C ILE B 407 7.50 32.76 -39.23
N ALA B 408 8.67 32.29 -38.77
CA ALA B 408 8.90 30.88 -38.52
C ALA B 408 10.14 30.74 -37.65
N PRO B 409 10.14 29.83 -36.68
CA PRO B 409 11.33 29.68 -35.82
C PRO B 409 12.56 29.31 -36.64
N GLY B 410 13.70 29.91 -36.28
CA GLY B 410 14.94 29.64 -36.95
C GLY B 410 14.96 30.05 -38.41
N GLN B 411 14.48 31.26 -38.70
CA GLN B 411 14.45 31.80 -40.05
C GLN B 411 14.99 33.22 -40.03
N THR B 412 15.60 33.63 -41.15
CA THR B 412 16.31 34.91 -41.22
C THR B 412 15.89 35.67 -42.47
N GLY B 413 16.06 36.99 -42.41
CA GLY B 413 15.76 37.88 -43.52
C GLY B 413 15.41 39.26 -43.01
N ASN B 414 14.69 40.00 -43.84
CA ASN B 414 14.32 41.37 -43.48
C ASN B 414 13.37 41.41 -42.29
N ILE B 415 12.42 40.48 -42.23
CA ILE B 415 11.37 40.56 -41.23
C ILE B 415 11.81 39.89 -39.93
N ALA B 416 12.40 38.70 -40.02
CA ALA B 416 12.72 37.96 -38.79
C ALA B 416 13.94 38.53 -38.08
N ASP B 417 14.85 39.17 -38.81
CA ASP B 417 16.03 39.72 -38.16
C ASP B 417 15.73 41.03 -37.46
N TYR B 418 15.12 41.98 -38.17
CA TYR B 418 15.05 43.35 -37.71
C TYR B 418 13.68 43.79 -37.22
N ASN B 419 12.60 43.18 -37.69
CA ASN B 419 11.25 43.62 -37.32
C ASN B 419 10.62 42.73 -36.26
N TYR B 420 10.48 41.44 -36.52
CA TYR B 420 9.81 40.52 -35.60
C TYR B 420 10.58 39.21 -35.56
N LYS B 421 11.22 38.92 -34.44
CA LYS B 421 12.09 37.76 -34.30
C LYS B 421 11.40 36.72 -33.43
N LEU B 422 11.07 35.58 -34.03
CA LEU B 422 10.54 34.42 -33.32
C LEU B 422 11.68 33.60 -32.72
N PRO B 423 11.55 33.12 -31.49
CA PRO B 423 12.65 32.40 -30.85
C PRO B 423 12.89 31.04 -31.50
N ASP B 424 13.86 30.28 -30.97
CA ASP B 424 14.15 28.97 -31.53
C ASP B 424 13.23 27.90 -30.96
N ASP B 425 12.60 28.18 -29.83
CA ASP B 425 11.66 27.21 -29.22
C ASP B 425 10.23 27.77 -29.21
N PHE B 426 9.76 28.33 -30.32
CA PHE B 426 8.43 28.99 -30.32
C PHE B 426 7.34 27.93 -30.10
N THR B 427 6.35 28.21 -29.25
CA THR B 427 5.19 27.31 -29.09
C THR B 427 3.95 28.12 -29.42
N GLY B 428 3.32 27.92 -30.57
CA GLY B 428 2.18 28.78 -30.92
C GLY B 428 1.78 28.64 -32.37
N CYS B 429 0.94 29.53 -32.87
CA CYS B 429 0.45 29.31 -34.23
C CYS B 429 0.44 30.55 -35.11
N VAL B 430 1.35 30.65 -36.08
CA VAL B 430 1.42 31.79 -37.03
C VAL B 430 0.25 31.74 -37.99
N ILE B 431 -0.85 32.47 -37.76
CA ILE B 431 -2.03 32.56 -38.59
C ILE B 431 -1.85 33.73 -39.55
N ALA B 432 -2.41 33.61 -40.75
CA ALA B 432 -2.24 34.66 -41.74
C ALA B 432 -3.35 34.57 -42.76
N TRP B 433 -3.63 35.70 -43.42
CA TRP B 433 -4.66 35.67 -44.46
C TRP B 433 -4.55 36.92 -45.31
N ASN B 434 -4.86 36.77 -46.60
CA ASN B 434 -4.82 37.89 -47.52
C ASN B 434 -5.82 38.95 -47.11
N SER B 435 -5.48 40.22 -47.33
CA SER B 435 -6.34 41.32 -46.93
C SER B 435 -6.32 42.43 -47.98
N ASN B 436 -6.18 42.05 -49.25
CA ASN B 436 -6.07 43.05 -50.31
C ASN B 436 -7.29 43.96 -50.37
N LYS B 437 -8.44 43.51 -49.87
CA LYS B 437 -9.62 44.35 -49.87
C LYS B 437 -9.52 45.47 -48.83
N LEU B 438 -9.11 45.12 -47.61
CA LEU B 438 -9.10 46.06 -46.49
C LEU B 438 -7.85 46.93 -46.45
N ASP B 439 -6.68 46.32 -46.34
CA ASP B 439 -5.45 47.03 -46.03
C ASP B 439 -4.69 47.50 -47.26
N SER B 440 -5.36 47.71 -48.39
CA SER B 440 -4.65 48.05 -49.62
C SER B 440 -5.28 49.25 -50.33
N LYS B 441 -5.58 50.31 -49.60
CA LYS B 441 -6.15 51.50 -50.20
C LYS B 441 -5.07 52.31 -50.90
N VAL B 442 -5.48 53.45 -51.46
CA VAL B 442 -4.55 54.42 -52.04
C VAL B 442 -4.47 55.70 -51.22
N SER B 443 -5.40 55.92 -50.29
CA SER B 443 -5.22 57.00 -49.33
C SER B 443 -4.28 56.59 -48.21
N GLY B 444 -4.32 55.31 -47.83
CA GLY B 444 -3.43 54.79 -46.81
C GLY B 444 -2.18 54.14 -47.34
N ASN B 445 -1.44 54.82 -48.22
CA ASN B 445 -0.18 54.28 -48.70
C ASN B 445 0.80 54.07 -47.55
N TYR B 446 1.02 55.11 -46.74
CA TYR B 446 2.15 55.17 -45.83
C TYR B 446 1.77 54.76 -44.41
N ASN B 447 0.79 53.88 -44.25
CA ASN B 447 0.41 53.40 -42.94
C ASN B 447 1.20 52.18 -42.50
N TYR B 448 1.93 51.54 -43.40
CA TYR B 448 2.62 50.29 -43.13
C TYR B 448 4.10 50.46 -43.46
N LEU B 449 4.94 50.39 -42.44
CA LEU B 449 6.37 50.58 -42.58
C LEU B 449 7.10 49.39 -41.98
N TYR B 450 8.29 49.10 -42.49
CA TYR B 450 9.12 48.04 -41.95
C TYR B 450 10.52 48.56 -41.74
N ARG B 451 11.25 47.92 -40.83
CA ARG B 451 12.58 48.38 -40.45
C ARG B 451 13.60 47.73 -41.38
N LEU B 452 14.14 48.53 -42.31
CA LEU B 452 15.08 48.03 -43.30
C LEU B 452 16.52 47.98 -42.79
N PHE B 453 16.89 48.84 -41.85
CA PHE B 453 18.24 48.92 -41.34
C PHE B 453 18.25 48.75 -39.83
N ARG B 454 19.33 48.15 -39.32
CA ARG B 454 19.55 48.05 -37.89
C ARG B 454 20.98 47.58 -37.63
N LYS B 455 21.51 47.74 -36.43
CA LYS B 455 22.92 47.37 -36.17
C LYS B 455 23.05 45.91 -35.71
N SER B 456 22.01 45.27 -35.19
CA SER B 456 22.15 43.87 -34.81
C SER B 456 20.79 43.20 -34.87
N ASN B 457 20.80 41.87 -35.00
CA ASN B 457 19.57 41.11 -35.06
C ASN B 457 18.73 41.36 -33.81
N LEU B 458 17.44 41.06 -33.88
CA LEU B 458 16.56 41.32 -32.76
C LEU B 458 16.61 40.19 -31.75
N LYS B 459 16.78 40.55 -30.49
CA LYS B 459 16.58 39.58 -29.43
C LYS B 459 15.13 39.12 -29.46
N PRO B 460 14.89 37.80 -29.39
CA PRO B 460 13.53 37.28 -29.56
C PRO B 460 12.46 38.04 -28.78
N PHE B 461 11.44 38.52 -29.51
CA PHE B 461 10.32 39.27 -28.94
C PHE B 461 10.74 40.64 -28.42
N GLU B 462 11.59 41.33 -29.18
CA GLU B 462 11.98 42.70 -28.89
C GLU B 462 11.34 43.64 -29.90
N ARG B 463 10.74 44.75 -29.45
CA ARG B 463 10.04 45.68 -30.36
C ARG B 463 10.85 46.95 -30.38
N ASP B 464 11.18 47.44 -31.55
CA ASP B 464 11.90 48.72 -31.51
C ASP B 464 11.06 49.71 -32.29
N ILE B 465 10.57 50.75 -31.65
CA ILE B 465 9.81 51.78 -32.37
C ILE B 465 10.79 52.87 -32.68
N SER B 466 11.95 52.92 -32.02
CA SER B 466 12.83 54.05 -32.23
C SER B 466 13.05 54.33 -33.71
N THR B 467 13.28 55.61 -34.03
CA THR B 467 13.48 56.06 -35.40
C THR B 467 14.78 56.84 -35.52
N GLU B 468 15.82 56.38 -34.83
CA GLU B 468 17.12 57.04 -34.92
C GLU B 468 17.71 56.86 -36.30
N ILE B 469 18.17 57.96 -36.90
CA ILE B 469 18.81 57.88 -38.20
C ILE B 469 19.98 56.90 -38.13
N TYR B 470 19.89 55.83 -38.93
CA TYR B 470 20.93 54.82 -38.97
C TYR B 470 22.19 55.39 -39.61
N GLN B 471 23.32 55.21 -38.93
CA GLN B 471 24.61 55.71 -39.37
C GLN B 471 25.37 54.57 -40.03
N ALA B 472 25.62 54.71 -41.33
CA ALA B 472 26.38 53.73 -42.09
C ALA B 472 27.61 54.37 -42.71
N GLY B 473 28.31 55.17 -41.92
CA GLY B 473 29.49 55.88 -42.41
C GLY B 473 30.24 56.52 -41.27
N ASN B 474 31.41 57.07 -41.60
CA ASN B 474 32.25 57.69 -40.59
C ASN B 474 31.70 59.04 -40.15
N LYS B 475 31.26 59.86 -41.11
CA LYS B 475 30.76 61.18 -40.78
C LYS B 475 29.48 61.08 -39.96
N PRO B 476 29.30 61.94 -38.96
CA PRO B 476 28.07 61.88 -38.15
C PRO B 476 26.85 62.28 -38.97
N CYS B 477 25.71 61.67 -38.61
CA CYS B 477 24.48 61.93 -39.35
C CYS B 477 23.88 63.29 -39.00
N ASN B 478 24.11 63.76 -37.78
CA ASN B 478 23.61 65.03 -37.25
C ASN B 478 22.09 65.04 -37.11
N GLY B 479 21.45 63.87 -37.18
CA GLY B 479 20.01 63.81 -37.02
C GLY B 479 19.22 64.12 -38.26
N VAL B 480 19.87 64.25 -39.41
CA VAL B 480 19.20 64.50 -40.69
C VAL B 480 19.67 63.45 -41.69
N ALA B 481 18.73 62.86 -42.41
CA ALA B 481 19.06 61.81 -43.36
C ALA B 481 19.93 62.36 -44.49
N GLY B 482 20.84 61.52 -44.96
CA GLY B 482 21.75 61.92 -46.01
C GLY B 482 22.55 60.74 -46.52
N PHE B 483 23.51 61.04 -47.39
CA PHE B 483 24.37 60.00 -47.94
C PHE B 483 25.02 59.20 -46.81
N ASN B 484 24.94 57.87 -46.92
CA ASN B 484 25.43 56.95 -45.89
C ASN B 484 24.79 57.21 -44.53
N CYS B 485 23.64 57.88 -44.51
CA CYS B 485 22.87 58.12 -43.28
C CYS B 485 21.41 57.86 -43.62
N TYR B 486 20.94 56.65 -43.29
CA TYR B 486 19.67 56.17 -43.81
C TYR B 486 18.60 56.18 -42.73
N PHE B 487 17.40 56.62 -43.10
CA PHE B 487 16.26 56.47 -42.20
C PHE B 487 15.78 55.02 -42.24
N PRO B 488 15.73 54.33 -41.11
CA PRO B 488 15.44 52.88 -41.17
C PRO B 488 14.11 52.52 -41.80
N LEU B 489 12.99 53.01 -41.26
CA LEU B 489 11.67 52.58 -41.67
C LEU B 489 11.39 52.96 -43.13
N ARG B 490 10.98 51.97 -43.92
CA ARG B 490 10.59 52.18 -45.31
C ARG B 490 9.18 51.64 -45.52
N SER B 491 8.45 52.27 -46.43
CA SER B 491 7.02 52.04 -46.58
C SER B 491 6.73 50.93 -47.59
N TYR B 492 5.82 50.03 -47.21
CA TYR B 492 5.28 49.05 -48.15
C TYR B 492 4.62 49.73 -49.35
N SER B 493 3.78 50.73 -49.09
CA SER B 493 3.00 51.40 -50.14
C SER B 493 2.20 50.39 -50.95
N PHE B 494 1.28 49.73 -50.26
CA PHE B 494 0.46 48.69 -50.87
C PHE B 494 -0.43 49.26 -51.97
N ARG B 495 -0.63 48.47 -53.02
CA ARG B 495 -1.56 48.77 -54.10
C ARG B 495 -2.46 47.58 -54.33
N PRO B 496 -3.70 47.81 -54.79
CA PRO B 496 -4.62 46.68 -54.98
C PRO B 496 -4.35 45.87 -56.23
N THR B 497 -3.60 46.40 -57.20
CA THR B 497 -3.36 45.72 -58.46
C THR B 497 -2.10 44.87 -58.46
N TYR B 498 -1.38 44.76 -57.34
CA TYR B 498 -0.11 43.99 -57.35
C TYR B 498 -0.40 42.50 -57.34
N GLY B 499 0.62 41.68 -57.08
CA GLY B 499 0.45 40.20 -57.15
C GLY B 499 -0.11 39.63 -55.88
N VAL B 500 -0.10 38.31 -55.76
CA VAL B 500 -0.59 37.67 -54.52
C VAL B 500 0.65 37.43 -53.68
N GLY B 501 1.76 37.94 -54.18
CA GLY B 501 3.00 37.81 -53.41
C GLY B 501 3.47 39.16 -52.94
N HIS B 502 2.68 40.17 -53.17
CA HIS B 502 3.04 41.51 -52.64
C HIS B 502 1.80 42.12 -52.03
N GLN B 503 0.84 41.31 -51.61
CA GLN B 503 -0.40 41.94 -51.13
C GLN B 503 -0.49 41.74 -49.64
N PRO B 504 -1.08 42.65 -48.86
CA PRO B 504 -0.98 42.62 -47.38
C PRO B 504 -1.58 41.38 -46.76
N TYR B 505 -0.74 40.45 -46.36
CA TYR B 505 -1.17 39.25 -45.66
C TYR B 505 -1.14 39.57 -44.17
N ARG B 506 -2.31 39.88 -43.62
CA ARG B 506 -2.39 40.14 -42.19
C ARG B 506 -1.89 38.91 -41.46
N VAL B 507 -1.26 39.10 -40.31
CA VAL B 507 -0.65 37.99 -39.58
C VAL B 507 -0.93 38.16 -38.10
N VAL B 508 -1.19 37.04 -37.44
CA VAL B 508 -1.36 36.98 -35.98
C VAL B 508 -0.54 35.82 -35.45
N VAL B 509 0.27 36.07 -34.44
CA VAL B 509 1.15 35.06 -33.86
C VAL B 509 0.66 34.85 -32.43
N LEU B 510 0.17 33.65 -32.14
CA LEU B 510 -0.28 33.32 -30.80
C LEU B 510 0.79 32.51 -30.10
N SER B 511 1.28 33.03 -28.98
CA SER B 511 2.23 32.32 -28.14
C SER B 511 1.53 31.89 -26.86
N PHE B 512 1.62 30.61 -26.53
CA PHE B 512 1.05 30.06 -25.32
C PHE B 512 2.17 29.86 -24.31
N GLU B 513 1.98 30.36 -23.09
CA GLU B 513 3.06 30.45 -22.13
C GLU B 513 2.64 29.78 -20.82
N LEU B 514 3.63 29.19 -20.11
CA LEU B 514 3.37 28.30 -18.97
C LEU B 514 4.34 28.65 -17.84
N LEU B 515 3.84 29.34 -16.82
CA LEU B 515 4.65 29.66 -15.65
C LEU B 515 4.24 28.80 -14.46
N HIS B 516 4.85 29.10 -13.31
CA HIS B 516 4.49 28.46 -12.05
C HIS B 516 3.42 29.29 -11.34
N ALA B 517 2.37 29.58 -12.10
CA ALA B 517 1.23 30.36 -11.64
C ALA B 517 -0.03 29.69 -12.13
N PRO B 518 -1.17 29.91 -11.47
CA PRO B 518 -2.39 29.21 -11.87
C PRO B 518 -2.81 29.55 -13.30
N ALA B 519 -2.77 28.55 -14.16
CA ALA B 519 -3.18 28.72 -15.55
C ALA B 519 -4.69 28.90 -15.62
N THR B 520 -5.12 29.82 -16.49
CA THR B 520 -6.53 30.16 -16.56
C THR B 520 -7.12 30.17 -17.97
N VAL B 521 -6.31 30.11 -19.02
CA VAL B 521 -6.80 30.09 -20.39
C VAL B 521 -7.08 28.64 -20.73
N CYS B 522 -8.26 28.16 -20.35
CA CYS B 522 -8.69 26.79 -20.63
C CYS B 522 -9.84 26.90 -21.61
N GLY B 523 -9.60 26.51 -22.86
CA GLY B 523 -10.55 26.77 -23.91
C GLY B 523 -11.23 25.55 -24.50
N PRO B 524 -12.49 25.33 -24.13
CA PRO B 524 -13.35 24.35 -24.81
C PRO B 524 -14.26 25.00 -25.85
N THR B 528 -23.15 20.64 -25.88
CA THR B 528 -23.80 19.56 -25.14
C THR B 528 -25.31 19.57 -25.38
N ASN B 529 -25.95 18.42 -25.18
CA ASN B 529 -27.38 18.29 -25.38
C ASN B 529 -27.99 17.58 -24.19
N LEU B 530 -29.29 17.81 -23.98
CA LEU B 530 -30.01 17.20 -22.89
C LEU B 530 -31.06 16.24 -23.46
N VAL B 531 -31.03 15.01 -22.96
CA VAL B 531 -31.98 13.98 -23.37
C VAL B 531 -32.53 13.34 -22.10
N LYS B 532 -33.82 13.05 -22.10
CA LYS B 532 -34.50 12.63 -20.89
C LYS B 532 -35.46 11.48 -21.20
N ASN B 533 -35.99 10.89 -20.13
CA ASN B 533 -36.98 9.82 -20.18
C ASN B 533 -36.43 8.50 -20.69
N LYS B 534 -35.12 8.42 -20.92
CA LYS B 534 -34.47 7.16 -21.27
C LYS B 534 -33.21 7.00 -20.43
N CYS B 535 -32.91 5.76 -20.06
CA CYS B 535 -31.70 5.48 -19.28
C CYS B 535 -30.47 5.92 -20.07
N VAL B 536 -29.60 6.68 -19.41
CA VAL B 536 -28.45 7.29 -20.06
C VAL B 536 -27.46 7.71 -18.99
N ASN B 537 -26.20 7.85 -19.38
CA ASN B 537 -25.19 8.45 -18.52
C ASN B 537 -25.32 9.96 -18.56
N PHE B 538 -25.25 10.61 -17.41
CA PHE B 538 -25.45 12.05 -17.32
C PHE B 538 -24.38 12.71 -16.46
N ASN B 539 -24.10 13.97 -16.81
CA ASN B 539 -23.14 14.82 -16.11
C ASN B 539 -23.75 16.22 -16.05
N PHE B 540 -24.30 16.59 -14.90
CA PHE B 540 -24.86 17.93 -14.69
C PHE B 540 -23.80 18.74 -13.94
N ASN B 541 -23.10 19.61 -14.69
CA ASN B 541 -21.95 20.39 -14.22
C ASN B 541 -21.13 19.59 -13.22
N GLY B 542 -20.69 18.40 -13.62
CA GLY B 542 -20.12 17.44 -12.69
C GLY B 542 -21.16 16.41 -12.33
N LEU B 543 -21.00 15.74 -11.20
CA LEU B 543 -22.00 14.81 -10.68
C LEU B 543 -22.34 13.73 -11.70
N LYS B 544 -21.35 12.89 -12.00
CA LYS B 544 -21.55 11.77 -12.90
C LYS B 544 -22.61 10.82 -12.35
N GLY B 545 -23.42 10.27 -13.25
CA GLY B 545 -24.38 9.26 -12.85
C GLY B 545 -24.95 8.56 -14.05
N THR B 546 -25.80 7.57 -13.78
CA THR B 546 -26.50 6.84 -14.81
C THR B 546 -27.94 6.62 -14.36
N GLY B 547 -28.89 6.95 -15.23
CA GLY B 547 -30.28 6.78 -14.86
C GLY B 547 -31.20 7.41 -15.89
N VAL B 548 -32.44 7.60 -15.48
CA VAL B 548 -33.50 8.15 -16.33
C VAL B 548 -34.01 9.42 -15.67
N LEU B 549 -34.30 10.42 -16.49
CA LEU B 549 -34.68 11.76 -16.03
C LEU B 549 -36.17 11.96 -16.26
N THR B 550 -36.88 12.39 -15.23
CA THR B 550 -38.30 12.69 -15.34
C THR B 550 -38.59 14.00 -14.60
N GLU B 551 -39.61 14.72 -15.08
CA GLU B 551 -39.97 15.97 -14.47
C GLU B 551 -40.57 15.74 -13.08
N SER B 552 -40.21 16.62 -12.15
CA SER B 552 -40.62 16.51 -10.76
C SER B 552 -41.37 17.77 -10.34
N ASN B 553 -42.01 17.69 -9.17
CA ASN B 553 -42.77 18.80 -8.63
C ASN B 553 -42.16 19.38 -7.36
N LYS B 554 -41.24 18.66 -6.71
CA LYS B 554 -40.59 19.18 -5.52
C LYS B 554 -39.80 20.44 -5.86
N LYS B 555 -39.96 21.49 -5.05
CA LYS B 555 -39.39 22.80 -5.33
C LYS B 555 -38.14 22.99 -4.48
N PHE B 556 -37.00 23.13 -5.14
CA PHE B 556 -35.76 23.44 -4.45
C PHE B 556 -35.77 24.89 -3.97
N LEU B 557 -34.97 25.17 -2.96
CA LEU B 557 -34.71 26.55 -2.58
C LEU B 557 -33.74 27.18 -3.58
N PRO B 558 -33.81 28.50 -3.75
CA PRO B 558 -32.99 29.15 -4.79
C PRO B 558 -31.49 28.85 -4.72
N PHE B 559 -31.00 28.22 -3.66
CA PHE B 559 -29.59 27.94 -3.52
C PHE B 559 -29.24 26.46 -3.50
N GLN B 560 -30.25 25.60 -3.47
CA GLN B 560 -30.00 24.14 -3.33
C GLN B 560 -29.89 23.58 -4.75
N GLN B 561 -28.75 22.99 -5.09
CA GLN B 561 -28.58 22.51 -6.48
C GLN B 561 -28.92 21.01 -6.59
N PHE B 562 -28.27 20.15 -5.81
CA PHE B 562 -28.48 18.69 -5.89
C PHE B 562 -29.71 18.35 -5.09
N GLY B 563 -29.96 17.07 -4.86
CA GLY B 563 -31.07 16.64 -4.02
C GLY B 563 -30.69 15.30 -3.44
N ARG B 564 -31.27 14.89 -2.32
CA ARG B 564 -30.84 13.61 -1.68
C ARG B 564 -32.03 12.96 -0.97
N ASP B 565 -32.02 11.63 -0.82
CA ASP B 565 -33.18 10.91 -0.22
C ASP B 565 -32.74 10.16 1.04
N ILE B 566 -33.62 9.39 1.68
CA ILE B 566 -33.08 8.63 2.80
C ILE B 566 -31.93 7.77 2.28
N ALA B 567 -30.95 7.52 3.14
CA ALA B 567 -29.71 6.82 2.81
C ALA B 567 -28.82 7.60 1.85
N ASP B 568 -29.15 8.88 1.63
CA ASP B 568 -28.30 9.82 0.89
C ASP B 568 -28.01 9.33 -0.54
N THR B 569 -29.07 9.27 -1.35
CA THR B 569 -28.94 8.98 -2.77
C THR B 569 -29.30 10.22 -3.58
N THR B 570 -28.68 10.37 -4.74
CA THR B 570 -28.90 11.55 -5.59
C THR B 570 -30.27 11.45 -6.24
N ASP B 571 -31.27 11.93 -5.52
CA ASP B 571 -32.66 11.78 -5.97
C ASP B 571 -32.99 12.76 -7.10
N ALA B 572 -32.73 14.05 -6.90
CA ALA B 572 -33.12 15.07 -7.87
C ALA B 572 -31.94 15.99 -8.13
N VAL B 573 -31.92 16.59 -9.33
CA VAL B 573 -30.82 17.45 -9.76
C VAL B 573 -31.42 18.62 -10.54
N ARG B 574 -30.82 19.80 -10.35
CA ARG B 574 -31.23 21.01 -11.06
C ARG B 574 -30.48 21.09 -12.38
N ASP B 575 -31.18 21.50 -13.43
CA ASP B 575 -30.57 21.69 -14.74
C ASP B 575 -29.61 22.87 -14.68
N PRO B 576 -28.32 22.70 -14.98
CA PRO B 576 -27.38 23.82 -14.87
C PRO B 576 -27.73 25.00 -15.77
N GLN B 577 -28.28 24.74 -16.96
CA GLN B 577 -28.58 25.81 -17.91
C GLN B 577 -29.99 26.36 -17.74
N THR B 578 -31.00 25.48 -17.81
CA THR B 578 -32.39 25.93 -17.79
C THR B 578 -33.01 25.95 -16.40
N LEU B 579 -32.26 25.55 -15.37
CA LEU B 579 -32.71 25.59 -13.98
C LEU B 579 -33.99 24.79 -13.75
N GLU B 580 -34.03 23.55 -14.20
CA GLU B 580 -35.20 22.71 -13.96
C GLU B 580 -34.82 21.53 -13.05
N ILE B 581 -35.78 21.10 -12.25
CA ILE B 581 -35.58 20.05 -11.26
C ILE B 581 -36.04 18.72 -11.86
N LEU B 582 -35.10 17.80 -12.05
CA LEU B 582 -35.35 16.52 -12.68
C LEU B 582 -34.96 15.40 -11.74
N ASP B 583 -35.82 14.38 -11.64
CA ASP B 583 -35.52 13.22 -10.81
C ASP B 583 -34.46 12.36 -11.48
N ILE B 584 -33.80 11.53 -10.68
CA ILE B 584 -32.77 10.62 -11.15
C ILE B 584 -33.21 9.21 -10.75
N THR B 585 -33.92 8.52 -11.64
CA THR B 585 -34.37 7.18 -11.28
C THR B 585 -33.43 6.15 -11.89
N PRO B 586 -32.87 5.20 -11.14
CA PRO B 586 -31.99 4.22 -11.78
C PRO B 586 -32.77 3.27 -12.66
N CYS B 587 -32.30 3.10 -13.90
CA CYS B 587 -33.07 2.35 -14.87
C CYS B 587 -33.09 0.87 -14.53
N SER B 588 -33.99 0.14 -15.18
CA SER B 588 -34.53 -1.10 -14.65
C SER B 588 -33.44 -2.16 -14.41
N PHE B 589 -33.58 -2.88 -13.31
CA PHE B 589 -32.78 -4.05 -13.02
C PHE B 589 -33.64 -5.01 -12.20
N GLY B 590 -33.24 -6.28 -12.18
CA GLY B 590 -33.99 -7.28 -11.45
C GLY B 590 -33.57 -8.70 -11.78
N GLY B 591 -33.76 -9.61 -10.83
CA GLY B 591 -33.35 -10.98 -11.04
C GLY B 591 -34.17 -11.67 -12.11
N VAL B 592 -33.62 -12.78 -12.62
CA VAL B 592 -34.25 -13.58 -13.65
C VAL B 592 -34.37 -15.01 -13.13
N SER B 593 -35.57 -15.58 -13.21
CA SER B 593 -35.82 -16.94 -12.76
C SER B 593 -36.32 -17.78 -13.93
N VAL B 594 -35.99 -19.07 -13.91
CA VAL B 594 -36.34 -19.97 -15.00
C VAL B 594 -37.24 -21.07 -14.46
N ILE B 595 -38.48 -21.10 -14.97
CA ILE B 595 -39.44 -22.14 -14.62
C ILE B 595 -39.27 -23.28 -15.62
N THR B 596 -38.91 -24.46 -15.11
CA THR B 596 -38.64 -25.63 -15.93
C THR B 596 -39.57 -26.76 -15.50
N PRO B 597 -40.24 -27.43 -16.44
CA PRO B 597 -41.05 -28.59 -16.08
C PRO B 597 -40.21 -29.84 -15.88
N GLY B 598 -38.89 -29.68 -16.00
CA GLY B 598 -37.99 -30.81 -15.84
C GLY B 598 -37.38 -31.25 -17.15
N THR B 599 -36.07 -31.43 -17.19
CA THR B 599 -35.41 -31.90 -18.40
C THR B 599 -35.89 -33.29 -18.79
N ASN B 600 -36.28 -34.11 -17.80
CA ASN B 600 -36.84 -35.42 -18.09
C ASN B 600 -38.11 -35.33 -18.90
N THR B 601 -38.87 -34.25 -18.76
CA THR B 601 -40.17 -34.12 -19.41
C THR B 601 -40.08 -33.33 -20.71
N SER B 602 -39.54 -32.12 -20.65
CA SER B 602 -39.48 -31.26 -21.82
C SER B 602 -38.32 -30.29 -21.70
N ASN B 603 -37.97 -29.68 -22.82
CA ASN B 603 -36.95 -28.64 -22.86
C ASN B 603 -37.53 -27.23 -22.93
N GLN B 604 -38.84 -27.10 -22.83
CA GLN B 604 -39.47 -25.78 -22.76
C GLN B 604 -39.18 -25.13 -21.41
N VAL B 605 -39.07 -23.81 -21.42
CA VAL B 605 -38.85 -23.04 -20.20
C VAL B 605 -39.75 -21.82 -20.22
N ALA B 606 -39.95 -21.24 -19.05
CA ALA B 606 -40.56 -19.91 -18.92
C ALA B 606 -39.59 -19.03 -18.15
N VAL B 607 -39.63 -17.73 -18.41
CA VAL B 607 -38.67 -16.79 -17.84
C VAL B 607 -39.43 -15.73 -17.07
N LEU B 608 -39.07 -15.54 -15.81
CA LEU B 608 -39.69 -14.53 -14.96
C LEU B 608 -38.68 -13.44 -14.67
N TYR B 609 -38.94 -12.24 -15.18
CA TYR B 609 -38.16 -11.04 -14.86
C TYR B 609 -38.83 -10.42 -13.64
N GLN B 610 -38.25 -10.62 -12.46
CA GLN B 610 -38.96 -10.31 -11.23
C GLN B 610 -38.69 -8.87 -10.81
N GLY B 611 -39.76 -8.15 -10.48
CA GLY B 611 -39.67 -6.74 -10.17
C GLY B 611 -39.63 -5.84 -11.38
N VAL B 612 -39.77 -6.38 -12.58
CA VAL B 612 -39.66 -5.63 -13.83
C VAL B 612 -41.03 -5.54 -14.48
N ASN B 613 -41.38 -4.36 -14.96
CA ASN B 613 -42.61 -4.15 -15.70
C ASN B 613 -42.48 -4.72 -17.10
N CYS B 614 -43.58 -5.26 -17.63
CA CYS B 614 -43.56 -5.79 -18.99
C CYS B 614 -43.43 -4.70 -20.04
N THR B 615 -43.64 -3.43 -19.69
CA THR B 615 -43.48 -2.34 -20.64
C THR B 615 -42.04 -2.23 -21.14
N GLU B 616 -41.09 -2.81 -20.42
CA GLU B 616 -39.70 -2.89 -20.83
C GLU B 616 -39.34 -4.36 -21.03
N SER B 637 -43.71 -15.32 -27.13
CA SER B 637 -44.75 -14.41 -27.59
C SER B 637 -45.69 -14.02 -26.45
N ASN B 638 -45.99 -14.98 -25.58
CA ASN B 638 -46.87 -14.72 -24.45
C ASN B 638 -46.13 -13.94 -23.37
N VAL B 639 -46.72 -12.84 -22.94
CA VAL B 639 -46.21 -12.07 -21.81
C VAL B 639 -47.37 -11.84 -20.86
N PHE B 640 -47.10 -11.97 -19.56
CA PHE B 640 -48.11 -11.84 -18.53
C PHE B 640 -47.54 -10.96 -17.42
N GLN B 641 -48.31 -10.05 -16.86
CA GLN B 641 -47.80 -9.26 -15.71
C GLN B 641 -48.40 -9.73 -14.40
N THR B 642 -47.56 -10.24 -13.53
CA THR B 642 -47.91 -10.74 -12.21
C THR B 642 -47.33 -9.68 -11.28
N ARG B 643 -47.66 -9.66 -9.99
CA ARG B 643 -47.01 -8.73 -9.03
C ARG B 643 -45.55 -9.10 -8.85
N ALA B 644 -45.19 -10.36 -9.01
CA ALA B 644 -43.79 -10.80 -8.94
C ALA B 644 -42.98 -10.19 -10.06
N GLY B 645 -43.53 -10.11 -11.27
CA GLY B 645 -42.85 -9.50 -12.40
C GLY B 645 -43.37 -10.00 -13.70
N CYS B 646 -42.76 -9.64 -14.81
CA CYS B 646 -43.15 -10.07 -16.16
C CYS B 646 -42.80 -11.52 -16.38
N LEU B 647 -43.78 -12.33 -16.70
CA LEU B 647 -43.62 -13.75 -16.99
C LEU B 647 -43.78 -13.98 -18.49
N ILE B 648 -42.73 -14.52 -19.11
CA ILE B 648 -42.67 -14.73 -20.55
C ILE B 648 -42.58 -16.22 -20.81
N GLY B 649 -43.40 -16.71 -21.74
CA GLY B 649 -43.40 -18.11 -22.09
C GLY B 649 -44.46 -18.96 -21.44
N ALA B 650 -45.34 -18.36 -20.64
CA ALA B 650 -46.41 -19.08 -19.97
C ALA B 650 -47.75 -18.45 -20.32
N GLU B 651 -48.75 -19.30 -20.49
CA GLU B 651 -50.09 -18.88 -20.89
C GLU B 651 -51.01 -18.86 -19.67
N TYR B 652 -51.63 -17.72 -19.42
CA TYR B 652 -52.48 -17.55 -18.26
C TYR B 652 -53.81 -18.27 -18.48
N VAL B 653 -54.23 -19.08 -17.51
CA VAL B 653 -55.44 -19.89 -17.61
C VAL B 653 -56.31 -19.59 -16.40
N ASN B 654 -57.61 -19.38 -16.63
CA ASN B 654 -58.54 -19.09 -15.53
C ASN B 654 -58.82 -20.28 -14.64
N ASN B 655 -58.57 -21.52 -15.10
CA ASN B 655 -58.81 -22.68 -14.25
C ASN B 655 -57.87 -22.67 -13.06
N SER B 656 -58.38 -23.13 -11.93
CA SER B 656 -57.62 -23.17 -10.68
C SER B 656 -57.19 -24.59 -10.40
N TYR B 657 -55.91 -24.76 -10.06
CA TYR B 657 -55.33 -26.06 -9.76
C TYR B 657 -54.52 -25.95 -8.48
N GLU B 658 -53.93 -27.07 -8.07
CA GLU B 658 -52.95 -27.04 -7.01
C GLU B 658 -51.65 -26.42 -7.52
N CYS B 659 -50.80 -25.99 -6.60
CA CYS B 659 -49.58 -25.29 -6.97
C CYS B 659 -48.49 -26.31 -7.33
N ASP B 660 -47.97 -26.20 -8.56
CA ASP B 660 -46.86 -27.06 -8.96
C ASP B 660 -45.53 -26.32 -8.84
N ILE B 661 -45.40 -25.19 -9.51
CA ILE B 661 -44.20 -24.37 -9.44
C ILE B 661 -44.60 -22.97 -8.96
N PRO B 662 -44.34 -22.62 -7.70
CA PRO B 662 -44.82 -21.34 -7.18
C PRO B 662 -44.07 -20.17 -7.79
N ILE B 663 -44.82 -19.25 -8.38
CA ILE B 663 -44.25 -18.02 -8.93
C ILE B 663 -44.37 -16.87 -7.95
N GLY B 664 -45.52 -16.70 -7.33
CA GLY B 664 -45.68 -15.69 -6.30
C GLY B 664 -46.99 -14.95 -6.43
N ALA B 665 -47.35 -14.25 -5.36
CA ALA B 665 -48.58 -13.46 -5.30
C ALA B 665 -49.82 -14.29 -5.58
N GLY B 666 -49.80 -15.56 -5.18
CA GLY B 666 -50.91 -16.46 -5.43
C GLY B 666 -50.92 -17.08 -6.80
N ILE B 667 -49.86 -16.92 -7.59
CA ILE B 667 -49.80 -17.43 -8.95
C ILE B 667 -48.74 -18.53 -9.02
N CYS B 668 -49.13 -19.66 -9.60
CA CYS B 668 -48.26 -20.80 -9.81
C CYS B 668 -48.22 -21.13 -11.30
N ALA B 669 -47.35 -22.08 -11.65
CA ALA B 669 -47.16 -22.51 -13.02
C ALA B 669 -47.13 -24.04 -13.09
N SER B 670 -47.44 -24.57 -14.26
CA SER B 670 -47.47 -26.02 -14.45
C SER B 670 -47.27 -26.34 -15.92
N TYR B 671 -47.06 -27.62 -16.20
CA TYR B 671 -46.88 -28.12 -17.56
C TYR B 671 -48.16 -28.82 -17.99
N GLN B 672 -48.90 -28.18 -18.91
CA GLN B 672 -50.26 -28.65 -19.22
C GLN B 672 -50.26 -30.03 -19.86
N THR B 673 -49.33 -30.27 -20.79
CA THR B 673 -49.27 -31.53 -21.54
C THR B 673 -50.59 -31.82 -22.25
N GLN B 687 -46.99 -30.20 -23.46
CA GLN B 687 -47.54 -29.45 -24.59
C GLN B 687 -47.24 -27.96 -24.44
N SER B 688 -47.56 -27.40 -23.27
CA SER B 688 -47.35 -25.98 -23.04
C SER B 688 -47.20 -25.73 -21.55
N ILE B 689 -46.62 -24.59 -21.21
CA ILE B 689 -46.49 -24.17 -19.82
C ILE B 689 -47.56 -23.13 -19.52
N ILE B 690 -48.38 -23.41 -18.51
CA ILE B 690 -49.49 -22.55 -18.15
C ILE B 690 -49.21 -21.92 -16.79
N ALA B 691 -49.79 -20.75 -16.58
CA ALA B 691 -49.74 -20.06 -15.29
C ALA B 691 -51.17 -19.76 -14.85
N TYR B 692 -51.39 -19.80 -13.54
CA TYR B 692 -52.75 -19.65 -13.02
C TYR B 692 -52.68 -19.19 -11.57
N THR B 693 -53.85 -18.88 -11.03
CA THR B 693 -53.97 -18.66 -9.59
C THR B 693 -54.28 -19.97 -8.90
N MET B 694 -53.45 -20.34 -7.94
CA MET B 694 -53.61 -21.64 -7.28
C MET B 694 -54.89 -21.67 -6.46
N SER B 695 -55.47 -22.86 -6.34
CA SER B 695 -56.68 -23.05 -5.56
C SER B 695 -56.32 -23.60 -4.19
N LEU B 696 -57.03 -23.13 -3.17
CA LEU B 696 -56.75 -23.55 -1.80
C LEU B 696 -57.44 -24.85 -1.43
N GLY B 697 -58.38 -25.31 -2.25
CA GLY B 697 -59.08 -26.56 -2.02
C GLY B 697 -60.51 -26.49 -2.49
N ALA B 698 -61.15 -27.65 -2.48
CA ALA B 698 -62.55 -27.73 -2.86
C ALA B 698 -63.43 -27.15 -1.76
N GLU B 699 -64.44 -26.43 -2.17
CA GLU B 699 -65.34 -25.82 -1.18
C GLU B 699 -66.21 -26.91 -0.55
N ASN B 700 -66.51 -26.78 0.73
CA ASN B 700 -67.46 -27.69 1.39
C ASN B 700 -68.31 -26.69 2.13
N SER B 701 -69.57 -26.98 2.30
CA SER B 701 -70.47 -26.06 3.00
C SER B 701 -71.19 -26.99 3.96
N VAL B 702 -70.65 -27.23 5.16
CA VAL B 702 -71.30 -28.26 6.03
C VAL B 702 -72.71 -27.82 6.32
N ALA B 703 -73.62 -28.77 6.43
CA ALA B 703 -75.03 -28.43 6.59
C ALA B 703 -75.35 -28.05 8.02
N TYR B 704 -74.89 -26.93 8.52
CA TYR B 704 -75.28 -26.58 9.89
C TYR B 704 -76.76 -26.45 9.98
N SER B 705 -77.33 -27.02 11.02
CA SER B 705 -78.75 -26.84 11.32
C SER B 705 -78.67 -26.97 12.83
N ASN B 706 -79.56 -26.40 13.59
CA ASN B 706 -79.52 -26.39 15.04
C ASN B 706 -80.27 -27.55 15.68
N ASN B 707 -80.66 -28.55 14.89
CA ASN B 707 -81.14 -29.81 15.45
C ASN B 707 -80.66 -31.00 14.63
N SER B 708 -79.50 -30.89 13.98
CA SER B 708 -79.01 -31.96 13.12
C SER B 708 -77.56 -32.25 13.46
N ILE B 709 -77.23 -33.54 13.49
CA ILE B 709 -75.87 -34.00 13.79
C ILE B 709 -75.50 -35.07 12.79
N ALA B 710 -74.20 -35.33 12.66
CA ALA B 710 -73.68 -36.41 11.83
C ALA B 710 -72.79 -37.29 12.69
N ILE B 711 -73.09 -38.59 12.73
CA ILE B 711 -72.34 -39.52 13.57
C ILE B 711 -71.78 -40.64 12.71
N PRO B 712 -70.47 -40.93 12.80
CA PRO B 712 -69.88 -41.96 11.95
C PRO B 712 -70.39 -43.34 12.28
N THR B 713 -70.53 -44.16 11.25
CA THR B 713 -70.99 -45.53 11.40
C THR B 713 -69.90 -46.55 11.11
N ASN B 714 -68.71 -46.11 10.70
CA ASN B 714 -67.60 -47.02 10.46
C ASN B 714 -66.31 -46.26 10.69
N PHE B 715 -65.18 -46.94 10.49
CA PHE B 715 -63.88 -46.32 10.69
C PHE B 715 -62.86 -46.94 9.75
N THR B 716 -61.72 -46.26 9.66
CA THR B 716 -60.53 -46.78 9.01
C THR B 716 -59.38 -46.61 9.97
N ILE B 717 -58.32 -47.40 9.78
CA ILE B 717 -57.12 -47.32 10.58
C ILE B 717 -55.98 -46.94 9.66
N SER B 718 -55.40 -45.76 9.90
CA SER B 718 -54.42 -45.19 8.99
C SER B 718 -53.06 -45.17 9.67
N VAL B 719 -52.04 -45.64 8.95
CA VAL B 719 -50.66 -45.56 9.38
C VAL B 719 -49.99 -44.47 8.57
N THR B 720 -49.45 -43.48 9.27
CA THR B 720 -48.83 -42.31 8.65
C THR B 720 -47.35 -42.34 8.96
N THR B 721 -46.52 -41.87 8.02
CA THR B 721 -45.08 -41.89 8.19
C THR B 721 -44.57 -40.47 8.42
N GLU B 722 -43.78 -40.29 9.49
CA GLU B 722 -43.21 -39.00 9.81
C GLU B 722 -41.69 -39.13 9.97
N ILE B 723 -40.95 -38.31 9.26
CA ILE B 723 -39.49 -38.37 9.21
C ILE B 723 -38.94 -37.22 10.02
N LEU B 724 -38.00 -37.51 10.92
CA LEU B 724 -37.39 -36.45 11.72
C LEU B 724 -35.88 -36.63 11.79
N PRO B 725 -35.10 -35.66 11.31
CA PRO B 725 -33.65 -35.73 11.50
C PRO B 725 -33.27 -35.62 12.98
N VAL B 726 -32.20 -36.32 13.33
CA VAL B 726 -31.75 -36.37 14.73
C VAL B 726 -30.32 -35.93 14.92
N SER B 727 -29.43 -36.07 13.95
CA SER B 727 -28.03 -35.72 14.17
C SER B 727 -27.39 -35.34 12.84
N MET B 728 -26.23 -34.71 12.94
CA MET B 728 -25.41 -34.30 11.80
C MET B 728 -24.21 -35.22 11.70
N THR B 729 -23.31 -34.89 10.77
CA THR B 729 -22.02 -35.53 10.72
C THR B 729 -21.05 -34.80 11.64
N LYS B 730 -20.26 -35.56 12.40
CA LYS B 730 -19.28 -34.99 13.32
C LYS B 730 -18.02 -34.63 12.53
N THR B 731 -17.89 -33.35 12.22
CA THR B 731 -16.76 -32.90 11.43
C THR B 731 -15.64 -32.40 12.33
N SER B 732 -14.43 -32.35 11.78
CA SER B 732 -13.27 -31.79 12.44
C SER B 732 -12.36 -31.17 11.39
N VAL B 733 -11.61 -30.15 11.82
CA VAL B 733 -10.64 -29.46 10.92
C VAL B 733 -9.29 -29.25 11.61
N ASP B 734 -8.19 -29.64 10.97
CA ASP B 734 -6.82 -29.31 11.45
C ASP B 734 -6.59 -27.94 10.87
N CYS B 735 -6.57 -26.94 11.72
CA CYS B 735 -6.58 -25.56 11.23
C CYS B 735 -5.36 -25.34 10.37
N THR B 736 -4.17 -25.63 10.89
CA THR B 736 -2.91 -25.47 10.15
C THR B 736 -3.04 -26.05 8.76
N MET B 737 -3.24 -27.34 8.61
CA MET B 737 -3.18 -27.89 7.24
C MET B 737 -4.15 -27.16 6.30
N TYR B 738 -5.33 -26.73 6.72
CA TYR B 738 -6.20 -25.97 5.81
C TYR B 738 -5.57 -24.62 5.47
N ILE B 739 -5.06 -23.89 6.44
CA ILE B 739 -4.60 -22.50 6.20
C ILE B 739 -3.21 -22.56 5.60
N CYS B 740 -2.36 -23.48 6.04
CA CYS B 740 -0.96 -23.61 5.56
C CYS B 740 -0.81 -24.77 4.60
N GLY B 741 -0.80 -25.99 5.13
CA GLY B 741 -0.71 -27.18 4.29
C GLY B 741 0.66 -27.79 4.47
N ASP B 742 1.48 -27.79 3.41
CA ASP B 742 2.86 -28.21 3.56
C ASP B 742 3.80 -27.04 3.87
N SER B 743 3.27 -25.84 4.06
CA SER B 743 4.11 -24.66 4.26
C SER B 743 4.52 -24.54 5.72
N THR B 744 5.83 -24.55 5.96
CA THR B 744 6.33 -24.37 7.33
C THR B 744 6.26 -22.90 7.76
N GLU B 745 6.56 -21.98 6.83
CA GLU B 745 6.51 -20.56 7.16
C GLU B 745 5.10 -20.13 7.52
N CYS B 746 4.09 -20.68 6.83
CA CYS B 746 2.72 -20.38 7.17
C CYS B 746 2.40 -20.82 8.59
N SER B 747 2.86 -22.00 8.98
CA SER B 747 2.66 -22.48 10.34
C SER B 747 3.35 -21.57 11.35
N ASN B 748 4.58 -21.13 11.02
CA ASN B 748 5.28 -20.21 11.92
C ASN B 748 4.52 -18.91 12.10
N LEU B 749 3.96 -18.37 11.01
CA LEU B 749 3.22 -17.12 11.09
C LEU B 749 1.89 -17.29 11.82
N LEU B 750 1.23 -18.44 11.65
CA LEU B 750 -0.11 -18.64 12.19
C LEU B 750 -0.15 -18.56 13.72
N LEU B 751 0.96 -18.85 14.39
CA LEU B 751 0.95 -18.87 15.85
C LEU B 751 0.73 -17.48 16.44
N GLN B 752 0.86 -16.43 15.62
CA GLN B 752 0.65 -15.07 16.12
C GLN B 752 -0.79 -14.80 16.50
N TYR B 753 -1.76 -15.44 15.83
CA TYR B 753 -3.16 -15.15 16.06
C TYR B 753 -3.68 -15.72 17.37
N GLY B 754 -3.19 -16.88 17.81
CA GLY B 754 -3.50 -17.38 19.12
C GLY B 754 -4.77 -18.19 19.25
N SER B 755 -5.78 -17.64 19.94
CA SER B 755 -6.95 -18.37 20.37
C SER B 755 -8.02 -18.49 19.28
N PHE B 756 -7.66 -18.27 18.02
CA PHE B 756 -8.61 -18.48 16.94
C PHE B 756 -8.87 -19.98 16.73
N CYS B 757 -7.80 -20.72 16.44
CA CYS B 757 -7.95 -22.15 16.20
C CYS B 757 -8.45 -22.87 17.43
N THR B 758 -8.09 -22.40 18.62
CA THR B 758 -8.60 -23.00 19.85
C THR B 758 -10.12 -22.88 19.93
N GLN B 759 -10.66 -21.69 19.65
CA GLN B 759 -12.11 -21.53 19.77
C GLN B 759 -12.84 -22.26 18.65
N LEU B 760 -12.26 -22.31 17.46
CA LEU B 760 -12.89 -23.09 16.39
C LEU B 760 -12.92 -24.58 16.73
N LYS B 761 -11.81 -25.11 17.27
CA LYS B 761 -11.79 -26.51 17.67
C LYS B 761 -12.77 -26.78 18.80
N ARG B 762 -12.87 -25.88 19.77
CA ARG B 762 -13.83 -26.07 20.86
C ARG B 762 -15.26 -26.05 20.33
N ALA B 763 -15.55 -25.15 19.38
CA ALA B 763 -16.90 -25.09 18.82
C ALA B 763 -17.24 -26.38 18.09
N LEU B 764 -16.32 -26.90 17.27
CA LEU B 764 -16.61 -28.12 16.54
C LEU B 764 -16.73 -29.32 17.46
N THR B 765 -15.90 -29.37 18.51
CA THR B 765 -16.01 -30.46 19.47
C THR B 765 -17.34 -30.41 20.21
N GLY B 766 -17.79 -29.21 20.57
CA GLY B 766 -19.10 -29.07 21.18
C GLY B 766 -20.20 -29.53 20.26
N ILE B 767 -20.09 -29.21 18.97
CA ILE B 767 -21.10 -29.67 18.01
C ILE B 767 -21.14 -31.18 17.95
N ALA B 768 -19.97 -31.83 17.90
CA ALA B 768 -19.93 -33.29 17.81
C ALA B 768 -20.52 -33.94 19.05
N VAL B 769 -20.12 -33.46 20.23
CA VAL B 769 -20.66 -34.00 21.47
C VAL B 769 -22.17 -33.79 21.52
N GLU B 770 -22.65 -32.65 21.01
CA GLU B 770 -24.08 -32.41 20.96
C GLU B 770 -24.79 -33.40 20.06
N GLN B 771 -24.17 -33.77 18.93
CA GLN B 771 -24.78 -34.77 18.05
C GLN B 771 -24.92 -36.10 18.76
N ASP B 772 -23.88 -36.53 19.45
CA ASP B 772 -23.96 -37.78 20.21
C ASP B 772 -25.04 -37.70 21.28
N LYS B 773 -25.13 -36.55 21.96
CA LYS B 773 -26.17 -36.35 22.97
C LYS B 773 -27.57 -36.42 22.35
N ASN B 774 -27.73 -35.85 21.15
CA ASN B 774 -29.02 -35.90 20.47
C ASN B 774 -29.45 -37.34 20.22
N THR B 775 -28.55 -38.13 19.66
CA THR B 775 -28.88 -39.54 19.41
C THR B 775 -29.18 -40.27 20.71
N GLN B 776 -28.39 -40.00 21.76
CA GLN B 776 -28.59 -40.65 23.05
C GLN B 776 -29.96 -40.32 23.63
N GLU B 777 -30.36 -39.05 23.58
CA GLU B 777 -31.65 -38.65 24.12
C GLU B 777 -32.81 -39.22 23.33
N VAL B 778 -32.70 -39.25 22.00
CA VAL B 778 -33.81 -39.77 21.21
C VAL B 778 -33.99 -41.27 21.41
N PHE B 779 -32.89 -42.03 21.34
CA PHE B 779 -33.04 -43.47 21.21
C PHE B 779 -32.86 -44.25 22.52
N ALA B 780 -32.07 -43.74 23.46
CA ALA B 780 -31.70 -44.51 24.64
C ALA B 780 -32.67 -44.32 25.81
N GLN B 781 -33.94 -44.03 25.51
CA GLN B 781 -34.90 -43.83 26.58
C GLN B 781 -35.18 -45.10 27.37
N VAL B 782 -35.21 -46.25 26.69
CA VAL B 782 -35.58 -47.50 27.34
C VAL B 782 -34.50 -47.91 28.33
N LYS B 783 -34.87 -48.47 29.46
CA LYS B 783 -33.87 -48.99 30.44
C LYS B 783 -33.30 -50.36 30.01
N GLN B 784 -34.07 -51.43 30.15
CA GLN B 784 -33.65 -52.78 29.77
C GLN B 784 -33.73 -52.96 28.27
N ILE B 785 -33.21 -54.05 27.74
CA ILE B 785 -33.26 -54.34 26.29
C ILE B 785 -34.28 -55.45 26.15
N TYR B 786 -35.51 -55.13 25.85
CA TYR B 786 -36.59 -56.10 25.83
C TYR B 786 -36.50 -56.96 24.57
N LYS B 787 -37.09 -58.15 24.66
CA LYS B 787 -37.11 -59.09 23.55
C LYS B 787 -38.55 -59.55 23.31
N THR B 788 -38.81 -59.96 22.07
CA THR B 788 -40.14 -60.41 21.68
C THR B 788 -40.22 -61.93 21.75
N PRO B 789 -41.38 -62.48 22.13
CA PRO B 789 -41.45 -63.92 22.35
C PRO B 789 -41.27 -64.69 21.06
N PRO B 790 -40.81 -65.93 21.13
CA PRO B 790 -40.63 -66.72 19.90
C PRO B 790 -41.92 -66.92 19.11
N ILE B 791 -43.05 -67.09 19.80
CA ILE B 791 -44.34 -67.25 19.13
C ILE B 791 -44.90 -65.87 18.82
N LYS B 792 -44.80 -65.46 17.56
CA LYS B 792 -45.17 -64.10 17.16
C LYS B 792 -46.61 -64.04 16.64
N TYR B 793 -47.54 -64.39 17.53
CA TYR B 793 -48.96 -64.23 17.29
C TYR B 793 -49.50 -63.20 18.27
N PHE B 794 -49.99 -62.07 17.74
CA PHE B 794 -50.43 -60.94 18.54
C PHE B 794 -51.88 -60.60 18.26
N GLY B 795 -52.72 -61.64 18.20
CA GLY B 795 -54.14 -61.42 18.01
C GLY B 795 -54.55 -61.16 16.57
N GLY B 796 -53.69 -61.48 15.61
CA GLY B 796 -53.95 -61.22 14.21
C GLY B 796 -53.20 -60.05 13.64
N PHE B 797 -52.58 -59.23 14.48
CA PHE B 797 -51.79 -58.10 14.00
C PHE B 797 -50.42 -58.60 13.56
N ASN B 798 -49.99 -58.17 12.38
CA ASN B 798 -48.76 -58.67 11.76
C ASN B 798 -47.70 -57.57 11.84
N PHE B 799 -46.66 -57.82 12.64
CA PHE B 799 -45.60 -56.85 12.84
C PHE B 799 -44.30 -57.25 12.14
N SER B 800 -44.38 -58.17 11.17
CA SER B 800 -43.16 -58.67 10.53
C SER B 800 -42.42 -57.56 9.80
N GLN B 801 -43.14 -56.57 9.28
CA GLN B 801 -42.52 -55.48 8.54
C GLN B 801 -41.80 -54.48 9.43
N ILE B 802 -41.98 -54.55 10.74
CA ILE B 802 -41.34 -53.61 11.66
C ILE B 802 -40.46 -54.36 12.65
N LEU B 803 -40.72 -55.66 12.83
CA LEU B 803 -39.89 -56.47 13.69
C LEU B 803 -38.61 -56.89 12.94
N PRO B 804 -37.50 -57.06 13.66
CA PRO B 804 -36.24 -57.38 12.99
C PRO B 804 -36.25 -58.77 12.39
N ASP B 805 -35.51 -58.93 11.29
CA ASP B 805 -35.41 -60.19 10.57
C ASP B 805 -34.06 -60.83 10.86
N PRO B 806 -34.00 -61.97 11.56
CA PRO B 806 -32.71 -62.59 11.88
C PRO B 806 -31.96 -63.11 10.67
N SER B 807 -32.61 -63.28 9.53
CA SER B 807 -32.00 -63.88 8.35
C SER B 807 -31.12 -62.92 7.56
N LYS B 808 -30.71 -61.81 8.16
CA LYS B 808 -29.92 -60.79 7.50
C LYS B 808 -28.72 -60.43 8.35
N PRO B 809 -27.60 -60.06 7.72
CA PRO B 809 -26.40 -59.70 8.50
C PRO B 809 -26.66 -58.56 9.48
N SER B 810 -27.45 -57.58 9.05
CA SER B 810 -27.95 -56.54 9.93
C SER B 810 -29.34 -56.90 10.40
N LYS B 811 -29.50 -57.02 11.72
CA LYS B 811 -30.77 -57.47 12.30
C LYS B 811 -31.78 -56.31 12.33
N ARG B 812 -32.02 -55.74 11.16
CA ARG B 812 -32.95 -54.64 10.99
C ARG B 812 -34.25 -55.15 10.38
N SER B 813 -35.34 -54.40 10.48
CA SER B 813 -36.67 -54.84 10.03
C SER B 813 -36.79 -54.74 8.53
N PRO B 814 -37.74 -55.38 7.85
CA PRO B 814 -37.94 -55.16 6.44
C PRO B 814 -38.11 -53.72 5.94
N ILE B 815 -38.76 -52.80 6.64
CA ILE B 815 -39.00 -51.39 6.37
C ILE B 815 -37.75 -50.57 6.66
N GLU B 816 -37.05 -50.89 7.75
CA GLU B 816 -35.80 -50.19 8.06
C GLU B 816 -34.74 -50.45 7.00
N ASP B 817 -34.70 -51.67 6.46
CA ASP B 817 -33.78 -51.95 5.37
C ASP B 817 -34.10 -51.10 4.15
N LEU B 818 -35.38 -50.96 3.81
CA LEU B 818 -35.74 -50.08 2.70
C LEU B 818 -35.34 -48.64 3.01
N LEU B 819 -35.51 -48.21 4.26
CA LEU B 819 -35.14 -46.84 4.63
C LEU B 819 -33.65 -46.59 4.44
N PHE B 820 -32.81 -47.55 4.86
CA PHE B 820 -31.37 -47.37 4.70
C PHE B 820 -30.94 -47.50 3.25
N ASN B 821 -31.63 -48.32 2.45
CA ASN B 821 -31.27 -48.42 1.05
C ASN B 821 -31.67 -47.17 0.28
N LYS B 822 -32.82 -46.58 0.59
CA LYS B 822 -33.34 -45.45 -0.15
C LYS B 822 -32.54 -44.17 0.07
N VAL B 823 -31.82 -44.05 1.18
CA VAL B 823 -31.03 -42.85 1.48
C VAL B 823 -29.57 -43.16 1.21
N THR B 824 -29.07 -42.67 0.08
CA THR B 824 -27.65 -42.81 -0.23
C THR B 824 -26.86 -41.76 0.54
N LEU B 825 -25.75 -42.20 1.14
CA LEU B 825 -24.96 -41.34 2.00
C LEU B 825 -23.88 -40.61 1.20
N LYS B 851 -10.16 -38.13 5.03
CA LYS B 851 -8.83 -37.53 5.15
C LYS B 851 -8.53 -36.64 3.95
N PHE B 852 -9.38 -35.63 3.74
CA PHE B 852 -9.23 -34.72 2.60
C PHE B 852 -8.79 -33.36 3.12
N LYS B 853 -7.48 -33.12 3.08
CA LYS B 853 -6.84 -31.84 3.39
C LYS B 853 -7.42 -31.18 4.65
N GLY B 854 -7.38 -31.93 5.75
CA GLY B 854 -7.69 -31.42 7.06
C GLY B 854 -9.12 -31.61 7.50
N LEU B 855 -10.04 -31.89 6.58
CA LEU B 855 -11.46 -32.04 6.90
C LEU B 855 -11.76 -33.51 7.13
N THR B 856 -11.94 -33.89 8.39
CA THR B 856 -12.15 -35.28 8.75
C THR B 856 -13.54 -35.45 9.36
N VAL B 857 -14.04 -36.68 9.30
CA VAL B 857 -15.36 -37.03 9.82
C VAL B 857 -15.20 -38.13 10.85
N LEU B 858 -15.59 -37.84 12.09
CA LEU B 858 -15.58 -38.64 13.30
C LEU B 858 -16.77 -39.59 13.31
N PRO B 859 -16.53 -40.88 13.54
CA PRO B 859 -17.63 -41.83 13.59
C PRO B 859 -18.50 -41.58 14.82
N PRO B 860 -19.81 -41.78 14.71
CA PRO B 860 -20.67 -41.63 15.89
C PRO B 860 -20.38 -42.69 16.94
N LEU B 861 -20.68 -42.35 18.19
CA LEU B 861 -20.45 -43.28 19.28
C LEU B 861 -21.32 -44.53 19.16
N LEU B 862 -22.59 -44.35 18.81
CA LEU B 862 -23.51 -45.46 18.65
C LEU B 862 -23.49 -45.95 17.21
N THR B 863 -23.19 -47.22 17.01
CA THR B 863 -23.23 -47.79 15.68
C THR B 863 -24.67 -47.99 15.22
N ASP B 864 -24.83 -48.28 13.94
CA ASP B 864 -26.17 -48.48 13.39
C ASP B 864 -26.85 -49.70 14.01
N GLU B 865 -26.08 -50.74 14.31
CA GLU B 865 -26.67 -51.93 14.94
C GLU B 865 -27.12 -51.65 16.37
N MET B 866 -26.42 -50.78 17.09
CA MET B 866 -26.85 -50.41 18.45
C MET B 866 -28.15 -49.61 18.43
N ILE B 867 -28.28 -48.66 17.50
CA ILE B 867 -29.53 -47.91 17.36
C ILE B 867 -30.65 -48.83 16.93
N ALA B 868 -30.34 -49.79 16.05
CA ALA B 868 -31.35 -50.77 15.64
C ALA B 868 -31.79 -51.63 16.81
N GLN B 869 -30.85 -51.98 17.69
CA GLN B 869 -31.20 -52.79 18.87
C GLN B 869 -32.03 -51.99 19.86
N TYR B 870 -31.73 -50.70 20.01
CA TYR B 870 -32.58 -49.82 20.82
C TYR B 870 -34.00 -49.78 20.26
N THR B 871 -34.13 -49.60 18.94
CA THR B 871 -35.44 -49.56 18.31
C THR B 871 -36.18 -50.89 18.49
N SER B 872 -35.45 -52.00 18.38
CA SER B 872 -36.08 -53.31 18.59
C SER B 872 -36.57 -53.47 20.03
N ALA B 873 -35.80 -52.97 21.00
CA ALA B 873 -36.23 -53.01 22.38
C ALA B 873 -37.50 -52.18 22.58
N LEU B 874 -37.56 -51.01 21.96
CA LEU B 874 -38.76 -50.18 22.06
C LEU B 874 -39.97 -50.87 21.45
N LEU B 875 -39.79 -51.50 20.28
CA LEU B 875 -40.87 -52.24 19.66
C LEU B 875 -41.34 -53.40 20.53
N ALA B 876 -40.41 -54.17 21.08
CA ALA B 876 -40.78 -55.31 21.90
C ALA B 876 -41.52 -54.87 23.15
N GLY B 877 -41.05 -53.80 23.79
CA GLY B 877 -41.74 -53.27 24.96
C GLY B 877 -43.13 -52.77 24.62
N THR B 878 -43.26 -52.04 23.52
CA THR B 878 -44.57 -51.52 23.13
C THR B 878 -45.55 -52.65 22.84
N ILE B 879 -45.09 -53.68 22.13
CA ILE B 879 -45.99 -54.78 21.77
C ILE B 879 -46.36 -55.62 22.98
N THR B 880 -45.39 -55.96 23.84
CA THR B 880 -45.65 -56.92 24.90
C THR B 880 -46.05 -56.29 26.23
N SER B 881 -46.01 -54.97 26.36
CA SER B 881 -46.33 -54.34 27.64
C SER B 881 -47.28 -53.15 27.51
N GLY B 882 -47.42 -52.57 26.33
CA GLY B 882 -48.26 -51.38 26.21
C GLY B 882 -47.46 -50.13 26.51
N TRP B 883 -48.06 -49.22 27.25
CA TRP B 883 -47.37 -48.03 27.71
C TRP B 883 -46.76 -48.18 29.10
N THR B 884 -46.87 -49.39 29.69
CA THR B 884 -46.49 -49.56 31.08
C THR B 884 -44.97 -49.63 31.26
N PHE B 885 -44.23 -49.86 30.18
CA PHE B 885 -42.78 -50.02 30.31
C PHE B 885 -42.05 -48.68 30.35
N GLY B 886 -42.73 -47.57 30.11
CA GLY B 886 -42.12 -46.26 30.19
C GLY B 886 -42.36 -45.51 31.49
N ALA B 887 -43.25 -46.03 32.34
CA ALA B 887 -43.57 -45.38 33.60
C ALA B 887 -43.32 -46.25 34.82
N GLY B 888 -42.49 -47.28 34.70
CA GLY B 888 -42.24 -48.17 35.82
C GLY B 888 -41.85 -49.55 35.35
N PRO B 889 -42.20 -50.55 36.15
CA PRO B 889 -41.98 -51.94 35.74
C PRO B 889 -42.79 -52.26 34.50
N ALA B 890 -42.20 -53.05 33.61
CA ALA B 890 -42.85 -53.41 32.35
C ALA B 890 -43.85 -54.53 32.61
N LEU B 891 -45.11 -54.14 32.78
CA LEU B 891 -46.17 -55.10 33.00
C LEU B 891 -46.72 -55.56 31.66
N GLN B 892 -46.97 -56.86 31.54
CA GLN B 892 -47.30 -57.45 30.24
C GLN B 892 -48.79 -57.72 30.11
N ILE B 893 -49.44 -57.44 28.97
CA ILE B 893 -50.91 -57.51 28.71
C ILE B 893 -51.11 -58.11 27.33
N PRO B 894 -52.18 -58.87 27.02
CA PRO B 894 -52.40 -59.32 25.66
C PRO B 894 -52.61 -58.20 24.64
N PHE B 895 -52.09 -58.21 23.41
CA PHE B 895 -52.17 -57.10 22.40
C PHE B 895 -53.58 -56.77 22.01
N PRO B 896 -54.52 -57.70 21.77
CA PRO B 896 -55.88 -57.30 21.57
C PRO B 896 -56.46 -56.52 22.76
N MET B 897 -55.86 -56.47 23.97
CA MET B 897 -56.27 -55.71 25.19
C MET B 897 -55.57 -54.36 25.30
N GLN B 898 -54.39 -54.15 24.80
CA GLN B 898 -53.82 -52.82 24.58
C GLN B 898 -54.68 -52.02 23.61
N MET B 899 -55.13 -52.67 22.53
CA MET B 899 -55.97 -51.98 21.57
C MET B 899 -57.30 -51.58 22.19
N ALA B 900 -57.86 -52.42 23.05
CA ALA B 900 -59.08 -52.05 23.75
C ALA B 900 -58.86 -50.84 24.65
N TYR B 901 -57.74 -50.82 25.39
CA TYR B 901 -57.41 -49.68 26.23
C TYR B 901 -57.27 -48.41 25.40
N ARG B 902 -56.63 -48.51 24.24
CA ARG B 902 -56.42 -47.33 23.40
C ARG B 902 -57.72 -46.85 22.75
N PHE B 903 -58.63 -47.76 22.38
CA PHE B 903 -59.95 -47.33 21.96
C PHE B 903 -60.68 -46.60 23.07
N ASN B 904 -60.59 -47.12 24.31
CA ASN B 904 -61.10 -46.35 25.45
C ASN B 904 -60.44 -44.98 25.52
N GLY B 905 -59.16 -44.90 25.19
CA GLY B 905 -58.46 -43.64 25.25
C GLY B 905 -58.97 -42.62 24.26
N ILE B 906 -59.38 -43.06 23.07
CA ILE B 906 -59.88 -42.12 22.05
C ILE B 906 -61.38 -41.88 22.20
N GLY B 907 -62.01 -42.42 23.22
CA GLY B 907 -63.42 -42.19 23.45
C GLY B 907 -64.36 -43.20 22.84
N VAL B 908 -63.88 -44.37 22.44
CA VAL B 908 -64.69 -45.43 21.87
C VAL B 908 -64.70 -46.61 22.83
N THR B 909 -65.87 -47.21 23.02
CA THR B 909 -66.01 -48.27 24.01
C THR B 909 -65.15 -49.48 23.65
N GLN B 910 -65.03 -50.40 24.61
CA GLN B 910 -64.20 -51.57 24.41
C GLN B 910 -64.73 -52.49 23.32
N ASN B 911 -66.03 -52.77 23.35
CA ASN B 911 -66.60 -53.80 22.47
C ASN B 911 -66.42 -53.47 21.00
N VAL B 912 -66.33 -52.19 20.65
CA VAL B 912 -66.13 -51.81 19.25
C VAL B 912 -64.86 -52.44 18.70
N LEU B 913 -63.89 -52.75 19.56
CA LEU B 913 -62.75 -53.55 19.14
C LEU B 913 -63.13 -55.02 19.05
N TYR B 914 -63.64 -55.59 20.14
CA TYR B 914 -63.82 -57.04 20.20
C TYR B 914 -64.84 -57.53 19.19
N GLU B 915 -65.82 -56.69 18.86
CA GLU B 915 -66.80 -57.08 17.86
C GLU B 915 -66.30 -56.91 16.43
N ASN B 916 -65.19 -56.19 16.24
CA ASN B 916 -64.66 -55.96 14.90
C ASN B 916 -63.19 -56.37 14.80
N GLN B 917 -62.69 -57.12 15.79
CA GLN B 917 -61.26 -57.32 15.95
C GLN B 917 -60.60 -57.76 14.65
N LYS B 918 -61.09 -58.86 14.07
CA LYS B 918 -60.50 -59.38 12.84
C LYS B 918 -60.44 -58.29 11.77
N LEU B 919 -61.59 -57.65 11.50
CA LEU B 919 -61.59 -56.56 10.53
C LEU B 919 -60.52 -55.54 10.86
N ILE B 920 -60.51 -55.06 12.11
CA ILE B 920 -59.53 -54.07 12.51
C ILE B 920 -58.13 -54.57 12.23
N ALA B 921 -57.85 -55.82 12.64
CA ALA B 921 -56.52 -56.38 12.40
C ALA B 921 -56.16 -56.27 10.93
N ASN B 922 -57.05 -56.73 10.05
CA ASN B 922 -56.73 -56.71 8.63
C ASN B 922 -56.42 -55.30 8.17
N GLN B 923 -57.24 -54.33 8.59
CA GLN B 923 -56.98 -52.96 8.21
C GLN B 923 -55.55 -52.57 8.56
N PHE B 924 -55.16 -52.79 9.82
CA PHE B 924 -53.81 -52.46 10.23
C PHE B 924 -52.80 -53.11 9.31
N ASN B 925 -52.94 -54.43 9.09
CA ASN B 925 -51.98 -55.12 8.26
C ASN B 925 -51.87 -54.45 6.89
N SER B 926 -53.02 -54.20 6.26
CA SER B 926 -52.99 -53.62 4.92
C SER B 926 -52.25 -52.29 4.95
N ALA B 927 -52.56 -51.46 5.95
CA ALA B 927 -51.90 -50.17 6.03
C ALA B 927 -50.40 -50.33 6.07
N ILE B 928 -49.90 -51.24 6.92
CA ILE B 928 -48.46 -51.44 7.01
C ILE B 928 -47.90 -51.80 5.64
N GLY B 929 -48.56 -52.73 4.94
CA GLY B 929 -48.10 -53.05 3.60
C GLY B 929 -48.01 -51.82 2.72
N LYS B 930 -49.10 -51.05 2.64
CA LYS B 930 -49.09 -49.88 1.78
C LYS B 930 -47.96 -48.94 2.15
N ILE B 931 -47.64 -48.87 3.44
CA ILE B 931 -46.61 -47.94 3.89
C ILE B 931 -45.33 -48.19 3.12
N GLN B 932 -44.91 -49.45 3.03
CA GLN B 932 -43.65 -49.72 2.36
C GLN B 932 -43.71 -49.31 0.91
N ASP B 933 -44.82 -49.60 0.23
CA ASP B 933 -44.96 -49.21 -1.16
C ASP B 933 -44.81 -47.70 -1.29
N SER B 934 -45.42 -46.95 -0.36
CA SER B 934 -45.29 -45.50 -0.39
C SER B 934 -43.83 -45.09 -0.28
N LEU B 935 -43.08 -45.70 0.64
CA LEU B 935 -41.68 -45.37 0.78
C LEU B 935 -40.91 -45.73 -0.48
N SER B 936 -41.35 -46.77 -1.18
CA SER B 936 -40.71 -47.15 -2.43
C SER B 936 -41.17 -46.26 -3.58
N SER B 937 -42.37 -45.67 -3.46
CA SER B 937 -42.93 -44.93 -4.59
C SER B 937 -42.29 -43.56 -4.74
N THR B 938 -42.44 -42.71 -3.72
CA THR B 938 -41.90 -41.35 -3.76
C THR B 938 -40.44 -41.41 -3.34
N PRO B 939 -39.55 -41.17 -4.29
CA PRO B 939 -38.11 -41.15 -3.97
C PRO B 939 -37.76 -40.05 -2.99
N SER B 940 -38.34 -38.86 -3.17
CA SER B 940 -38.06 -37.74 -2.29
C SER B 940 -38.89 -37.74 -1.01
N ALA B 941 -39.52 -38.87 -0.67
CA ALA B 941 -40.30 -38.93 0.57
C ALA B 941 -39.41 -38.68 1.79
N LEU B 942 -38.22 -39.27 1.81
CA LEU B 942 -37.24 -39.00 2.86
C LEU B 942 -36.34 -37.82 2.53
N GLY B 943 -36.79 -36.93 1.63
CA GLY B 943 -35.98 -35.77 1.29
C GLY B 943 -35.63 -34.92 2.50
N LYS B 944 -36.59 -34.75 3.41
CA LYS B 944 -36.34 -33.97 4.61
C LYS B 944 -35.16 -34.53 5.41
N LEU B 945 -34.89 -35.82 5.26
CA LEU B 945 -33.77 -36.47 5.91
C LEU B 945 -32.52 -36.48 5.06
N GLN B 946 -32.66 -36.45 3.73
CA GLN B 946 -31.50 -36.30 2.85
C GLN B 946 -30.96 -34.89 2.84
N ASP B 947 -31.84 -33.89 2.97
CA ASP B 947 -31.43 -32.49 2.83
C ASP B 947 -30.23 -32.17 3.71
N VAL B 948 -30.31 -32.52 5.00
CA VAL B 948 -29.20 -32.21 5.90
C VAL B 948 -27.90 -32.77 5.37
N VAL B 949 -27.90 -34.05 4.96
CA VAL B 949 -26.73 -34.63 4.33
C VAL B 949 -26.23 -33.73 3.22
N ASN B 950 -27.11 -33.46 2.23
CA ASN B 950 -26.75 -32.58 1.13
C ASN B 950 -26.20 -31.27 1.67
N HIS B 951 -26.94 -30.65 2.60
CA HIS B 951 -26.51 -29.36 3.14
C HIS B 951 -25.10 -29.45 3.68
N ASN B 952 -24.83 -30.46 4.52
CA ASN B 952 -23.49 -30.60 5.08
C ASN B 952 -22.46 -30.67 3.97
N ALA B 953 -22.68 -31.58 3.00
CA ALA B 953 -21.73 -31.70 1.90
C ALA B 953 -21.53 -30.35 1.23
N GLN B 954 -22.62 -29.64 0.94
CA GLN B 954 -22.49 -28.34 0.29
C GLN B 954 -21.54 -27.46 1.07
N ALA B 955 -21.78 -27.31 2.38
CA ALA B 955 -20.92 -26.47 3.19
C ALA B 955 -19.47 -26.91 3.04
N LEU B 956 -19.21 -28.21 3.23
CA LEU B 956 -17.84 -28.69 3.16
C LEU B 956 -17.27 -28.43 1.77
N ASN B 957 -18.08 -28.65 0.73
CA ASN B 957 -17.62 -28.38 -0.62
C ASN B 957 -17.18 -26.93 -0.75
N THR B 958 -18.01 -26.00 -0.25
CA THR B 958 -17.65 -24.60 -0.35
C THR B 958 -16.31 -24.34 0.31
N LEU B 959 -16.07 -24.97 1.46
CA LEU B 959 -14.79 -24.77 2.15
C LEU B 959 -13.63 -25.15 1.25
N VAL B 960 -13.72 -26.30 0.58
CA VAL B 960 -12.66 -26.71 -0.33
C VAL B 960 -12.52 -25.69 -1.45
N LYS B 961 -13.65 -25.21 -1.99
CA LYS B 961 -13.58 -24.19 -3.04
C LYS B 961 -12.90 -22.94 -2.52
N GLN B 962 -13.14 -22.59 -1.26
CA GLN B 962 -12.53 -21.37 -0.71
C GLN B 962 -11.02 -21.51 -0.60
N LEU B 963 -10.49 -22.72 -0.75
CA LEU B 963 -9.04 -22.89 -0.69
C LEU B 963 -8.39 -22.54 -2.02
N SER B 964 -9.19 -22.31 -3.06
CA SER B 964 -8.64 -21.93 -4.36
C SER B 964 -8.70 -20.44 -4.63
N SER B 965 -9.49 -19.70 -3.85
CA SER B 965 -9.62 -18.26 -4.08
C SER B 965 -8.33 -17.55 -3.71
N LYS B 966 -8.00 -16.51 -4.47
CA LYS B 966 -6.79 -15.74 -4.26
C LYS B 966 -6.89 -14.78 -3.08
N PHE B 967 -8.10 -14.31 -2.75
CA PHE B 967 -8.32 -13.28 -1.74
C PHE B 967 -7.54 -12.01 -2.05
N GLY B 968 -7.41 -11.67 -3.33
CA GLY B 968 -6.69 -10.49 -3.75
C GLY B 968 -5.19 -10.64 -3.88
N ALA B 969 -4.64 -11.81 -3.57
CA ALA B 969 -3.22 -12.04 -3.70
C ALA B 969 -2.87 -12.40 -5.14
N ILE B 970 -1.56 -12.49 -5.41
CA ILE B 970 -1.08 -12.85 -6.73
C ILE B 970 -1.50 -14.27 -7.14
N SER B 971 -1.54 -15.19 -6.19
CA SER B 971 -1.96 -16.56 -6.46
C SER B 971 -2.44 -17.19 -5.17
N SER B 972 -3.14 -18.31 -5.30
CA SER B 972 -3.65 -19.06 -4.17
C SER B 972 -2.72 -20.19 -3.75
N VAL B 973 -1.55 -20.30 -4.37
CA VAL B 973 -0.58 -21.34 -4.04
C VAL B 973 0.54 -20.71 -3.22
N LEU B 974 0.80 -21.29 -2.04
CA LEU B 974 1.81 -20.73 -1.15
C LEU B 974 3.21 -20.90 -1.71
N ASN B 975 3.44 -21.98 -2.46
CA ASN B 975 4.78 -22.29 -2.95
C ASN B 975 5.29 -21.21 -3.89
N ASP B 976 4.46 -20.79 -4.85
CA ASP B 976 4.88 -19.75 -5.80
C ASP B 976 5.14 -18.43 -5.08
N ILE B 977 4.27 -18.07 -4.13
CA ILE B 977 4.43 -16.82 -3.40
C ILE B 977 5.76 -16.83 -2.63
N PHE B 978 6.07 -17.95 -1.97
CA PHE B 978 7.31 -18.03 -1.22
C PHE B 978 8.53 -18.11 -2.12
N SER B 979 8.41 -18.67 -3.32
CA SER B 979 9.56 -18.86 -4.19
C SER B 979 9.91 -17.59 -4.96
N ARG B 980 8.92 -16.97 -5.58
CA ARG B 980 9.18 -15.90 -6.54
C ARG B 980 9.23 -14.51 -5.92
N LEU B 981 9.09 -14.39 -4.59
CA LEU B 981 8.99 -13.09 -3.96
C LEU B 981 9.98 -12.96 -2.81
N ASP B 982 10.31 -11.72 -2.48
CA ASP B 982 11.16 -11.40 -1.35
C ASP B 982 10.33 -11.42 -0.06
N PRO B 983 10.98 -11.65 1.08
CA PRO B 983 10.24 -11.75 2.35
C PRO B 983 9.39 -10.52 2.65
N PRO B 984 9.86 -9.28 2.37
CA PRO B 984 9.03 -8.11 2.74
C PRO B 984 7.63 -8.12 2.15
N GLU B 985 7.46 -8.54 0.89
CA GLU B 985 6.14 -8.64 0.31
C GLU B 985 5.54 -10.04 0.44
N ALA B 986 6.39 -11.07 0.48
CA ALA B 986 5.87 -12.45 0.55
C ALA B 986 5.10 -12.57 1.86
N GLU B 987 5.74 -12.22 2.98
CA GLU B 987 5.04 -12.44 4.26
C GLU B 987 3.76 -11.59 4.26
N VAL B 988 3.83 -10.36 3.77
CA VAL B 988 2.60 -9.53 3.67
C VAL B 988 1.60 -10.16 2.68
N GLN B 989 2.06 -10.72 1.56
CA GLN B 989 1.09 -11.40 0.64
C GLN B 989 0.43 -12.59 1.35
N ILE B 990 1.17 -13.37 2.12
CA ILE B 990 0.62 -14.55 2.85
C ILE B 990 -0.38 -14.02 3.85
N ASP B 991 -0.13 -12.87 4.46
CA ASP B 991 -1.06 -12.44 5.54
C ASP B 991 -2.45 -12.34 4.95
N ARG B 992 -2.58 -11.88 3.71
CA ARG B 992 -3.91 -11.88 3.08
C ARG B 992 -4.43 -13.30 2.87
N LEU B 993 -3.58 -14.28 2.55
CA LEU B 993 -4.08 -15.68 2.44
C LEU B 993 -4.40 -16.28 3.80
N ILE B 994 -3.79 -15.86 4.91
CA ILE B 994 -4.18 -16.41 6.20
C ILE B 994 -5.44 -15.74 6.71
N THR B 995 -5.55 -14.42 6.56
CA THR B 995 -6.76 -13.73 6.99
C THR B 995 -7.98 -14.23 6.21
N GLY B 996 -7.83 -14.39 4.89
CA GLY B 996 -8.94 -14.90 4.10
C GLY B 996 -9.38 -16.29 4.52
N ARG B 997 -8.40 -17.18 4.73
CA ARG B 997 -8.73 -18.55 5.08
C ARG B 997 -9.31 -18.65 6.48
N LEU B 998 -8.80 -17.84 7.42
CA LEU B 998 -9.40 -17.77 8.75
C LEU B 998 -10.83 -17.28 8.69
N GLN B 999 -11.10 -16.27 7.86
CA GLN B 999 -12.46 -15.77 7.73
C GLN B 999 -13.39 -16.84 7.16
N SER B 1000 -12.93 -17.57 6.15
CA SER B 1000 -13.77 -18.63 5.59
C SER B 1000 -14.03 -19.72 6.61
N LEU B 1001 -13.01 -20.11 7.38
CA LEU B 1001 -13.19 -21.15 8.39
C LEU B 1001 -14.14 -20.70 9.50
N GLN B 1002 -14.02 -19.45 9.93
CA GLN B 1002 -14.93 -18.91 10.94
C GLN B 1002 -16.36 -18.88 10.41
N THR B 1003 -16.53 -18.49 9.15
CA THR B 1003 -17.87 -18.52 8.55
C THR B 1003 -18.44 -19.93 8.53
N TYR B 1004 -17.61 -20.90 8.18
CA TYR B 1004 -18.06 -22.30 8.20
C TYR B 1004 -18.48 -22.72 9.60
N VAL B 1005 -17.71 -22.34 10.61
CA VAL B 1005 -18.02 -22.76 11.98
C VAL B 1005 -19.32 -22.10 12.45
N THR B 1006 -19.53 -20.83 12.12
CA THR B 1006 -20.78 -20.17 12.51
C THR B 1006 -22.00 -20.79 11.83
N GLN B 1007 -21.88 -21.08 10.53
CA GLN B 1007 -22.99 -21.72 9.84
C GLN B 1007 -23.27 -23.10 10.44
N GLN B 1008 -22.22 -23.82 10.80
CA GLN B 1008 -22.38 -25.11 11.46
C GLN B 1008 -23.07 -24.97 12.81
N LEU B 1009 -22.76 -23.91 13.55
CA LEU B 1009 -23.42 -23.69 14.83
C LEU B 1009 -24.91 -23.46 14.65
N ILE B 1010 -25.29 -22.64 13.66
CA ILE B 1010 -26.71 -22.41 13.39
C ILE B 1010 -27.40 -23.71 12.99
N ARG B 1011 -26.77 -24.47 12.09
CA ARG B 1011 -27.35 -25.74 11.67
C ARG B 1011 -27.48 -26.72 12.82
N ALA B 1012 -26.49 -26.75 13.72
CA ALA B 1012 -26.56 -27.64 14.87
C ALA B 1012 -27.67 -27.23 15.82
N ALA B 1013 -27.92 -25.93 15.96
CA ALA B 1013 -29.08 -25.48 16.74
C ALA B 1013 -30.38 -25.98 16.14
N GLU B 1014 -30.50 -25.88 14.81
CA GLU B 1014 -31.70 -26.40 14.14
C GLU B 1014 -31.85 -27.91 14.35
N ILE B 1015 -30.76 -28.65 14.20
CA ILE B 1015 -30.80 -30.10 14.39
C ILE B 1015 -31.12 -30.45 15.83
N ARG B 1016 -30.63 -29.67 16.79
CA ARG B 1016 -30.95 -29.92 18.19
C ARG B 1016 -32.42 -29.71 18.46
N ALA B 1017 -33.02 -28.67 17.86
CA ALA B 1017 -34.46 -28.49 17.99
C ALA B 1017 -35.21 -29.68 17.40
N SER B 1018 -34.77 -30.16 16.24
CA SER B 1018 -35.43 -31.32 15.63
C SER B 1018 -35.28 -32.57 16.49
N ALA B 1019 -34.12 -32.76 17.11
CA ALA B 1019 -33.90 -33.92 17.96
C ALA B 1019 -34.70 -33.84 19.25
N ASN B 1020 -34.88 -32.64 19.79
CA ASN B 1020 -35.76 -32.47 20.94
C ASN B 1020 -37.19 -32.82 20.58
N LEU B 1021 -37.64 -32.40 19.39
CA LEU B 1021 -38.96 -32.79 18.93
C LEU B 1021 -39.08 -34.30 18.78
N ALA B 1022 -38.04 -34.93 18.23
CA ALA B 1022 -38.07 -36.39 18.06
C ALA B 1022 -38.12 -37.11 19.40
N ALA B 1023 -37.38 -36.63 20.40
CA ALA B 1023 -37.43 -37.23 21.73
C ALA B 1023 -38.81 -37.05 22.36
N THR B 1024 -39.42 -35.88 22.17
CA THR B 1024 -40.77 -35.67 22.68
C THR B 1024 -41.78 -36.60 22.00
N LYS B 1025 -41.63 -36.80 20.69
CA LYS B 1025 -42.51 -37.73 19.97
C LYS B 1025 -42.31 -39.14 20.49
N MET B 1026 -41.07 -39.53 20.77
CA MET B 1026 -40.82 -40.85 21.33
C MET B 1026 -41.45 -40.99 22.71
N SER B 1027 -41.49 -39.90 23.47
CA SER B 1027 -42.05 -39.96 24.81
C SER B 1027 -43.57 -40.10 24.78
N GLU B 1028 -44.26 -39.15 24.14
CA GLU B 1028 -45.73 -39.20 24.13
C GLU B 1028 -46.29 -40.23 23.14
N CYS B 1029 -45.82 -40.21 21.89
CA CYS B 1029 -46.42 -41.05 20.87
C CYS B 1029 -46.11 -42.53 21.10
N VAL B 1030 -44.84 -42.86 21.34
CA VAL B 1030 -44.41 -44.26 21.39
C VAL B 1030 -44.59 -44.86 22.78
N LEU B 1031 -44.17 -44.14 23.82
CA LEU B 1031 -44.26 -44.64 25.18
C LEU B 1031 -45.60 -44.30 25.84
N GLY B 1032 -46.61 -43.95 25.07
CA GLY B 1032 -47.91 -43.65 25.62
C GLY B 1032 -48.90 -43.36 24.52
N GLN B 1033 -50.09 -42.92 24.90
CA GLN B 1033 -51.11 -42.50 23.95
C GLN B 1033 -51.41 -41.03 24.17
N SER B 1034 -51.37 -40.26 23.09
CA SER B 1034 -51.38 -38.80 23.16
C SER B 1034 -52.76 -38.27 22.86
N LYS B 1035 -53.32 -37.51 23.80
CA LYS B 1035 -54.56 -36.77 23.58
C LYS B 1035 -54.31 -35.47 22.84
N ARG B 1036 -53.06 -35.08 22.68
CA ARG B 1036 -52.64 -33.85 22.01
C ARG B 1036 -53.00 -34.02 20.54
N VAL B 1037 -53.67 -33.02 19.97
CA VAL B 1037 -54.59 -33.26 18.84
C VAL B 1037 -53.85 -33.78 17.61
N ASP B 1038 -52.92 -32.99 17.07
CA ASP B 1038 -52.27 -33.36 15.82
C ASP B 1038 -50.81 -33.72 16.02
N PHE B 1039 -50.42 -34.03 17.25
CA PHE B 1039 -49.02 -34.31 17.56
C PHE B 1039 -48.53 -35.61 16.96
N CYS B 1040 -49.34 -36.67 17.04
CA CYS B 1040 -48.94 -38.00 16.62
C CYS B 1040 -49.75 -38.49 15.42
N GLY B 1041 -49.95 -37.61 14.43
CA GLY B 1041 -50.58 -37.99 13.19
C GLY B 1041 -52.01 -37.48 13.10
N LYS B 1042 -52.51 -37.41 11.87
CA LYS B 1042 -53.88 -36.98 11.63
C LYS B 1042 -54.87 -38.07 12.05
N GLY B 1043 -55.92 -37.67 12.75
CA GLY B 1043 -56.86 -38.60 13.32
C GLY B 1043 -56.59 -38.86 14.79
N TYR B 1044 -57.51 -39.58 15.41
CA TYR B 1044 -57.36 -39.89 16.83
C TYR B 1044 -56.26 -40.93 17.04
N HIS B 1045 -55.17 -40.49 17.65
CA HIS B 1045 -53.99 -41.31 17.82
C HIS B 1045 -54.29 -42.59 18.58
N LEU B 1046 -53.85 -43.71 18.01
CA LEU B 1046 -53.89 -45.00 18.69
C LEU B 1046 -52.53 -45.38 19.24
N MET B 1047 -51.50 -45.40 18.40
CA MET B 1047 -50.16 -45.78 18.87
C MET B 1047 -49.15 -45.39 17.81
N SER B 1048 -47.87 -45.66 18.09
CA SER B 1048 -46.81 -45.27 17.18
C SER B 1048 -45.64 -46.25 17.31
N PHE B 1049 -44.87 -46.36 16.24
CA PHE B 1049 -43.75 -47.29 16.16
C PHE B 1049 -42.51 -46.57 15.66
N PRO B 1050 -41.36 -46.71 16.32
CA PRO B 1050 -40.14 -46.08 15.82
C PRO B 1050 -39.39 -46.98 14.85
N GLN B 1051 -38.69 -46.35 13.92
CA GLN B 1051 -37.78 -47.03 13.00
C GLN B 1051 -36.54 -46.17 12.85
N SER B 1052 -35.38 -46.80 12.72
CA SER B 1052 -34.14 -46.07 12.57
C SER B 1052 -33.96 -45.61 11.13
N ALA B 1053 -33.16 -44.56 10.95
CA ALA B 1053 -32.80 -44.07 9.63
C ALA B 1053 -31.43 -43.43 9.75
N PRO B 1054 -30.68 -43.34 8.63
CA PRO B 1054 -29.23 -43.08 8.73
C PRO B 1054 -28.85 -41.91 9.62
N HIS B 1055 -29.61 -40.82 9.62
CA HIS B 1055 -29.41 -39.75 10.60
C HIS B 1055 -30.72 -39.28 11.20
N GLY B 1056 -31.68 -40.18 11.37
CA GLY B 1056 -32.95 -39.74 11.90
C GLY B 1056 -33.82 -40.89 12.34
N VAL B 1057 -35.06 -40.54 12.67
CA VAL B 1057 -36.04 -41.49 13.15
C VAL B 1057 -37.31 -41.36 12.32
N VAL B 1058 -37.96 -42.49 12.06
CA VAL B 1058 -39.20 -42.55 11.32
C VAL B 1058 -40.28 -43.07 12.25
N PHE B 1059 -41.34 -42.30 12.42
CA PHE B 1059 -42.45 -42.68 13.26
C PHE B 1059 -43.61 -43.16 12.39
N LEU B 1060 -44.09 -44.36 12.66
CA LEU B 1060 -45.29 -44.92 12.03
C LEU B 1060 -46.43 -44.70 13.02
N HIS B 1061 -47.30 -43.75 12.70
CA HIS B 1061 -48.39 -43.36 13.57
C HIS B 1061 -49.65 -44.11 13.15
N VAL B 1062 -50.14 -45.00 13.99
CA VAL B 1062 -51.40 -45.69 13.78
C VAL B 1062 -52.50 -44.88 14.44
N THR B 1063 -53.46 -44.41 13.64
CA THR B 1063 -54.52 -43.53 14.09
C THR B 1063 -55.87 -44.05 13.59
N TYR B 1064 -56.92 -43.61 14.29
CA TYR B 1064 -58.30 -43.98 14.03
C TYR B 1064 -58.99 -42.85 13.29
N VAL B 1065 -59.59 -43.15 12.14
CA VAL B 1065 -60.25 -42.14 11.32
C VAL B 1065 -61.72 -42.54 11.17
N PRO B 1066 -62.66 -41.75 11.67
CA PRO B 1066 -64.08 -42.09 11.49
C PRO B 1066 -64.50 -41.94 10.03
N ALA B 1067 -65.50 -42.71 9.65
CA ALA B 1067 -65.93 -42.76 8.26
C ALA B 1067 -67.40 -43.10 8.19
N GLN B 1068 -67.97 -43.09 7.01
CA GLN B 1068 -69.39 -43.47 6.80
C GLN B 1068 -70.36 -42.75 7.70
N GLU B 1069 -70.39 -41.43 7.67
CA GLU B 1069 -71.29 -40.59 8.48
C GLU B 1069 -72.72 -40.71 8.01
N LYS B 1070 -73.66 -40.53 8.91
CA LYS B 1070 -75.10 -40.57 8.62
C LYS B 1070 -75.66 -39.38 9.36
N ASN B 1071 -76.79 -38.83 8.97
CA ASN B 1071 -77.31 -37.61 9.57
C ASN B 1071 -78.45 -37.98 10.45
N PHE B 1072 -78.65 -37.32 11.58
CA PHE B 1072 -79.65 -37.60 12.62
C PHE B 1072 -80.13 -36.29 13.21
N THR B 1073 -81.22 -36.37 13.97
CA THR B 1073 -81.79 -35.23 14.68
C THR B 1073 -81.45 -35.34 16.16
N THR B 1074 -81.07 -34.22 16.76
CA THR B 1074 -80.65 -34.21 18.16
C THR B 1074 -81.55 -33.31 18.99
N ALA B 1075 -81.48 -33.51 20.30
CA ALA B 1075 -82.14 -32.71 21.31
C ALA B 1075 -81.22 -32.61 22.53
N PRO B 1076 -81.03 -31.40 23.07
CA PRO B 1076 -80.11 -31.25 24.21
C PRO B 1076 -80.53 -32.01 25.45
N ALA B 1077 -81.82 -32.27 25.62
CA ALA B 1077 -82.31 -32.96 26.81
C ALA B 1077 -83.63 -33.63 26.46
N ILE B 1078 -84.12 -34.45 27.38
CA ILE B 1078 -85.37 -35.20 27.21
C ILE B 1078 -86.28 -34.89 28.39
N CYS B 1079 -87.43 -34.30 28.11
CA CYS B 1079 -88.40 -33.97 29.16
C CYS B 1079 -89.28 -35.18 29.42
N HIS B 1080 -89.07 -35.84 30.55
CA HIS B 1080 -89.92 -36.95 30.98
C HIS B 1080 -90.34 -36.69 32.42
N ASP B 1081 -91.63 -36.85 32.70
CA ASP B 1081 -92.22 -36.57 34.02
C ASP B 1081 -91.95 -35.14 34.46
N GLY B 1082 -91.84 -34.21 33.51
CA GLY B 1082 -91.52 -32.83 33.82
C GLY B 1082 -90.07 -32.58 34.16
N LYS B 1083 -89.24 -33.62 34.18
CA LYS B 1083 -87.82 -33.50 34.50
C LYS B 1083 -87.00 -33.59 33.22
N ALA B 1084 -85.93 -32.79 33.17
CA ALA B 1084 -85.00 -32.83 32.05
C ALA B 1084 -83.96 -33.91 32.28
N HIS B 1085 -83.70 -34.70 31.24
CA HIS B 1085 -82.69 -35.75 31.28
C HIS B 1085 -81.59 -35.45 30.28
N PHE B 1086 -80.35 -35.57 30.75
CA PHE B 1086 -79.15 -35.36 29.96
C PHE B 1086 -78.39 -36.68 29.90
N PRO B 1087 -77.66 -36.92 28.81
CA PRO B 1087 -76.94 -38.19 28.70
C PRO B 1087 -75.63 -38.17 29.48
N ARG B 1088 -75.41 -39.24 30.25
CA ARG B 1088 -74.17 -39.36 31.01
C ARG B 1088 -72.97 -39.38 30.07
N GLU B 1089 -73.01 -40.24 29.07
CA GLU B 1089 -71.99 -40.28 28.02
C GLU B 1089 -72.67 -40.65 26.72
N GLY B 1090 -72.56 -39.77 25.74
CA GLY B 1090 -73.26 -39.93 24.48
C GLY B 1090 -74.13 -38.72 24.18
N VAL B 1091 -74.87 -38.85 23.07
CA VAL B 1091 -75.80 -37.82 22.61
C VAL B 1091 -77.13 -38.49 22.30
N PHE B 1092 -78.19 -37.68 22.35
CA PHE B 1092 -79.51 -38.10 21.91
C PHE B 1092 -79.61 -37.90 20.40
N VAL B 1093 -80.05 -38.95 19.70
CA VAL B 1093 -80.26 -38.89 18.26
C VAL B 1093 -81.60 -39.52 17.93
N SER B 1094 -82.14 -39.12 16.78
CA SER B 1094 -83.40 -39.67 16.30
C SER B 1094 -83.23 -40.10 14.85
N ASN B 1095 -83.74 -41.29 14.54
CA ASN B 1095 -83.80 -41.78 13.18
C ASN B 1095 -85.16 -41.51 12.55
N GLY B 1096 -86.02 -40.77 13.23
CA GLY B 1096 -87.41 -40.63 12.83
C GLY B 1096 -88.33 -41.38 13.76
N THR B 1097 -88.97 -40.65 14.67
CA THR B 1097 -90.00 -41.11 15.61
C THR B 1097 -89.41 -41.93 16.77
N HIS B 1098 -88.12 -42.27 16.73
CA HIS B 1098 -87.48 -43.02 17.80
C HIS B 1098 -86.21 -42.33 18.24
N TRP B 1099 -85.99 -42.30 19.56
CA TRP B 1099 -84.88 -41.58 20.16
C TRP B 1099 -83.95 -42.56 20.87
N PHE B 1100 -82.64 -42.34 20.71
CA PHE B 1100 -81.63 -43.21 21.30
C PHE B 1100 -80.49 -42.38 21.86
N VAL B 1101 -79.79 -42.94 22.86
CA VAL B 1101 -78.48 -42.45 23.26
C VAL B 1101 -77.42 -43.23 22.49
N THR B 1102 -76.42 -42.52 21.98
CA THR B 1102 -75.32 -43.17 21.30
C THR B 1102 -74.02 -42.55 21.75
N GLN B 1103 -72.94 -43.33 21.67
CA GLN B 1103 -71.62 -42.77 21.88
C GLN B 1103 -71.27 -41.85 20.71
N ARG B 1104 -70.57 -40.77 21.01
CA ARG B 1104 -70.44 -39.65 20.10
C ARG B 1104 -69.47 -39.89 18.94
N ASN B 1105 -68.73 -41.00 18.94
CA ASN B 1105 -67.75 -41.25 17.89
C ASN B 1105 -68.02 -42.51 17.08
N PHE B 1106 -69.09 -43.25 17.36
CA PHE B 1106 -69.38 -44.48 16.64
C PHE B 1106 -70.87 -44.76 16.81
N TYR B 1107 -71.61 -44.80 15.71
CA TYR B 1107 -73.05 -44.94 15.81
C TYR B 1107 -73.41 -46.30 16.39
N GLU B 1108 -73.99 -46.28 17.59
CA GLU B 1108 -74.45 -47.48 18.29
C GLU B 1108 -75.62 -47.09 19.18
N PRO B 1109 -76.84 -47.05 18.63
CA PRO B 1109 -77.98 -46.54 19.39
C PRO B 1109 -78.36 -47.46 20.55
N GLN B 1110 -78.81 -46.85 21.64
CA GLN B 1110 -79.26 -47.57 22.82
C GLN B 1110 -80.60 -47.02 23.28
N ILE B 1111 -81.38 -47.88 23.94
CA ILE B 1111 -82.67 -47.45 24.45
C ILE B 1111 -82.47 -46.49 25.61
N ILE B 1112 -83.29 -45.44 25.65
CA ILE B 1112 -83.17 -44.44 26.71
C ILE B 1112 -83.61 -45.07 28.04
N THR B 1113 -82.70 -45.06 29.01
CA THR B 1113 -83.01 -45.55 30.36
C THR B 1113 -82.44 -44.57 31.37
N THR B 1114 -82.77 -44.82 32.64
CA THR B 1114 -82.21 -44.00 33.71
C THR B 1114 -80.76 -44.34 34.00
N ASP B 1115 -80.24 -45.42 33.40
CA ASP B 1115 -78.84 -45.79 33.62
C ASP B 1115 -77.88 -44.90 32.84
N ASN B 1116 -78.26 -44.49 31.64
CA ASN B 1116 -77.40 -43.66 30.80
C ASN B 1116 -77.80 -42.19 30.81
N THR B 1117 -78.79 -41.80 31.62
CA THR B 1117 -79.22 -40.41 31.71
C THR B 1117 -79.27 -39.97 33.17
N PHE B 1118 -78.97 -38.70 33.41
CA PHE B 1118 -79.17 -38.09 34.71
C PHE B 1118 -80.12 -36.90 34.58
N VAL B 1119 -80.57 -36.39 35.73
CA VAL B 1119 -81.63 -35.39 35.77
C VAL B 1119 -81.09 -34.12 36.41
N SER B 1120 -81.43 -32.97 35.82
CA SER B 1120 -81.01 -31.69 36.37
C SER B 1120 -82.11 -30.66 36.11
N GLY B 1121 -83.01 -30.50 37.06
CA GLY B 1121 -84.06 -29.50 36.96
C GLY B 1121 -85.28 -29.99 36.21
N ASN B 1122 -86.20 -29.07 35.98
CA ASN B 1122 -87.40 -29.35 35.21
C ASN B 1122 -87.19 -28.96 33.74
N CYS B 1123 -88.16 -29.34 32.91
CA CYS B 1123 -88.02 -29.22 31.46
C CYS B 1123 -88.67 -27.94 30.92
N ASP B 1124 -88.62 -26.85 31.69
CA ASP B 1124 -89.17 -25.56 31.26
C ASP B 1124 -88.06 -24.58 30.90
N VAL B 1125 -86.82 -24.87 31.31
CA VAL B 1125 -85.73 -23.92 31.13
C VAL B 1125 -84.87 -24.23 29.91
N VAL B 1126 -84.73 -25.49 29.52
CA VAL B 1126 -83.80 -25.85 28.45
C VAL B 1126 -84.42 -25.50 27.10
N ILE B 1127 -83.62 -24.92 26.21
CA ILE B 1127 -84.11 -24.55 24.89
C ILE B 1127 -83.84 -25.69 23.91
N GLY B 1128 -84.90 -26.24 23.34
CA GLY B 1128 -84.77 -27.34 22.42
C GLY B 1128 -85.04 -28.71 23.01
N ILE B 1129 -85.51 -28.77 24.25
CA ILE B 1129 -85.83 -30.06 24.86
C ILE B 1129 -87.04 -30.66 24.14
N VAL B 1130 -87.09 -32.00 24.08
CA VAL B 1130 -88.16 -32.72 23.42
C VAL B 1130 -88.76 -33.71 24.41
N ASN B 1131 -89.90 -34.27 24.11
CA ASN B 1131 -90.61 -35.15 25.06
C ASN B 1131 -90.51 -36.60 24.59
N ASN B 1132 -89.94 -37.48 25.40
CA ASN B 1132 -89.84 -38.91 25.04
C ASN B 1132 -89.94 -39.69 26.33
N THR B 1133 -89.64 -40.97 26.31
CA THR B 1133 -89.79 -41.80 27.51
C THR B 1133 -88.43 -42.30 27.91
N VAL B 1134 -87.99 -42.07 29.14
CA VAL B 1134 -86.73 -42.62 29.67
C VAL B 1134 -87.17 -43.75 30.57
N TYR B 1135 -87.08 -44.99 30.12
CA TYR B 1135 -87.62 -46.15 30.87
C TYR B 1135 -86.79 -46.42 32.10
N ASP B 1136 -87.39 -46.97 33.13
CA ASP B 1136 -86.62 -47.35 34.33
C ASP B 1136 -86.42 -48.84 34.28
N PRO B 1137 -85.19 -49.37 34.42
CA PRO B 1137 -85.02 -50.80 34.47
C PRO B 1137 -85.76 -51.49 35.63
N LEU B 1138 -85.82 -50.91 36.84
CA LEU B 1138 -86.39 -51.57 38.04
C LEU B 1138 -87.88 -51.89 38.00
N GLN B 1139 -88.74 -50.97 37.55
CA GLN B 1139 -90.22 -51.19 37.62
C GLN B 1139 -90.70 -52.38 36.77
N PRO B 1140 -90.16 -52.70 35.58
CA PRO B 1140 -90.60 -53.88 34.87
C PRO B 1140 -90.43 -55.13 35.74
N GLU B 1141 -89.32 -55.22 36.48
CA GLU B 1141 -89.05 -56.39 37.35
C GLU B 1141 -90.12 -56.49 38.43
N LEU B 1142 -90.75 -55.37 38.79
CA LEU B 1142 -91.73 -55.37 39.90
C LEU B 1142 -92.93 -56.26 39.57
N ASP B 1143 -93.45 -56.18 38.33
CA ASP B 1143 -94.66 -56.97 37.96
C ASP B 1143 -94.26 -58.33 37.40
N ALA C 27 -22.99 43.38 30.08
CA ALA C 27 -23.35 43.38 28.67
C ALA C 27 -23.35 41.96 28.11
N TYR C 28 -24.35 41.17 28.52
CA TYR C 28 -24.48 39.79 28.06
C TYR C 28 -25.96 39.42 28.00
N THR C 29 -26.32 38.63 27.00
CA THR C 29 -27.67 38.04 26.94
C THR C 29 -27.59 36.79 26.09
N ASN C 30 -28.49 35.85 26.34
CA ASN C 30 -28.36 34.52 25.75
C ASN C 30 -29.11 34.44 24.43
N SER C 31 -28.48 33.79 23.45
CA SER C 31 -29.06 33.57 22.13
C SER C 31 -29.87 32.28 22.20
N PHE C 32 -31.18 32.43 22.48
CA PHE C 32 -32.00 31.31 22.92
C PHE C 32 -31.77 30.06 22.06
N THR C 33 -32.16 30.14 20.79
CA THR C 33 -31.91 29.06 19.85
C THR C 33 -31.47 29.58 18.47
N ARG C 34 -31.03 30.83 18.38
CA ARG C 34 -30.66 31.40 17.09
C ARG C 34 -29.29 30.88 16.65
N GLY C 35 -28.99 31.08 15.37
CA GLY C 35 -27.66 30.88 14.86
C GLY C 35 -27.41 29.60 14.10
N VAL C 36 -28.44 28.87 13.69
CA VAL C 36 -28.24 27.68 12.89
C VAL C 36 -28.47 28.05 11.43
N TYR C 37 -27.94 27.25 10.52
CA TYR C 37 -27.97 27.60 9.10
C TYR C 37 -27.99 26.33 8.27
N TYR C 38 -28.31 26.50 6.99
CA TYR C 38 -28.21 25.40 6.04
C TYR C 38 -26.74 25.04 5.83
N PRO C 39 -26.25 23.92 6.34
CA PRO C 39 -24.80 23.69 6.33
C PRO C 39 -24.23 23.37 4.96
N ASP C 40 -24.96 22.64 4.12
CA ASP C 40 -24.36 22.05 2.93
C ASP C 40 -25.08 22.35 1.61
N LYS C 41 -26.34 22.80 1.64
CA LYS C 41 -27.05 23.26 0.45
C LYS C 41 -27.21 22.14 -0.60
N VAL C 42 -27.81 21.04 -0.16
CA VAL C 42 -28.22 19.97 -1.06
C VAL C 42 -29.62 19.50 -0.67
N PHE C 43 -30.61 19.85 -1.49
CA PHE C 43 -32.02 19.69 -1.20
C PHE C 43 -32.35 18.34 -0.56
N ARG C 44 -32.91 18.38 0.65
CA ARG C 44 -33.47 17.22 1.32
C ARG C 44 -34.87 17.57 1.80
N SER C 45 -35.83 16.68 1.53
CA SER C 45 -37.22 16.93 1.88
C SER C 45 -37.65 15.99 2.99
N SER C 46 -38.15 16.56 4.09
CA SER C 46 -38.82 15.81 5.15
C SER C 46 -37.97 14.65 5.67
N VAL C 47 -36.69 14.92 5.91
CA VAL C 47 -35.74 13.92 6.40
C VAL C 47 -34.82 14.57 7.41
N LEU C 48 -34.89 14.13 8.66
CA LEU C 48 -34.02 14.65 9.70
C LEU C 48 -32.57 14.33 9.39
N HIS C 49 -31.75 15.35 9.21
CA HIS C 49 -30.35 15.19 8.87
C HIS C 49 -29.52 15.26 10.14
N SER C 50 -28.23 14.93 10.01
CA SER C 50 -27.31 14.92 11.14
C SER C 50 -25.96 15.43 10.68
N THR C 51 -25.68 16.71 10.94
CA THR C 51 -24.49 17.35 10.42
C THR C 51 -23.61 17.84 11.56
N GLN C 52 -22.29 17.60 11.43
CA GLN C 52 -21.28 18.05 12.36
C GLN C 52 -20.48 19.14 11.69
N ASP C 53 -20.49 20.35 12.26
CA ASP C 53 -19.82 21.49 11.64
C ASP C 53 -19.71 22.59 12.70
N LEU C 54 -19.34 23.79 12.29
CA LEU C 54 -19.13 24.92 13.21
C LEU C 54 -20.47 25.62 13.45
N PHE C 55 -21.10 25.34 14.58
CA PHE C 55 -22.41 25.88 14.92
C PHE C 55 -22.32 26.75 16.16
N LEU C 56 -23.34 27.58 16.37
CA LEU C 56 -23.44 28.36 17.61
C LEU C 56 -24.10 27.51 18.68
N PRO C 57 -23.42 27.21 19.78
CA PRO C 57 -24.02 26.39 20.83
C PRO C 57 -25.30 27.02 21.36
N PHE C 58 -26.39 26.26 21.26
CA PHE C 58 -27.68 26.72 21.76
C PHE C 58 -27.56 27.19 23.21
N PHE C 59 -28.13 28.36 23.48
CA PHE C 59 -28.17 28.96 24.81
C PHE C 59 -26.81 29.41 25.30
N SER C 60 -25.88 29.71 24.40
CA SER C 60 -24.71 30.46 24.80
C SER C 60 -25.13 31.86 25.21
N ASN C 61 -24.23 32.56 25.90
CA ASN C 61 -24.45 33.94 26.27
C ASN C 61 -23.62 34.86 25.37
N VAL C 62 -24.29 35.49 24.41
CA VAL C 62 -23.63 36.35 23.43
C VAL C 62 -23.52 37.75 23.99
N THR C 63 -22.43 38.43 23.65
CA THR C 63 -22.16 39.77 24.13
C THR C 63 -23.18 40.75 23.57
N TRP C 64 -23.47 41.78 24.35
CA TRP C 64 -24.38 42.84 23.95
C TRP C 64 -23.56 44.10 23.75
N PHE C 65 -23.92 44.93 22.77
CA PHE C 65 -23.21 46.17 22.52
C PHE C 65 -24.21 47.32 22.37
N HIS C 66 -23.67 48.52 22.13
CA HIS C 66 -24.49 49.72 22.04
C HIS C 66 -23.81 50.73 21.13
N VAL C 67 -24.52 51.81 20.83
CA VAL C 67 -23.98 52.93 20.07
C VAL C 67 -24.16 54.21 20.88
N ILE C 68 -25.12 54.21 21.80
CA ILE C 68 -25.38 55.37 22.63
C ILE C 68 -24.89 55.13 24.06
N ASP C 78 -19.36 53.12 21.02
CA ASP C 78 -18.13 52.36 21.20
C ASP C 78 -18.24 51.05 20.43
N ASN C 79 -17.31 50.83 19.50
CA ASN C 79 -17.31 49.64 18.64
C ASN C 79 -15.91 49.05 18.60
N PRO C 80 -15.45 48.48 19.71
CA PRO C 80 -14.06 48.00 19.78
C PRO C 80 -13.85 46.77 18.92
N VAL C 81 -12.60 46.56 18.54
CA VAL C 81 -12.25 45.37 17.78
C VAL C 81 -12.53 44.13 18.61
N LEU C 82 -12.78 43.02 17.92
CA LEU C 82 -13.20 41.77 18.57
C LEU C 82 -12.40 40.62 17.99
N PRO C 83 -12.25 39.54 18.74
CA PRO C 83 -11.64 38.33 18.17
C PRO C 83 -12.61 37.58 17.28
N PHE C 84 -12.04 36.77 16.38
CA PHE C 84 -12.78 36.01 15.38
C PHE C 84 -12.27 34.58 15.50
N ASN C 85 -12.88 33.81 16.41
CA ASN C 85 -12.32 32.53 16.79
C ASN C 85 -12.52 31.47 15.69
N ASP C 86 -13.78 31.10 15.45
CA ASP C 86 -14.10 30.05 14.49
C ASP C 86 -15.29 30.47 13.64
N GLY C 87 -15.35 31.75 13.29
CA GLY C 87 -16.53 32.35 12.73
C GLY C 87 -17.30 33.14 13.78
N VAL C 88 -18.29 33.88 13.31
CA VAL C 88 -19.04 34.75 14.21
C VAL C 88 -20.50 34.75 13.78
N TYR C 89 -21.40 34.61 14.74
CA TYR C 89 -22.81 34.90 14.55
C TYR C 89 -23.03 36.35 14.98
N PHE C 90 -23.46 37.18 14.05
CA PHE C 90 -23.58 38.61 14.27
C PHE C 90 -25.04 39.01 14.08
N ALA C 91 -25.55 39.88 14.95
CA ALA C 91 -26.93 40.30 14.76
C ALA C 91 -27.03 41.82 14.72
N SER C 92 -28.25 42.35 14.67
CA SER C 92 -28.49 43.79 14.76
C SER C 92 -29.98 44.01 14.88
N ILE C 93 -30.35 45.02 15.66
CA ILE C 93 -31.74 45.41 15.84
C ILE C 93 -31.81 46.94 15.86
N GLU C 94 -32.57 47.51 14.93
CA GLU C 94 -32.72 48.95 14.83
C GLU C 94 -33.88 49.26 13.90
N LYS C 95 -34.27 50.53 13.86
CA LYS C 95 -35.34 50.94 12.95
C LYS C 95 -34.79 51.46 11.63
N SER C 96 -33.68 52.19 11.66
CA SER C 96 -33.03 52.71 10.46
C SER C 96 -31.60 52.22 10.41
N ASN C 97 -31.14 51.86 9.21
CA ASN C 97 -29.86 51.19 9.04
C ASN C 97 -28.74 52.06 9.59
N ILE C 98 -28.06 51.56 10.63
CA ILE C 98 -26.95 52.26 11.27
C ILE C 98 -25.72 51.38 11.18
N ILE C 99 -25.92 50.07 11.16
CA ILE C 99 -24.82 49.10 11.08
C ILE C 99 -24.61 48.80 9.60
N ARG C 100 -23.55 49.34 9.03
CA ARG C 100 -23.34 49.32 7.59
C ARG C 100 -22.38 48.24 7.11
N GLY C 101 -21.26 48.05 7.76
CA GLY C 101 -20.25 47.16 7.22
C GLY C 101 -19.31 46.66 8.30
N TRP C 102 -18.43 45.77 7.86
CA TRP C 102 -17.45 45.13 8.74
C TRP C 102 -16.06 45.23 8.12
N ILE C 103 -15.05 45.12 8.97
CA ILE C 103 -13.67 44.99 8.54
C ILE C 103 -13.06 43.78 9.25
N PHE C 104 -12.24 43.04 8.52
CA PHE C 104 -11.62 41.86 9.15
C PHE C 104 -10.10 42.05 9.08
N GLY C 105 -9.37 40.99 8.76
CA GLY C 105 -7.90 41.07 8.64
C GLY C 105 -7.21 40.71 9.93
N THR C 106 -5.97 40.23 9.86
CA THR C 106 -5.21 39.83 11.07
C THR C 106 -4.96 41.04 11.98
N THR C 107 -4.63 42.20 11.41
CA THR C 107 -4.30 43.38 12.24
C THR C 107 -5.22 44.54 11.89
N LEU C 108 -6.12 44.34 10.92
CA LEU C 108 -6.97 45.47 10.44
C LEU C 108 -6.07 46.68 10.18
N ASP C 109 -4.92 46.49 9.52
CA ASP C 109 -4.00 47.59 9.23
C ASP C 109 -3.27 47.26 7.93
N SER C 110 -2.43 48.20 7.50
CA SER C 110 -1.68 48.04 6.25
C SER C 110 -0.56 47.02 6.36
N LYS C 111 -0.24 46.54 7.58
CA LYS C 111 0.83 45.57 7.73
C LYS C 111 0.50 44.25 7.03
N THR C 112 -0.74 43.79 7.14
CA THR C 112 -1.13 42.52 6.54
C THR C 112 -2.44 42.69 5.80
N GLN C 113 -2.80 41.67 5.03
CA GLN C 113 -3.99 41.73 4.20
C GLN C 113 -5.25 41.77 5.08
N SER C 114 -6.24 42.53 4.65
CA SER C 114 -7.48 42.66 5.40
C SER C 114 -8.64 42.77 4.43
N LEU C 115 -9.85 42.83 4.99
CA LEU C 115 -11.09 42.76 4.23
C LEU C 115 -12.07 43.83 4.70
N LEU C 116 -12.88 44.32 3.77
CA LEU C 116 -13.94 45.28 4.07
C LEU C 116 -15.20 44.88 3.34
N ILE C 117 -16.31 44.81 4.06
CA ILE C 117 -17.63 44.59 3.50
C ILE C 117 -18.50 45.77 3.86
N VAL C 118 -19.21 46.34 2.90
CA VAL C 118 -20.07 47.47 3.21
C VAL C 118 -21.34 47.40 2.36
N ASN C 119 -22.48 47.50 3.03
CA ASN C 119 -23.77 47.59 2.37
C ASN C 119 -24.10 49.07 2.20
N ASN C 120 -23.76 49.62 1.03
CA ASN C 120 -23.94 51.04 0.78
C ASN C 120 -25.42 51.33 0.54
N ALA C 121 -25.72 52.57 0.15
CA ALA C 121 -27.12 52.98 -0.01
C ALA C 121 -27.84 52.12 -1.05
N THR C 122 -27.12 51.64 -2.05
CA THR C 122 -27.74 50.83 -3.09
C THR C 122 -26.91 49.60 -3.49
N ASN C 123 -25.68 49.45 -2.99
CA ASN C 123 -24.84 48.34 -3.41
C ASN C 123 -24.07 47.81 -2.21
N VAL C 124 -23.74 46.52 -2.27
CA VAL C 124 -22.78 45.89 -1.36
C VAL C 124 -21.45 45.78 -2.08
N VAL C 125 -20.40 46.30 -1.46
CA VAL C 125 -19.05 46.28 -1.97
C VAL C 125 -18.21 45.45 -1.02
N ILE C 126 -17.53 44.45 -1.57
CA ILE C 126 -16.62 43.58 -0.82
C ILE C 126 -15.24 43.72 -1.43
N LYS C 127 -14.25 44.02 -0.59
CA LYS C 127 -12.88 44.22 -1.06
C LYS C 127 -11.96 43.53 -0.07
N VAL C 128 -10.83 43.01 -0.55
CA VAL C 128 -9.80 42.47 0.34
C VAL C 128 -8.48 43.14 -0.06
N CYS C 129 -8.24 44.33 0.48
CA CYS C 129 -6.99 44.99 0.12
C CYS C 129 -6.32 45.84 1.20
N GLU C 130 -6.58 45.61 2.48
CA GLU C 130 -5.66 46.01 3.56
C GLU C 130 -5.40 47.52 3.57
N PHE C 131 -6.45 48.28 3.83
CA PHE C 131 -6.28 49.71 3.99
C PHE C 131 -5.66 50.03 5.35
N GLN C 132 -5.26 51.28 5.52
CA GLN C 132 -4.81 51.78 6.82
C GLN C 132 -6.05 52.22 7.59
N PHE C 133 -6.70 51.26 8.23
CA PHE C 133 -7.95 51.53 8.92
C PHE C 133 -7.73 52.51 10.07
N CYS C 134 -8.64 53.47 10.20
CA CYS C 134 -8.60 54.38 11.34
C CYS C 134 -8.89 53.63 12.62
N ASN C 135 -8.35 54.14 13.73
CA ASN C 135 -8.57 53.48 15.01
C ASN C 135 -10.03 53.52 15.44
N ASP C 136 -10.84 54.37 14.80
CA ASP C 136 -12.28 54.42 15.02
C ASP C 136 -12.94 54.51 13.65
N PRO C 137 -13.01 53.38 12.92
CA PRO C 137 -13.57 53.42 11.57
C PRO C 137 -15.04 53.81 11.59
N PHE C 138 -15.46 54.51 10.54
CA PHE C 138 -16.74 55.19 10.56
C PHE C 138 -17.17 55.42 9.12
N LEU C 139 -18.48 55.52 8.91
CA LEU C 139 -19.05 55.85 7.61
C LEU C 139 -20.14 56.89 7.81
N ASP C 140 -20.14 57.92 6.97
CA ASP C 140 -21.13 58.98 7.08
C ASP C 140 -22.32 58.71 6.15
N PHE C 152 -18.41 58.90 2.77
CA PHE C 152 -17.58 57.70 2.93
C PHE C 152 -16.12 58.08 3.11
N ARG C 153 -15.23 57.13 2.83
CA ARG C 153 -13.78 57.26 2.83
C ARG C 153 -13.22 57.52 4.22
N VAL C 154 -14.04 57.54 5.26
CA VAL C 154 -13.52 57.75 6.60
C VAL C 154 -12.71 56.54 7.07
N TYR C 155 -13.12 55.35 6.63
CA TYR C 155 -12.47 54.12 7.10
C TYR C 155 -11.09 53.94 6.46
N SER C 156 -11.05 53.82 5.14
CA SER C 156 -9.85 53.43 4.42
C SER C 156 -8.95 54.64 4.16
N SER C 157 -7.66 54.37 3.99
CA SER C 157 -6.70 55.41 3.66
C SER C 157 -6.03 55.16 2.31
N ALA C 158 -5.47 53.97 2.11
CA ALA C 158 -4.79 53.62 0.87
C ALA C 158 -4.78 52.10 0.72
N ASN C 159 -4.59 51.62 -0.51
CA ASN C 159 -4.68 50.15 -0.71
C ASN C 159 -4.40 49.71 -2.15
N ASN C 160 -3.74 48.55 -2.32
CA ASN C 160 -3.61 47.97 -3.68
C ASN C 160 -4.56 46.77 -3.64
N CYS C 161 -5.59 46.73 -4.49
CA CYS C 161 -6.62 45.68 -4.30
C CYS C 161 -6.43 44.41 -5.15
N THR C 162 -6.84 43.26 -4.61
CA THR C 162 -6.71 41.97 -5.27
C THR C 162 -8.05 41.38 -5.68
N PHE C 163 -8.98 41.23 -4.74
CA PHE C 163 -10.33 40.77 -5.01
C PHE C 163 -11.30 41.93 -4.85
N GLU C 164 -12.40 41.87 -5.60
CA GLU C 164 -13.42 42.89 -5.53
C GLU C 164 -14.74 42.29 -5.98
N TYR C 165 -15.82 42.70 -5.33
CA TYR C 165 -17.13 42.11 -5.56
C TYR C 165 -18.19 43.16 -5.28
N VAL C 166 -19.25 43.16 -6.06
CA VAL C 166 -20.35 44.10 -5.89
C VAL C 166 -21.66 43.38 -6.18
N SER C 167 -22.68 43.72 -5.39
CA SER C 167 -23.98 43.09 -5.56
C SER C 167 -25.06 43.96 -4.93
N GLN C 168 -26.28 43.42 -4.85
CA GLN C 168 -27.40 44.12 -4.26
C GLN C 168 -27.18 44.29 -2.76
N PRO C 169 -27.86 45.26 -2.14
CA PRO C 169 -27.70 45.47 -0.69
C PRO C 169 -28.08 44.23 0.11
N PHE C 170 -27.35 44.01 1.20
CA PHE C 170 -27.57 42.83 2.03
C PHE C 170 -28.96 42.83 2.64
N LEU C 171 -29.42 43.99 3.11
CA LEU C 171 -30.74 44.11 3.72
C LEU C 171 -31.58 45.14 2.99
N LYS C 182 -36.83 48.18 14.41
CA LYS C 182 -37.97 47.29 14.22
C LYS C 182 -37.67 46.21 13.19
N ASN C 183 -36.38 45.92 12.98
CA ASN C 183 -36.00 44.77 12.16
C ASN C 183 -34.78 44.12 12.81
N LEU C 184 -34.58 42.84 12.53
CA LEU C 184 -33.51 42.07 13.13
C LEU C 184 -32.69 41.40 12.04
N ARG C 185 -31.51 41.93 11.76
CA ARG C 185 -30.62 41.30 10.81
C ARG C 185 -29.95 40.11 11.51
N GLU C 186 -29.10 39.39 10.78
CA GLU C 186 -28.35 38.25 11.30
C GLU C 186 -27.36 37.85 10.23
N PHE C 187 -26.22 37.32 10.68
CA PHE C 187 -25.18 36.88 9.76
C PHE C 187 -24.40 35.78 10.45
N VAL C 188 -23.76 34.95 9.63
CA VAL C 188 -22.76 33.99 10.09
C VAL C 188 -21.58 34.13 9.14
N PHE C 189 -20.43 34.50 9.68
CA PHE C 189 -19.19 34.59 8.90
C PHE C 189 -18.31 33.41 9.29
N LYS C 190 -17.98 32.57 8.31
CA LYS C 190 -17.05 31.47 8.56
C LYS C 190 -16.05 31.38 7.40
N ASN C 191 -14.78 31.25 7.74
CA ASN C 191 -13.69 31.22 6.77
C ASN C 191 -12.96 29.89 6.91
N ILE C 192 -13.14 29.02 5.93
CA ILE C 192 -12.54 27.68 5.95
C ILE C 192 -11.96 27.36 4.57
N ASP C 193 -10.80 26.71 4.57
CA ASP C 193 -10.15 26.25 3.35
C ASP C 193 -9.88 27.39 2.37
N GLY C 194 -9.54 28.56 2.89
CA GLY C 194 -9.32 29.70 2.03
C GLY C 194 -10.56 30.23 1.35
N TYR C 195 -11.74 29.91 1.87
CA TYR C 195 -13.01 30.39 1.34
C TYR C 195 -13.79 31.06 2.46
N PHE C 196 -14.18 32.31 2.23
CA PHE C 196 -15.08 33.01 3.12
C PHE C 196 -16.52 32.62 2.80
N LYS C 197 -17.37 32.63 3.81
CA LYS C 197 -18.77 32.29 3.64
C LYS C 197 -19.61 33.17 4.53
N ILE C 198 -20.59 33.83 3.92
CA ILE C 198 -21.49 34.74 4.63
C ILE C 198 -22.90 34.22 4.49
N TYR C 199 -23.59 34.07 5.62
CA TYR C 199 -25.01 33.73 5.59
C TYR C 199 -25.79 34.93 6.11
N SER C 200 -27.11 34.88 6.04
CA SER C 200 -27.89 36.06 6.41
C SER C 200 -29.37 35.72 6.52
N LYS C 201 -30.06 36.48 7.38
CA LYS C 201 -31.51 36.40 7.47
C LYS C 201 -32.10 37.70 8.02
N HIS C 202 -32.64 38.53 7.13
CA HIS C 202 -33.35 39.73 7.57
C HIS C 202 -34.78 39.37 7.91
N THR C 203 -35.24 39.84 9.07
CA THR C 203 -36.56 39.49 9.58
C THR C 203 -37.24 40.75 10.12
N PRO C 204 -38.58 40.77 10.11
CA PRO C 204 -39.30 41.86 10.79
C PRO C 204 -39.65 41.55 12.23
N ILE C 205 -39.30 42.45 13.14
CA ILE C 205 -39.53 42.25 14.56
C ILE C 205 -40.42 43.35 15.12
N ASP C 212 -32.28 41.28 24.31
CA ASP C 212 -33.42 40.35 24.32
C ASP C 212 -33.65 39.78 22.94
N LEU C 213 -32.86 38.78 22.56
CA LEU C 213 -33.07 38.11 21.29
C LEU C 213 -34.42 37.39 21.31
N PRO C 214 -35.11 37.29 20.18
CA PRO C 214 -36.40 36.60 20.16
C PRO C 214 -36.26 35.13 20.49
N GLN C 215 -37.32 34.58 21.07
CA GLN C 215 -37.32 33.17 21.45
C GLN C 215 -37.55 32.24 20.27
N GLY C 216 -37.90 32.78 19.11
CA GLY C 216 -38.26 31.95 17.97
C GLY C 216 -37.09 31.23 17.33
N PHE C 217 -37.23 30.90 16.05
CA PHE C 217 -36.24 30.09 15.35
C PHE C 217 -36.25 30.44 13.88
N SER C 218 -35.07 30.61 13.29
CA SER C 218 -34.95 30.93 11.87
C SER C 218 -33.61 30.46 11.35
N ALA C 219 -33.61 29.85 10.17
CA ALA C 219 -32.41 29.29 9.57
C ALA C 219 -31.81 30.28 8.60
N LEU C 220 -30.49 30.28 8.49
CA LEU C 220 -29.75 31.32 7.78
C LEU C 220 -29.35 30.78 6.41
N GLU C 221 -30.01 31.26 5.37
CA GLU C 221 -29.73 30.78 4.02
C GLU C 221 -28.39 31.35 3.54
N PRO C 222 -27.61 30.55 2.82
CA PRO C 222 -26.33 31.07 2.30
C PRO C 222 -26.53 32.29 1.41
N LEU C 223 -25.58 33.19 1.46
CA LEU C 223 -25.66 34.42 0.67
C LEU C 223 -24.51 34.55 -0.32
N VAL C 224 -23.27 34.40 0.13
CA VAL C 224 -22.09 34.41 -0.74
C VAL C 224 -21.02 33.49 -0.18
N ASP C 225 -20.12 33.07 -1.08
CA ASP C 225 -18.98 32.19 -0.80
C ASP C 225 -17.79 32.81 -1.54
N LEU C 226 -17.05 33.65 -0.84
CA LEU C 226 -16.02 34.47 -1.47
C LEU C 226 -14.70 33.72 -1.53
N PRO C 227 -14.24 33.27 -2.71
CA PRO C 227 -12.95 32.59 -2.79
C PRO C 227 -11.79 33.56 -2.67
N ILE C 228 -11.18 33.62 -1.50
CA ILE C 228 -10.15 34.61 -1.18
C ILE C 228 -9.13 34.01 -0.23
N GLY C 229 -7.84 34.27 -0.42
CA GLY C 229 -6.87 33.59 0.46
C GLY C 229 -6.23 34.53 1.47
N ILE C 230 -6.97 34.96 2.49
CA ILE C 230 -6.43 35.88 3.54
C ILE C 230 -6.76 35.28 4.91
N ASN C 231 -5.82 35.32 5.88
CA ASN C 231 -6.17 34.85 7.24
C ASN C 231 -6.77 35.98 8.06
N ILE C 232 -8.06 35.90 8.36
CA ILE C 232 -8.66 36.91 9.27
C ILE C 232 -8.32 36.44 10.70
N THR C 233 -8.27 37.32 11.70
CA THR C 233 -8.04 36.87 13.10
C THR C 233 -8.80 37.81 14.05
N ARG C 234 -9.45 38.85 13.54
CA ARG C 234 -10.06 39.95 14.28
C ARG C 234 -10.95 40.76 13.34
N PHE C 235 -12.12 41.13 13.84
CA PHE C 235 -13.07 41.89 13.04
C PHE C 235 -13.61 43.05 13.87
N GLN C 236 -14.15 44.05 13.17
CA GLN C 236 -14.73 45.22 13.81
C GLN C 236 -15.81 45.80 12.92
N THR C 237 -16.94 46.15 13.53
CA THR C 237 -18.07 46.71 12.78
C THR C 237 -17.88 48.20 12.52
N LEU C 238 -18.76 48.74 11.68
CA LEU C 238 -18.80 50.15 11.36
C LEU C 238 -20.19 50.69 11.67
N LEU C 239 -20.31 52.01 11.75
CA LEU C 239 -21.57 52.67 12.07
C LEU C 239 -21.85 53.79 11.07
N ALA C 240 -22.98 54.46 11.27
CA ALA C 240 -23.42 55.53 10.38
C ALA C 240 -23.97 56.71 11.19
N LEU C 241 -23.29 57.06 12.28
CA LEU C 241 -23.72 58.21 13.07
C LEU C 241 -23.41 59.51 12.35
N HIS C 242 -23.75 60.63 13.00
CA HIS C 242 -23.69 61.91 12.32
C HIS C 242 -22.36 62.63 12.55
N ARG C 243 -22.02 62.91 13.80
CA ARG C 243 -20.89 63.76 14.14
C ARG C 243 -19.69 62.90 14.54
N SER C 244 -18.62 62.99 13.76
CA SER C 244 -17.36 62.33 14.09
C SER C 244 -16.25 62.92 13.25
N TYR C 245 -15.01 62.62 13.63
CA TYR C 245 -13.83 63.13 12.97
C TYR C 245 -13.10 62.02 12.23
N LEU C 246 -12.53 62.36 11.07
CA LEU C 246 -11.77 61.38 10.29
C LEU C 246 -10.58 60.87 11.10
N THR C 247 -9.91 61.76 11.82
CA THR C 247 -8.90 61.35 12.77
C THR C 247 -9.55 60.70 13.98
N PRO C 248 -8.82 59.83 14.70
CA PRO C 248 -9.42 59.17 15.88
C PRO C 248 -9.60 60.14 17.05
N GLY C 249 -10.38 61.18 16.83
CA GLY C 249 -10.66 62.17 17.86
C GLY C 249 -11.82 61.85 18.77
N ASP C 250 -12.73 60.98 18.35
CA ASP C 250 -13.89 60.62 19.15
C ASP C 250 -13.54 59.38 19.97
N SER C 251 -13.05 59.60 21.19
CA SER C 251 -12.71 58.54 22.12
C SER C 251 -13.62 58.64 23.34
N SER C 252 -14.37 57.58 23.60
CA SER C 252 -15.32 57.48 24.71
C SER C 252 -16.41 58.53 24.65
N SER C 253 -16.60 59.20 23.52
CA SER C 253 -17.61 60.24 23.38
C SER C 253 -17.82 60.51 21.89
N GLY C 254 -18.94 61.16 21.59
CA GLY C 254 -19.25 61.50 20.23
C GLY C 254 -20.74 61.67 20.04
N TRP C 255 -21.14 61.60 18.77
CA TRP C 255 -22.56 61.70 18.42
C TRP C 255 -23.34 60.53 19.01
N THR C 256 -24.49 60.85 19.61
CA THR C 256 -25.41 59.85 20.13
C THR C 256 -26.56 59.69 19.14
N ALA C 257 -26.47 58.68 18.28
CA ALA C 257 -27.48 58.44 17.26
C ALA C 257 -28.59 57.55 17.82
N GLY C 258 -29.50 57.14 16.93
CA GLY C 258 -30.56 56.23 17.31
C GLY C 258 -30.01 54.93 17.86
N ALA C 259 -30.70 54.36 18.85
CA ALA C 259 -30.20 53.15 19.49
C ALA C 259 -30.04 52.02 18.48
N ALA C 260 -28.84 51.46 18.42
CA ALA C 260 -28.54 50.36 17.51
C ALA C 260 -27.79 49.30 18.28
N ALA C 261 -28.47 48.21 18.61
CA ALA C 261 -27.90 47.14 19.40
C ALA C 261 -27.55 45.98 18.49
N TYR C 262 -26.30 45.53 18.54
CA TYR C 262 -25.84 44.41 17.72
C TYR C 262 -25.16 43.40 18.62
N TYR C 263 -25.42 42.13 18.36
CA TYR C 263 -25.01 41.05 19.24
C TYR C 263 -23.93 40.24 18.54
N VAL C 264 -23.04 39.63 19.30
CA VAL C 264 -21.92 38.87 18.74
C VAL C 264 -21.71 37.60 19.54
N GLY C 265 -21.77 36.44 18.86
CA GLY C 265 -21.43 35.18 19.47
C GLY C 265 -20.40 34.44 18.63
N TYR C 266 -19.67 33.56 19.29
CA TYR C 266 -18.59 32.80 18.66
C TYR C 266 -19.02 31.36 18.47
N LEU C 267 -18.74 30.82 17.30
CA LEU C 267 -19.17 29.47 16.95
C LEU C 267 -18.18 28.43 17.46
N GLN C 268 -18.71 27.33 17.97
CA GLN C 268 -17.93 26.18 18.40
C GLN C 268 -18.17 25.03 17.42
N PRO C 269 -17.25 24.07 17.35
CA PRO C 269 -17.48 22.88 16.51
C PRO C 269 -18.40 21.90 17.22
N ARG C 270 -19.59 21.72 16.69
CA ARG C 270 -20.64 20.93 17.32
C ARG C 270 -21.23 20.00 16.28
N THR C 271 -22.30 19.30 16.66
CA THR C 271 -22.98 18.36 15.79
C THR C 271 -24.48 18.41 16.04
N PHE C 272 -25.20 19.05 15.15
CA PHE C 272 -26.64 19.21 15.27
C PHE C 272 -27.33 18.15 14.43
N LEU C 273 -28.62 17.96 14.69
CA LEU C 273 -29.45 17.05 13.90
C LEU C 273 -30.59 17.87 13.35
N LEU C 274 -30.34 18.49 12.19
CA LEU C 274 -31.28 19.41 11.57
C LEU C 274 -32.51 18.68 11.04
N LYS C 275 -33.63 19.38 11.02
CA LYS C 275 -34.89 18.83 10.53
C LYS C 275 -35.34 19.61 9.31
N TYR C 276 -35.15 19.02 8.13
CA TYR C 276 -35.70 19.58 6.90
C TYR C 276 -37.17 19.19 6.80
N ASN C 277 -38.00 20.13 6.38
CA ASN C 277 -39.42 19.86 6.21
C ASN C 277 -39.69 19.51 4.75
N GLU C 278 -40.98 19.51 4.34
CA GLU C 278 -41.35 19.08 2.96
C GLU C 278 -40.63 19.84 1.84
N ASN C 279 -40.37 21.14 1.98
CA ASN C 279 -39.76 21.89 0.84
C ASN C 279 -38.26 22.06 1.07
N GLY C 280 -37.74 21.55 2.18
CA GLY C 280 -36.30 21.69 2.49
C GLY C 280 -36.01 22.92 3.31
N THR C 281 -36.97 23.37 4.12
CA THR C 281 -36.77 24.53 4.98
C THR C 281 -36.60 24.06 6.42
N ILE C 282 -35.40 24.26 6.97
CA ILE C 282 -35.14 23.90 8.36
C ILE C 282 -36.18 24.52 9.26
N THR C 283 -36.70 23.73 10.20
CA THR C 283 -37.72 24.22 11.12
C THR C 283 -37.35 24.09 12.59
N ASP C 284 -36.36 23.28 12.94
CA ASP C 284 -35.90 23.03 14.30
C ASP C 284 -34.48 22.48 14.23
N ALA C 285 -33.86 22.34 15.41
CA ALA C 285 -32.55 21.74 15.53
C ALA C 285 -32.33 21.32 16.98
N VAL C 286 -31.59 20.25 17.18
CA VAL C 286 -31.38 19.65 18.50
C VAL C 286 -29.89 19.62 18.77
N ASP C 287 -29.44 20.43 19.73
CA ASP C 287 -28.05 20.41 20.14
C ASP C 287 -27.74 19.09 20.79
N CYS C 288 -26.60 18.50 20.43
CA CYS C 288 -26.34 17.11 20.75
C CYS C 288 -25.43 16.96 21.97
N ALA C 289 -25.39 18.05 22.74
CA ALA C 289 -24.55 18.10 23.95
C ALA C 289 -25.07 19.20 24.87
N LEU C 290 -26.21 19.79 24.62
CA LEU C 290 -26.76 20.78 25.56
C LEU C 290 -27.24 20.12 26.86
N ASP C 291 -27.95 18.99 26.78
CA ASP C 291 -28.63 18.44 27.97
C ASP C 291 -28.61 16.93 27.84
N PRO C 292 -29.07 16.17 28.85
CA PRO C 292 -29.22 14.73 28.71
C PRO C 292 -30.44 14.30 27.87
N LEU C 293 -31.46 15.12 27.69
CA LEU C 293 -32.65 14.77 26.92
C LEU C 293 -32.22 14.81 25.49
N SER C 294 -31.49 15.84 25.08
CA SER C 294 -31.01 16.05 23.70
C SER C 294 -29.94 15.05 23.31
N GLU C 295 -28.95 14.79 24.15
CA GLU C 295 -27.92 13.78 23.85
C GLU C 295 -28.61 12.48 23.53
N THR C 296 -29.82 12.30 24.00
CA THR C 296 -30.59 11.12 23.61
C THR C 296 -31.31 11.36 22.29
N LYS C 297 -31.96 12.52 22.16
CA LYS C 297 -32.66 12.88 20.92
C LYS C 297 -31.70 12.80 19.75
N CYS C 298 -30.49 13.34 19.92
CA CYS C 298 -29.48 13.31 18.88
C CYS C 298 -29.03 11.89 18.53
N THR C 299 -28.95 11.00 19.53
CA THR C 299 -28.47 9.65 19.25
C THR C 299 -29.50 8.83 18.49
N LEU C 300 -30.75 8.88 18.92
CA LEU C 300 -31.81 8.09 18.27
C LEU C 300 -32.24 8.65 16.93
N LYS C 301 -31.69 9.79 16.51
CA LYS C 301 -32.12 10.49 15.30
C LYS C 301 -33.63 10.71 15.32
N SER C 302 -34.12 11.30 16.42
CA SER C 302 -35.52 11.59 16.59
C SER C 302 -35.68 12.77 17.54
N PHE C 303 -36.83 13.45 17.42
CA PHE C 303 -37.12 14.65 18.22
C PHE C 303 -38.19 14.35 19.27
N THR C 304 -38.70 13.13 19.30
CA THR C 304 -39.60 12.72 20.39
C THR C 304 -39.04 11.42 20.98
N VAL C 305 -38.95 11.31 22.30
CA VAL C 305 -38.50 10.07 22.96
C VAL C 305 -39.66 9.54 23.79
N GLU C 306 -39.77 8.21 23.93
CA GLU C 306 -40.87 7.59 24.68
C GLU C 306 -40.32 7.08 26.00
N LYS C 307 -41.13 6.87 27.01
CA LYS C 307 -40.63 6.54 28.35
C LYS C 307 -39.57 5.45 28.34
N GLY C 308 -38.34 5.70 28.82
CA GLY C 308 -37.48 4.53 28.98
C GLY C 308 -36.11 4.84 29.48
N ILE C 309 -35.24 3.84 29.51
CA ILE C 309 -33.83 4.05 29.89
C ILE C 309 -33.05 3.78 28.61
N TYR C 310 -32.21 4.70 28.17
CA TYR C 310 -31.48 4.56 26.90
C TYR C 310 -30.03 4.85 27.14
N GLN C 311 -29.12 4.12 26.55
CA GLN C 311 -27.73 4.40 26.90
C GLN C 311 -27.18 5.43 25.95
N THR C 312 -27.07 6.66 26.41
CA THR C 312 -26.56 7.79 25.62
C THR C 312 -25.06 7.72 25.34
N SER C 313 -24.21 7.39 26.32
CA SER C 313 -22.75 7.51 26.09
C SER C 313 -21.96 6.86 27.20
N ASN C 314 -20.80 7.42 27.52
CA ASN C 314 -19.91 6.85 28.55
C ASN C 314 -19.24 7.96 29.36
N PHE C 315 -18.92 7.73 30.63
CA PHE C 315 -18.35 8.75 31.53
C PHE C 315 -16.91 8.39 31.82
N ARG C 316 -15.96 8.96 31.13
CA ARG C 316 -14.55 8.66 31.48
C ARG C 316 -14.01 9.79 32.34
N VAL C 317 -13.42 9.52 33.49
CA VAL C 317 -12.82 10.64 34.26
C VAL C 317 -11.51 10.94 33.55
N GLN C 318 -11.40 12.12 32.93
CA GLN C 318 -10.21 12.45 32.11
C GLN C 318 -9.00 12.75 33.00
N PRO C 319 -7.76 12.53 32.54
CA PRO C 319 -6.59 12.71 33.40
C PRO C 319 -6.43 14.13 33.94
N THR C 320 -6.04 14.26 35.20
CA THR C 320 -5.90 15.60 35.84
C THR C 320 -4.45 16.07 35.74
N THR C 330 19.37 8.64 48.37
CA THR C 330 19.84 9.27 47.12
C THR C 330 21.38 9.26 47.06
N ASN C 331 21.98 8.73 45.98
CA ASN C 331 23.46 8.79 45.79
C ASN C 331 23.75 9.98 44.87
N LEU C 332 24.10 11.14 45.43
CA LEU C 332 24.24 12.34 44.58
C LEU C 332 25.45 12.18 43.68
N CYS C 333 25.35 12.65 42.44
CA CYS C 333 26.46 12.44 41.49
C CYS C 333 27.57 13.40 41.91
N PRO C 334 28.85 13.00 41.88
CA PRO C 334 29.94 13.85 42.37
C PRO C 334 30.31 14.96 41.38
N PHE C 335 29.43 15.96 41.27
CA PHE C 335 29.79 17.18 40.58
C PHE C 335 30.66 18.08 41.46
N ASP C 336 30.53 17.96 42.78
CA ASP C 336 31.27 18.78 43.72
C ASP C 336 32.77 18.54 43.62
N GLU C 337 33.20 17.32 43.29
CA GLU C 337 34.62 17.04 43.12
C GLU C 337 35.21 17.70 41.88
N VAL C 338 34.39 18.06 40.90
CA VAL C 338 34.88 18.69 39.68
C VAL C 338 34.74 20.20 39.74
N PHE C 339 33.53 20.70 40.03
CA PHE C 339 33.31 22.15 40.00
C PHE C 339 33.99 22.86 41.16
N ASN C 340 34.25 22.16 42.26
CA ASN C 340 34.83 22.76 43.44
C ASN C 340 36.24 22.25 43.72
N ALA C 341 36.89 21.63 42.75
CA ALA C 341 38.24 21.15 42.94
C ALA C 341 39.19 22.33 43.13
N THR C 342 40.27 22.09 43.87
CA THR C 342 41.19 23.17 44.20
C THR C 342 41.91 23.69 42.97
N ARG C 343 42.31 22.79 42.07
CA ARG C 343 43.03 23.16 40.86
C ARG C 343 42.41 22.47 39.65
N PHE C 344 42.52 23.13 38.50
CA PHE C 344 41.92 22.65 37.27
C PHE C 344 43.00 22.34 36.24
N ALA C 345 42.71 21.35 35.40
CA ALA C 345 43.68 20.87 34.42
C ALA C 345 43.95 21.89 33.34
N SER C 346 45.19 21.90 32.86
CA SER C 346 45.51 22.72 31.69
C SER C 346 44.63 22.34 30.53
N VAL C 347 44.50 23.26 29.56
CA VAL C 347 43.55 23.02 28.47
C VAL C 347 44.04 21.90 27.57
N TYR C 348 45.36 21.64 27.44
CA TYR C 348 45.99 20.59 26.58
C TYR C 348 45.94 19.21 27.16
N ALA C 349 45.66 19.06 28.45
CA ALA C 349 45.50 17.76 29.16
C ALA C 349 44.21 17.82 29.93
N TRP C 350 43.11 18.06 29.28
CA TRP C 350 41.84 18.21 29.97
C TRP C 350 41.51 16.91 30.68
N ASN C 351 40.76 16.91 31.78
CA ASN C 351 40.35 15.63 32.42
C ASN C 351 39.12 15.07 31.73
N ARG C 352 38.50 14.02 32.28
CA ARG C 352 37.24 13.43 31.71
C ARG C 352 36.58 12.58 32.79
N LYS C 353 36.10 13.20 33.86
CA LYS C 353 35.56 12.43 35.00
C LYS C 353 34.24 11.79 34.59
N ARG C 354 34.27 10.53 34.20
CA ARG C 354 33.08 9.77 33.87
C ARG C 354 32.14 9.71 35.07
N ILE C 355 30.86 9.96 34.82
CA ILE C 355 29.84 9.99 35.86
C ILE C 355 28.70 9.08 35.45
N SER C 356 28.37 8.11 36.31
CA SER C 356 27.32 7.15 36.04
C SER C 356 26.87 6.55 37.37
N ASN C 357 25.70 5.91 37.34
CA ASN C 357 25.14 5.18 38.48
C ASN C 357 25.01 6.11 39.70
N CYS C 358 24.36 7.24 39.46
CA CYS C 358 24.10 8.18 40.56
C CYS C 358 22.87 9.04 40.22
N VAL C 359 22.43 9.94 41.09
CA VAL C 359 21.34 10.86 40.71
C VAL C 359 21.92 12.24 40.51
N ALA C 360 21.91 12.75 39.29
CA ALA C 360 22.58 14.04 39.01
C ALA C 360 21.65 15.21 39.24
N ASP C 361 21.80 15.94 40.35
CA ASP C 361 20.97 17.16 40.54
C ASP C 361 21.62 18.30 39.77
N TYR C 362 21.03 18.72 38.66
CA TYR C 362 21.66 19.76 37.81
C TYR C 362 21.39 21.16 38.35
N SER C 363 20.64 21.27 39.43
CA SER C 363 20.27 22.63 39.89
C SER C 363 21.42 23.28 40.61
N VAL C 364 22.23 22.51 41.32
CA VAL C 364 23.29 23.13 42.15
C VAL C 364 24.25 23.87 41.22
N LEU C 365 24.40 23.41 39.98
CA LEU C 365 25.33 24.03 39.00
C LEU C 365 24.90 25.46 38.68
N TYR C 366 23.64 25.87 38.90
CA TYR C 366 23.15 27.21 38.49
C TYR C 366 23.94 28.37 39.10
N ASN C 367 24.38 28.29 40.36
CA ASN C 367 25.10 29.41 41.04
C ASN C 367 25.21 30.65 40.15
N ALA C 369 31.23 31.50 41.79
CA ALA C 369 31.52 32.80 41.19
C ALA C 369 30.59 33.01 40.01
N PRO C 370 30.18 34.25 39.72
CA PRO C 370 29.11 34.48 38.73
C PRO C 370 29.32 33.74 37.42
N PHE C 371 28.37 32.88 37.07
CA PHE C 371 28.48 32.01 35.90
C PHE C 371 28.29 32.85 34.64
N PHE C 372 29.35 33.61 34.33
CA PHE C 372 29.34 34.50 33.17
C PHE C 372 28.91 33.79 31.89
N THR C 373 28.98 32.47 31.86
CA THR C 373 28.49 31.68 30.73
C THR C 373 27.92 30.38 31.23
N PHE C 374 26.74 30.02 30.70
CA PHE C 374 26.18 28.68 30.85
C PHE C 374 25.35 28.43 29.58
N LYS C 375 25.97 27.83 28.58
CA LYS C 375 25.27 27.50 27.36
C LYS C 375 25.00 26.01 27.30
N CYS C 376 24.09 25.63 26.40
CA CYS C 376 23.80 24.22 26.18
C CYS C 376 23.50 24.02 24.71
N TYR C 377 24.07 22.96 24.14
CA TYR C 377 23.92 22.62 22.73
C TYR C 377 23.34 21.22 22.64
N GLY C 378 22.07 21.13 22.21
CA GLY C 378 21.38 19.88 22.01
C GLY C 378 20.26 19.63 22.99
N VAL C 379 20.35 20.20 24.19
CA VAL C 379 19.33 20.04 25.23
C VAL C 379 19.02 21.41 25.83
N SER C 380 17.76 21.64 26.16
CA SER C 380 17.35 22.92 26.72
C SER C 380 17.81 23.02 28.16
N PRO C 381 18.57 24.04 28.54
CA PRO C 381 19.07 24.13 29.92
C PRO C 381 17.97 24.25 30.96
N THR C 382 16.87 24.92 30.64
CA THR C 382 15.88 25.29 31.64
C THR C 382 15.06 24.08 32.07
N LYS C 383 15.34 23.59 33.28
CA LYS C 383 14.56 22.56 33.93
C LYS C 383 14.29 21.35 33.05
N ASN C 385 16.19 18.42 33.42
CA ASN C 385 17.04 17.44 34.07
C ASN C 385 16.37 16.08 34.21
N ASP C 386 15.16 15.93 33.69
CA ASP C 386 14.37 14.71 33.87
C ASP C 386 14.59 13.71 32.73
N LEU C 387 15.79 13.69 32.16
CA LEU C 387 16.17 12.70 31.16
C LEU C 387 17.28 11.81 31.72
N CYS C 388 17.34 10.59 31.22
CA CYS C 388 18.27 9.58 31.73
C CYS C 388 19.33 9.29 30.67
N PHE C 389 20.59 9.45 31.05
CA PHE C 389 21.72 9.20 30.17
C PHE C 389 22.60 8.13 30.77
N THR C 390 23.18 7.28 29.92
CA THR C 390 23.99 6.18 30.44
C THR C 390 25.37 6.67 30.91
N ASN C 391 25.80 7.84 30.46
CA ASN C 391 27.12 8.36 30.79
C ASN C 391 27.11 9.87 30.72
N VAL C 392 27.71 10.52 31.71
CA VAL C 392 27.97 11.95 31.66
C VAL C 392 29.47 12.16 31.77
N TYR C 393 30.05 12.78 30.76
CA TYR C 393 31.49 13.09 30.78
C TYR C 393 31.68 14.56 31.07
N ALA C 394 32.42 14.86 32.15
CA ALA C 394 32.75 16.22 32.52
C ALA C 394 34.21 16.45 32.13
N ASP C 395 34.43 17.31 31.15
CA ASP C 395 35.76 17.70 30.73
C ASP C 395 36.05 19.09 31.27
N SER C 396 37.03 19.20 32.16
CA SER C 396 37.23 20.45 32.90
C SER C 396 38.62 21.00 32.64
N PHE C 397 38.70 22.30 32.41
CA PHE C 397 40.00 22.91 32.17
C PHE C 397 39.94 24.40 32.50
N VAL C 398 41.00 25.13 32.13
CA VAL C 398 41.11 26.56 32.40
C VAL C 398 41.53 27.23 31.10
N ILE C 399 40.60 27.98 30.47
CA ILE C 399 40.78 28.73 29.19
C ILE C 399 40.66 30.21 29.50
N ARG C 400 41.28 31.11 28.75
CA ARG C 400 41.28 32.54 29.05
C ARG C 400 39.95 33.02 28.64
N GLY C 401 39.57 34.24 28.96
CA GLY C 401 38.20 34.72 28.71
C GLY C 401 37.80 34.86 27.28
N ASP C 402 38.65 35.43 26.46
CA ASP C 402 38.28 35.69 25.06
C ASP C 402 38.11 34.38 24.32
N GLU C 403 38.63 33.27 24.82
CA GLU C 403 38.55 31.94 24.15
C GLU C 403 37.46 31.09 24.76
N VAL C 404 36.61 31.62 25.61
CA VAL C 404 35.45 30.83 26.01
C VAL C 404 34.52 30.66 24.82
N ARG C 405 34.52 31.63 23.90
CA ARG C 405 33.69 31.58 22.71
C ARG C 405 34.14 30.50 21.74
N GLN C 406 35.31 29.90 21.93
CA GLN C 406 35.79 28.83 21.07
C GLN C 406 35.36 27.46 21.54
N ILE C 407 34.80 27.35 22.74
CA ILE C 407 34.23 26.08 23.21
C ILE C 407 32.78 26.07 22.73
N ALA C 408 32.60 25.66 21.48
CA ALA C 408 31.30 25.69 20.83
C ALA C 408 31.35 24.82 19.60
N PRO C 409 30.29 24.05 19.31
CA PRO C 409 30.32 23.19 18.12
C PRO C 409 30.50 24.00 16.85
N GLY C 410 31.31 23.46 15.94
CA GLY C 410 31.57 24.11 14.67
C GLY C 410 32.27 25.45 14.81
N GLN C 411 33.32 25.51 15.62
CA GLN C 411 34.09 26.72 15.81
C GLN C 411 35.58 26.38 15.72
N THR C 412 36.37 27.36 15.28
CA THR C 412 37.78 27.13 14.98
C THR C 412 38.65 28.21 15.62
N GLY C 413 39.91 27.86 15.85
CA GLY C 413 40.88 28.79 16.42
C GLY C 413 41.96 28.03 17.15
N ASN C 414 42.62 28.72 18.08
CA ASN C 414 43.71 28.10 18.83
C ASN C 414 43.22 26.98 19.73
N ILE C 415 42.06 27.16 20.36
CA ILE C 415 41.62 26.21 21.37
C ILE C 415 40.84 25.06 20.74
N ALA C 416 39.93 25.36 19.82
CA ALA C 416 39.08 24.32 19.29
C ALA C 416 39.81 23.43 18.29
N ASP C 417 40.82 23.96 17.60
CA ASP C 417 41.54 23.15 16.63
C ASP C 417 42.53 22.21 17.31
N TYR C 418 43.38 22.74 18.18
CA TYR C 418 44.55 22.01 18.65
C TYR C 418 44.46 21.51 20.08
N ASN C 419 43.67 22.15 20.94
CA ASN C 419 43.60 21.77 22.35
C ASN C 419 42.36 20.95 22.67
N TYR C 420 41.17 21.49 22.43
CA TYR C 420 39.93 20.81 22.78
C TYR C 420 38.93 21.00 21.66
N LYS C 421 38.61 19.93 20.94
CA LYS C 421 37.74 19.99 19.77
C LYS C 421 36.38 19.40 20.12
N LEU C 422 35.35 20.23 20.09
CA LEU C 422 33.97 19.80 20.25
C LEU C 422 33.41 19.33 18.91
N PRO C 423 32.67 18.22 18.88
CA PRO C 423 32.18 17.70 17.60
C PRO C 423 31.12 18.60 16.99
N ASP C 424 30.58 18.19 15.83
CA ASP C 424 29.56 18.99 15.17
C ASP C 424 28.18 18.70 15.72
N ASP C 425 28.00 17.57 16.39
CA ASP C 425 26.70 17.22 16.99
C ASP C 425 26.81 17.18 18.52
N PHE C 426 27.42 18.17 19.16
CA PHE C 426 27.64 18.10 20.62
C PHE C 426 26.31 18.16 21.34
N THR C 427 26.09 17.33 22.36
CA THR C 427 24.87 17.42 23.20
C THR C 427 25.35 17.64 24.63
N GLY C 428 25.21 18.83 25.19
CA GLY C 428 25.76 19.06 26.53
C GLY C 428 25.82 20.51 26.89
N CYS C 429 26.50 20.86 27.96
CA CYS C 429 26.46 22.27 28.39
C CYS C 429 27.80 22.87 28.76
N VAL C 430 28.35 23.75 27.95
CA VAL C 430 29.64 24.44 28.23
C VAL C 430 29.45 25.45 29.34
N ILE C 431 29.76 25.13 30.60
CA ILE C 431 29.68 25.99 31.77
C ILE C 431 31.02 26.67 31.96
N ALA C 432 31.01 27.89 32.47
CA ALA C 432 32.26 28.63 32.63
C ALA C 432 32.05 29.71 33.68
N TRP C 433 33.15 30.13 34.28
CA TRP C 433 33.06 31.20 35.27
C TRP C 433 34.44 31.78 35.55
N ASN C 434 34.48 33.08 35.82
CA ASN C 434 35.74 33.75 36.13
C ASN C 434 36.34 33.17 37.40
N SER C 435 37.67 33.12 37.44
CA SER C 435 38.38 32.54 38.58
C SER C 435 39.63 33.34 38.91
N ASN C 436 39.58 34.65 38.69
CA ASN C 436 40.77 35.47 38.89
C ASN C 436 41.28 35.41 40.33
N LYS C 437 40.42 35.06 41.27
CA LYS C 437 40.86 34.96 42.66
C LYS C 437 41.70 33.70 42.87
N LEU C 438 41.24 32.56 42.36
CA LEU C 438 41.89 31.27 42.62
C LEU C 438 43.05 30.99 41.69
N ASP C 439 42.80 30.95 40.39
CA ASP C 439 43.76 30.43 39.42
C ASP C 439 44.67 31.51 38.84
N SER C 440 44.91 32.60 39.56
CA SER C 440 45.71 33.69 39.00
C SER C 440 46.79 34.17 39.96
N LYS C 441 47.54 33.24 40.56
CA LYS C 441 48.61 33.62 41.46
C LYS C 441 49.83 34.08 40.68
N VAL C 442 50.89 34.42 41.42
CA VAL C 442 52.19 34.73 40.83
C VAL C 442 53.23 33.66 41.12
N SER C 443 52.97 32.75 42.06
CA SER C 443 53.83 31.59 42.20
C SER C 443 53.47 30.53 41.16
N GLY C 444 52.19 30.43 40.81
CA GLY C 444 51.74 29.49 39.81
C GLY C 444 51.62 30.07 38.41
N ASN C 445 52.65 30.76 37.92
CA ASN C 445 52.62 31.27 36.56
C ASN C 445 52.46 30.14 35.55
N TYR C 446 53.33 29.13 35.64
CA TYR C 446 53.53 28.17 34.58
C TYR C 446 52.74 26.88 34.79
N ASN C 447 51.59 26.96 35.47
CA ASN C 447 50.75 25.79 35.67
C ASN C 447 49.76 25.57 34.55
N TYR C 448 49.56 26.56 33.68
CA TYR C 448 48.53 26.52 32.64
C TYR C 448 49.20 26.73 31.28
N LEU C 449 49.17 25.70 30.44
CA LEU C 449 49.80 25.72 29.13
C LEU C 449 48.76 25.34 28.08
N TYR C 450 48.96 25.85 26.86
CA TYR C 450 48.09 25.49 25.76
C TYR C 450 48.94 25.11 24.57
N ARG C 451 48.37 24.31 23.67
CA ARG C 451 49.10 23.78 22.52
C ARG C 451 49.00 24.78 21.38
N LEU C 452 50.09 25.48 21.11
CA LEU C 452 50.11 26.51 20.07
C LEU C 452 50.37 25.95 18.68
N PHE C 453 51.08 24.82 18.57
CA PHE C 453 51.44 24.24 17.29
C PHE C 453 50.97 22.80 17.21
N ARG C 454 50.61 22.38 16.01
CA ARG C 454 50.29 20.98 15.74
C ARG C 454 50.21 20.76 14.24
N LYS C 455 50.26 19.53 13.76
CA LYS C 455 50.26 19.27 12.30
C LYS C 455 48.85 19.12 11.74
N SER C 456 47.84 18.80 12.54
CA SER C 456 46.49 18.71 11.99
C SER C 456 45.48 18.98 13.08
N ASN C 457 44.28 19.38 12.68
CA ASN C 457 43.21 19.65 13.63
C ASN C 457 42.94 18.43 14.50
N LEU C 458 42.29 18.62 15.64
CA LEU C 458 42.03 17.52 16.54
C LEU C 458 40.79 16.76 16.14
N LYS C 459 40.91 15.45 16.08
CA LYS C 459 39.72 14.63 15.96
C LYS C 459 38.87 14.83 17.21
N PRO C 460 37.55 15.04 17.05
CA PRO C 460 36.71 15.39 18.20
C PRO C 460 36.93 14.52 19.44
N PHE C 461 37.25 15.18 20.55
CA PHE C 461 37.49 14.54 21.85
C PHE C 461 38.78 13.72 21.84
N GLU C 462 39.84 14.28 21.25
CA GLU C 462 41.17 13.69 21.28
C GLU C 462 42.07 14.52 22.17
N ARG C 463 42.82 13.87 23.07
CA ARG C 463 43.69 14.60 24.03
C ARG C 463 45.12 14.32 23.64
N ASP C 464 45.93 15.34 23.48
CA ASP C 464 47.32 15.01 23.17
C ASP C 464 48.16 15.61 24.28
N ILE C 465 48.85 14.79 25.05
CA ILE C 465 49.73 15.32 26.08
C ILE C 465 51.12 15.35 25.47
N SER C 466 51.35 14.64 24.36
CA SER C 466 52.72 14.56 23.87
C SER C 466 53.35 15.94 23.76
N THR C 467 54.66 15.98 23.92
CA THR C 467 55.44 17.21 23.88
C THR C 467 56.57 17.10 22.88
N GLU C 468 56.32 16.47 21.74
CA GLU C 468 57.32 16.35 20.69
C GLU C 468 57.61 17.72 20.10
N ILE C 469 58.91 18.04 19.99
CA ILE C 469 59.30 19.30 19.36
C ILE C 469 58.72 19.38 17.96
N TYR C 470 57.86 20.37 17.74
CA TYR C 470 57.23 20.57 16.46
C TYR C 470 58.27 21.01 15.42
N GLN C 471 58.28 20.33 14.29
CA GLN C 471 59.21 20.58 13.20
C GLN C 471 58.52 21.43 12.14
N ALA C 472 58.99 22.66 11.96
CA ALA C 472 58.46 23.57 10.95
C ALA C 472 59.55 23.98 9.98
N GLY C 473 60.34 23.01 9.54
CA GLY C 473 61.44 23.28 8.63
C GLY C 473 62.02 21.98 8.09
N ASN C 474 62.95 22.14 7.15
CA ASN C 474 63.56 20.97 6.51
C ASN C 474 64.56 20.30 7.43
N LYS C 475 65.40 21.09 8.10
CA LYS C 475 66.42 20.52 8.97
C LYS C 475 65.78 19.81 10.15
N PRO C 476 66.30 18.66 10.56
CA PRO C 476 65.72 17.95 11.70
C PRO C 476 65.91 18.71 13.00
N CYS C 477 64.94 18.56 13.91
CA CYS C 477 64.97 19.29 15.17
C CYS C 477 66.00 18.69 16.14
N ASN C 478 66.24 17.39 16.04
CA ASN C 478 67.17 16.64 16.90
C ASN C 478 66.70 16.57 18.35
N GLY C 479 65.43 16.92 18.61
CA GLY C 479 64.92 16.86 19.96
C GLY C 479 65.25 18.05 20.83
N VAL C 480 65.81 19.11 20.26
CA VAL C 480 66.11 20.33 20.98
C VAL C 480 65.50 21.51 20.23
N ALA C 481 64.82 22.39 20.97
CA ALA C 481 64.13 23.52 20.36
C ALA C 481 65.13 24.45 19.70
N GLY C 482 64.72 25.05 18.59
CA GLY C 482 65.59 25.94 17.86
C GLY C 482 64.83 26.64 16.75
N PHE C 483 65.57 27.38 15.94
CA PHE C 483 64.97 28.08 14.80
C PHE C 483 64.18 27.12 13.93
N ASN C 484 62.94 27.50 13.62
CA ASN C 484 62.00 26.66 12.86
C ASN C 484 61.76 25.31 13.54
N CYS C 485 62.04 25.21 14.83
CA CYS C 485 61.80 24.00 15.62
C CYS C 485 61.19 24.46 16.95
N TYR C 486 59.86 24.42 17.04
CA TYR C 486 59.15 25.08 18.11
C TYR C 486 58.61 24.08 19.13
N PHE C 487 58.75 24.42 20.40
CA PHE C 487 58.09 23.62 21.43
C PHE C 487 56.61 23.99 21.46
N PRO C 488 55.70 23.03 21.28
CA PRO C 488 54.28 23.41 21.14
C PRO C 488 53.69 24.16 22.31
N LEU C 489 53.72 23.59 23.52
CA LEU C 489 53.00 24.16 24.67
C LEU C 489 53.59 25.51 25.06
N ARG C 490 52.72 26.51 25.16
CA ARG C 490 53.09 27.83 25.62
C ARG C 490 52.23 28.23 26.81
N SER C 491 52.79 29.03 27.71
CA SER C 491 52.19 29.31 29.01
C SER C 491 51.28 30.53 28.96
N TYR C 492 50.10 30.39 29.55
CA TYR C 492 49.22 31.54 29.80
C TYR C 492 49.93 32.60 30.64
N SER C 493 50.56 32.20 31.74
CA SER C 493 51.17 33.12 32.70
C SER C 493 50.17 34.16 33.17
N PHE C 494 49.13 33.66 33.84
CA PHE C 494 48.06 34.52 34.33
C PHE C 494 48.56 35.52 35.36
N ARG C 495 48.00 36.72 35.34
CA ARG C 495 48.23 37.75 36.32
C ARG C 495 46.90 38.28 36.83
N PRO C 496 46.86 38.74 38.08
CA PRO C 496 45.58 39.21 38.63
C PRO C 496 45.17 40.59 38.15
N THR C 497 46.09 41.38 37.60
CA THR C 497 45.79 42.75 37.18
C THR C 497 45.37 42.85 35.73
N TYR C 498 45.23 41.75 35.01
CA TYR C 498 44.89 41.85 33.56
C TYR C 498 43.41 42.16 33.39
N GLY C 499 42.88 42.03 32.18
CA GLY C 499 41.49 42.41 31.90
C GLY C 499 40.51 41.32 32.25
N VAL C 500 39.26 41.47 31.85
CA VAL C 500 38.26 40.42 32.11
C VAL C 500 38.21 39.59 30.84
N GLY C 501 39.11 39.91 29.94
CA GLY C 501 39.20 39.12 28.71
C GLY C 501 40.49 38.35 28.65
N HIS C 502 41.27 38.42 29.70
CA HIS C 502 42.49 37.60 29.75
C HIS C 502 42.57 36.94 31.12
N GLN C 503 41.45 36.74 31.79
CA GLN C 503 41.58 36.21 33.15
C GLN C 503 41.04 34.79 33.16
N PRO C 504 41.55 33.87 33.98
CA PRO C 504 41.24 32.45 33.86
C PRO C 504 39.78 32.12 34.06
N TYR C 505 39.07 31.87 32.97
CA TYR C 505 37.67 31.46 33.02
C TYR C 505 37.66 29.94 33.06
N ARG C 506 37.50 29.40 34.27
CA ARG C 506 37.42 27.95 34.41
C ARG C 506 36.26 27.47 33.56
N VAL C 507 36.37 26.27 32.99
CA VAL C 507 35.36 25.75 32.08
C VAL C 507 35.11 24.29 32.37
N VAL C 508 33.86 23.87 32.28
CA VAL C 508 33.46 22.49 32.41
C VAL C 508 32.49 22.17 31.27
N VAL C 509 32.74 21.09 30.56
CA VAL C 509 31.93 20.68 29.42
C VAL C 509 31.30 19.35 29.80
N LEU C 510 29.97 19.34 29.92
CA LEU C 510 29.25 18.12 30.24
C LEU C 510 28.65 17.55 28.95
N SER C 511 29.04 16.33 28.62
CA SER C 511 28.48 15.61 27.49
C SER C 511 27.61 14.47 28.02
N PHE C 512 26.37 14.41 27.55
CA PHE C 512 25.43 13.37 27.92
C PHE C 512 25.36 12.37 26.79
N GLU C 513 25.50 11.08 27.10
CA GLU C 513 25.70 10.07 26.08
C GLU C 513 24.68 8.96 26.27
N LEU C 514 24.27 8.34 25.14
CA LEU C 514 23.12 7.41 25.11
C LEU C 514 23.48 6.19 24.26
N LEU C 515 23.77 5.08 24.93
CA LEU C 515 24.05 3.82 24.25
C LEU C 515 22.87 2.86 24.36
N HIS C 516 23.08 1.64 23.86
CA HIS C 516 22.12 0.56 23.99
C HIS C 516 22.42 -0.25 25.26
N ALA C 517 22.56 0.48 26.35
CA ALA C 517 22.86 -0.06 27.66
C ALA C 517 21.96 0.62 28.67
N PRO C 518 21.70 -0.01 29.82
CA PRO C 518 20.77 0.59 30.79
C PRO C 518 21.28 1.93 31.30
N ALA C 519 20.53 2.98 30.98
CA ALA C 519 20.86 4.33 31.44
C ALA C 519 20.61 4.43 32.94
N THR C 520 21.52 5.11 33.64
CA THR C 520 21.44 5.19 35.08
C THR C 520 21.58 6.59 35.66
N VAL C 521 21.98 7.59 34.88
CA VAL C 521 22.12 8.96 35.38
C VAL C 521 20.74 9.60 35.19
N CYS C 522 19.88 9.39 36.19
CA CYS C 522 18.54 9.97 36.19
C CYS C 522 18.51 10.96 37.33
N GLY C 523 18.49 12.25 37.01
CA GLY C 523 18.68 13.28 38.01
C GLY C 523 17.46 14.14 38.30
N PRO C 524 16.81 13.88 39.44
CA PRO C 524 15.79 14.79 39.98
C PRO C 524 16.35 15.73 41.04
N THR C 528 11.46 13.89 37.77
CA THR C 528 10.34 14.81 37.94
C THR C 528 9.32 14.25 38.92
N ASN C 529 8.96 15.05 39.92
CA ASN C 529 7.93 14.64 40.87
C ASN C 529 6.59 14.55 40.17
N LEU C 530 5.87 13.47 40.45
CA LEU C 530 4.61 13.17 39.79
C LEU C 530 3.55 12.88 40.85
N VAL C 531 2.32 13.33 40.60
CA VAL C 531 1.25 13.29 41.60
C VAL C 531 0.78 11.85 41.79
N LYS C 532 0.32 11.55 43.00
CA LYS C 532 -0.22 10.24 43.34
C LYS C 532 -1.67 10.38 43.75
N ASN C 533 -2.37 9.22 43.84
CA ASN C 533 -3.79 9.14 44.29
C ASN C 533 -4.82 9.82 43.37
N LYS C 534 -4.43 10.31 42.19
CA LYS C 534 -5.38 11.02 41.30
C LYS C 534 -5.14 10.59 39.85
N CYS C 535 -6.18 10.49 39.01
CA CYS C 535 -5.97 9.98 37.63
C CYS C 535 -4.92 10.89 36.98
N VAL C 536 -3.85 10.33 36.42
CA VAL C 536 -2.73 11.18 35.90
C VAL C 536 -1.97 10.47 34.78
N ASN C 537 -1.62 11.18 33.71
CA ASN C 537 -0.76 10.56 32.71
C ASN C 537 0.61 10.28 33.32
N PHE C 538 1.15 9.10 33.02
CA PHE C 538 2.50 8.74 33.43
C PHE C 538 3.30 8.29 32.22
N ASN C 539 4.56 8.73 32.17
CA ASN C 539 5.48 8.42 31.08
C ASN C 539 6.79 7.94 31.71
N PHE C 540 6.87 6.64 31.96
CA PHE C 540 8.04 6.05 32.61
C PHE C 540 9.01 5.59 31.54
N ASN C 541 9.93 6.48 31.14
CA ASN C 541 10.97 6.18 30.16
C ASN C 541 10.38 5.65 28.86
N GLY C 542 9.29 6.27 28.41
CA GLY C 542 8.59 5.84 27.21
C GLY C 542 7.40 4.93 27.47
N LEU C 543 7.29 4.37 28.68
CA LEU C 543 6.11 3.61 29.07
C LEU C 543 5.00 4.61 29.34
N LYS C 544 4.14 4.83 28.35
CA LYS C 544 3.10 5.83 28.44
C LYS C 544 1.78 5.20 28.84
N GLY C 545 1.06 5.86 29.74
CA GLY C 545 -0.23 5.36 30.18
C GLY C 545 -0.96 6.41 30.97
N THR C 546 -2.18 6.07 31.35
CA THR C 546 -3.04 6.96 32.14
C THR C 546 -3.70 6.14 33.23
N GLY C 547 -3.66 6.62 34.46
CA GLY C 547 -4.28 5.89 35.55
C GLY C 547 -4.02 6.54 36.88
N VAL C 548 -4.46 5.85 37.92
CA VAL C 548 -4.26 6.27 39.30
C VAL C 548 -3.12 5.44 39.88
N LEU C 549 -2.04 6.11 40.28
CA LEU C 549 -0.88 5.45 40.86
C LEU C 549 -1.00 5.46 42.37
N THR C 550 -0.79 4.30 42.98
CA THR C 550 -0.97 4.13 44.42
C THR C 550 0.25 3.42 45.00
N GLU C 551 0.46 3.61 46.30
CA GLU C 551 1.53 2.90 47.00
C GLU C 551 1.35 1.39 46.85
N SER C 552 2.28 0.74 46.17
CA SER C 552 2.15 -0.68 45.87
C SER C 552 2.32 -1.52 47.12
N ASN C 553 1.71 -2.70 47.10
CA ASN C 553 1.80 -3.64 48.21
C ASN C 553 2.23 -5.04 47.76
N LYS C 554 2.68 -5.18 46.51
CA LYS C 554 3.14 -6.46 45.99
C LYS C 554 4.66 -6.48 46.00
N LYS C 555 5.23 -7.65 46.24
CA LYS C 555 6.67 -7.78 46.43
C LYS C 555 7.40 -8.15 45.13
N PHE C 556 7.79 -7.16 44.34
CA PHE C 556 8.65 -7.43 43.20
C PHE C 556 10.03 -7.89 43.68
N LEU C 557 10.51 -9.00 43.13
CA LEU C 557 11.87 -9.41 43.37
C LEU C 557 12.82 -8.46 42.62
N PRO C 558 14.07 -8.32 43.10
CA PRO C 558 14.93 -7.24 42.58
C PRO C 558 15.20 -7.31 41.08
N PHE C 559 14.91 -8.43 40.42
CA PHE C 559 15.11 -8.53 38.98
C PHE C 559 13.87 -8.15 38.19
N GLN C 560 12.81 -7.70 38.85
CA GLN C 560 11.54 -7.41 38.20
C GLN C 560 11.31 -5.90 38.13
N GLN C 561 10.99 -5.42 36.92
CA GLN C 561 10.76 -4.01 36.69
C GLN C 561 9.35 -3.70 36.21
N PHE C 562 8.46 -4.69 36.15
CA PHE C 562 7.08 -4.47 35.74
C PHE C 562 6.18 -5.32 36.61
N GLY C 563 4.88 -5.22 36.35
CA GLY C 563 3.91 -6.09 37.00
C GLY C 563 2.73 -6.37 36.10
N ARG C 564 2.41 -7.65 35.89
CA ARG C 564 1.29 -8.04 35.06
C ARG C 564 0.27 -8.82 35.86
N ASP C 565 -1.01 -8.49 35.68
CA ASP C 565 -2.10 -9.25 36.25
C ASP C 565 -2.51 -10.33 35.23
N ILE C 566 -3.66 -10.96 35.46
CA ILE C 566 -4.18 -11.91 34.48
C ILE C 566 -4.56 -11.15 33.21
N ALA C 567 -4.40 -11.82 32.07
CA ALA C 567 -4.69 -11.25 30.74
C ALA C 567 -3.75 -10.09 30.42
N ASP C 568 -2.54 -10.12 30.99
CA ASP C 568 -1.44 -9.21 30.67
C ASP C 568 -1.77 -7.75 30.90
N THR C 569 -2.55 -7.42 31.91
CA THR C 569 -2.81 -6.03 32.23
C THR C 569 -1.71 -5.48 33.13
N THR C 570 -1.14 -4.35 32.75
CA THR C 570 -0.05 -3.73 33.53
C THR C 570 -0.61 -3.24 34.86
N ASP C 571 -0.30 -3.97 35.92
CA ASP C 571 -0.91 -3.71 37.23
C ASP C 571 0.02 -2.89 38.12
N ALA C 572 1.34 -3.04 37.94
CA ALA C 572 2.28 -2.24 38.74
C ALA C 572 3.52 -1.95 37.90
N VAL C 573 4.20 -0.86 38.27
CA VAL C 573 5.38 -0.39 37.54
C VAL C 573 6.36 0.23 38.53
N ARG C 574 7.65 0.12 38.24
CA ARG C 574 8.69 0.78 39.02
C ARG C 574 9.24 1.98 38.26
N ASP C 575 9.62 3.02 39.01
CA ASP C 575 10.18 4.21 38.40
C ASP C 575 11.63 3.95 38.01
N PRO C 576 12.01 4.13 36.74
CA PRO C 576 13.41 3.92 36.34
C PRO C 576 14.37 4.95 36.91
N GLN C 577 13.90 5.95 37.65
CA GLN C 577 14.76 6.96 38.23
C GLN C 577 14.97 6.79 39.73
N THR C 578 13.90 6.74 40.51
CA THR C 578 14.01 6.58 41.96
C THR C 578 13.65 5.19 42.45
N LEU C 579 13.34 4.26 41.54
CA LEU C 579 13.11 2.85 41.87
C LEU C 579 11.97 2.66 42.86
N GLU C 580 10.80 3.24 42.57
CA GLU C 580 9.65 3.10 43.44
C GLU C 580 8.57 2.26 42.76
N ILE C 581 8.00 1.32 43.52
CA ILE C 581 6.97 0.40 43.03
C ILE C 581 5.61 1.04 43.25
N LEU C 582 4.80 1.09 42.19
CA LEU C 582 3.50 1.75 42.23
C LEU C 582 2.45 0.87 41.57
N ASP C 583 1.28 0.79 42.19
CA ASP C 583 0.12 0.14 41.58
C ASP C 583 -0.59 1.10 40.64
N ILE C 584 -1.23 0.56 39.61
CA ILE C 584 -1.96 1.33 38.62
C ILE C 584 -3.40 0.85 38.63
N THR C 585 -4.34 1.79 38.69
CA THR C 585 -5.77 1.46 38.59
C THR C 585 -6.40 2.35 37.53
N PRO C 586 -7.23 1.81 36.64
CA PRO C 586 -7.90 2.67 35.66
C PRO C 586 -8.91 3.59 36.35
N CYS C 587 -8.77 4.88 36.09
CA CYS C 587 -9.67 5.85 36.71
C CYS C 587 -11.09 5.68 36.16
N SER C 588 -12.06 6.13 36.94
CA SER C 588 -13.44 5.67 36.82
C SER C 588 -13.99 5.86 35.42
N PHE C 589 -14.71 4.85 34.94
CA PHE C 589 -15.37 4.90 33.64
C PHE C 589 -16.63 4.05 33.73
N GLY C 590 -17.55 4.27 32.81
CA GLY C 590 -18.78 3.52 32.78
C GLY C 590 -19.71 4.06 31.72
N GLY C 591 -20.89 3.46 31.66
CA GLY C 591 -21.92 3.94 30.76
C GLY C 591 -22.80 4.97 31.42
N VAL C 592 -23.68 5.61 30.65
CA VAL C 592 -24.60 6.66 31.17
C VAL C 592 -25.93 6.42 30.49
N SER C 593 -26.97 6.06 31.22
CA SER C 593 -28.31 5.81 30.68
C SER C 593 -29.22 6.93 31.12
N VAL C 594 -30.12 7.40 30.27
CA VAL C 594 -31.00 8.54 30.60
C VAL C 594 -32.42 8.03 30.79
N ILE C 595 -33.04 8.34 31.92
CA ILE C 595 -34.43 7.91 32.24
C ILE C 595 -35.36 9.07 31.89
N THR C 596 -36.24 8.88 30.94
CA THR C 596 -37.13 9.94 30.44
C THR C 596 -38.55 9.46 30.59
N PRO C 597 -39.52 10.19 31.20
CA PRO C 597 -40.93 9.77 31.22
C PRO C 597 -41.65 9.96 29.90
N GLY C 598 -40.98 10.41 28.86
CA GLY C 598 -41.61 10.65 27.58
C GLY C 598 -41.61 12.14 27.27
N THR C 599 -41.19 12.47 26.05
CA THR C 599 -41.08 13.88 25.67
C THR C 599 -42.44 14.56 25.69
N ASN C 600 -43.50 13.84 25.32
CA ASN C 600 -44.82 14.44 25.34
C ASN C 600 -45.26 14.79 26.77
N THR C 601 -44.86 13.98 27.75
CA THR C 601 -45.29 14.20 29.12
C THR C 601 -44.43 15.26 29.82
N SER C 602 -43.12 15.06 29.85
CA SER C 602 -42.25 15.98 30.55
C SER C 602 -40.87 16.00 29.92
N ASN C 603 -40.13 17.06 30.20
CA ASN C 603 -38.73 17.18 29.77
C ASN C 603 -37.75 16.86 30.88
N GLN C 604 -38.23 16.57 32.09
CA GLN C 604 -37.35 16.17 33.17
C GLN C 604 -36.73 14.81 32.89
N VAL C 605 -35.46 14.65 33.23
CA VAL C 605 -34.77 13.39 33.04
C VAL C 605 -33.97 13.06 34.29
N ALA C 606 -33.64 11.78 34.45
CA ALA C 606 -32.68 11.32 35.43
C ALA C 606 -31.50 10.68 34.70
N VAL C 607 -30.35 10.63 35.36
CA VAL C 607 -29.15 10.08 34.74
C VAL C 607 -28.59 8.98 35.64
N LEU C 608 -28.33 7.82 35.05
CA LEU C 608 -27.77 6.68 35.77
C LEU C 608 -26.35 6.45 35.27
N TYR C 609 -25.38 6.63 36.15
CA TYR C 609 -23.99 6.27 35.88
C TYR C 609 -23.79 4.85 36.40
N GLN C 610 -23.53 3.91 35.50
CA GLN C 610 -23.72 2.50 35.84
C GLN C 610 -22.56 1.95 36.66
N GLY C 611 -21.37 1.93 36.10
CA GLY C 611 -20.27 1.31 36.80
C GLY C 611 -19.50 2.27 37.70
N VAL C 612 -20.20 3.17 38.36
CA VAL C 612 -19.57 4.30 39.04
C VAL C 612 -20.01 4.33 40.50
N ASN C 613 -19.03 4.42 41.39
CA ASN C 613 -19.26 4.72 42.80
C ASN C 613 -19.33 6.24 42.93
N CYS C 614 -20.53 6.78 43.08
CA CYS C 614 -20.71 8.20 42.75
C CYS C 614 -20.26 9.13 43.86
N THR C 615 -19.42 8.66 44.77
CA THR C 615 -18.49 9.58 45.42
C THR C 615 -17.42 10.07 44.44
N GLU C 616 -17.54 9.73 43.15
CA GLU C 616 -16.51 9.97 42.14
C GLU C 616 -17.06 10.66 40.90
N VAL C 617 -18.28 11.16 40.94
CA VAL C 617 -18.85 11.85 39.78
C VAL C 617 -18.51 13.32 39.81
N ASN C 638 -30.79 15.60 43.65
CA ASN C 638 -30.90 14.32 44.33
C ASN C 638 -29.88 13.33 43.80
N VAL C 639 -29.21 12.62 44.71
CA VAL C 639 -28.24 11.59 44.36
C VAL C 639 -28.56 10.35 45.17
N PHE C 640 -28.73 9.22 44.48
CA PHE C 640 -29.09 7.95 45.10
C PHE C 640 -28.09 6.90 44.64
N GLN C 641 -27.80 5.94 45.50
CA GLN C 641 -26.82 4.90 45.22
C GLN C 641 -27.54 3.56 45.09
N THR C 642 -27.16 2.78 44.09
CA THR C 642 -27.81 1.52 43.77
C THR C 642 -26.76 0.53 43.30
N ARG C 643 -27.07 -0.76 43.45
CA ARG C 643 -26.17 -1.78 42.93
C ARG C 643 -25.97 -1.65 41.42
N ALA C 644 -26.92 -1.05 40.72
CA ALA C 644 -26.78 -0.78 39.29
C ALA C 644 -25.89 0.41 39.00
N GLY C 645 -25.76 1.35 39.92
CA GLY C 645 -25.00 2.56 39.70
C GLY C 645 -25.58 3.70 40.50
N CYS C 646 -25.19 4.92 40.16
CA CYS C 646 -25.66 6.10 40.86
C CYS C 646 -26.70 6.81 40.01
N LEU C 647 -27.84 7.13 40.63
CA LEU C 647 -28.96 7.75 39.97
C LEU C 647 -29.08 9.20 40.44
N ILE C 648 -28.94 10.14 39.52
CA ILE C 648 -28.97 11.57 39.81
C ILE C 648 -30.18 12.17 39.10
N GLY C 649 -31.07 12.79 39.87
CA GLY C 649 -32.26 13.37 39.33
C GLY C 649 -33.56 12.71 39.75
N ALA C 650 -33.49 11.63 40.52
CA ALA C 650 -34.68 10.93 40.99
C ALA C 650 -34.58 10.71 42.49
N GLU C 651 -35.72 10.85 43.16
CA GLU C 651 -35.81 10.76 44.61
C GLU C 651 -36.34 9.40 45.02
N TYR C 652 -35.62 8.72 45.91
CA TYR C 652 -36.06 7.42 46.39
C TYR C 652 -37.21 7.59 47.38
N VAL C 653 -38.29 6.85 47.14
CA VAL C 653 -39.46 6.84 48.02
C VAL C 653 -39.58 5.46 48.63
N ASN C 654 -40.14 5.39 49.84
CA ASN C 654 -40.32 4.12 50.53
C ASN C 654 -41.50 3.32 50.01
N ASN C 655 -42.33 3.89 49.15
CA ASN C 655 -43.45 3.16 48.58
C ASN C 655 -42.95 2.13 47.57
N SER C 656 -43.85 1.23 47.18
CA SER C 656 -43.58 0.24 46.16
C SER C 656 -44.77 0.13 45.21
N TYR C 657 -44.49 0.12 43.91
CA TYR C 657 -45.50 -0.03 42.88
C TYR C 657 -44.99 -0.96 41.80
N GLU C 658 -45.84 -1.25 40.85
CA GLU C 658 -45.38 -2.05 39.70
C GLU C 658 -44.24 -1.31 39.02
N CYS C 659 -43.53 -1.97 38.14
CA CYS C 659 -42.34 -1.32 37.56
C CYS C 659 -42.68 -0.63 36.25
N ASP C 660 -42.29 0.63 36.11
CA ASP C 660 -42.43 1.32 34.82
C ASP C 660 -41.10 1.19 34.11
N ILE C 661 -40.12 1.95 34.53
CA ILE C 661 -38.80 2.00 33.92
C ILE C 661 -37.83 1.27 34.84
N PRO C 662 -37.30 0.12 34.44
CA PRO C 662 -36.41 -0.63 35.34
C PRO C 662 -34.97 -0.14 35.25
N ILE C 663 -34.43 0.29 36.38
CA ILE C 663 -33.00 0.55 36.51
C ILE C 663 -32.23 -0.74 36.73
N GLY C 664 -32.67 -1.57 37.66
CA GLY C 664 -32.03 -2.85 37.91
C GLY C 664 -31.81 -3.08 39.38
N ALA C 665 -31.39 -4.31 39.70
CA ALA C 665 -31.16 -4.73 41.08
C ALA C 665 -32.41 -4.57 41.94
N GLY C 666 -33.58 -4.67 41.31
CA GLY C 666 -34.84 -4.49 41.99
C GLY C 666 -35.31 -3.06 42.10
N ILE C 667 -34.62 -2.11 41.50
CA ILE C 667 -34.97 -0.69 41.57
C ILE C 667 -35.58 -0.27 40.24
N CYS C 668 -36.73 0.39 40.30
CA CYS C 668 -37.43 0.94 39.15
C CYS C 668 -37.72 2.42 39.39
N ALA C 669 -38.13 3.11 38.33
CA ALA C 669 -38.40 4.53 38.38
C ALA C 669 -39.73 4.83 37.70
N SER C 670 -40.36 5.94 38.11
CA SER C 670 -41.65 6.31 37.59
C SER C 670 -41.83 7.82 37.70
N TYR C 671 -42.78 8.34 36.94
CA TYR C 671 -43.11 9.76 36.98
C TYR C 671 -44.22 9.98 38.01
N GLN C 672 -43.99 10.78 39.03
CA GLN C 672 -45.01 10.88 40.12
C GLN C 672 -45.92 12.07 39.89
N THR C 673 -46.69 12.45 40.92
CA THR C 673 -47.61 13.62 40.83
C THR C 673 -48.25 13.89 42.20
N GLN C 687 -45.03 17.17 40.28
CA GLN C 687 -44.58 16.06 39.44
C GLN C 687 -43.06 15.94 39.49
N SER C 688 -42.58 14.70 39.60
CA SER C 688 -41.15 14.44 39.65
C SER C 688 -40.91 13.00 39.25
N ILE C 689 -39.63 12.64 39.17
CA ILE C 689 -39.20 11.28 38.88
C ILE C 689 -38.76 10.63 40.18
N ILE C 690 -39.31 9.47 40.49
CA ILE C 690 -39.07 8.78 41.75
C ILE C 690 -38.48 7.41 41.46
N ALA C 691 -37.60 6.96 42.35
CA ALA C 691 -37.05 5.62 42.31
C ALA C 691 -37.54 4.84 43.52
N TYR C 692 -37.82 3.56 43.32
CA TYR C 692 -38.39 2.74 44.37
C TYR C 692 -38.08 1.28 44.08
N THR C 693 -38.38 0.42 45.05
CA THR C 693 -38.20 -1.02 44.85
C THR C 693 -39.45 -1.62 44.25
N MET C 694 -39.26 -2.65 43.43
CA MET C 694 -40.37 -3.32 42.78
C MET C 694 -41.28 -3.99 43.81
N SER C 695 -42.57 -4.00 43.52
CA SER C 695 -43.54 -4.77 44.29
C SER C 695 -43.96 -5.95 43.44
N LEU C 696 -43.82 -7.16 43.97
CA LEU C 696 -44.08 -8.38 43.23
C LEU C 696 -45.55 -8.72 43.15
N GLY C 697 -46.43 -7.79 43.54
CA GLY C 697 -47.85 -8.02 43.52
C GLY C 697 -48.45 -7.94 44.92
N ALA C 698 -49.72 -8.21 45.05
CA ALA C 698 -50.37 -8.09 46.36
C ALA C 698 -49.97 -9.24 47.24
N GLU C 699 -50.49 -9.33 48.45
CA GLU C 699 -50.20 -10.52 49.30
C GLU C 699 -51.55 -11.16 49.62
N ASN C 700 -51.68 -12.48 49.47
CA ASN C 700 -53.01 -13.09 49.63
C ASN C 700 -52.89 -14.38 50.40
N SER C 701 -52.63 -14.32 51.68
CA SER C 701 -52.62 -15.56 52.48
C SER C 701 -53.96 -16.28 52.27
N VAL C 702 -53.94 -17.59 52.02
CA VAL C 702 -55.17 -18.36 51.72
C VAL C 702 -55.54 -19.09 53.00
N ALA C 703 -56.80 -19.14 53.31
CA ALA C 703 -57.26 -19.75 54.56
C ALA C 703 -57.05 -21.24 54.56
N TYR C 704 -55.83 -21.72 54.47
CA TYR C 704 -55.75 -23.17 54.56
C TYR C 704 -56.18 -23.66 55.93
N SER C 705 -56.97 -24.72 55.94
CA SER C 705 -57.25 -25.47 57.15
C SER C 705 -57.64 -26.88 56.72
N ASN C 706 -57.41 -27.84 57.61
CA ASN C 706 -57.50 -29.23 57.21
C ASN C 706 -58.93 -29.77 57.16
N ASN C 707 -59.95 -28.91 57.24
CA ASN C 707 -61.29 -29.37 56.95
C ASN C 707 -62.13 -28.34 56.20
N SER C 708 -61.53 -27.37 55.53
CA SER C 708 -62.26 -26.31 54.86
C SER C 708 -61.89 -26.25 53.40
N ILE C 709 -62.89 -26.11 52.54
CA ILE C 709 -62.70 -26.04 51.10
C ILE C 709 -63.45 -24.82 50.56
N ALA C 710 -63.04 -24.33 49.39
CA ALA C 710 -63.76 -23.19 48.76
C ALA C 710 -64.27 -23.62 47.39
N ILE C 711 -65.60 -23.57 47.18
CA ILE C 711 -66.19 -24.00 45.88
C ILE C 711 -66.76 -22.78 45.16
N PRO C 712 -66.38 -22.53 43.88
CA PRO C 712 -66.90 -21.39 43.13
C PRO C 712 -68.40 -21.59 42.81
N THR C 713 -69.17 -20.49 42.81
CA THR C 713 -70.63 -20.62 42.58
C THR C 713 -70.99 -20.06 41.19
N ASN C 714 -70.09 -19.29 40.58
CA ASN C 714 -70.42 -18.69 39.28
C ASN C 714 -69.18 -18.76 38.41
N PHE C 715 -69.26 -18.18 37.22
CA PHE C 715 -68.15 -18.24 36.28
C PHE C 715 -68.19 -17.02 35.39
N THR C 716 -67.08 -16.79 34.71
CA THR C 716 -67.00 -15.78 33.65
C THR C 716 -66.34 -16.43 32.44
N ILE C 717 -66.90 -16.16 31.26
CA ILE C 717 -66.28 -16.55 30.00
C ILE C 717 -65.43 -15.40 29.51
N SER C 718 -64.12 -15.61 29.45
CA SER C 718 -63.18 -14.56 29.13
C SER C 718 -62.47 -14.86 27.81
N VAL C 719 -62.45 -13.87 26.94
CA VAL C 719 -61.76 -13.96 25.67
C VAL C 719 -60.51 -13.10 25.76
N THR C 720 -59.35 -13.71 25.48
CA THR C 720 -58.07 -13.01 25.48
C THR C 720 -57.42 -13.20 24.12
N THR C 721 -56.41 -12.39 23.85
CA THR C 721 -55.75 -12.40 22.54
C THR C 721 -54.30 -12.83 22.71
N GLU C 722 -53.80 -13.54 21.71
CA GLU C 722 -52.39 -13.88 21.63
C GLU C 722 -51.86 -13.62 20.23
N ILE C 723 -50.80 -12.82 20.13
CA ILE C 723 -50.20 -12.46 18.85
C ILE C 723 -48.93 -13.28 18.67
N LEU C 724 -48.81 -13.94 17.53
CA LEU C 724 -47.62 -14.73 17.22
C LEU C 724 -47.13 -14.40 15.81
N PRO C 725 -45.92 -13.88 15.65
CA PRO C 725 -45.34 -13.75 14.31
C PRO C 725 -45.13 -15.11 13.68
N VAL C 726 -45.36 -15.16 12.36
CA VAL C 726 -45.36 -16.42 11.63
C VAL C 726 -44.30 -16.40 10.54
N SER C 727 -44.03 -15.22 9.99
CA SER C 727 -43.09 -15.10 8.88
C SER C 727 -42.50 -13.70 8.91
N MET C 728 -41.44 -13.52 8.12
CA MET C 728 -40.82 -12.22 7.99
C MET C 728 -40.58 -11.93 6.51
N THR C 729 -40.01 -10.77 6.24
CA THR C 729 -39.87 -10.30 4.87
C THR C 729 -38.88 -11.16 4.10
N LYS C 730 -39.21 -11.46 2.84
CA LYS C 730 -38.34 -12.21 1.93
C LYS C 730 -37.49 -11.22 1.17
N THR C 731 -36.18 -11.25 1.41
CA THR C 731 -35.27 -10.29 0.82
C THR C 731 -34.34 -10.99 -0.17
N SER C 732 -34.08 -10.33 -1.29
CA SER C 732 -33.11 -10.77 -2.28
C SER C 732 -32.08 -9.67 -2.47
N VAL C 733 -30.82 -10.05 -2.64
CA VAL C 733 -29.72 -9.10 -2.71
C VAL C 733 -28.90 -9.36 -3.97
N ASP C 734 -28.61 -8.30 -4.71
CA ASP C 734 -27.72 -8.35 -5.86
C ASP C 734 -26.32 -7.95 -5.41
N CYS C 735 -25.35 -8.85 -5.59
CA CYS C 735 -24.00 -8.59 -5.13
C CYS C 735 -23.37 -7.41 -5.86
N THR C 736 -23.39 -7.45 -7.20
CA THR C 736 -22.67 -6.43 -7.96
C THR C 736 -23.22 -5.04 -7.70
N MET C 737 -24.52 -4.90 -7.68
CA MET C 737 -25.04 -3.54 -7.50
C MET C 737 -24.73 -3.05 -6.08
N TYR C 738 -24.61 -3.93 -5.08
CA TYR C 738 -24.19 -3.46 -3.74
C TYR C 738 -22.68 -3.28 -3.70
N ILE C 739 -21.92 -4.36 -3.69
CA ILE C 739 -20.46 -4.32 -3.51
C ILE C 739 -19.81 -3.46 -4.57
N CYS C 740 -20.42 -3.32 -5.75
CA CYS C 740 -19.68 -2.63 -6.85
C CYS C 740 -20.41 -1.50 -7.57
N GLY C 741 -21.72 -1.51 -7.63
CA GLY C 741 -22.45 -0.40 -8.24
C GLY C 741 -22.40 -0.52 -9.74
N ASP C 742 -22.69 0.57 -10.44
CA ASP C 742 -22.60 0.58 -11.94
C ASP C 742 -21.16 0.39 -12.43
N SER C 743 -20.13 0.79 -11.67
CA SER C 743 -18.76 0.75 -12.23
C SER C 743 -18.48 -0.59 -12.90
N THR C 744 -18.13 -0.55 -14.18
CA THR C 744 -17.77 -1.77 -14.93
C THR C 744 -16.40 -2.27 -14.45
N GLU C 745 -15.49 -1.35 -14.16
CA GLU C 745 -14.12 -1.77 -13.81
C GLU C 745 -14.10 -2.61 -12.53
N CYS C 746 -14.80 -2.19 -11.48
CA CYS C 746 -14.66 -2.97 -10.22
C CYS C 746 -15.25 -4.36 -10.39
N SER C 747 -16.40 -4.48 -11.07
CA SER C 747 -17.00 -5.81 -11.33
C SER C 747 -15.89 -6.70 -11.86
N ASN C 748 -15.11 -6.19 -12.81
CA ASN C 748 -13.99 -6.89 -13.41
C ASN C 748 -13.01 -7.38 -12.33
N LEU C 749 -12.84 -6.60 -11.27
CA LEU C 749 -12.02 -7.05 -10.14
C LEU C 749 -12.76 -8.05 -9.27
N LEU C 750 -14.09 -7.95 -9.21
CA LEU C 750 -14.86 -8.71 -8.23
C LEU C 750 -14.82 -10.22 -8.45
N LEU C 751 -14.62 -10.68 -9.69
CA LEU C 751 -14.76 -12.11 -9.98
C LEU C 751 -13.69 -12.95 -9.29
N GLN C 752 -12.63 -12.34 -8.77
CA GLN C 752 -11.53 -13.12 -8.24
C GLN C 752 -11.79 -13.70 -6.85
N TYR C 753 -12.85 -13.25 -6.17
CA TYR C 753 -13.12 -13.71 -4.81
C TYR C 753 -13.82 -15.06 -4.76
N GLY C 754 -14.40 -15.53 -5.87
CA GLY C 754 -14.91 -16.88 -5.94
C GLY C 754 -16.38 -17.06 -5.60
N SER C 755 -16.66 -17.97 -4.67
CA SER C 755 -18.01 -18.44 -4.40
C SER C 755 -18.61 -17.84 -3.13
N PHE C 756 -18.34 -16.57 -2.85
CA PHE C 756 -19.00 -15.91 -1.73
C PHE C 756 -20.46 -15.63 -2.07
N CYS C 757 -20.71 -15.11 -3.28
CA CYS C 757 -22.06 -14.66 -3.61
C CYS C 757 -22.99 -15.84 -3.88
N THR C 758 -22.45 -16.96 -4.37
CA THR C 758 -23.27 -18.17 -4.44
C THR C 758 -23.77 -18.57 -3.07
N GLN C 759 -22.88 -18.56 -2.08
CA GLN C 759 -23.27 -18.88 -0.71
C GLN C 759 -24.32 -17.91 -0.19
N LEU C 760 -24.11 -16.61 -0.43
CA LEU C 760 -25.01 -15.60 0.11
C LEU C 760 -26.40 -15.71 -0.52
N LYS C 761 -26.46 -15.84 -1.84
CA LYS C 761 -27.75 -15.95 -2.52
C LYS C 761 -28.45 -17.24 -2.15
N ARG C 762 -27.71 -18.33 -1.99
CA ARG C 762 -28.31 -19.59 -1.57
C ARG C 762 -28.90 -19.49 -0.17
N ALA C 763 -28.19 -18.83 0.75
CA ALA C 763 -28.72 -18.64 2.09
C ALA C 763 -30.00 -17.81 2.08
N LEU C 764 -30.02 -16.73 1.30
CA LEU C 764 -31.21 -15.88 1.28
C LEU C 764 -32.39 -16.59 0.63
N THR C 765 -32.15 -17.38 -0.42
CA THR C 765 -33.23 -18.16 -1.02
C THR C 765 -33.77 -19.20 -0.04
N GLY C 766 -32.88 -19.82 0.73
CA GLY C 766 -33.35 -20.74 1.76
C GLY C 766 -34.24 -20.04 2.78
N ILE C 767 -33.85 -18.84 3.20
CA ILE C 767 -34.68 -18.09 4.15
C ILE C 767 -36.05 -17.80 3.55
N ALA C 768 -36.10 -17.38 2.28
CA ALA C 768 -37.38 -17.04 1.66
C ALA C 768 -38.30 -18.26 1.55
N VAL C 769 -37.74 -19.39 1.08
CA VAL C 769 -38.54 -20.61 1.00
C VAL C 769 -39.03 -21.00 2.39
N GLU C 770 -38.20 -20.80 3.41
CA GLU C 770 -38.63 -21.08 4.77
C GLU C 770 -39.80 -20.20 5.19
N GLN C 771 -39.81 -18.93 4.79
CA GLN C 771 -40.94 -18.06 5.13
C GLN C 771 -42.23 -18.57 4.52
N ASP C 772 -42.17 -18.96 3.24
CA ASP C 772 -43.37 -19.51 2.60
C ASP C 772 -43.82 -20.80 3.29
N LYS C 773 -42.87 -21.64 3.70
CA LYS C 773 -43.22 -22.87 4.40
C LYS C 773 -43.83 -22.58 5.76
N ASN C 774 -43.37 -21.54 6.45
CA ASN C 774 -43.98 -21.16 7.72
C ASN C 774 -45.44 -20.78 7.54
N THR C 775 -45.73 -19.92 6.56
CA THR C 775 -47.11 -19.55 6.32
C THR C 775 -47.95 -20.77 5.95
N GLN C 776 -47.43 -21.64 5.10
CA GLN C 776 -48.16 -22.84 4.68
C GLN C 776 -48.46 -23.74 5.87
N GLU C 777 -47.47 -23.97 6.73
CA GLU C 777 -47.66 -24.92 7.82
C GLU C 777 -48.53 -24.35 8.93
N VAL C 778 -48.61 -23.03 9.05
CA VAL C 778 -49.49 -22.46 10.07
C VAL C 778 -50.93 -22.43 9.57
N PHE C 779 -51.16 -21.89 8.36
CA PHE C 779 -52.52 -21.56 7.96
C PHE C 779 -53.20 -22.63 7.12
N ALA C 780 -52.46 -23.45 6.39
CA ALA C 780 -53.06 -24.37 5.42
C ALA C 780 -53.34 -25.74 6.00
N GLN C 781 -53.67 -25.82 7.29
CA GLN C 781 -53.93 -27.11 7.92
C GLN C 781 -55.24 -27.73 7.48
N VAL C 782 -56.13 -26.97 6.86
CA VAL C 782 -57.48 -27.41 6.53
C VAL C 782 -57.48 -27.88 5.08
N LYS C 783 -58.04 -29.06 4.84
CA LYS C 783 -58.06 -29.62 3.50
C LYS C 783 -59.05 -28.91 2.58
N GLN C 784 -60.25 -28.62 3.06
CA GLN C 784 -61.33 -28.08 2.23
C GLN C 784 -61.71 -26.69 2.74
N ILE C 785 -62.33 -25.90 1.87
CA ILE C 785 -62.77 -24.57 2.23
C ILE C 785 -64.21 -24.64 2.71
N TYR C 786 -64.41 -24.58 4.02
CA TYR C 786 -65.75 -24.66 4.57
C TYR C 786 -66.43 -23.31 4.54
N LYS C 787 -67.75 -23.30 4.40
CA LYS C 787 -68.52 -22.08 4.32
C LYS C 787 -69.58 -22.05 5.42
N THR C 788 -69.85 -20.89 6.02
CA THR C 788 -70.80 -20.85 7.16
C THR C 788 -72.20 -20.79 6.62
N PRO C 789 -73.22 -21.28 7.34
CA PRO C 789 -74.55 -21.39 6.80
C PRO C 789 -75.07 -20.00 6.40
N PRO C 790 -75.92 -19.88 5.38
CA PRO C 790 -76.36 -18.59 4.94
C PRO C 790 -77.04 -17.85 6.10
N ILE C 791 -77.86 -18.54 6.91
CA ILE C 791 -78.55 -17.93 8.09
C ILE C 791 -77.67 -18.10 9.33
N LYS C 792 -77.16 -17.01 9.89
CA LYS C 792 -76.17 -17.11 11.00
C LYS C 792 -76.79 -17.04 12.39
N TYR C 793 -77.47 -18.09 12.85
CA TYR C 793 -77.98 -18.13 14.24
C TYR C 793 -77.33 -19.32 14.91
N PHE C 794 -76.44 -19.11 15.87
CA PHE C 794 -75.66 -20.16 16.50
C PHE C 794 -75.99 -20.25 17.99
N GLY C 795 -77.27 -20.20 18.31
CA GLY C 795 -77.71 -20.37 19.69
C GLY C 795 -77.56 -19.13 20.53
N GLY C 796 -77.58 -17.95 19.91
CA GLY C 796 -77.39 -16.71 20.62
C GLY C 796 -75.96 -16.20 20.61
N PHE C 797 -75.00 -17.01 20.21
CA PHE C 797 -73.63 -16.56 20.07
C PHE C 797 -73.49 -15.76 18.80
N ASN C 798 -72.66 -14.72 18.86
CA ASN C 798 -72.54 -13.72 17.80
C ASN C 798 -71.09 -13.68 17.34
N PHE C 799 -70.85 -14.20 16.13
CA PHE C 799 -69.52 -14.27 15.55
C PHE C 799 -69.29 -13.22 14.48
N SER C 800 -70.12 -12.17 14.42
CA SER C 800 -70.00 -11.19 13.36
C SER C 800 -68.66 -10.46 13.40
N GLN C 801 -68.08 -10.30 14.59
CA GLN C 801 -66.80 -9.63 14.72
C GLN C 801 -65.66 -10.45 14.14
N ILE C 802 -65.82 -11.76 14.03
CA ILE C 802 -64.76 -12.62 13.52
C ILE C 802 -65.07 -13.19 12.14
N LEU C 803 -66.34 -13.27 11.74
CA LEU C 803 -66.67 -13.81 10.44
C LEU C 803 -66.50 -12.74 9.36
N PRO C 804 -66.19 -13.15 8.13
CA PRO C 804 -65.86 -12.17 7.09
C PRO C 804 -67.04 -11.30 6.68
N ASP C 805 -66.74 -10.08 6.24
CA ASP C 805 -67.72 -9.14 5.70
C ASP C 805 -67.98 -9.44 4.23
N PRO C 806 -69.22 -9.76 3.86
CA PRO C 806 -69.55 -9.92 2.45
C PRO C 806 -69.63 -8.59 1.73
N SER C 807 -69.71 -7.50 2.51
CA SER C 807 -69.89 -6.17 1.92
C SER C 807 -68.56 -5.58 1.48
N LYS C 808 -67.60 -5.45 2.40
CA LYS C 808 -66.32 -4.85 2.06
C LYS C 808 -65.58 -5.71 1.05
N PRO C 809 -64.76 -5.10 0.18
CA PRO C 809 -64.15 -5.87 -0.91
C PRO C 809 -63.11 -6.88 -0.45
N SER C 810 -62.32 -6.55 0.57
CA SER C 810 -61.28 -7.45 1.04
C SER C 810 -61.85 -8.71 1.70
N LYS C 811 -63.13 -8.69 2.06
CA LYS C 811 -63.81 -9.82 2.69
C LYS C 811 -63.17 -10.20 4.02
N ARG C 812 -62.58 -9.22 4.71
CA ARG C 812 -62.07 -9.46 6.04
C ARG C 812 -63.14 -9.14 7.09
N SER C 813 -62.97 -9.73 8.26
CA SER C 813 -63.84 -9.43 9.38
C SER C 813 -63.52 -8.06 9.96
N PRO C 814 -64.29 -7.66 10.97
CA PRO C 814 -64.04 -6.39 11.63
C PRO C 814 -62.67 -6.39 12.30
N ILE C 815 -62.41 -7.40 13.12
CA ILE C 815 -61.19 -7.46 13.90
C ILE C 815 -59.98 -7.57 12.99
N GLU C 816 -60.11 -8.28 11.88
CA GLU C 816 -59.00 -8.37 10.93
C GLU C 816 -58.72 -7.02 10.28
N ASP C 817 -59.77 -6.24 10.00
CA ASP C 817 -59.56 -4.88 9.50
C ASP C 817 -58.80 -4.04 10.50
N LEU C 818 -59.18 -4.11 11.78
CA LEU C 818 -58.43 -3.36 12.80
C LEU C 818 -56.99 -3.84 12.89
N LEU C 819 -56.76 -5.15 12.82
CA LEU C 819 -55.41 -5.68 12.94
C LEU C 819 -54.54 -5.23 11.76
N PHE C 820 -55.13 -5.16 10.57
CA PHE C 820 -54.35 -4.70 9.42
C PHE C 820 -54.15 -3.19 9.45
N ASN C 821 -55.07 -2.44 10.05
CA ASN C 821 -54.87 -0.99 10.16
C ASN C 821 -53.83 -0.62 11.20
N LYS C 822 -53.85 -1.26 12.38
CA LYS C 822 -52.99 -0.85 13.48
C LYS C 822 -51.51 -1.00 13.18
N VAL C 823 -51.09 -2.10 12.56
CA VAL C 823 -49.68 -2.36 12.28
C VAL C 823 -49.39 -1.96 10.84
N THR C 824 -48.38 -1.12 10.67
CA THR C 824 -48.04 -0.55 9.38
C THR C 824 -46.54 -0.71 9.13
N LEU C 825 -46.18 -0.74 7.85
CA LEU C 825 -44.78 -0.90 7.47
C LEU C 825 -44.03 0.42 7.58
N PHE C 852 -33.37 1.44 -6.01
CA PHE C 852 -32.80 0.49 -5.07
C PHE C 852 -31.28 0.51 -5.16
N LYS C 853 -30.64 -0.30 -4.32
CA LYS C 853 -29.19 -0.49 -4.34
C LYS C 853 -28.85 -1.98 -4.37
N GLY C 854 -29.66 -2.75 -5.08
CA GLY C 854 -29.50 -4.19 -5.14
C GLY C 854 -30.31 -4.97 -4.14
N LEU C 855 -31.10 -4.29 -3.30
CA LEU C 855 -31.88 -4.92 -2.25
C LEU C 855 -33.36 -4.89 -2.61
N THR C 856 -33.91 -6.05 -2.96
CA THR C 856 -35.29 -6.15 -3.38
C THR C 856 -36.05 -7.03 -2.40
N VAL C 857 -37.37 -6.90 -2.41
CA VAL C 857 -38.26 -7.65 -1.54
C VAL C 857 -39.17 -8.50 -2.42
N LEU C 858 -39.08 -9.81 -2.25
CA LEU C 858 -39.95 -10.71 -2.98
C LEU C 858 -41.33 -10.77 -2.34
N PRO C 859 -42.38 -10.98 -3.14
CA PRO C 859 -43.73 -11.06 -2.58
C PRO C 859 -44.01 -12.45 -2.03
N PRO C 860 -44.80 -12.56 -0.97
CA PRO C 860 -45.16 -13.88 -0.47
C PRO C 860 -46.03 -14.64 -1.45
N LEU C 861 -45.92 -15.97 -1.40
CA LEU C 861 -46.69 -16.81 -2.30
C LEU C 861 -48.18 -16.70 -2.04
N LEU C 862 -48.59 -16.66 -0.78
CA LEU C 862 -49.99 -16.58 -0.41
C LEU C 862 -50.37 -15.11 -0.20
N THR C 863 -51.29 -14.61 -1.01
CA THR C 863 -51.79 -13.26 -0.83
C THR C 863 -52.62 -13.18 0.45
N ASP C 864 -52.84 -11.96 0.93
CA ASP C 864 -53.59 -11.78 2.17
C ASP C 864 -55.03 -12.24 2.01
N GLU C 865 -55.59 -12.14 0.79
CA GLU C 865 -56.93 -12.66 0.55
C GLU C 865 -56.96 -14.18 0.71
N MET C 866 -55.94 -14.89 0.26
CA MET C 866 -55.85 -16.36 0.36
C MET C 866 -55.64 -16.78 1.79
N ILE C 867 -54.90 -16.03 2.58
CA ILE C 867 -54.76 -16.32 4.00
C ILE C 867 -56.08 -16.06 4.74
N ALA C 868 -56.79 -14.99 4.34
CA ALA C 868 -58.09 -14.73 4.94
C ALA C 868 -59.10 -15.82 4.60
N GLN C 869 -59.02 -16.37 3.38
CA GLN C 869 -59.89 -17.49 3.02
C GLN C 869 -59.57 -18.72 3.86
N TYR C 870 -58.28 -18.98 4.09
CA TYR C 870 -57.91 -20.09 4.97
C TYR C 870 -58.48 -19.90 6.37
N THR C 871 -58.35 -18.69 6.90
CA THR C 871 -58.87 -18.41 8.24
C THR C 871 -60.39 -18.53 8.28
N SER C 872 -61.07 -18.11 7.22
CA SER C 872 -62.52 -18.26 7.18
C SER C 872 -62.92 -19.73 7.12
N ALA C 873 -62.17 -20.55 6.39
CA ALA C 873 -62.44 -21.99 6.37
C ALA C 873 -62.28 -22.57 7.76
N LEU C 874 -61.22 -22.17 8.48
CA LEU C 874 -61.03 -22.65 9.84
C LEU C 874 -62.18 -22.24 10.75
N LEU C 875 -62.60 -20.98 10.67
CA LEU C 875 -63.69 -20.50 11.52
C LEU C 875 -65.00 -21.21 11.21
N ALA C 876 -65.31 -21.40 9.92
CA ALA C 876 -66.56 -22.05 9.57
C ALA C 876 -66.56 -23.51 9.96
N GLY C 877 -65.43 -24.20 9.79
CA GLY C 877 -65.34 -25.58 10.22
C GLY C 877 -65.47 -25.74 11.72
N THR C 878 -64.85 -24.84 12.48
CA THR C 878 -64.94 -24.95 13.92
C THR C 878 -66.29 -24.50 14.48
N ILE C 879 -66.99 -23.59 13.81
CA ILE C 879 -68.31 -23.19 14.26
C ILE C 879 -69.35 -24.24 13.92
N THR C 880 -69.25 -24.84 12.73
CA THR C 880 -70.25 -25.79 12.26
C THR C 880 -70.01 -27.22 12.73
N SER C 881 -68.75 -27.61 12.93
CA SER C 881 -68.44 -29.01 13.22
C SER C 881 -67.71 -29.25 14.53
N GLY C 882 -66.81 -28.36 14.95
CA GLY C 882 -66.13 -28.58 16.22
C GLY C 882 -64.77 -29.21 16.02
N TRP C 883 -64.43 -30.17 16.89
CA TRP C 883 -63.19 -30.91 16.73
C TRP C 883 -63.16 -31.69 15.43
N THR C 884 -64.34 -32.13 14.97
CA THR C 884 -64.43 -33.28 14.08
C THR C 884 -63.75 -33.03 12.75
N PHE C 885 -63.68 -31.77 12.31
CA PHE C 885 -63.10 -31.51 11.00
C PHE C 885 -61.58 -31.59 10.99
N GLY C 886 -60.94 -31.70 12.14
CA GLY C 886 -59.49 -31.79 12.18
C GLY C 886 -58.99 -33.21 12.36
N ALA C 887 -59.90 -34.13 12.62
CA ALA C 887 -59.57 -35.53 12.86
C ALA C 887 -60.19 -36.48 11.85
N GLY C 888 -60.76 -35.97 10.76
CA GLY C 888 -61.40 -36.81 9.77
C GLY C 888 -62.44 -36.07 8.95
N PRO C 889 -63.61 -36.68 8.78
CA PRO C 889 -64.70 -36.02 8.07
C PRO C 889 -65.37 -35.00 8.98
N ALA C 890 -65.69 -33.83 8.42
CA ALA C 890 -66.31 -32.78 9.20
C ALA C 890 -67.77 -33.13 9.47
N LEU C 891 -68.11 -33.18 10.74
CA LEU C 891 -69.45 -33.65 11.12
C LEU C 891 -70.19 -32.55 11.84
N GLN C 892 -71.38 -32.23 11.42
CA GLN C 892 -72.17 -31.11 11.95
C GLN C 892 -72.64 -31.38 13.37
N ILE C 893 -72.74 -30.39 14.25
CA ILE C 893 -73.33 -30.51 15.62
C ILE C 893 -73.91 -29.14 15.91
N PRO C 894 -75.09 -28.98 16.50
CA PRO C 894 -75.54 -27.65 16.79
C PRO C 894 -74.59 -26.92 17.75
N PHE C 895 -74.22 -25.65 17.62
CA PHE C 895 -73.21 -24.94 18.47
C PHE C 895 -73.62 -24.93 19.95
N PRO C 896 -74.86 -24.69 20.39
CA PRO C 896 -75.17 -24.88 21.77
C PRO C 896 -74.91 -26.32 22.30
N MET C 897 -74.61 -27.36 21.48
CA MET C 897 -74.29 -28.76 21.85
C MET C 897 -72.80 -28.99 21.77
N GLN C 898 -72.08 -28.26 21.00
CA GLN C 898 -70.61 -28.19 20.99
C GLN C 898 -70.09 -27.55 22.27
N MET C 899 -70.72 -26.49 22.73
CA MET C 899 -70.31 -25.90 24.01
C MET C 899 -70.62 -26.81 25.18
N ALA C 900 -71.68 -27.61 25.10
CA ALA C 900 -71.91 -28.60 26.14
C ALA C 900 -70.77 -29.61 26.21
N TYR C 901 -70.30 -30.07 25.05
CA TYR C 901 -69.14 -30.95 25.02
C TYR C 901 -67.91 -30.26 25.59
N ARG C 902 -67.73 -28.97 25.29
CA ARG C 902 -66.53 -28.28 25.72
C ARG C 902 -66.57 -27.92 27.20
N PHE C 903 -67.76 -27.89 27.81
CA PHE C 903 -67.82 -27.89 29.27
C PHE C 903 -67.52 -29.26 29.85
N ASN C 904 -68.02 -30.33 29.23
CA ASN C 904 -67.64 -31.66 29.70
C ASN C 904 -66.13 -31.83 29.66
N GLY C 905 -65.46 -31.18 28.73
CA GLY C 905 -64.02 -31.32 28.60
C GLY C 905 -63.23 -30.66 29.71
N ILE C 906 -63.85 -29.82 30.53
CA ILE C 906 -63.15 -29.11 31.60
C ILE C 906 -63.68 -29.49 32.98
N GLY C 907 -64.42 -30.58 33.08
CA GLY C 907 -64.88 -31.05 34.37
C GLY C 907 -66.14 -30.41 34.89
N VAL C 908 -66.87 -29.68 34.05
CA VAL C 908 -68.16 -29.10 34.41
C VAL C 908 -69.23 -29.86 33.64
N THR C 909 -70.27 -30.31 34.34
CA THR C 909 -71.35 -31.02 33.69
C THR C 909 -71.99 -30.14 32.63
N GLN C 910 -72.76 -30.75 31.73
CA GLN C 910 -73.27 -30.04 30.57
C GLN C 910 -74.56 -29.29 30.87
N ASN C 911 -75.31 -29.70 31.90
CA ASN C 911 -76.53 -28.96 32.23
C ASN C 911 -76.20 -27.57 32.75
N VAL C 912 -74.96 -27.34 33.16
CA VAL C 912 -74.52 -25.99 33.54
C VAL C 912 -74.60 -25.07 32.33
N LEU C 913 -74.43 -25.61 31.13
CA LEU C 913 -74.59 -24.80 29.93
C LEU C 913 -76.05 -24.52 29.63
N TYR C 914 -76.85 -25.57 29.43
CA TYR C 914 -78.23 -25.39 28.98
C TYR C 914 -79.02 -24.54 29.97
N GLU C 915 -78.79 -24.74 31.26
CA GLU C 915 -79.49 -23.96 32.27
C GLU C 915 -79.05 -22.50 32.28
N ASN C 916 -77.86 -22.22 31.80
CA ASN C 916 -77.31 -20.86 31.76
C ASN C 916 -76.89 -20.48 30.35
N GLN C 917 -77.67 -20.89 29.35
CA GLN C 917 -77.25 -20.71 27.96
C GLN C 917 -77.23 -19.24 27.57
N LYS C 918 -78.30 -18.51 27.90
CA LYS C 918 -78.39 -17.11 27.47
C LYS C 918 -77.34 -16.25 28.17
N LEU C 919 -77.12 -16.50 29.46
CA LEU C 919 -76.09 -15.77 30.20
C LEU C 919 -74.71 -15.99 29.60
N ILE C 920 -74.38 -17.24 29.28
CA ILE C 920 -73.07 -17.54 28.70
C ILE C 920 -72.94 -16.92 27.31
N ALA C 921 -74.02 -16.95 26.52
CA ALA C 921 -73.98 -16.32 25.20
C ALA C 921 -73.74 -14.83 25.32
N ASN C 922 -74.40 -14.17 26.28
CA ASN C 922 -74.21 -12.74 26.48
C ASN C 922 -72.80 -12.43 26.95
N GLN C 923 -72.26 -13.25 27.85
CA GLN C 923 -70.90 -13.02 28.32
C GLN C 923 -69.89 -13.14 27.18
N PHE C 924 -70.07 -14.16 26.32
CA PHE C 924 -69.19 -14.30 25.17
C PHE C 924 -69.32 -13.12 24.22
N ASN C 925 -70.56 -12.69 23.95
CA ASN C 925 -70.76 -11.57 23.05
C ASN C 925 -70.12 -10.30 23.57
N SER C 926 -70.25 -10.04 24.89
CA SER C 926 -69.66 -8.85 25.46
C SER C 926 -68.13 -8.92 25.47
N ALA C 927 -67.58 -10.12 25.71
CA ALA C 927 -66.13 -10.27 25.66
C ALA C 927 -65.60 -9.99 24.26
N ILE C 928 -66.28 -10.52 23.24
CA ILE C 928 -65.87 -10.25 21.86
C ILE C 928 -66.03 -8.77 21.54
N GLY C 929 -67.07 -8.13 22.07
CA GLY C 929 -67.22 -6.69 21.87
C GLY C 929 -66.08 -5.91 22.49
N LYS C 930 -65.63 -6.31 23.67
CA LYS C 930 -64.53 -5.60 24.33
C LYS C 930 -63.18 -5.89 23.70
N ILE C 931 -63.03 -7.00 22.97
CA ILE C 931 -61.75 -7.29 22.32
C ILE C 931 -61.37 -6.17 21.36
N GLN C 932 -62.32 -5.73 20.54
CA GLN C 932 -62.00 -4.74 19.51
C GLN C 932 -61.63 -3.40 20.14
N ASP C 933 -62.37 -2.98 21.18
CA ASP C 933 -62.04 -1.75 21.87
C ASP C 933 -60.68 -1.85 22.56
N SER C 934 -60.38 -3.00 23.16
CA SER C 934 -59.08 -3.19 23.78
C SER C 934 -57.96 -3.10 22.75
N LEU C 935 -58.14 -3.70 21.59
CA LEU C 935 -57.10 -3.67 20.56
C LEU C 935 -56.91 -2.27 19.99
N SER C 936 -58.01 -1.56 19.74
CA SER C 936 -57.88 -0.23 19.13
C SER C 936 -57.35 0.80 20.14
N SER C 937 -57.86 0.76 21.37
CA SER C 937 -57.45 1.75 22.36
C SER C 937 -55.99 1.60 22.74
N THR C 938 -55.52 0.37 22.91
CA THR C 938 -54.13 0.15 23.29
C THR C 938 -53.20 0.61 22.18
N PRO C 939 -52.13 1.31 22.58
CA PRO C 939 -51.19 1.84 21.60
C PRO C 939 -50.26 0.74 21.07
N SER C 940 -49.88 -0.20 21.92
CA SER C 940 -48.91 -1.22 21.55
C SER C 940 -49.46 -2.62 21.78
N ALA C 941 -50.70 -2.85 21.31
CA ALA C 941 -51.27 -4.19 21.39
C ALA C 941 -50.53 -5.16 20.48
N LEU C 942 -50.16 -4.71 19.28
CA LEU C 942 -49.53 -5.54 18.27
C LEU C 942 -48.02 -5.40 18.26
N GLY C 943 -47.40 -5.30 19.43
CA GLY C 943 -45.99 -4.96 19.50
C GLY C 943 -45.07 -5.95 18.83
N LYS C 944 -45.42 -7.23 18.83
CA LYS C 944 -44.48 -8.25 18.33
C LYS C 944 -44.29 -8.17 16.82
N LEU C 945 -45.39 -8.07 16.07
CA LEU C 945 -45.28 -7.93 14.62
C LEU C 945 -44.60 -6.62 14.24
N GLN C 946 -44.94 -5.54 14.94
CA GLN C 946 -44.27 -4.28 14.68
C GLN C 946 -42.78 -4.37 14.96
N ASP C 947 -42.40 -5.10 16.01
CA ASP C 947 -40.99 -5.26 16.34
C ASP C 947 -40.25 -6.05 15.28
N VAL C 948 -40.86 -7.11 14.74
CA VAL C 948 -40.14 -7.87 13.71
C VAL C 948 -40.00 -7.04 12.44
N VAL C 949 -41.04 -6.26 12.11
CA VAL C 949 -40.96 -5.37 10.94
C VAL C 949 -39.86 -4.34 11.14
N ASN C 950 -39.78 -3.76 12.34
CA ASN C 950 -38.77 -2.77 12.63
C ASN C 950 -37.37 -3.38 12.62
N HIS C 951 -37.23 -4.63 13.07
CA HIS C 951 -35.93 -5.28 13.02
C HIS C 951 -35.47 -5.48 11.59
N ASN C 952 -36.38 -5.93 10.71
CA ASN C 952 -36.01 -6.08 9.30
C ASN C 952 -35.63 -4.73 8.70
N ALA C 953 -36.43 -3.70 8.97
CA ALA C 953 -36.15 -2.37 8.41
C ALA C 953 -34.83 -1.84 8.92
N GLN C 954 -34.52 -2.03 10.21
CA GLN C 954 -33.27 -1.57 10.77
C GLN C 954 -32.08 -2.31 10.15
N ALA C 955 -32.22 -3.62 9.94
CA ALA C 955 -31.14 -4.36 9.29
C ALA C 955 -30.87 -3.84 7.89
N LEU C 956 -31.93 -3.61 7.11
CA LEU C 956 -31.74 -3.09 5.76
C LEU C 956 -31.14 -1.68 5.79
N ASN C 957 -31.59 -0.85 6.73
CA ASN C 957 -31.08 0.50 6.86
C ASN C 957 -29.60 0.51 7.21
N THR C 958 -29.20 -0.38 8.13
CA THR C 958 -27.79 -0.51 8.46
C THR C 958 -26.99 -0.96 7.24
N LEU C 959 -27.54 -1.91 6.47
CA LEU C 959 -26.83 -2.38 5.28
C LEU C 959 -26.62 -1.26 4.28
N VAL C 960 -27.64 -0.43 4.06
CA VAL C 960 -27.51 0.67 3.10
C VAL C 960 -26.55 1.72 3.63
N LYS C 961 -26.68 2.09 4.90
CA LYS C 961 -25.84 3.14 5.49
C LYS C 961 -24.38 2.70 5.57
N GLN C 962 -24.14 1.39 5.61
CA GLN C 962 -22.78 0.88 5.68
C GLN C 962 -22.03 1.11 4.38
N LEU C 963 -22.74 1.47 3.31
CA LEU C 963 -22.10 1.74 2.02
C LEU C 963 -21.25 2.99 2.06
N SER C 964 -21.68 4.01 2.81
CA SER C 964 -20.98 5.29 2.81
C SER C 964 -19.71 5.25 3.63
N SER C 965 -19.52 4.24 4.47
CA SER C 965 -18.29 4.13 5.25
C SER C 965 -17.11 3.87 4.32
N LYS C 966 -15.98 4.53 4.60
CA LYS C 966 -14.84 4.46 3.69
C LYS C 966 -13.99 3.22 3.92
N PHE C 967 -14.16 2.56 5.07
CA PHE C 967 -13.39 1.36 5.42
C PHE C 967 -11.88 1.63 5.40
N GLY C 968 -11.51 2.88 5.67
CA GLY C 968 -10.11 3.27 5.64
C GLY C 968 -9.57 3.64 4.28
N ALA C 969 -10.37 3.54 3.23
CA ALA C 969 -9.93 3.96 1.91
C ALA C 969 -10.00 5.48 1.80
N ILE C 970 -9.34 6.01 0.77
CA ILE C 970 -9.25 7.46 0.62
C ILE C 970 -10.62 8.07 0.36
N SER C 971 -11.56 7.28 -0.17
CA SER C 971 -12.91 7.78 -0.41
C SER C 971 -13.86 6.59 -0.52
N SER C 972 -15.15 6.89 -0.41
CA SER C 972 -16.19 5.88 -0.45
C SER C 972 -16.90 5.79 -1.81
N VAL C 973 -16.39 6.48 -2.83
CA VAL C 973 -16.99 6.50 -4.15
C VAL C 973 -16.02 5.90 -5.15
N LEU C 974 -16.53 4.99 -5.98
CA LEU C 974 -15.68 4.24 -6.89
C LEU C 974 -15.05 5.14 -7.95
N ASN C 975 -15.80 6.15 -8.42
CA ASN C 975 -15.32 7.00 -9.50
C ASN C 975 -14.06 7.76 -9.11
N ASP C 976 -14.04 8.31 -7.89
CA ASP C 976 -12.86 9.06 -7.46
C ASP C 976 -11.69 8.12 -7.18
N ILE C 977 -11.97 6.88 -6.81
CA ILE C 977 -10.89 5.91 -6.64
C ILE C 977 -10.25 5.61 -7.98
N PHE C 978 -11.07 5.41 -9.02
CA PHE C 978 -10.52 5.10 -10.33
C PHE C 978 -10.07 6.34 -11.09
N SER C 979 -10.35 7.53 -10.56
CA SER C 979 -10.07 8.76 -11.31
C SER C 979 -8.71 9.34 -10.93
N ARG C 980 -8.50 9.65 -9.65
CA ARG C 980 -7.32 10.37 -9.20
C ARG C 980 -6.20 9.43 -8.74
N LEU C 981 -6.12 8.23 -9.29
CA LEU C 981 -5.08 7.29 -8.93
C LEU C 981 -4.73 6.44 -10.14
N ASP C 982 -3.48 5.96 -10.16
CA ASP C 982 -3.08 4.97 -11.14
C ASP C 982 -3.72 3.63 -10.81
N PRO C 983 -3.95 2.78 -11.81
CA PRO C 983 -4.57 1.47 -11.56
C PRO C 983 -3.82 0.66 -10.52
N PRO C 984 -2.47 0.64 -10.54
CA PRO C 984 -1.77 -0.02 -9.42
C PRO C 984 -2.05 0.61 -8.07
N GLU C 985 -2.26 1.93 -8.05
CA GLU C 985 -2.59 2.59 -6.78
C GLU C 985 -4.04 2.35 -6.39
N ALA C 986 -4.94 2.25 -7.36
CA ALA C 986 -6.35 2.01 -7.07
C ALA C 986 -6.66 0.56 -6.73
N GLU C 987 -5.76 -0.37 -7.05
CA GLU C 987 -6.02 -1.78 -6.76
C GLU C 987 -6.26 -2.01 -5.28
N VAL C 988 -5.40 -1.45 -4.42
CA VAL C 988 -5.51 -1.71 -2.98
C VAL C 988 -6.77 -1.06 -2.42
N GLN C 989 -7.11 0.14 -2.90
CA GLN C 989 -8.30 0.82 -2.41
C GLN C 989 -9.56 0.05 -2.80
N ILE C 990 -9.63 -0.41 -4.05
CA ILE C 990 -10.79 -1.18 -4.48
C ILE C 990 -10.86 -2.50 -3.73
N ASP C 991 -9.71 -3.13 -3.47
CA ASP C 991 -9.71 -4.36 -2.69
C ASP C 991 -10.26 -4.12 -1.30
N ARG C 992 -9.85 -3.02 -0.66
CA ARG C 992 -10.36 -2.69 0.66
C ARG C 992 -11.87 -2.50 0.64
N LEU C 993 -12.37 -1.75 -0.35
CA LEU C 993 -13.81 -1.52 -0.43
C LEU C 993 -14.57 -2.82 -0.66
N ILE C 994 -14.07 -3.67 -1.58
CA ILE C 994 -14.74 -4.92 -1.88
C ILE C 994 -14.80 -5.82 -0.65
N THR C 995 -13.67 -5.94 0.06
CA THR C 995 -13.65 -6.84 1.22
C THR C 995 -14.51 -6.30 2.35
N GLY C 996 -14.54 -4.97 2.54
CA GLY C 996 -15.40 -4.42 3.57
C GLY C 996 -16.87 -4.64 3.28
N ARG C 997 -17.27 -4.45 2.03
CA ARG C 997 -18.68 -4.63 1.70
C ARG C 997 -19.08 -6.10 1.70
N LEU C 998 -18.16 -7.00 1.32
CA LEU C 998 -18.43 -8.42 1.47
C LEU C 998 -18.60 -8.79 2.94
N GLN C 999 -17.77 -8.24 3.81
CA GLN C 999 -17.92 -8.46 5.25
C GLN C 999 -19.28 -7.99 5.74
N SER C 1000 -19.70 -6.79 5.33
CA SER C 1000 -20.99 -6.27 5.76
C SER C 1000 -22.13 -7.14 5.27
N LEU C 1001 -22.06 -7.59 4.02
CA LEU C 1001 -23.12 -8.42 3.46
C LEU C 1001 -23.19 -9.78 4.15
N GLN C 1002 -22.03 -10.36 4.47
CA GLN C 1002 -22.01 -11.64 5.19
C GLN C 1002 -22.58 -11.47 6.60
N THR C 1003 -22.26 -10.37 7.27
CA THR C 1003 -22.86 -10.10 8.58
C THR C 1003 -24.37 -9.99 8.48
N TYR C 1004 -24.86 -9.29 7.45
CA TYR C 1004 -26.30 -9.19 7.25
C TYR C 1004 -26.93 -10.55 7.06
N VAL C 1005 -26.30 -11.42 6.26
CA VAL C 1005 -26.87 -12.74 6.00
C VAL C 1005 -26.88 -13.59 7.26
N THR C 1006 -25.81 -13.52 8.06
CA THR C 1006 -25.77 -14.30 9.29
C THR C 1006 -26.84 -13.83 10.28
N GLN C 1007 -27.00 -12.52 10.44
CA GLN C 1007 -28.04 -12.02 11.32
C GLN C 1007 -29.42 -12.44 10.82
N GLN C 1008 -29.62 -12.43 9.50
CA GLN C 1008 -30.88 -12.88 8.93
C GLN C 1008 -31.12 -14.35 9.20
N LEU C 1009 -30.07 -15.17 9.17
CA LEU C 1009 -30.22 -16.58 9.49
C LEU C 1009 -30.66 -16.77 10.94
N ILE C 1010 -30.06 -16.01 11.86
CA ILE C 1010 -30.44 -16.12 13.27
C ILE C 1010 -31.90 -15.69 13.46
N ARG C 1011 -32.29 -14.56 12.87
CA ARG C 1011 -33.68 -14.13 13.00
C ARG C 1011 -34.64 -15.08 12.33
N ALA C 1012 -34.24 -15.70 11.22
CA ALA C 1012 -35.09 -16.68 10.57
C ALA C 1012 -35.29 -17.90 11.44
N ALA C 1013 -34.25 -18.32 12.17
CA ALA C 1013 -34.41 -19.41 13.13
C ALA C 1013 -35.41 -19.04 14.22
N GLU C 1014 -35.32 -17.81 14.72
CA GLU C 1014 -36.27 -17.37 15.75
C GLU C 1014 -37.71 -17.32 15.21
N ILE C 1015 -37.88 -16.81 13.99
CA ILE C 1015 -39.21 -16.74 13.38
C ILE C 1015 -39.75 -18.13 13.10
N ARG C 1016 -38.88 -19.07 12.72
CA ARG C 1016 -39.30 -20.44 12.51
C ARG C 1016 -39.77 -21.08 13.81
N ALA C 1017 -39.08 -20.79 14.91
CA ALA C 1017 -39.54 -21.29 16.21
C ALA C 1017 -40.92 -20.73 16.53
N SER C 1018 -41.12 -19.44 16.29
CA SER C 1018 -42.43 -18.83 16.58
C SER C 1018 -43.53 -19.39 15.66
N ALA C 1019 -43.19 -19.68 14.41
CA ALA C 1019 -44.16 -20.26 13.49
C ALA C 1019 -44.50 -21.69 13.86
N ASN C 1020 -43.52 -22.45 14.36
CA ASN C 1020 -43.81 -23.78 14.88
C ASN C 1020 -44.74 -23.71 16.08
N LEU C 1021 -44.51 -22.74 16.96
CA LEU C 1021 -45.41 -22.54 18.09
C LEU C 1021 -46.81 -22.19 17.62
N ALA C 1022 -46.92 -21.33 16.61
CA ALA C 1022 -48.24 -20.93 16.11
C ALA C 1022 -48.95 -22.10 15.44
N ALA C 1023 -48.21 -22.95 14.74
CA ALA C 1023 -48.81 -24.14 14.14
C ALA C 1023 -49.32 -25.11 15.21
N THR C 1024 -48.54 -25.29 16.28
CA THR C 1024 -49.00 -26.15 17.37
C THR C 1024 -50.23 -25.57 18.06
N LYS C 1025 -50.27 -24.24 18.21
CA LYS C 1025 -51.43 -23.60 18.82
C LYS C 1025 -52.65 -23.71 17.92
N MET C 1026 -52.46 -23.66 16.61
CA MET C 1026 -53.58 -23.89 15.70
C MET C 1026 -54.10 -25.31 15.81
N SER C 1027 -53.19 -26.28 15.87
CA SER C 1027 -53.62 -27.67 15.92
C SER C 1027 -54.32 -28.02 17.22
N GLU C 1028 -53.86 -27.45 18.33
CA GLU C 1028 -54.37 -27.92 19.62
C GLU C 1028 -55.42 -26.99 20.21
N CYS C 1029 -55.30 -25.69 20.00
CA CYS C 1029 -56.28 -24.74 20.52
C CYS C 1029 -57.48 -24.61 19.58
N VAL C 1030 -57.23 -24.44 18.29
CA VAL C 1030 -58.30 -24.18 17.33
C VAL C 1030 -58.95 -25.47 16.85
N LEU C 1031 -58.15 -26.49 16.53
CA LEU C 1031 -58.68 -27.75 16.02
C LEU C 1031 -59.04 -28.74 17.12
N GLY C 1032 -58.85 -28.37 18.39
CA GLY C 1032 -59.23 -29.23 19.47
C GLY C 1032 -59.54 -28.43 20.70
N GLN C 1033 -59.54 -29.11 21.84
CA GLN C 1033 -59.62 -28.46 23.15
C GLN C 1033 -58.48 -28.97 24.01
N SER C 1034 -57.64 -28.05 24.46
CA SER C 1034 -56.35 -28.40 25.06
C SER C 1034 -56.48 -28.48 26.58
N LYS C 1035 -55.93 -29.55 27.15
CA LYS C 1035 -55.85 -29.71 28.59
C LYS C 1035 -54.52 -29.23 29.17
N ARG C 1036 -53.60 -28.79 28.32
CA ARG C 1036 -52.36 -28.20 28.80
C ARG C 1036 -52.64 -26.86 29.46
N VAL C 1037 -51.98 -26.62 30.60
CA VAL C 1037 -52.27 -25.45 31.41
C VAL C 1037 -51.59 -24.24 30.81
N ASP C 1038 -52.34 -23.13 30.71
CA ASP C 1038 -51.81 -21.84 30.29
C ASP C 1038 -51.26 -21.87 28.86
N PHE C 1039 -51.68 -22.86 28.07
CA PHE C 1039 -51.26 -22.94 26.68
C PHE C 1039 -52.21 -22.14 25.78
N CYS C 1040 -53.49 -22.46 25.81
CA CYS C 1040 -54.49 -21.71 25.07
C CYS C 1040 -55.20 -20.72 26.00
N GLY C 1041 -54.41 -19.84 26.60
CA GLY C 1041 -54.93 -18.78 27.44
C GLY C 1041 -55.07 -19.17 28.90
N LYS C 1042 -55.27 -18.15 29.73
CA LYS C 1042 -55.35 -18.31 31.18
C LYS C 1042 -56.79 -18.63 31.58
N GLY C 1043 -56.97 -19.73 32.29
CA GLY C 1043 -58.27 -20.29 32.58
C GLY C 1043 -58.40 -21.69 32.03
N TYR C 1044 -59.63 -22.20 32.09
CA TYR C 1044 -59.89 -23.51 31.49
C TYR C 1044 -60.31 -23.33 30.04
N HIS C 1045 -59.46 -23.73 29.10
CA HIS C 1045 -59.71 -23.51 27.69
C HIS C 1045 -61.03 -24.13 27.25
N LEU C 1046 -61.79 -23.38 26.44
CA LEU C 1046 -63.00 -23.87 25.81
C LEU C 1046 -62.83 -23.99 24.30
N MET C 1047 -62.42 -22.91 23.63
CA MET C 1047 -62.21 -22.91 22.19
C MET C 1047 -61.41 -21.67 21.83
N SER C 1048 -60.82 -21.67 20.64
CA SER C 1048 -60.01 -20.55 20.17
C SER C 1048 -60.35 -20.29 18.72
N PHE C 1049 -60.08 -19.06 18.28
CA PHE C 1049 -60.38 -18.61 16.94
C PHE C 1049 -59.17 -17.95 16.31
N PRO C 1050 -58.84 -18.27 15.06
CA PRO C 1050 -57.72 -17.61 14.40
C PRO C 1050 -58.13 -16.35 13.66
N GLN C 1051 -57.20 -15.40 13.62
CA GLN C 1051 -57.33 -14.20 12.83
C GLN C 1051 -56.00 -13.94 12.15
N SER C 1052 -56.04 -13.59 10.87
CA SER C 1052 -54.81 -13.28 10.16
C SER C 1052 -54.32 -11.89 10.54
N ALA C 1053 -53.01 -11.70 10.50
CA ALA C 1053 -52.38 -10.41 10.71
C ALA C 1053 -51.29 -10.27 9.66
N PRO C 1054 -50.78 -9.06 9.45
CA PRO C 1054 -49.84 -8.87 8.32
C PRO C 1054 -48.66 -9.81 8.29
N HIS C 1055 -48.08 -10.18 9.44
CA HIS C 1055 -47.02 -11.16 9.42
C HIS C 1055 -47.16 -12.18 10.54
N GLY C 1056 -48.38 -12.54 10.89
CA GLY C 1056 -48.59 -13.46 11.98
C GLY C 1056 -50.04 -13.81 12.16
N VAL C 1057 -50.33 -14.40 13.31
CA VAL C 1057 -51.66 -14.88 13.62
C VAL C 1057 -52.06 -14.43 15.01
N VAL C 1058 -53.34 -14.10 15.17
CA VAL C 1058 -53.91 -13.65 16.43
C VAL C 1058 -54.93 -14.70 16.86
N PHE C 1059 -54.74 -15.25 18.05
CA PHE C 1059 -55.60 -16.29 18.58
C PHE C 1059 -56.52 -15.67 19.62
N LEU C 1060 -57.82 -15.94 19.50
CA LEU C 1060 -58.81 -15.42 20.44
C LEU C 1060 -59.22 -16.56 21.37
N HIS C 1061 -58.48 -16.69 22.45
CA HIS C 1061 -58.68 -17.80 23.38
C HIS C 1061 -59.90 -17.54 24.25
N VAL C 1062 -60.86 -18.44 24.19
CA VAL C 1062 -62.05 -18.41 25.04
C VAL C 1062 -61.83 -19.36 26.20
N THR C 1063 -61.98 -18.85 27.42
CA THR C 1063 -61.67 -19.64 28.61
C THR C 1063 -62.78 -19.47 29.64
N TYR C 1064 -62.91 -20.50 30.48
CA TYR C 1064 -63.82 -20.52 31.61
C TYR C 1064 -63.03 -20.15 32.86
N VAL C 1065 -63.49 -19.15 33.59
CA VAL C 1065 -62.83 -18.70 34.80
C VAL C 1065 -63.82 -18.76 35.96
N PRO C 1066 -63.59 -19.61 36.95
CA PRO C 1066 -64.51 -19.66 38.09
C PRO C 1066 -64.51 -18.37 38.89
N ALA C 1067 -65.63 -18.09 39.55
CA ALA C 1067 -65.79 -16.83 40.26
C ALA C 1067 -66.81 -17.01 41.37
N GLN C 1068 -66.79 -16.13 42.36
CA GLN C 1068 -67.74 -16.13 43.49
C GLN C 1068 -67.55 -17.35 44.36
N GLU C 1069 -66.37 -17.55 44.93
CA GLU C 1069 -66.03 -18.71 45.78
C GLU C 1069 -66.78 -18.60 47.09
N LYS C 1070 -67.21 -19.74 47.63
CA LYS C 1070 -67.91 -19.78 48.92
C LYS C 1070 -67.20 -20.82 49.76
N ASN C 1071 -67.04 -20.60 51.05
CA ASN C 1071 -66.41 -21.49 52.02
C ASN C 1071 -67.34 -22.63 52.40
N PHE C 1072 -66.76 -23.80 52.66
CA PHE C 1072 -67.52 -24.96 53.08
C PHE C 1072 -66.63 -25.83 53.94
N THR C 1073 -67.25 -26.73 54.69
CA THR C 1073 -66.55 -27.75 55.46
C THR C 1073 -66.62 -29.06 54.70
N THR C 1074 -65.50 -29.77 54.65
CA THR C 1074 -65.38 -30.94 53.78
C THR C 1074 -64.88 -32.13 54.59
N ALA C 1075 -65.22 -33.33 54.11
CA ALA C 1075 -64.85 -34.59 54.72
C ALA C 1075 -64.36 -35.55 53.65
N PRO C 1076 -63.25 -36.26 53.92
CA PRO C 1076 -62.72 -37.18 52.89
C PRO C 1076 -63.61 -38.38 52.63
N ALA C 1077 -64.42 -38.80 53.59
CA ALA C 1077 -65.30 -39.95 53.41
C ALA C 1077 -66.46 -39.83 54.37
N ILE C 1078 -67.50 -40.64 54.12
CA ILE C 1078 -68.69 -40.68 54.96
C ILE C 1078 -68.78 -42.07 55.57
N CYS C 1079 -68.87 -42.15 56.89
CA CYS C 1079 -69.03 -43.42 57.57
C CYS C 1079 -70.52 -43.72 57.72
N HIS C 1080 -71.01 -44.71 56.97
CA HIS C 1080 -72.40 -45.11 57.06
C HIS C 1080 -72.47 -46.62 57.14
N ASP C 1081 -73.31 -47.13 58.05
CA ASP C 1081 -73.48 -48.57 58.24
C ASP C 1081 -72.16 -49.26 58.58
N GLY C 1082 -71.22 -48.52 59.16
CA GLY C 1082 -69.92 -49.05 59.49
C GLY C 1082 -68.97 -49.19 58.32
N LYS C 1083 -69.30 -48.63 57.16
CA LYS C 1083 -68.44 -48.71 55.99
C LYS C 1083 -68.21 -47.31 55.44
N ALA C 1084 -67.04 -47.12 54.83
CA ALA C 1084 -66.62 -45.82 54.32
C ALA C 1084 -67.13 -45.62 52.90
N HIS C 1085 -67.58 -44.41 52.61
CA HIS C 1085 -68.08 -44.03 51.29
C HIS C 1085 -67.29 -42.85 50.77
N PHE C 1086 -66.93 -42.91 49.49
CA PHE C 1086 -66.21 -41.87 48.79
C PHE C 1086 -67.01 -41.45 47.58
N PRO C 1087 -66.93 -40.20 47.16
CA PRO C 1087 -67.69 -39.76 45.99
C PRO C 1087 -67.11 -40.31 44.70
N ARG C 1088 -67.99 -40.77 43.81
CA ARG C 1088 -67.52 -41.22 42.51
C ARG C 1088 -66.90 -40.08 41.73
N GLU C 1089 -67.59 -38.95 41.66
CA GLU C 1089 -67.02 -37.73 41.11
C GLU C 1089 -67.62 -36.55 41.84
N GLY C 1090 -66.75 -35.73 42.42
CA GLY C 1090 -67.21 -34.65 43.26
C GLY C 1090 -66.56 -34.68 44.63
N VAL C 1091 -67.01 -33.76 45.49
CA VAL C 1091 -66.50 -33.62 46.85
C VAL C 1091 -67.68 -33.57 47.81
N PHE C 1092 -67.40 -33.94 49.06
CA PHE C 1092 -68.35 -33.79 50.15
C PHE C 1092 -68.19 -32.41 50.75
N VAL C 1093 -69.29 -31.68 50.90
CA VAL C 1093 -69.27 -30.35 51.49
C VAL C 1093 -70.40 -30.24 52.49
N SER C 1094 -70.31 -29.27 53.39
CA SER C 1094 -71.32 -29.03 54.40
C SER C 1094 -71.61 -27.54 54.48
N ASN C 1095 -72.89 -27.18 54.41
CA ASN C 1095 -73.24 -25.77 54.59
C ASN C 1095 -73.30 -25.39 56.06
N GLY C 1096 -73.19 -26.37 56.95
CA GLY C 1096 -73.18 -26.12 58.37
C GLY C 1096 -73.99 -27.15 59.15
N THR C 1097 -75.02 -27.70 58.52
CA THR C 1097 -75.89 -28.67 59.19
C THR C 1097 -76.06 -29.94 58.36
N HIS C 1098 -75.93 -29.82 57.03
CA HIS C 1098 -76.23 -30.91 56.13
C HIS C 1098 -75.04 -31.20 55.24
N TRP C 1099 -74.95 -32.43 54.75
CA TRP C 1099 -73.84 -32.88 53.93
C TRP C 1099 -74.30 -33.15 52.50
N PHE C 1100 -73.53 -32.68 51.53
CA PHE C 1100 -73.90 -32.73 50.12
C PHE C 1100 -72.71 -33.18 49.29
N VAL C 1101 -73.02 -33.77 48.14
CA VAL C 1101 -72.02 -34.01 47.10
C VAL C 1101 -72.14 -32.91 46.05
N THR C 1102 -71.02 -32.34 45.67
CA THR C 1102 -71.03 -31.34 44.61
C THR C 1102 -69.91 -31.62 43.63
N GLN C 1103 -70.11 -31.25 42.38
CA GLN C 1103 -69.03 -31.31 41.42
C GLN C 1103 -67.96 -30.28 41.79
N ARG C 1104 -66.72 -30.58 41.42
CA ARG C 1104 -65.59 -29.85 41.98
C ARG C 1104 -65.60 -28.38 41.57
N ASN C 1105 -65.92 -28.09 40.31
CA ASN C 1105 -65.69 -26.77 39.74
C ASN C 1105 -66.91 -25.88 39.68
N PHE C 1106 -68.03 -26.30 40.27
CA PHE C 1106 -69.25 -25.49 40.23
C PHE C 1106 -70.15 -25.95 41.35
N TYR C 1107 -70.57 -25.04 42.21
CA TYR C 1107 -71.31 -25.44 43.41
C TYR C 1107 -72.73 -25.82 43.02
N GLU C 1108 -73.00 -27.13 43.03
CA GLU C 1108 -74.34 -27.68 42.81
C GLU C 1108 -74.54 -28.82 43.79
N PRO C 1109 -75.01 -28.53 45.00
CA PRO C 1109 -75.11 -29.56 46.05
C PRO C 1109 -76.22 -30.55 45.74
N GLN C 1110 -75.94 -31.82 45.97
CA GLN C 1110 -76.88 -32.91 45.75
C GLN C 1110 -76.96 -33.81 46.98
N ILE C 1111 -78.10 -34.48 47.12
CA ILE C 1111 -78.28 -35.43 48.22
C ILE C 1111 -77.33 -36.60 48.05
N ILE C 1112 -76.68 -37.00 49.14
CA ILE C 1112 -75.74 -38.12 49.10
C ILE C 1112 -76.52 -39.42 49.04
N THR C 1113 -76.34 -40.17 47.95
CA THR C 1113 -77.01 -41.44 47.77
C THR C 1113 -75.96 -42.49 47.43
N THR C 1114 -76.41 -43.72 47.21
CA THR C 1114 -75.49 -44.78 46.81
C THR C 1114 -75.17 -44.75 45.33
N ASP C 1115 -75.86 -43.90 44.56
CA ASP C 1115 -75.59 -43.81 43.13
C ASP C 1115 -74.33 -43.00 42.86
N ASN C 1116 -74.07 -41.98 43.69
CA ASN C 1116 -72.94 -41.09 43.48
C ASN C 1116 -71.81 -41.31 44.47
N THR C 1117 -71.87 -42.38 45.26
CA THR C 1117 -70.80 -42.75 46.17
C THR C 1117 -70.49 -44.24 46.01
N PHE C 1118 -69.28 -44.62 46.39
CA PHE C 1118 -68.84 -46.01 46.37
C PHE C 1118 -68.12 -46.35 47.65
N VAL C 1119 -68.16 -47.63 48.02
CA VAL C 1119 -67.69 -48.10 49.31
C VAL C 1119 -66.31 -48.72 49.17
N SER C 1120 -65.49 -48.54 50.20
CA SER C 1120 -64.20 -49.23 50.26
C SER C 1120 -63.78 -49.34 51.73
N GLY C 1121 -63.93 -50.51 52.32
CA GLY C 1121 -63.47 -50.75 53.67
C GLY C 1121 -64.43 -50.23 54.72
N ASN C 1122 -63.95 -50.23 55.96
CA ASN C 1122 -64.71 -49.70 57.09
C ASN C 1122 -64.13 -48.36 57.55
N CYS C 1123 -64.71 -47.82 58.62
CA CYS C 1123 -64.46 -46.44 59.01
C CYS C 1123 -63.24 -46.27 59.90
N ASP C 1124 -62.49 -47.33 60.18
CA ASP C 1124 -61.38 -47.23 61.13
C ASP C 1124 -60.02 -46.98 60.48
N VAL C 1125 -59.96 -46.82 59.16
CA VAL C 1125 -58.67 -46.60 58.49
C VAL C 1125 -58.50 -45.19 57.93
N VAL C 1126 -59.55 -44.38 57.92
CA VAL C 1126 -59.53 -43.08 57.25
C VAL C 1126 -59.42 -42.00 58.30
N ILE C 1127 -58.48 -41.07 58.09
CA ILE C 1127 -58.28 -39.96 59.01
C ILE C 1127 -59.18 -38.80 58.57
N GLY C 1128 -60.27 -38.57 59.31
CA GLY C 1128 -61.19 -37.50 58.97
C GLY C 1128 -62.54 -37.95 58.49
N ILE C 1129 -62.84 -39.24 58.54
CA ILE C 1129 -64.16 -39.73 58.18
C ILE C 1129 -65.20 -39.16 59.15
N VAL C 1130 -66.39 -38.85 58.63
CA VAL C 1130 -67.45 -38.26 59.43
C VAL C 1130 -68.68 -39.15 59.34
N ASN C 1131 -69.64 -38.86 60.20
CA ASN C 1131 -70.86 -39.64 60.30
C ASN C 1131 -72.02 -38.92 59.63
N ASN C 1132 -72.64 -39.60 58.67
CA ASN C 1132 -73.78 -39.05 57.94
C ASN C 1132 -74.53 -40.22 57.33
N THR C 1133 -75.79 -39.97 56.98
CA THR C 1133 -76.58 -41.00 56.33
C THR C 1133 -76.33 -40.99 54.83
N VAL C 1134 -76.42 -42.16 54.22
CA VAL C 1134 -76.30 -42.31 52.76
C VAL C 1134 -77.63 -42.89 52.29
N TYR C 1135 -78.38 -42.10 51.54
CA TYR C 1135 -79.72 -42.46 51.11
C TYR C 1135 -79.68 -43.50 50.01
N ASP C 1136 -80.56 -44.50 50.10
CA ASP C 1136 -80.65 -45.54 49.08
C ASP C 1136 -81.94 -45.39 48.31
N PRO C 1137 -81.89 -45.13 47.00
CA PRO C 1137 -83.13 -44.89 46.25
C PRO C 1137 -84.05 -46.08 46.16
N LEU C 1138 -83.57 -47.29 46.45
CA LEU C 1138 -84.43 -48.47 46.34
C LEU C 1138 -85.48 -48.51 47.45
N GLN C 1139 -85.10 -48.12 48.67
CA GLN C 1139 -86.02 -48.25 49.81
C GLN C 1139 -87.34 -47.50 49.62
N PRO C 1140 -87.37 -46.26 49.12
CA PRO C 1140 -88.68 -45.62 48.89
C PRO C 1140 -89.59 -46.40 47.96
N GLU C 1141 -89.04 -47.06 46.94
CA GLU C 1141 -89.86 -47.90 46.08
C GLU C 1141 -90.51 -49.02 46.89
N LEU C 1142 -89.82 -49.52 47.91
CA LEU C 1142 -90.36 -50.53 48.81
C LEU C 1142 -90.87 -51.74 48.04
N ASP C 1143 -89.97 -52.41 47.33
CA ASP C 1143 -90.33 -53.59 46.54
C ASP C 1143 -90.84 -54.72 47.43
N GLU D 1 69.15 29.11 3.00
CA GLU D 1 68.69 30.43 3.53
C GLU D 1 67.16 30.46 3.52
N VAL D 2 66.57 31.22 4.44
CA VAL D 2 65.09 31.32 4.50
C VAL D 2 64.68 32.36 3.45
N GLN D 3 63.58 32.11 2.75
CA GLN D 3 63.11 33.11 1.79
C GLN D 3 61.68 32.83 1.38
N LEU D 4 60.90 33.89 1.15
CA LEU D 4 59.52 33.74 0.59
C LEU D 4 59.44 34.69 -0.61
N VAL D 5 59.09 34.23 -1.81
CA VAL D 5 59.06 35.00 -3.05
C VAL D 5 57.67 34.88 -3.65
N GLU D 6 57.08 36.03 -3.98
CA GLU D 6 55.70 36.12 -4.45
C GLU D 6 55.62 36.73 -5.83
N SER D 7 54.74 36.16 -6.65
CA SER D 7 54.52 36.58 -8.03
C SER D 7 53.03 36.58 -8.32
N GLY D 8 52.67 37.22 -9.42
CA GLY D 8 51.27 37.36 -9.82
C GLY D 8 50.77 38.78 -9.86
N GLY D 9 51.64 39.79 -9.75
CA GLY D 9 51.21 41.16 -9.63
C GLY D 9 51.36 41.94 -10.92
N GLY D 10 50.31 42.68 -11.27
CA GLY D 10 50.32 43.52 -12.46
C GLY D 10 49.00 44.25 -12.59
N LEU D 11 48.88 44.98 -13.68
CA LEU D 11 47.64 45.69 -13.97
C LEU D 11 46.50 44.70 -14.17
N VAL D 12 45.30 45.13 -13.77
CA VAL D 12 44.10 44.31 -13.96
C VAL D 12 42.89 45.22 -13.87
N GLN D 13 41.81 44.83 -14.55
CA GLN D 13 40.59 45.62 -14.62
C GLN D 13 39.74 45.40 -13.38
N PRO D 14 38.91 46.37 -13.02
CA PRO D 14 37.99 46.19 -11.89
C PRO D 14 37.09 44.97 -12.10
N GLY D 15 36.86 44.23 -11.03
CA GLY D 15 36.12 43.00 -11.11
C GLY D 15 36.90 41.81 -11.64
N GLY D 16 38.19 41.97 -11.88
CA GLY D 16 38.99 40.88 -12.39
C GLY D 16 39.24 39.80 -11.36
N SER D 17 40.12 38.87 -11.71
CA SER D 17 40.48 37.75 -10.85
C SER D 17 41.95 37.43 -11.03
N LEU D 18 42.65 37.22 -9.91
CA LEU D 18 44.07 36.90 -9.92
C LEU D 18 44.34 35.74 -8.99
N ARG D 19 45.46 35.05 -9.24
CA ARG D 19 45.99 34.04 -8.34
C ARG D 19 47.39 34.48 -7.94
N LEU D 20 47.49 35.28 -6.88
CA LEU D 20 48.81 35.60 -6.37
C LEU D 20 49.40 34.35 -5.71
N SER D 21 50.72 34.26 -5.73
CA SER D 21 51.25 33.03 -5.13
C SER D 21 52.42 33.33 -4.20
N CYS D 22 52.60 32.55 -3.13
CA CYS D 22 53.70 32.73 -2.16
C CYS D 22 54.52 31.45 -2.17
N GLU D 23 55.79 31.52 -2.59
CA GLU D 23 56.67 30.33 -2.69
C GLU D 23 57.61 30.30 -1.49
N ALA D 24 57.68 29.17 -0.78
CA ALA D 24 58.44 29.12 0.47
C ALA D 24 59.64 28.18 0.39
N SER D 25 60.82 28.65 0.79
CA SER D 25 62.04 27.79 0.77
C SER D 25 62.68 27.80 2.16
N GLU D 26 63.32 26.70 2.59
CA GLU D 26 63.95 26.57 3.92
C GLU D 26 62.84 26.38 4.95
N ILE D 27 61.61 26.70 4.57
CA ILE D 27 60.42 26.65 5.50
C ILE D 27 59.37 25.76 4.85
N ILE D 28 58.32 25.36 5.56
CA ILE D 28 57.30 24.45 4.95
C ILE D 28 55.94 25.08 5.11
N VAL D 29 55.33 25.54 4.02
CA VAL D 29 54.08 26.34 4.13
C VAL D 29 52.92 25.52 4.64
N ASN D 30 53.07 24.21 4.70
CA ASN D 30 51.92 23.37 5.10
C ASN D 30 51.90 23.22 6.62
N ARG D 31 52.76 24.01 7.31
CA ARG D 31 52.91 23.92 8.79
C ARG D 31 52.97 25.31 9.45
N ASN D 32 53.97 26.12 9.13
CA ASN D 32 54.08 27.41 9.82
C ASN D 32 52.84 28.26 9.50
N TYR D 33 52.30 29.02 10.46
CA TYR D 33 51.06 29.82 10.27
C TYR D 33 51.39 30.90 9.27
N MET D 34 50.89 30.84 8.03
CA MET D 34 51.32 31.84 7.01
C MET D 34 50.31 33.00 6.87
N ASN D 35 50.74 34.23 6.53
CA ASN D 35 49.83 35.40 6.47
C ASN D 35 49.99 36.26 5.21
N TRP D 36 48.92 36.82 4.60
CA TRP D 36 48.92 37.76 3.48
C TRP D 36 48.54 39.11 4.04
N VAL D 37 49.45 40.08 3.94
CA VAL D 37 49.20 41.45 4.49
C VAL D 37 49.41 42.44 3.34
N ARG D 38 48.86 43.65 3.38
CA ARG D 38 48.95 44.56 2.19
C ARG D 38 49.30 45.96 2.61
N GLN D 39 49.72 46.78 1.67
CA GLN D 39 49.94 48.20 2.02
C GLN D 39 49.83 49.06 0.78
N ALA D 40 48.75 49.81 0.68
CA ALA D 40 48.57 50.61 -0.54
C ALA D 40 49.67 51.66 -0.55
N PRO D 41 50.08 52.21 -1.69
CA PRO D 41 51.18 53.16 -1.65
C PRO D 41 50.77 54.25 -0.66
N GLY D 42 51.71 54.70 0.18
CA GLY D 42 51.38 55.70 1.22
C GLY D 42 50.31 55.23 2.20
N LYS D 43 50.50 54.06 2.81
CA LYS D 43 49.44 53.55 3.69
C LYS D 43 50.03 52.56 4.68
N GLY D 44 49.17 51.82 5.38
CA GLY D 44 49.66 50.97 6.48
C GLY D 44 49.34 49.52 6.33
N LEU D 45 50.26 48.69 6.81
CA LEU D 45 50.08 47.26 6.59
C LEU D 45 48.71 46.96 7.15
N GLU D 46 47.92 46.23 6.39
CA GLU D 46 46.57 45.85 6.85
C GLU D 46 46.45 44.34 6.75
N TRP D 47 45.98 43.70 7.80
CA TRP D 47 45.97 42.23 7.74
C TRP D 47 44.91 41.80 6.74
N VAL D 48 45.29 41.01 5.74
CA VAL D 48 44.36 40.46 4.76
C VAL D 48 43.91 39.05 5.13
N SER D 49 44.86 38.11 5.25
CA SER D 49 44.50 36.73 5.66
C SER D 49 45.59 35.87 6.31
N ILE D 50 45.25 34.96 7.25
CA ILE D 50 46.21 34.06 7.98
C ILE D 50 45.77 32.63 7.77
N ILE D 51 46.71 31.76 7.39
CA ILE D 51 46.36 30.32 7.24
C ILE D 51 47.00 29.54 8.37
N TYR D 52 46.22 28.76 9.09
CA TYR D 52 46.68 27.97 10.24
C TYR D 52 47.26 26.64 9.76
N PRO D 53 48.11 26.01 10.57
CA PRO D 53 48.52 24.64 10.29
C PRO D 53 47.38 23.73 9.88
N GLY D 54 46.27 23.80 10.61
CA GLY D 54 45.18 22.86 10.42
C GLY D 54 44.21 23.21 9.31
N GLY D 55 44.55 24.20 8.49
CA GLY D 55 43.74 24.56 7.34
C GLY D 55 42.79 25.72 7.56
N SER D 56 42.49 26.06 8.80
CA SER D 56 41.57 27.16 9.08
C SER D 56 42.12 28.47 8.54
N THR D 57 41.19 29.31 8.06
CA THR D 57 41.54 30.59 7.48
C THR D 57 40.84 31.71 8.23
N PHE D 58 41.47 32.88 8.25
CA PHE D 58 40.83 34.09 8.76
C PHE D 58 41.08 35.22 7.79
N TYR D 59 40.05 36.03 7.55
CA TYR D 59 40.13 37.18 6.65
C TYR D 59 39.62 38.42 7.37
N ALA D 60 40.06 39.58 6.89
CA ALA D 60 39.67 40.84 7.48
C ALA D 60 38.22 41.17 7.12
N ASP D 61 37.78 42.35 7.57
CA ASP D 61 36.41 42.78 7.28
C ASP D 61 36.25 43.18 5.82
N SER D 62 37.10 44.11 5.35
CA SER D 62 36.96 44.65 4.00
C SER D 62 37.22 43.59 2.94
N VAL D 63 37.88 42.49 3.31
CA VAL D 63 38.40 41.54 2.33
C VAL D 63 37.66 40.22 2.51
N LYS D 64 36.50 40.26 3.15
CA LYS D 64 35.74 39.05 3.42
C LYS D 64 34.99 38.59 2.19
N GLY D 65 34.86 37.28 2.04
CA GLY D 65 34.02 36.68 0.99
C GLY D 65 34.58 36.70 -0.41
N ARG D 66 35.05 37.86 -0.86
CA ARG D 66 35.58 37.97 -2.22
C ARG D 66 36.84 37.13 -2.40
N PHE D 67 37.66 37.07 -1.36
CA PHE D 67 39.01 36.52 -1.47
C PHE D 67 39.04 35.07 -0.98
N THR D 68 40.22 34.47 -1.10
CA THR D 68 40.44 33.10 -0.66
C THR D 68 41.93 32.86 -0.57
N ILE D 69 42.34 32.17 0.50
CA ILE D 69 43.72 31.76 0.71
C ILE D 69 43.74 30.24 0.64
N SER D 70 44.86 29.71 0.13
CA SER D 70 44.95 28.27 -0.07
C SER D 70 46.40 27.84 0.05
N ARG D 71 46.57 26.56 0.35
CA ARG D 71 47.86 25.99 0.72
C ARG D 71 48.08 24.75 -0.13
N ASP D 72 49.11 24.78 -0.97
CA ASP D 72 49.32 23.71 -1.95
C ASP D 72 49.61 22.39 -1.24
N ASN D 73 49.30 21.29 -1.94
CA ASN D 73 49.51 19.96 -1.35
C ASN D 73 50.98 19.58 -1.31
N SER D 74 51.72 19.85 -2.39
CA SER D 74 53.09 19.39 -2.50
C SER D 74 54.08 20.42 -3.03
N LYS D 75 53.63 21.52 -3.62
CA LYS D 75 54.53 22.47 -4.26
C LYS D 75 55.29 23.36 -3.29
N ASN D 76 54.94 23.33 -2.00
CA ASN D 76 55.52 24.24 -1.00
C ASN D 76 55.32 25.69 -1.43
N THR D 77 54.06 26.09 -1.58
CA THR D 77 53.71 27.40 -2.10
C THR D 77 52.25 27.67 -1.75
N MET D 78 51.94 28.92 -1.42
CA MET D 78 50.58 29.29 -1.06
C MET D 78 50.01 30.32 -2.01
N TYR D 79 48.67 30.39 -2.09
CA TYR D 79 48.09 31.26 -3.14
C TYR D 79 46.88 32.05 -2.66
N LEU D 80 46.72 33.27 -3.15
CA LEU D 80 45.55 34.10 -2.79
C LEU D 80 44.69 34.15 -4.02
N GLN D 81 43.41 33.83 -3.92
CA GLN D 81 42.56 33.99 -5.12
C GLN D 81 41.84 35.31 -4.97
N MET D 82 42.29 36.32 -5.67
CA MET D 82 41.64 37.61 -5.43
C MET D 82 40.54 37.72 -6.47
N ASN D 83 39.30 37.94 -6.03
CA ASN D 83 38.15 38.09 -6.95
C ASN D 83 37.33 39.34 -6.57
N SER D 84 36.62 39.95 -7.50
CA SER D 84 35.71 41.09 -7.30
C SER D 84 36.44 42.30 -6.72
N LEU D 85 37.42 42.80 -7.47
CA LEU D 85 38.25 43.87 -6.98
C LEU D 85 37.52 45.20 -7.06
N ARG D 86 38.05 46.20 -6.37
CA ARG D 86 37.54 47.56 -6.41
C ARG D 86 38.72 48.52 -6.32
N ALA D 87 38.42 49.79 -6.05
CA ALA D 87 39.47 50.82 -6.03
C ALA D 87 40.36 50.69 -4.81
N GLU D 88 39.79 50.22 -3.69
CA GLU D 88 40.55 50.16 -2.42
C GLU D 88 41.40 48.88 -2.32
N ASP D 89 41.60 48.18 -3.44
CA ASP D 89 42.47 46.98 -3.41
C ASP D 89 43.77 47.26 -4.15
N THR D 90 44.06 48.54 -4.40
CA THR D 90 45.39 48.89 -4.98
C THR D 90 46.38 48.57 -3.86
N ALA D 91 47.42 47.77 -4.11
CA ALA D 91 48.23 47.29 -2.97
C ALA D 91 49.64 46.82 -3.31
N VAL D 92 50.42 46.48 -2.29
CA VAL D 92 51.73 45.83 -2.50
C VAL D 92 51.67 44.61 -1.59
N TYR D 93 50.93 43.59 -1.97
CA TYR D 93 50.70 42.44 -1.07
C TYR D 93 52.02 41.78 -0.69
N TYR D 94 52.13 41.27 0.55
CA TYR D 94 53.32 40.59 1.09
C TYR D 94 52.80 39.30 1.72
N CYS D 95 53.59 38.23 1.76
CA CYS D 95 53.16 37.01 2.48
C CYS D 95 54.12 36.91 3.65
N ALA D 96 53.65 36.61 4.85
CA ALA D 96 54.59 36.62 5.99
C ALA D 96 54.32 35.53 7.01
N ARG D 97 55.36 34.91 7.56
CA ARG D 97 55.19 33.79 8.51
C ARG D 97 54.88 34.36 9.87
N SER D 98 53.87 33.88 10.59
CA SER D 98 53.64 34.53 11.89
C SER D 98 53.62 33.55 13.04
N TYR D 99 54.67 33.51 13.85
CA TYR D 99 54.63 32.64 15.04
C TYR D 99 53.28 32.89 15.66
N GLY D 100 52.48 31.86 15.70
CA GLY D 100 51.21 31.95 16.38
C GLY D 100 50.44 33.18 15.94
N ASP D 101 49.81 33.84 16.91
CA ASP D 101 49.08 35.09 16.68
C ASP D 101 49.83 36.29 17.24
N PHE D 102 51.13 36.17 17.49
CA PHE D 102 51.84 37.13 18.32
C PHE D 102 52.67 38.12 17.51
N TYR D 103 53.42 37.65 16.53
CA TYR D 103 54.28 38.54 15.75
C TYR D 103 54.62 37.89 14.42
N VAL D 104 54.90 38.73 13.41
CA VAL D 104 55.08 38.26 12.00
C VAL D 104 56.56 38.22 11.70
N ASP D 105 57.21 37.08 11.87
CA ASP D 105 58.70 36.97 11.76
C ASP D 105 59.31 37.21 10.37
N PHE D 106 58.77 36.65 9.28
CA PHE D 106 59.46 36.78 7.97
C PHE D 106 58.57 37.38 6.90
N TRP D 107 59.06 38.39 6.18
CA TRP D 107 58.21 39.09 5.18
C TRP D 107 58.74 38.91 3.77
N GLY D 108 57.88 38.58 2.81
CA GLY D 108 58.29 38.46 1.40
C GLY D 108 58.56 39.82 0.81
N GLN D 109 59.22 39.91 -0.35
CA GLN D 109 59.64 41.23 -0.90
C GLN D 109 58.48 42.16 -1.27
N GLY D 110 57.40 41.67 -1.90
CA GLY D 110 56.32 42.57 -2.34
C GLY D 110 55.88 42.43 -3.78
N THR D 111 54.57 42.41 -4.02
CA THR D 111 54.01 42.18 -5.39
C THR D 111 52.94 43.22 -5.72
N LEU D 112 53.28 44.21 -6.52
CA LEU D 112 52.33 45.29 -6.77
C LEU D 112 51.01 44.73 -7.28
N VAL D 113 49.91 45.44 -7.02
CA VAL D 113 48.60 45.16 -7.58
C VAL D 113 47.92 46.48 -7.88
N THR D 114 47.33 46.60 -9.06
CA THR D 114 46.69 47.82 -9.51
C THR D 114 45.29 47.50 -10.04
N VAL D 115 44.33 48.37 -9.72
CA VAL D 115 42.95 48.23 -10.20
C VAL D 115 42.62 49.49 -10.98
N SER D 116 42.81 49.45 -12.29
CA SER D 116 42.50 50.57 -13.17
C SER D 116 42.39 50.05 -14.59
N SER D 117 41.85 50.89 -15.46
CA SER D 117 41.67 50.52 -16.87
C SER D 117 42.77 51.13 -17.73
N GLN E 1 35.13 50.11 18.05
CA GLN E 1 36.03 50.45 16.92
C GLN E 1 37.47 50.46 17.44
N SER E 2 38.25 49.42 17.14
CA SER E 2 39.63 49.32 17.67
C SER E 2 40.65 49.32 16.53
N VAL E 3 41.53 50.31 16.50
CA VAL E 3 42.64 50.38 15.53
C VAL E 3 43.58 51.29 16.31
N LEU E 4 44.77 50.81 16.61
CA LEU E 4 45.65 51.51 17.53
C LEU E 4 46.11 52.83 16.91
N THR E 5 46.21 53.85 17.75
CA THR E 5 46.53 55.20 17.30
C THR E 5 48.01 55.47 17.55
N GLN E 6 48.67 56.04 16.55
CA GLN E 6 50.09 56.33 16.61
C GLN E 6 50.36 57.71 16.05
N PRO E 7 51.26 58.47 16.67
CA PRO E 7 51.51 59.84 16.22
C PRO E 7 51.95 59.89 14.78
N PRO E 8 51.51 60.90 14.02
CA PRO E 8 51.89 60.96 12.60
C PRO E 8 53.38 61.03 12.36
N SER E 9 54.14 61.63 13.27
CA SER E 9 55.58 61.75 13.10
C SER E 9 56.25 61.97 14.44
N VAL E 10 57.53 61.61 14.50
CA VAL E 10 58.40 61.90 15.64
C VAL E 10 59.79 62.18 15.10
N SER E 11 60.45 63.21 15.63
CA SER E 11 61.75 63.63 15.13
C SER E 11 62.65 64.02 16.29
N ALA E 12 63.94 63.66 16.17
CA ALA E 12 64.93 64.04 17.17
C ALA E 12 66.30 64.08 16.52
N ALA E 13 67.21 64.81 17.15
CA ALA E 13 68.59 64.91 16.69
C ALA E 13 69.39 63.71 17.18
N PRO E 14 70.50 63.39 16.52
CA PRO E 14 71.34 62.28 16.99
C PRO E 14 71.85 62.53 18.41
N GLY E 15 71.94 61.46 19.18
CA GLY E 15 72.30 61.55 20.57
C GLY E 15 71.15 61.78 21.53
N GLN E 16 69.93 61.98 21.02
CA GLN E 16 68.74 62.19 21.83
C GLN E 16 67.82 60.99 21.71
N LYS E 17 67.42 60.44 22.85
CA LYS E 17 66.58 59.25 22.84
C LYS E 17 65.22 59.57 22.22
N VAL E 18 64.71 58.62 21.44
CA VAL E 18 63.46 58.77 20.71
C VAL E 18 62.44 57.84 21.33
N THR E 19 61.26 58.38 21.63
CA THR E 19 60.16 57.65 22.26
C THR E 19 58.96 57.68 21.32
N ILE E 20 58.37 56.51 21.10
CA ILE E 20 57.18 56.37 20.26
C ILE E 20 56.12 55.66 21.09
N SER E 21 54.89 56.18 21.05
CA SER E 21 53.80 55.66 21.87
C SER E 21 52.66 55.19 20.97
N CYS E 22 52.28 53.94 21.11
CA CYS E 22 51.16 53.33 20.38
C CYS E 22 50.05 53.11 21.40
N SER E 23 48.91 53.77 21.18
CA SER E 23 47.79 53.67 22.10
C SER E 23 46.55 53.12 21.39
N GLY E 24 45.84 52.26 22.10
CA GLY E 24 44.65 51.65 21.54
C GLY E 24 43.70 51.22 22.65
N SER E 25 42.49 50.86 22.23
CA SER E 25 41.48 50.39 23.18
C SER E 25 41.93 49.12 23.86
N SER E 26 41.56 48.97 25.12
CA SER E 26 42.08 47.82 25.90
C SER E 26 41.41 46.53 25.46
N SER E 27 40.66 46.56 24.37
CA SER E 27 40.14 45.27 23.85
C SER E 27 41.27 44.45 23.25
N ASN E 28 42.22 45.09 22.57
CA ASN E 28 43.28 44.36 21.86
C ASN E 28 44.66 44.59 22.46
N ILE E 29 44.98 45.77 22.96
CA ILE E 29 46.37 45.99 23.45
C ILE E 29 46.40 45.83 24.96
N GLY E 30 45.25 45.82 25.63
CA GLY E 30 45.27 45.58 27.06
C GLY E 30 45.20 44.12 27.44
N ASN E 31 44.83 43.25 26.49
CA ASN E 31 44.70 41.83 26.75
C ASN E 31 45.60 40.97 25.89
N ASN E 32 46.21 41.52 24.86
CA ASN E 32 47.10 40.78 23.97
C ASN E 32 48.46 41.46 23.90
N TYR E 33 49.31 40.93 23.04
CA TYR E 33 50.72 41.38 23.04
C TYR E 33 51.04 42.31 21.90
N VAL E 34 51.71 43.41 22.19
CA VAL E 34 52.16 44.35 21.14
C VAL E 34 53.33 43.69 20.43
N SER E 35 53.75 44.23 19.30
CA SER E 35 54.96 43.75 18.60
C SER E 35 55.33 44.96 17.77
N TRP E 36 56.59 45.17 17.40
CA TRP E 36 56.92 46.44 16.71
C TRP E 36 57.74 46.22 15.46
N TYR E 37 57.33 46.76 14.31
CA TYR E 37 58.01 46.47 13.06
C TYR E 37 58.60 47.74 12.47
N GLN E 38 59.68 47.56 11.72
CA GLN E 38 60.41 48.65 11.09
C GLN E 38 60.40 48.42 9.58
N GLN E 39 60.02 49.44 8.83
CA GLN E 39 59.96 49.39 7.37
C GLN E 39 60.90 50.45 6.82
N LEU E 40 62.07 50.02 6.38
CA LEU E 40 62.99 50.88 5.65
C LEU E 40 62.40 51.22 4.29
N PRO E 41 62.81 52.35 3.70
CA PRO E 41 62.20 52.76 2.43
C PRO E 41 62.36 51.70 1.34
N GLY E 42 61.28 51.50 0.59
CA GLY E 42 61.31 50.59 -0.55
C GLY E 42 61.61 49.15 -0.24
N THR E 43 61.48 48.78 1.04
CA THR E 43 61.77 47.38 1.45
C THR E 43 60.55 46.72 2.08
N ALA E 44 60.79 45.75 2.95
CA ALA E 44 59.67 44.99 3.53
C ALA E 44 59.79 45.09 5.02
N PRO E 45 58.68 45.08 5.76
CA PRO E 45 58.74 45.31 7.19
C PRO E 45 59.75 44.33 7.81
N LYS E 46 60.60 44.79 8.73
CA LYS E 46 61.51 43.84 9.43
C LYS E 46 61.16 43.78 10.91
N LEU E 47 60.85 42.61 11.45
CA LEU E 47 60.46 42.58 12.84
C LEU E 47 61.53 43.24 13.71
N LEU E 48 61.09 44.05 14.66
CA LEU E 48 62.01 44.78 15.53
C LEU E 48 61.84 44.40 17.00
N ILE E 49 60.61 44.38 17.50
CA ILE E 49 60.33 44.03 18.90
C ILE E 49 59.13 43.09 18.94
N TYR E 50 59.20 42.07 19.79
CA TYR E 50 58.11 41.11 19.91
C TYR E 50 57.84 40.82 21.38
N ASP E 51 56.61 40.38 21.66
CA ASP E 51 56.17 39.93 22.97
C ASP E 51 56.42 40.97 24.06
N ASN E 52 56.12 42.22 23.74
CA ASN E 52 55.95 43.34 24.67
C ASN E 52 57.26 43.87 25.27
N ASN E 53 58.34 43.09 25.22
CA ASN E 53 59.62 43.64 25.66
C ASN E 53 60.83 43.11 24.90
N LYS E 54 60.72 41.92 24.30
CA LYS E 54 61.90 41.21 23.83
C LYS E 54 62.52 41.88 22.61
N ARG E 55 63.75 41.44 22.30
CA ARG E 55 64.51 41.91 21.15
C ARG E 55 65.08 40.69 20.44
N PRO E 56 64.55 40.33 19.27
CA PRO E 56 64.90 39.02 18.68
C PRO E 56 66.22 39.07 17.90
N SER E 57 66.82 37.89 17.78
CA SER E 57 67.89 37.59 16.84
C SER E 57 68.94 38.68 16.72
N GLY E 58 69.35 39.26 17.85
CA GLY E 58 70.44 40.23 17.82
C GLY E 58 70.13 41.48 17.04
N ILE E 59 68.95 42.06 17.25
CA ILE E 59 68.71 43.41 16.72
C ILE E 59 69.71 44.37 17.34
N PRO E 60 70.21 45.39 16.62
CA PRO E 60 71.04 46.41 17.25
C PRO E 60 70.49 46.87 18.58
N ASP E 61 71.36 46.95 19.59
CA ASP E 61 70.93 47.13 20.96
C ASP E 61 70.37 48.54 21.17
N ARG E 62 70.03 48.82 22.43
CA ARG E 62 69.42 50.09 22.88
C ARG E 62 67.99 50.23 22.37
N PHE E 63 67.53 49.26 21.59
CA PHE E 63 66.12 49.24 21.21
C PHE E 63 65.30 48.60 22.32
N SER E 64 64.35 49.36 22.84
CA SER E 64 63.60 48.91 24.00
C SER E 64 62.11 48.99 23.73
N GLY E 65 61.37 48.05 24.32
CA GLY E 65 59.92 48.05 24.21
C GLY E 65 59.27 47.79 25.54
N SER E 66 58.22 48.55 25.85
CA SER E 66 57.53 48.43 27.13
C SER E 66 56.03 48.54 26.90
N LYS E 67 55.27 48.07 27.89
CA LYS E 67 53.80 48.12 27.83
C LYS E 67 53.29 48.66 29.17
N SER E 68 52.52 49.73 29.09
CA SER E 68 51.93 50.36 30.28
C SER E 68 50.42 50.41 30.07
N GLY E 69 49.70 49.53 30.77
CA GLY E 69 48.25 49.54 30.73
C GLY E 69 47.69 49.23 29.37
N THR E 70 47.13 50.25 28.71
CA THR E 70 46.59 50.13 27.36
C THR E 70 47.48 50.78 26.32
N SER E 71 48.74 51.07 26.63
CA SER E 71 49.65 51.70 25.70
C SER E 71 50.95 50.90 25.61
N ALA E 72 51.68 51.09 24.51
CA ALA E 72 52.98 50.49 24.31
C ALA E 72 53.97 51.58 23.90
N THR E 73 55.23 51.38 24.24
CA THR E 73 56.26 52.39 24.04
C THR E 73 57.50 51.75 23.45
N LEU E 74 58.02 52.36 22.39
CA LEU E 74 59.31 51.99 21.82
C LEU E 74 60.32 53.09 22.08
N GLY E 75 61.55 52.68 22.38
CA GLY E 75 62.59 53.64 22.71
C GLY E 75 63.93 53.33 22.07
N ILE E 76 64.57 54.36 21.52
CA ILE E 76 65.88 54.23 20.89
C ILE E 76 66.80 55.29 21.49
N THR E 77 67.80 54.87 22.25
CA THR E 77 68.74 55.82 22.82
C THR E 77 69.53 56.49 21.71
N GLY E 78 69.33 57.79 21.56
CA GLY E 78 69.88 58.52 20.43
C GLY E 78 69.04 58.34 19.19
N LEU E 79 69.31 59.18 18.19
CA LEU E 79 68.60 59.15 16.91
C LEU E 79 69.62 58.99 15.79
N GLN E 80 69.96 57.74 15.49
CA GLN E 80 70.94 57.46 14.45
C GLN E 80 70.30 57.63 13.08
N THR E 81 71.12 58.01 12.09
CA THR E 81 70.61 58.26 10.75
C THR E 81 70.06 56.99 10.12
N GLY E 82 70.72 55.85 10.34
CA GLY E 82 70.29 54.62 9.70
C GLY E 82 68.94 54.13 10.18
N ASP E 83 68.53 54.58 11.37
CA ASP E 83 67.28 54.07 11.95
C ASP E 83 66.05 54.69 11.28
N GLU E 84 66.26 55.67 10.39
CA GLU E 84 65.15 56.31 9.69
C GLU E 84 64.33 55.30 8.90
N ALA E 85 63.06 55.16 9.26
CA ALA E 85 62.15 54.20 8.63
C ALA E 85 60.74 54.55 9.11
N ASP E 86 59.78 53.70 8.75
CA ASP E 86 58.45 53.78 9.35
C ASP E 86 58.33 52.71 10.43
N TYR E 87 57.61 53.03 11.50
CA TYR E 87 57.48 52.13 12.63
C TYR E 87 56.01 51.81 12.86
N TYR E 88 55.70 50.53 13.02
CA TYR E 88 54.33 50.09 13.18
C TYR E 88 54.19 49.24 14.42
N CYS E 89 53.00 49.26 15.01
CA CYS E 89 52.67 48.51 16.21
C CYS E 89 51.47 47.62 15.91
N GLY E 90 51.57 46.35 16.25
CA GLY E 90 50.56 45.39 15.87
C GLY E 90 50.13 44.49 17.00
N THR E 91 48.82 44.33 17.13
CA THR E 91 48.24 43.43 18.14
C THR E 91 47.11 42.63 17.52
N TRP E 92 46.85 41.46 18.10
CA TRP E 92 45.78 40.61 17.58
C TRP E 92 44.47 40.99 18.27
N ASP E 93 43.65 41.81 17.60
CA ASP E 93 42.37 42.23 18.15
C ASP E 93 41.42 41.05 18.09
N SER E 94 41.13 40.46 19.24
CA SER E 94 40.23 39.31 19.30
C SER E 94 38.79 39.70 19.04
N SER E 95 38.42 40.95 19.37
CA SER E 95 37.05 41.39 19.11
C SER E 95 36.77 41.44 17.62
N LEU E 96 37.72 41.96 16.83
CA LEU E 96 37.63 41.91 15.38
C LEU E 96 38.20 40.62 14.81
N SER E 97 38.87 39.81 15.63
CA SER E 97 39.60 38.62 15.18
C SER E 97 40.47 38.96 13.99
N ALA E 98 41.37 39.93 14.20
CA ALA E 98 42.18 40.44 13.10
C ALA E 98 43.43 41.11 13.65
N TRP E 99 44.54 40.97 12.94
CA TRP E 99 45.72 41.77 13.24
C TRP E 99 45.40 43.24 13.00
N VAL E 100 45.76 44.09 13.96
CA VAL E 100 45.54 45.53 13.84
C VAL E 100 46.87 46.24 14.01
N PHE E 101 47.16 47.15 13.09
CA PHE E 101 48.42 47.87 13.02
C PHE E 101 48.18 49.35 13.30
N GLY E 102 49.25 50.04 13.69
CA GLY E 102 49.18 51.45 13.97
C GLY E 102 49.30 52.30 12.71
N GLY E 103 49.20 53.62 12.92
CA GLY E 103 49.29 54.54 11.79
C GLY E 103 50.66 54.56 11.15
N GLY E 104 51.71 54.53 11.95
CA GLY E 104 53.07 54.56 11.45
C GLY E 104 53.68 55.94 11.62
N THR E 105 54.89 55.97 12.18
CA THR E 105 55.62 57.21 12.44
C THR E 105 56.72 57.38 11.41
N LYS E 106 56.86 58.60 10.90
CA LYS E 106 57.95 58.96 10.00
C LYS E 106 59.08 59.52 10.84
N LEU E 107 60.00 58.65 11.25
CA LEU E 107 61.14 59.09 12.06
C LEU E 107 62.15 59.82 11.18
N THR E 108 62.38 61.09 11.50
CA THR E 108 63.33 61.91 10.76
C THR E 108 64.38 62.43 11.72
N VAL E 109 65.64 62.30 11.34
CA VAL E 109 66.75 62.76 12.17
C VAL E 109 67.01 64.24 11.91
N LEU E 110 67.06 65.02 12.97
CA LEU E 110 67.29 66.46 12.84
C LEU E 110 68.77 66.76 12.63
N GLU F 1 51.96 -4.48 47.28
CA GLU F 1 51.19 -4.71 46.07
C GLU F 1 51.29 -3.49 45.16
N VAL F 2 51.77 -2.38 45.71
CA VAL F 2 51.91 -1.13 44.99
C VAL F 2 53.35 -1.02 44.51
N GLN F 3 53.59 -1.38 43.24
CA GLN F 3 54.87 -1.18 42.59
C GLN F 3 54.79 0.02 41.67
N LEU F 4 55.78 0.90 41.77
CA LEU F 4 55.87 2.09 40.92
C LEU F 4 57.11 1.93 40.05
N VAL F 5 56.90 1.66 38.77
CA VAL F 5 57.99 1.45 37.83
C VAL F 5 58.43 2.80 37.27
N GLU F 6 59.72 2.93 36.96
CA GLU F 6 60.26 4.14 36.38
C GLU F 6 60.66 3.90 34.93
N SER F 7 61.22 4.92 34.31
CA SER F 7 61.72 4.80 32.94
C SER F 7 62.56 6.04 32.62
N GLY F 8 63.01 6.12 31.37
CA GLY F 8 63.66 7.32 30.87
C GLY F 8 64.94 7.71 31.58
N GLY F 9 65.57 6.80 32.31
CA GLY F 9 66.76 7.09 33.05
C GLY F 9 68.01 6.70 32.29
N GLY F 10 68.85 7.69 32.04
CA GLY F 10 70.10 7.41 31.32
C GLY F 10 70.88 8.68 31.12
N LEU F 11 72.17 8.56 30.85
CA LEU F 11 72.97 9.78 30.75
C LEU F 11 72.33 10.64 29.68
N VAL F 12 72.17 11.94 29.94
CA VAL F 12 71.67 12.87 28.89
C VAL F 12 72.67 14.03 28.84
N GLN F 13 72.88 14.61 27.68
CA GLN F 13 73.94 15.63 27.55
C GLN F 13 73.51 16.91 28.23
N PRO F 14 74.39 17.91 28.42
CA PRO F 14 74.04 19.09 29.17
C PRO F 14 72.85 19.89 28.63
N GLY F 15 72.50 19.80 27.34
CA GLY F 15 71.38 20.65 26.87
C GLY F 15 70.16 19.93 26.34
N ARG F 16 70.14 18.60 26.33
CA ARG F 16 69.01 17.90 25.69
C ARG F 16 67.88 17.60 26.67
N SER F 17 66.67 17.40 26.17
CA SER F 17 65.54 17.25 27.07
C SER F 17 65.45 15.78 27.39
N LEU F 18 64.49 15.40 28.21
CA LEU F 18 64.33 14.02 28.64
C LEU F 18 62.88 13.82 29.06
N THR F 19 62.46 12.55 29.17
CA THR F 19 61.11 12.20 29.57
C THR F 19 61.15 11.03 30.53
N LEU F 20 60.94 11.31 31.82
CA LEU F 20 60.81 10.27 32.83
C LEU F 20 59.35 9.87 32.94
N SER F 21 59.09 8.60 32.78
CA SER F 21 57.68 8.21 32.66
C SER F 21 57.29 7.16 33.66
N CYS F 22 57.07 7.54 34.88
CA CYS F 22 56.67 6.58 35.93
C CYS F 22 55.43 5.79 35.55
N GLY F 23 55.19 4.70 36.26
CA GLY F 23 53.99 3.88 36.02
C GLY F 23 53.22 3.67 37.29
N ALA F 24 52.52 2.55 37.40
CA ALA F 24 51.79 2.23 38.64
C ALA F 24 51.25 0.81 38.55
N SER F 25 50.66 0.29 39.64
CA SER F 25 50.16 -1.11 39.66
C SER F 25 49.47 -1.48 40.98
N GLY F 26 48.32 -2.15 40.92
CA GLY F 26 47.67 -2.67 42.10
C GLY F 26 46.85 -1.68 42.90
N PHE F 27 46.63 -0.47 42.39
CA PHE F 27 45.82 0.50 43.12
C PHE F 27 45.12 1.40 42.11
N THR F 28 44.03 2.02 42.57
CA THR F 28 43.29 2.96 41.73
C THR F 28 44.16 4.18 41.47
N PHE F 29 44.36 4.51 40.18
CA PHE F 29 45.30 5.57 39.83
C PHE F 29 44.63 6.94 39.91
N GLU F 30 43.48 7.10 39.28
CA GLU F 30 42.84 8.41 39.16
C GLU F 30 42.25 8.91 40.48
N ASP F 31 42.44 8.18 41.57
CA ASP F 31 41.98 8.66 42.87
C ASP F 31 43.07 9.37 43.65
N TYR F 32 44.33 9.18 43.30
CA TYR F 32 45.44 9.54 44.16
C TYR F 32 46.33 10.55 43.44
N ALA F 33 46.79 11.56 44.17
CA ALA F 33 47.53 12.66 43.57
C ALA F 33 49.04 12.41 43.67
N MET F 34 49.64 12.04 42.55
CA MET F 34 51.02 11.57 42.53
C MET F 34 52.00 12.73 42.57
N HIS F 35 53.29 12.39 42.63
CA HIS F 35 54.34 13.38 42.78
C HIS F 35 55.59 12.93 42.01
N TRP F 36 56.64 13.74 42.11
CA TRP F 36 57.95 13.43 41.55
C TRP F 36 58.99 14.13 42.41
N VAL F 37 59.79 13.34 43.13
CA VAL F 37 60.75 13.88 44.09
C VAL F 37 62.15 13.39 43.73
N ARG F 38 63.08 14.32 43.55
CA ARG F 38 64.45 13.96 43.21
C ARG F 38 65.33 13.98 44.44
N GLN F 39 66.48 13.32 44.31
CA GLN F 39 67.50 13.32 45.36
C GLN F 39 68.87 13.30 44.68
N ALA F 40 69.63 14.37 44.87
CA ALA F 40 71.00 14.38 44.38
C ALA F 40 71.84 13.44 45.25
N PRO F 41 72.85 12.78 44.67
CA PRO F 41 73.68 11.88 45.47
C PRO F 41 74.35 12.62 46.61
N GLY F 42 74.38 11.98 47.78
CA GLY F 42 74.98 12.61 48.95
C GLY F 42 74.22 13.79 49.50
N LYS F 43 72.92 13.88 49.23
CA LYS F 43 72.10 14.99 49.72
C LYS F 43 70.71 14.47 50.07
N GLY F 44 69.92 15.35 50.68
CA GLY F 44 68.57 15.02 51.04
C GLY F 44 67.61 15.20 49.88
N LEU F 45 66.33 14.99 50.17
CA LEU F 45 65.30 15.05 49.15
C LEU F 45 65.02 16.48 48.73
N GLU F 46 64.61 16.64 47.47
CA GLU F 46 64.24 17.93 46.91
C GLU F 46 62.98 17.72 46.09
N TRP F 47 61.86 18.26 46.55
CA TRP F 47 60.61 18.15 45.83
C TRP F 47 60.76 18.78 44.45
N VAL F 48 60.21 18.12 43.43
CA VAL F 48 60.36 18.57 42.05
C VAL F 48 59.01 18.92 41.43
N SER F 49 58.04 18.02 41.52
CA SER F 49 56.75 18.39 40.96
C SER F 49 55.63 17.59 41.61
N GLY F 50 54.42 18.11 41.47
CA GLY F 50 53.23 17.42 41.95
C GLY F 50 52.17 17.44 40.88
N ILE F 51 51.08 16.73 41.16
CA ILE F 51 49.92 16.67 40.27
C ILE F 51 48.76 16.08 41.08
N ASP F 52 47.54 16.26 40.57
CA ASP F 52 46.34 15.87 41.30
C ASP F 52 45.56 14.84 40.49
N TRP F 53 44.35 14.53 40.96
CA TRP F 53 43.56 13.51 40.29
C TRP F 53 42.96 14.03 39.00
N ASN F 54 42.79 15.34 38.87
CA ASN F 54 42.31 15.95 37.64
C ASN F 54 43.43 16.38 36.72
N SER F 55 44.67 16.00 37.02
CA SER F 55 45.85 16.43 36.27
C SER F 55 45.96 17.95 36.25
N GLY F 56 45.60 18.59 37.36
CA GLY F 56 45.82 20.01 37.53
C GLY F 56 47.05 20.24 38.38
N VAL F 57 48.14 20.69 37.76
CA VAL F 57 49.44 20.69 38.42
C VAL F 57 49.40 21.53 39.69
N ILE F 58 50.27 21.19 40.64
CA ILE F 58 50.36 21.87 41.91
C ILE F 58 51.34 23.04 41.83
N GLY F 59 52.43 22.85 41.10
CA GLY F 59 53.49 23.83 41.01
C GLY F 59 54.83 23.13 41.11
N TYR F 60 55.83 23.73 40.51
CA TYR F 60 57.18 23.16 40.46
C TYR F 60 58.06 23.86 41.49
N ALA F 61 59.15 23.21 41.84
CA ALA F 61 60.16 23.85 42.68
C ALA F 61 60.62 25.14 42.03
N ASP F 62 61.12 26.07 42.84
CA ASP F 62 61.50 27.38 42.32
C ASP F 62 62.66 27.26 41.33
N SER F 63 63.54 26.28 41.53
CA SER F 63 64.71 26.15 40.66
C SER F 63 64.35 25.56 39.31
N VAL F 64 63.23 24.85 39.21
CA VAL F 64 62.87 24.16 37.98
C VAL F 64 61.55 24.67 37.41
N LYS F 65 61.21 25.94 37.64
CA LYS F 65 59.97 26.47 37.11
C LYS F 65 60.16 26.91 35.66
N GLY F 66 59.26 26.44 34.79
CA GLY F 66 59.31 26.77 33.39
C GLY F 66 60.22 25.90 32.56
N ARG F 67 60.74 24.81 33.12
CA ARG F 67 61.57 23.87 32.37
C ARG F 67 61.20 22.42 32.62
N PHE F 68 60.25 22.15 33.53
CA PHE F 68 59.73 20.83 33.79
C PHE F 68 58.23 20.86 33.59
N ILE F 69 57.70 19.91 32.82
CA ILE F 69 56.28 19.82 32.54
C ILE F 69 55.80 18.45 32.97
N ILE F 70 54.91 18.41 33.95
CA ILE F 70 54.40 17.16 34.51
C ILE F 70 52.98 16.94 34.01
N SER F 71 52.70 15.74 33.55
CA SER F 71 51.37 15.38 33.11
C SER F 71 51.12 13.94 33.48
N ARG F 72 49.93 13.44 33.15
CA ARG F 72 49.60 12.07 33.49
C ARG F 72 48.44 11.61 32.63
N ASP F 73 48.35 10.30 32.45
CA ASP F 73 47.19 9.66 31.85
C ASP F 73 46.68 8.61 32.82
N ASN F 74 45.42 8.76 33.25
CA ASN F 74 44.79 7.78 34.12
C ASN F 74 44.36 6.54 33.37
N ALA F 75 44.31 6.60 32.03
CA ALA F 75 43.99 5.42 31.24
C ALA F 75 45.20 4.51 31.13
N LYS F 76 46.32 5.05 30.67
CA LYS F 76 47.56 4.28 30.58
C LYS F 76 48.25 4.13 31.93
N ASN F 77 47.63 4.60 33.01
CA ASN F 77 48.18 4.51 34.36
C ASN F 77 49.64 4.96 34.40
N SER F 78 49.86 6.22 34.07
CA SER F 78 51.23 6.72 34.00
C SER F 78 51.31 8.12 34.56
N LEU F 79 52.55 8.62 34.67
CA LEU F 79 52.79 9.96 35.17
C LEU F 79 54.13 10.45 34.61
N TYR F 80 54.06 11.33 33.62
CA TYR F 80 55.22 11.73 32.84
C TYR F 80 55.75 13.06 33.34
N LEU F 81 57.08 13.24 33.22
CA LEU F 81 57.71 14.51 33.60
C LEU F 81 58.75 14.85 32.54
N HIS F 82 58.34 15.67 31.56
CA HIS F 82 59.19 16.02 30.42
C HIS F 82 60.15 17.12 30.81
N MET F 83 61.37 16.72 31.21
CA MET F 83 62.42 17.68 31.49
C MET F 83 62.83 18.40 30.22
N ARG F 84 63.01 19.72 30.35
CA ARG F 84 63.48 20.55 29.25
C ARG F 84 64.74 21.29 29.68
N SER F 85 65.73 21.31 28.80
CA SER F 85 66.93 22.14 28.97
C SER F 85 67.62 21.86 30.29
N LEU F 86 68.15 20.64 30.41
CA LEU F 86 68.79 20.22 31.64
C LEU F 86 70.10 20.96 31.85
N THR F 87 70.73 20.69 33.00
CA THR F 87 71.99 21.33 33.37
C THR F 87 72.74 20.36 34.28
N ALA F 88 73.84 20.86 34.88
CA ALA F 88 74.68 20.02 35.72
C ALA F 88 73.97 19.65 37.02
N GLU F 89 73.30 20.61 37.66
CA GLU F 89 72.70 20.37 38.97
C GLU F 89 71.50 19.43 38.91
N ASP F 90 70.98 19.16 37.71
CA ASP F 90 69.76 18.35 37.60
C ASP F 90 70.03 16.85 37.63
N THR F 91 71.28 16.43 37.83
CA THR F 91 71.56 15.02 38.03
C THR F 91 71.08 14.56 39.41
N ALA F 92 70.34 13.47 39.44
CA ALA F 92 69.74 12.98 40.68
C ALA F 92 69.06 11.65 40.40
N LEU F 93 68.51 11.06 41.47
CA LEU F 93 67.67 9.88 41.37
C LEU F 93 66.24 10.31 41.68
N TYR F 94 65.31 9.95 40.81
CA TYR F 94 63.96 10.51 40.83
C TYR F 94 62.95 9.46 41.26
N TYR F 95 62.48 9.56 42.51
CA TYR F 95 61.42 8.71 43.01
C TYR F 95 60.09 9.21 42.50
N CYS F 96 59.24 8.27 42.09
CA CYS F 96 57.86 8.57 41.69
C CYS F 96 56.99 8.38 42.92
N ALA F 97 57.04 9.36 43.81
CA ALA F 97 56.34 9.29 45.09
C ALA F 97 54.84 9.28 44.89
N LYS F 98 54.12 9.22 46.01
CA LYS F 98 52.67 9.06 46.01
C LYS F 98 52.10 9.89 47.14
N ASP F 99 50.82 10.24 47.04
CA ASP F 99 50.12 10.93 48.11
C ASP F 99 48.82 10.20 48.41
N VAL F 100 48.46 10.16 49.70
CA VAL F 100 47.23 9.48 50.08
C VAL F 100 46.02 10.31 49.67
N TYR F 101 46.14 11.63 49.66
CA TYR F 101 45.01 12.49 49.33
C TYR F 101 44.85 12.60 47.82
N SER F 102 43.85 13.39 47.43
CA SER F 102 43.66 13.79 46.05
C SER F 102 43.79 15.30 45.86
N GLU F 103 44.31 16.01 46.86
CA GLU F 103 44.35 17.47 46.82
C GLU F 103 45.74 18.03 47.14
N SER F 104 46.57 17.28 47.86
CA SER F 104 48.01 17.56 47.85
C SER F 104 48.40 18.96 48.33
N GLY F 105 48.38 19.19 49.63
CA GLY F 105 48.66 20.52 50.14
C GLY F 105 47.87 20.94 51.35
N SER F 106 47.21 20.00 52.03
CA SER F 106 46.77 20.21 53.40
C SER F 106 47.76 19.61 54.40
N GLY F 107 49.00 19.49 53.95
CA GLY F 107 49.97 18.77 54.81
C GLY F 107 49.75 17.31 54.53
N SER F 108 50.35 16.80 53.47
CA SER F 108 50.03 15.42 53.09
C SER F 108 51.20 14.51 53.42
N TYR F 109 50.93 13.22 53.52
CA TYR F 109 52.02 12.25 53.75
C TYR F 109 52.12 11.38 52.50
N TYR F 110 53.33 11.21 51.99
CA TYR F 110 53.57 10.44 50.77
C TYR F 110 53.86 9.02 51.18
N ASP F 111 52.95 8.11 50.89
CA ASP F 111 53.09 6.71 51.32
C ASP F 111 54.10 5.94 50.49
N TYR F 112 53.73 5.49 49.31
CA TYR F 112 54.54 4.55 48.53
C TYR F 112 55.50 5.30 47.64
N TRP F 113 56.74 4.80 47.58
CA TRP F 113 57.79 5.38 46.76
C TRP F 113 58.35 4.33 45.81
N GLY F 114 58.51 4.71 44.55
CA GLY F 114 59.19 3.83 43.62
C GLY F 114 60.66 3.72 43.94
N GLN F 115 61.31 2.73 43.30
CA GLN F 115 62.74 2.55 43.53
C GLN F 115 63.55 3.65 42.87
N GLY F 116 62.96 4.37 41.93
CA GLY F 116 63.59 5.52 41.32
C GLY F 116 64.56 5.15 40.22
N THR F 117 64.86 6.15 39.38
CA THR F 117 65.81 6.00 38.29
C THR F 117 66.83 7.13 38.35
N LEU F 118 68.03 6.85 37.85
CA LEU F 118 69.16 7.77 37.96
C LEU F 118 69.33 8.53 36.65
N VAL F 119 69.24 9.85 36.72
CA VAL F 119 69.51 10.73 35.59
C VAL F 119 70.81 11.46 35.87
N THR F 120 71.82 11.21 35.04
CA THR F 120 73.11 11.86 35.14
C THR F 120 73.33 12.74 33.91
N VAL F 121 73.85 13.94 34.14
CA VAL F 121 73.97 14.96 33.09
C VAL F 121 75.43 15.41 33.10
N SER F 122 76.25 14.80 32.24
CA SER F 122 77.66 15.14 32.14
C SER F 122 78.15 14.86 30.73
N SER F 123 79.28 15.46 30.39
CA SER F 123 79.88 15.28 29.07
C SER F 123 80.84 14.10 29.06
N GLN G 1 62.27 32.53 51.46
CA GLN G 1 62.02 31.09 51.40
C GLN G 1 62.47 30.40 52.68
N SER G 2 61.52 30.16 53.59
CA SER G 2 61.83 29.42 54.80
C SER G 2 62.18 27.99 54.46
N VAL G 3 63.13 27.43 55.20
CA VAL G 3 63.63 26.07 54.97
C VAL G 3 63.61 25.32 56.29
N LEU G 4 63.15 24.07 56.25
CA LEU G 4 63.20 23.22 57.44
C LEU G 4 64.65 22.98 57.84
N THR G 5 64.89 22.90 59.15
CA THR G 5 66.25 22.84 59.71
C THR G 5 66.35 21.66 60.67
N GLN G 6 66.73 20.50 60.15
CA GLN G 6 67.09 19.35 60.96
C GLN G 6 68.53 19.48 61.43
N PRO G 7 68.93 18.72 62.45
CA PRO G 7 70.34 18.67 62.81
C PRO G 7 71.13 17.89 61.76
N PRO G 8 72.34 18.34 61.42
CA PRO G 8 73.10 17.63 60.38
C PRO G 8 73.39 16.18 60.69
N SER G 9 73.62 15.85 61.96
CA SER G 9 73.91 14.47 62.35
C SER G 9 73.58 14.28 63.82
N VAL G 10 73.39 13.02 64.21
CA VAL G 10 73.08 12.67 65.58
C VAL G 10 73.80 11.37 65.92
N SER G 11 74.25 11.27 67.17
CA SER G 11 74.92 10.08 67.67
C SER G 11 74.46 9.80 69.09
N ALA G 12 74.20 8.53 69.39
CA ALA G 12 73.74 8.14 70.72
C ALA G 12 74.01 6.66 70.94
N ALA G 13 74.28 6.33 72.20
CA ALA G 13 74.43 4.93 72.59
C ALA G 13 73.09 4.22 72.51
N PRO G 14 73.09 2.90 72.31
CA PRO G 14 71.81 2.16 72.24
C PRO G 14 71.06 2.22 73.56
N GLY G 15 69.74 2.38 73.45
CA GLY G 15 68.88 2.38 74.65
C GLY G 15 68.39 3.76 75.02
N GLN G 16 69.23 4.78 74.88
CA GLN G 16 68.83 6.14 75.33
C GLN G 16 67.71 6.69 74.44
N LYS G 17 67.19 7.87 74.78
CA LYS G 17 66.14 8.52 73.97
C LYS G 17 66.83 9.52 73.03
N VAL G 18 66.55 9.45 71.72
CA VAL G 18 67.28 10.31 70.74
C VAL G 18 66.32 11.37 70.19
N ALA G 19 66.72 12.64 70.20
CA ALA G 19 65.83 13.74 69.73
C ALA G 19 66.30 14.26 68.37
N ILE G 20 65.40 14.31 67.39
CA ILE G 20 65.72 14.87 66.04
C ILE G 20 64.78 16.05 65.85
N SER G 21 65.31 17.28 65.85
CA SER G 21 64.49 18.48 65.81
C SER G 21 64.49 19.09 64.42
N CYS G 22 63.30 19.19 63.83
CA CYS G 22 63.09 19.87 62.56
C CYS G 22 62.52 21.25 62.86
N SER G 23 63.31 22.29 62.62
CA SER G 23 62.96 23.66 62.99
C SER G 23 62.57 24.44 61.74
N GLY G 24 61.47 25.18 61.84
CA GLY G 24 60.99 26.00 60.73
C GLY G 24 60.38 27.31 61.19
N SER G 25 59.22 27.64 60.64
CA SER G 25 58.56 28.90 60.95
C SER G 25 57.05 28.68 60.97
N THR G 26 56.31 29.78 61.15
CA THR G 26 54.86 29.70 61.25
C THR G 26 54.23 29.18 59.97
N SER G 27 54.72 29.60 58.81
CA SER G 27 54.11 29.20 57.55
C SER G 27 54.21 27.70 57.33
N ASN G 28 55.32 27.09 57.75
CA ASN G 28 55.55 25.69 57.43
C ASN G 28 55.04 24.76 58.53
N ILE G 29 55.63 24.87 59.72
CA ILE G 29 55.29 23.94 60.81
C ILE G 29 54.29 24.59 61.76
N GLY G 30 54.36 25.90 61.92
CA GLY G 30 53.45 26.59 62.81
C GLY G 30 51.99 26.55 62.41
N ASP G 31 51.68 26.07 61.20
CA ASP G 31 50.30 26.05 60.74
C ASP G 31 49.82 24.69 60.23
N ASN G 32 50.69 23.77 59.85
CA ASN G 32 50.23 22.53 59.22
C ASN G 32 50.85 21.30 59.88
N PHE G 33 50.65 20.13 59.28
CA PHE G 33 51.12 18.86 59.81
C PHE G 33 52.51 18.55 59.26
N VAL G 34 53.30 17.81 60.02
CA VAL G 34 54.64 17.39 59.62
C VAL G 34 54.70 15.88 59.68
N SER G 35 55.33 15.23 58.69
CA SER G 35 55.47 13.76 58.69
C SER G 35 56.96 13.42 58.69
N TRP G 36 57.34 12.18 58.97
CA TRP G 36 58.77 11.87 59.07
C TRP G 36 59.07 10.64 58.22
N TYR G 37 60.23 10.62 57.55
CA TYR G 37 60.54 9.53 56.59
C TYR G 37 61.85 8.85 56.96
N GLN G 38 61.93 7.55 56.69
CA GLN G 38 63.13 6.78 57.09
C GLN G 38 63.78 6.27 55.83
N GLN G 39 65.08 6.47 55.74
CA GLN G 39 65.81 6.00 54.56
C GLN G 39 67.03 5.21 55.00
N PHE G 40 67.12 3.96 54.54
CA PHE G 40 68.34 3.20 54.65
C PHE G 40 69.22 3.45 53.42
N PRO G 41 70.53 3.21 53.53
CA PRO G 41 71.40 3.35 52.36
C PRO G 41 70.93 2.46 51.21
N GLY G 42 70.91 3.04 50.01
CA GLY G 42 70.49 2.30 48.82
C GLY G 42 69.07 1.81 48.86
N THR G 43 68.15 2.58 49.44
CA THR G 43 66.76 2.19 49.53
C THR G 43 65.88 3.40 49.26
N ALA G 44 64.65 3.12 48.88
CA ALA G 44 63.67 4.19 48.69
C ALA G 44 63.09 4.59 50.04
N PRO G 45 63.09 5.88 50.39
CA PRO G 45 62.59 6.29 51.70
C PRO G 45 61.18 5.76 51.95
N LYS G 46 60.86 5.50 53.24
CA LYS G 46 59.54 4.88 53.63
C LYS G 46 58.88 5.69 54.76
N LEU G 47 57.57 5.57 54.90
CA LEU G 47 56.79 6.32 55.93
C LEU G 47 57.18 5.85 57.32
N LEU G 48 57.38 6.77 58.27
CA LEU G 48 57.63 6.37 59.68
C LEU G 48 56.65 7.09 60.61
N LEU G 49 55.86 8.05 60.12
CA LEU G 49 54.83 8.74 60.94
C LEU G 49 53.85 9.49 60.03
N TYR G 50 52.96 10.33 60.56
CA TYR G 50 52.03 11.27 59.95
C TYR G 50 51.08 11.78 61.02
N ASP G 51 50.53 12.97 60.77
CA ASP G 51 49.68 13.69 61.73
C ASP G 51 50.45 14.02 63.01
N ASP G 52 51.77 14.10 62.90
CA ASP G 52 52.70 14.58 63.92
C ASP G 52 52.82 13.61 65.10
N ALA G 53 51.95 12.62 65.19
CA ALA G 53 52.08 11.63 66.25
C ALA G 53 51.89 10.21 65.74
N ARG G 54 50.97 10.03 64.81
CA ARG G 54 50.47 8.70 64.50
C ARG G 54 51.50 7.90 63.71
N ARG G 55 51.32 6.59 63.65
CA ARG G 55 52.36 5.78 63.01
C ARG G 55 51.75 4.82 61.99
N PRO G 56 52.40 4.58 60.83
CA PRO G 56 51.90 3.61 59.88
C PRO G 56 52.11 2.22 60.46
N SER G 57 51.32 1.24 60.03
CA SER G 57 51.44 -0.10 60.66
C SER G 57 52.86 -0.62 60.41
N GLY G 58 53.55 -1.05 61.46
CA GLY G 58 54.95 -1.47 61.33
C GLY G 58 55.89 -0.38 61.82
N ILE G 59 55.39 0.85 61.98
CA ILE G 59 56.27 2.00 62.37
C ILE G 59 56.84 1.74 63.75
N PRO G 60 58.17 1.86 63.96
CA PRO G 60 58.76 1.54 65.25
C PRO G 60 58.11 2.39 66.34
N ASP G 61 57.58 1.74 67.38
CA ASP G 61 56.96 2.45 68.52
C ASP G 61 58.08 3.20 69.22
N ARG G 62 59.25 2.58 69.24
CA ARG G 62 60.39 3.18 69.96
C ARG G 62 60.66 4.55 69.35
N PHE G 63 60.49 4.70 68.04
CA PHE G 63 60.65 6.04 67.40
C PHE G 63 59.27 6.71 67.32
N SER G 64 59.01 7.71 68.17
CA SER G 64 57.73 8.46 68.12
C SER G 64 57.97 9.81 68.77
N GLY G 65 57.12 10.80 68.53
CA GLY G 65 57.31 12.09 69.25
C GLY G 65 56.60 13.23 68.57
N SER G 66 55.97 14.12 69.35
CA SER G 66 55.34 15.29 68.74
C SER G 66 55.84 16.53 69.45
N LYS G 67 55.92 17.64 68.72
CA LYS G 67 56.32 18.92 69.29
C LYS G 67 55.40 20.02 68.77
N SER G 68 55.30 21.09 69.56
CA SER G 68 54.47 22.23 69.24
C SER G 68 55.35 23.40 68.83
N GLY G 69 54.72 24.54 68.57
CA GLY G 69 55.44 25.71 68.14
C GLY G 69 55.89 25.61 66.70
N THR G 70 57.00 26.28 66.42
CA THR G 70 57.56 26.28 65.07
C THR G 70 58.43 25.06 64.79
N SER G 71 58.64 24.19 65.77
CA SER G 71 59.53 23.05 65.63
C SER G 71 58.78 21.74 65.84
N ALA G 72 59.28 20.69 65.22
CA ALA G 72 58.79 19.33 65.42
C ALA G 72 59.96 18.47 65.90
N THR G 73 59.66 17.39 66.61
CA THR G 73 60.71 16.54 67.17
C THR G 73 60.32 15.07 67.05
N LEU G 74 61.33 14.23 66.85
CA LEU G 74 61.18 12.79 66.79
C LEU G 74 61.99 12.18 67.93
N GLY G 75 61.39 11.25 68.69
CA GLY G 75 62.08 10.58 69.81
C GLY G 75 62.33 9.11 69.54
N ILE G 76 63.52 8.59 69.82
CA ILE G 76 63.84 7.18 69.45
C ILE G 76 64.39 6.43 70.66
N THR G 77 64.00 5.16 70.86
CA THR G 77 64.63 4.35 71.94
C THR G 77 65.00 2.98 71.34
N GLY G 78 65.57 2.09 72.14
CA GLY G 78 65.93 0.72 71.67
C GLY G 78 66.67 0.75 70.35
N LEU G 79 67.62 1.67 70.20
CA LEU G 79 68.36 1.83 68.92
C LEU G 79 69.05 0.52 68.55
N GLN G 80 68.48 -0.25 67.63
CA GLN G 80 69.18 -1.48 67.16
C GLN G 80 70.23 -1.04 66.14
N THR G 81 71.23 -1.88 65.88
CA THR G 81 72.32 -1.49 64.96
C THR G 81 71.75 -1.37 63.55
N GLY G 82 70.52 -1.82 63.34
CA GLY G 82 69.87 -1.66 62.05
C GLY G 82 69.18 -0.31 61.90
N ASP G 83 68.92 0.37 63.02
CA ASP G 83 68.19 1.63 62.97
C ASP G 83 69.06 2.78 62.49
N GLU G 84 70.29 2.51 62.06
CA GLU G 84 71.10 3.55 61.45
C GLU G 84 70.52 3.93 60.09
N ALA G 85 70.15 5.20 59.95
CA ALA G 85 69.43 5.64 58.77
C ALA G 85 69.40 7.17 58.69
N VAL G 86 68.65 7.70 57.73
CA VAL G 86 68.49 9.14 57.57
C VAL G 86 67.00 9.47 57.70
N TYR G 87 66.69 10.50 58.48
CA TYR G 87 65.32 10.83 58.83
C TYR G 87 64.97 12.20 58.27
N PHE G 88 63.90 12.26 57.47
CA PHE G 88 63.48 13.48 56.79
C PHE G 88 62.16 13.96 57.37
N CYS G 89 62.08 15.26 57.65
CA CYS G 89 60.83 15.90 58.05
C CYS G 89 60.19 16.53 56.82
N SER G 90 58.96 16.11 56.52
CA SER G 90 58.23 16.61 55.36
C SER G 90 57.10 17.52 55.82
N THR G 91 56.88 18.60 55.07
CA THR G 91 55.97 19.65 55.48
C THR G 91 55.45 20.35 54.23
N TRP G 92 54.22 20.83 54.33
CA TRP G 92 53.61 21.68 53.32
C TRP G 92 53.69 23.14 53.76
N ASP G 93 53.67 24.03 52.77
CA ASP G 93 53.76 25.46 53.02
C ASP G 93 52.46 26.12 52.59
N ASN G 94 51.91 26.99 53.45
CA ASN G 94 50.63 27.60 53.16
C ASN G 94 50.79 28.87 52.32
N SER G 95 51.93 29.56 52.45
CA SER G 95 52.11 30.82 51.73
C SER G 95 52.79 30.61 50.39
N LEU G 96 53.97 29.97 50.38
CA LEU G 96 54.70 29.79 49.13
C LEU G 96 54.10 28.67 48.28
N ASN G 97 53.35 27.76 48.89
CA ASN G 97 52.60 26.70 48.23
C ASN G 97 53.48 25.67 47.54
N VAL G 98 54.61 25.28 48.14
CA VAL G 98 55.43 24.19 47.66
C VAL G 98 55.83 23.32 48.85
N VAL G 99 55.69 22.00 48.70
CA VAL G 99 56.08 21.07 49.76
C VAL G 99 57.54 21.27 50.10
N LEU G 100 57.83 21.39 51.39
CA LEU G 100 59.20 21.49 51.87
C LEU G 100 59.66 20.17 52.47
N PHE G 101 60.97 19.98 52.53
CA PHE G 101 61.58 18.77 53.03
C PHE G 101 62.73 19.12 53.96
N GLY G 102 63.06 18.20 54.86
CA GLY G 102 64.17 18.42 55.76
C GLY G 102 65.50 18.04 55.15
N GLY G 103 66.56 18.64 55.67
CA GLY G 103 67.90 18.36 55.16
C GLY G 103 68.26 16.90 55.29
N GLY G 104 67.96 16.30 56.43
CA GLY G 104 68.25 14.90 56.66
C GLY G 104 69.26 14.73 57.77
N THR G 105 68.92 13.89 58.75
CA THR G 105 69.78 13.61 59.89
C THR G 105 70.09 12.12 59.92
N LYS G 106 71.36 11.78 60.11
CA LYS G 106 71.82 10.41 60.08
C LYS G 106 72.04 9.91 61.51
N LEU G 107 71.56 8.71 61.79
CA LEU G 107 71.61 8.13 63.13
C LEU G 107 72.69 7.05 63.18
N THR G 108 73.56 7.14 64.17
CA THR G 108 74.68 6.22 64.34
C THR G 108 74.51 5.43 65.63
N VAL G 109 74.77 4.12 65.57
CA VAL G 109 74.73 3.25 66.73
C VAL G 109 76.17 3.02 67.16
N LEU G 110 76.52 3.50 68.36
CA LEU G 110 77.89 3.40 68.84
C LEU G 110 78.17 2.01 69.40
N GLU H 1 36.81 60.18 -49.69
CA GLU H 1 36.11 59.64 -50.88
C GLU H 1 35.67 58.21 -50.58
N VAL H 2 34.57 57.77 -51.21
CA VAL H 2 34.08 56.38 -51.00
C VAL H 2 34.91 55.48 -51.90
N GLN H 3 35.27 54.30 -51.42
CA GLN H 3 36.00 53.37 -52.29
C GLN H 3 35.98 51.97 -51.70
N LEU H 4 35.93 50.95 -52.57
CA LEU H 4 36.06 49.54 -52.11
C LEU H 4 37.14 48.91 -53.02
N VAL H 5 38.21 48.33 -52.48
CA VAL H 5 39.34 47.76 -53.21
C VAL H 5 39.51 46.32 -52.79
N GLU H 6 39.59 45.43 -53.78
CA GLU H 6 39.64 43.99 -53.57
C GLU H 6 40.91 43.38 -54.14
N SER H 7 41.46 42.43 -53.39
CA SER H 7 42.69 41.73 -53.72
C SER H 7 42.52 40.25 -53.42
N GLY H 8 43.44 39.46 -53.95
CA GLY H 8 43.41 38.01 -53.77
C GLY H 8 43.22 37.24 -55.07
N GLY H 9 43.33 37.88 -56.23
CA GLY H 9 43.01 37.22 -57.49
C GLY H 9 44.25 36.81 -58.26
N GLY H 10 44.24 35.58 -58.75
CA GLY H 10 45.33 35.06 -59.55
C GLY H 10 45.04 33.65 -59.98
N LEU H 11 46.01 33.06 -60.67
CA LEU H 11 45.88 31.68 -61.10
C LEU H 11 45.80 30.76 -59.89
N VAL H 12 45.03 29.67 -60.04
CA VAL H 12 44.91 28.67 -58.99
C VAL H 12 44.43 27.37 -59.63
N GLN H 13 44.79 26.25 -59.01
CA GLN H 13 44.45 24.93 -59.52
C GLN H 13 43.02 24.55 -59.14
N PRO H 14 42.38 23.66 -59.92
CA PRO H 14 41.05 23.18 -59.55
C PRO H 14 41.05 22.53 -58.18
N GLY H 15 39.99 22.80 -57.41
CA GLY H 15 39.93 22.33 -56.04
C GLY H 15 40.72 23.15 -55.05
N GLY H 16 41.32 24.26 -55.48
CA GLY H 16 42.10 25.08 -54.57
C GLY H 16 41.24 25.83 -53.58
N SER H 17 41.88 26.74 -52.86
CA SER H 17 41.22 27.56 -51.85
C SER H 17 41.84 28.95 -51.85
N LEU H 18 40.99 29.98 -51.81
CA LEU H 18 41.43 31.36 -51.80
C LEU H 18 40.68 32.14 -50.73
N ARG H 19 41.28 33.23 -50.30
CA ARG H 19 40.63 34.21 -49.42
C ARG H 19 40.63 35.54 -50.17
N LEU H 20 39.60 35.79 -50.98
CA LEU H 20 39.49 37.10 -51.57
C LEU H 20 39.09 38.10 -50.50
N SER H 21 39.49 39.35 -50.68
CA SER H 21 39.16 40.28 -49.60
C SER H 21 38.59 41.58 -50.16
N CYS H 22 37.65 42.22 -49.45
CA CYS H 22 37.05 43.51 -49.87
C CYS H 22 37.35 44.53 -48.80
N GLU H 23 38.12 45.57 -49.12
CA GLU H 23 38.54 46.61 -48.14
C GLU H 23 37.68 47.85 -48.33
N ALA H 24 37.08 48.36 -47.26
CA ALA H 24 36.10 49.45 -47.38
C ALA H 24 36.58 50.74 -46.72
N SER H 25 36.52 51.86 -47.43
CA SER H 25 36.94 53.17 -46.85
C SER H 25 35.79 54.18 -47.00
N GLU H 26 35.63 55.12 -46.08
CA GLU H 26 34.53 56.13 -46.10
C GLU H 26 33.25 55.44 -45.70
N ILE H 27 33.23 54.13 -45.74
CA ILE H 27 32.01 53.30 -45.45
C ILE H 27 32.36 52.30 -44.35
N ILE H 28 31.40 51.61 -43.74
CA ILE H 28 31.74 50.69 -42.63
C ILE H 28 31.15 49.32 -42.95
N VAL H 29 31.98 48.35 -43.26
CA VAL H 29 31.47 47.04 -43.78
C VAL H 29 30.69 46.28 -42.74
N ASN H 30 30.74 46.71 -41.50
CA ASN H 30 30.07 45.93 -40.43
C ASN H 30 28.61 46.40 -40.31
N ARG H 31 28.19 47.23 -41.26
CA ARG H 31 26.81 47.82 -41.23
C ARG H 31 26.13 47.80 -42.61
N ASN H 32 26.68 48.46 -43.60
CA ASN H 32 25.98 48.51 -44.90
C ASN H 32 25.88 47.09 -45.46
N TYR H 33 24.78 46.70 -46.11
CA TYR H 33 24.55 45.33 -46.62
C TYR H 33 25.55 45.11 -47.74
N MET H 34 26.59 44.29 -47.55
CA MET H 34 27.63 44.19 -48.60
C MET H 34 27.42 42.96 -49.52
N ASN H 35 27.80 43.01 -50.82
CA ASN H 35 27.53 41.90 -51.77
C ASN H 35 28.74 41.49 -52.62
N TRP H 36 28.99 40.20 -52.93
CA TRP H 36 30.00 39.68 -53.83
C TRP H 36 29.29 39.21 -55.08
N VAL H 37 29.60 39.83 -56.22
CA VAL H 37 28.93 39.47 -57.51
C VAL H 37 30.03 39.12 -58.51
N ARG H 38 29.78 38.37 -59.58
CA ARG H 38 30.89 37.93 -60.47
C ARG H 38 30.53 38.09 -61.91
N GLN H 39 31.50 38.03 -62.80
CA GLN H 39 31.16 38.04 -64.23
C GLN H 39 32.26 37.40 -65.04
N ALA H 40 32.00 36.20 -65.55
CA ALA H 40 33.08 35.50 -66.28
C ALA H 40 33.35 36.31 -67.52
N PRO H 41 34.53 36.25 -68.15
CA PRO H 41 34.77 37.08 -69.30
C PRO H 41 33.64 36.77 -70.29
N GLY H 42 33.09 37.79 -70.94
CA GLY H 42 31.94 37.59 -71.86
C GLY H 42 30.74 36.98 -71.18
N LYS H 43 30.27 37.59 -70.10
CA LYS H 43 29.14 36.96 -69.37
C LYS H 43 28.41 38.01 -68.55
N GLY H 44 27.54 37.57 -67.65
CA GLY H 44 26.66 38.52 -66.94
C GLY H 44 26.81 38.49 -65.44
N LEU H 45 26.65 39.65 -64.84
CA LEU H 45 26.88 39.72 -63.41
C LEU H 45 25.97 38.67 -62.82
N GLU H 46 26.49 37.85 -61.93
CA GLU H 46 25.68 36.80 -61.28
C GLU H 46 25.82 37.00 -59.79
N TRP H 47 24.72 36.99 -59.07
CA TRP H 47 24.84 37.26 -57.63
C TRP H 47 25.51 36.07 -56.97
N VAL H 48 26.61 36.29 -56.26
CA VAL H 48 27.31 35.25 -55.52
C VAL H 48 26.89 35.23 -54.06
N SER H 49 27.11 36.35 -53.35
CA SER H 49 26.68 36.41 -51.92
C SER H 49 26.42 37.81 -51.33
N ILE H 50 25.47 37.95 -50.37
CA ILE H 50 25.10 39.24 -49.70
C ILE H 50 25.25 39.08 -48.21
N ILE H 51 25.92 40.01 -47.55
CA ILE H 51 26.05 39.94 -46.08
C ILE H 51 25.19 41.04 -45.45
N TYR H 52 24.32 40.68 -44.54
CA TYR H 52 23.39 41.61 -43.88
C TYR H 52 24.09 42.28 -42.70
N PRO H 53 23.60 43.45 -42.28
CA PRO H 53 24.05 44.03 -41.02
C PRO H 53 24.16 43.04 -39.88
N GLY H 54 23.13 42.21 -39.72
CA GLY H 54 23.04 41.33 -38.57
C GLY H 54 23.81 40.02 -38.69
N GLY H 55 24.63 39.88 -39.72
CA GLY H 55 25.47 38.73 -39.89
C GLY H 55 24.93 37.66 -40.81
N SER H 56 23.64 37.68 -41.11
CA SER H 56 23.05 36.68 -41.97
C SER H 56 23.66 36.74 -43.37
N THR H 57 23.80 35.58 -44.01
CA THR H 57 24.40 35.46 -45.32
C THR H 57 23.41 34.81 -46.26
N PHE H 58 23.52 35.15 -47.54
CA PHE H 58 22.78 34.46 -48.59
C PHE H 58 23.72 34.17 -49.75
N TYR H 59 23.62 32.97 -50.31
CA TYR H 59 24.43 32.55 -51.44
C TYR H 59 23.54 32.02 -52.55
N ALA H 60 24.07 32.05 -53.77
CA ALA H 60 23.31 31.60 -54.93
C ALA H 60 23.22 30.08 -54.94
N ASP H 61 22.61 29.55 -56.00
CA ASP H 61 22.47 28.10 -56.12
C ASP H 61 23.80 27.45 -56.47
N SER H 62 24.44 27.90 -57.54
CA SER H 62 25.66 27.26 -58.02
C SER H 62 26.80 27.41 -57.03
N VAL H 63 26.69 28.35 -56.11
CA VAL H 63 27.84 28.74 -55.28
C VAL H 63 27.52 28.38 -53.83
N LYS H 64 26.57 27.47 -53.64
CA LYS H 64 26.14 27.11 -52.29
C LYS H 64 27.12 26.13 -51.66
N GLY H 65 27.28 26.24 -50.35
CA GLY H 65 28.08 25.28 -49.59
C GLY H 65 29.58 25.37 -49.71
N ARG H 66 30.10 25.43 -50.93
CA ARG H 66 31.54 25.50 -51.14
C ARG H 66 32.12 26.80 -50.58
N PHE H 67 31.38 27.89 -50.71
CA PHE H 67 31.90 29.23 -50.45
C PHE H 67 31.52 29.70 -49.05
N THR H 68 32.00 30.89 -48.71
CA THR H 68 31.71 31.50 -47.43
C THR H 68 32.08 32.98 -47.51
N ILE H 69 31.21 33.81 -46.95
CA ILE H 69 31.44 35.25 -46.83
C ILE H 69 31.59 35.57 -45.35
N SER H 70 32.42 36.56 -45.06
CA SER H 70 32.72 36.88 -43.67
C SER H 70 33.05 38.36 -43.56
N ARG H 71 32.88 38.88 -42.35
CA ARG H 71 32.94 40.31 -42.08
C ARG H 71 33.88 40.51 -40.90
N ASP H 72 34.98 41.22 -41.14
CA ASP H 72 36.02 41.34 -40.12
C ASP H 72 35.50 42.10 -38.91
N ASN H 73 36.13 41.85 -37.76
CA ASN H 73 35.70 42.47 -36.52
C ASN H 73 36.12 43.93 -36.45
N SER H 74 37.35 44.25 -36.85
CA SER H 74 37.87 45.59 -36.70
C SER H 74 38.62 46.15 -37.91
N LYS H 75 38.99 45.31 -38.88
CA LYS H 75 39.82 45.78 -39.99
C LYS H 75 39.06 46.59 -41.04
N ASN H 76 37.73 46.65 -40.95
CA ASN H 76 36.90 47.29 -41.97
C ASN H 76 37.18 46.68 -43.34
N THR H 77 36.93 45.39 -43.46
CA THR H 77 37.26 44.63 -44.66
C THR H 77 36.48 43.32 -44.62
N MET H 78 36.02 42.87 -45.78
CA MET H 78 35.26 41.63 -45.86
C MET H 78 35.95 40.61 -46.74
N TYR H 79 35.63 39.32 -46.51
CA TYR H 79 36.41 38.28 -47.22
C TYR H 79 35.56 37.14 -47.74
N LEU H 80 35.92 36.59 -48.90
CA LEU H 80 35.20 35.44 -49.47
C LEU H 80 36.11 34.26 -49.33
N GLN H 81 35.66 33.15 -48.73
CA GLN H 81 36.55 31.98 -48.69
C GLN H 81 36.13 31.08 -49.82
N MET H 82 36.87 31.09 -50.91
CA MET H 82 36.39 30.28 -52.04
C MET H 82 37.06 28.93 -51.88
N ASN H 83 36.27 27.85 -51.85
CA ASN H 83 36.80 26.48 -51.75
C ASN H 83 36.14 25.57 -52.78
N SER H 84 36.78 24.50 -53.23
CA SER H 84 36.25 23.47 -54.14
C SER H 84 35.86 24.08 -55.49
N LEU H 85 36.84 24.66 -56.17
CA LEU H 85 36.57 25.37 -57.41
C LEU H 85 36.36 24.38 -58.55
N ARG H 86 35.80 24.88 -59.66
CA ARG H 86 35.62 24.11 -60.87
C ARG H 86 35.83 25.04 -62.06
N ALA H 87 35.41 24.58 -63.24
CA ALA H 87 35.65 25.34 -64.46
C ALA H 87 34.75 26.57 -64.54
N GLU H 88 33.55 26.46 -63.97
CA GLU H 88 32.54 27.56 -64.09
C GLU H 88 32.77 28.64 -63.03
N ASP H 89 33.93 28.65 -62.37
CA ASP H 89 34.23 29.72 -61.39
C ASP H 89 35.29 30.66 -61.93
N THR H 90 35.56 30.59 -63.23
CA THR H 90 36.48 31.57 -63.85
C THR H 90 35.72 32.89 -63.78
N ALA H 91 36.29 33.95 -63.20
CA ALA H 91 35.47 35.15 -62.92
C ALA H 91 36.23 36.47 -62.75
N VAL H 92 35.50 37.56 -62.60
CA VAL H 92 36.13 38.86 -62.25
C VAL H 92 35.30 39.32 -61.06
N TYR H 93 35.49 38.73 -59.90
CA TYR H 93 34.63 39.02 -58.73
C TYR H 93 34.68 40.50 -58.37
N TYR H 94 33.56 41.07 -57.92
CA TYR H 94 33.42 42.49 -57.51
C TYR H 94 32.74 42.47 -56.14
N CYS H 95 32.99 43.43 -55.26
CA CYS H 95 32.23 43.48 -53.99
C CYS H 95 31.41 44.75 -54.12
N ALA H 96 30.12 44.74 -53.73
CA ALA H 96 29.32 45.95 -53.96
C ALA H 96 28.31 46.23 -52.84
N ARG H 97 28.14 47.48 -52.47
CA ARG H 97 27.22 47.84 -51.35
C ARG H 97 25.81 47.83 -51.86
N SER H 98 24.85 47.21 -51.18
CA SER H 98 23.51 47.24 -51.80
C SER H 98 22.46 47.77 -50.84
N TYR H 99 22.00 49.00 -51.04
CA TYR H 99 20.90 49.49 -50.19
C TYR H 99 19.89 48.36 -50.16
N GLY H 100 19.67 47.84 -48.98
CA GLY H 100 18.65 46.83 -48.81
C GLY H 100 18.78 45.73 -49.84
N ASP H 101 17.64 45.29 -50.35
CA ASP H 101 17.59 44.30 -51.42
C ASP H 101 17.21 44.90 -52.76
N PHE H 102 17.35 46.23 -52.93
CA PHE H 102 16.72 46.93 -54.04
C PHE H 102 17.68 47.25 -55.16
N TYR H 103 18.86 47.76 -54.85
CA TYR H 103 19.80 48.15 -55.89
C TYR H 103 21.21 48.21 -55.31
N VAL H 104 22.22 47.99 -56.17
CA VAL H 104 23.64 47.84 -55.74
C VAL H 104 24.36 49.15 -56.01
N ASP H 105 24.45 50.05 -55.03
CA ASP H 105 25.00 51.41 -55.25
C ASP H 105 26.49 51.52 -55.59
N PHE H 106 27.40 50.81 -54.92
CA PHE H 106 28.85 51.04 -55.18
C PHE H 106 29.57 49.77 -55.57
N TRP H 107 30.35 49.80 -56.64
CA TRP H 107 31.01 48.57 -57.14
C TRP H 107 32.54 48.69 -57.05
N GLY H 108 33.22 47.67 -56.53
CA GLY H 108 34.69 47.66 -56.49
C GLY H 108 35.27 47.45 -57.87
N GLN H 109 36.55 47.70 -58.08
CA GLN H 109 37.14 47.66 -59.45
C GLN H 109 37.10 46.27 -60.10
N GLY H 110 37.42 45.19 -59.39
CA GLY H 110 37.47 43.87 -60.05
C GLY H 110 38.73 43.05 -59.79
N THR H 111 38.58 41.76 -59.48
CA THR H 111 39.74 40.89 -59.13
C THR H 111 39.68 39.58 -59.90
N LEU H 112 40.50 39.45 -60.94
CA LEU H 112 40.39 38.26 -61.78
C LEU H 112 40.52 36.99 -60.94
N VAL H 113 39.92 35.91 -61.42
CA VAL H 113 40.09 34.57 -60.85
C VAL H 113 40.10 33.58 -62.00
N THR H 114 41.06 32.65 -61.98
CA THR H 114 41.24 31.66 -63.03
C THR H 114 41.35 30.27 -62.42
N VAL H 115 40.72 29.29 -63.06
CA VAL H 115 40.78 27.90 -62.63
C VAL H 115 41.36 27.10 -63.78
N SER H 116 42.68 26.89 -63.76
CA SER H 116 43.37 26.11 -64.77
C SER H 116 44.72 25.69 -64.22
N SER H 117 45.35 24.76 -64.92
CA SER H 117 46.66 24.25 -64.51
C SER H 117 47.77 24.89 -65.33
N GLN I 1 11.43 28.59 -63.16
CA GLN I 1 12.76 29.02 -63.66
C GLN I 1 12.68 30.52 -63.99
N SER I 2 13.24 31.37 -63.13
CA SER I 2 13.15 32.84 -63.34
C SER I 2 14.53 33.43 -63.54
N VAL I 3 14.76 34.05 -64.69
CA VAL I 3 16.01 34.79 -64.99
C VAL I 3 15.50 35.71 -66.08
N LEU I 4 15.58 37.00 -65.87
CA LEU I 4 14.93 37.95 -66.75
C LEU I 4 15.57 37.92 -68.13
N THR I 5 14.75 38.05 -69.16
CA THR I 5 15.21 37.95 -70.53
C THR I 5 15.39 39.34 -71.13
N GLN I 6 16.50 39.54 -71.81
CA GLN I 6 16.85 40.83 -72.38
C GLN I 6 17.40 40.62 -73.79
N PRO I 7 17.02 41.48 -74.73
CA PRO I 7 17.45 41.32 -76.12
C PRO I 7 18.96 41.28 -76.24
N PRO I 8 19.51 40.44 -77.12
CA PRO I 8 20.97 40.35 -77.25
C PRO I 8 21.63 41.67 -77.62
N SER I 9 20.95 42.52 -78.39
CA SER I 9 21.53 43.78 -78.81
C SER I 9 20.43 44.75 -79.20
N VAL I 10 20.76 46.04 -79.11
CA VAL I 10 19.92 47.13 -79.59
C VAL I 10 20.83 48.21 -80.16
N SER I 11 20.46 48.76 -81.30
CA SER I 11 21.29 49.75 -81.99
C SER I 11 20.43 50.85 -82.57
N ALA I 12 20.93 52.09 -82.50
CA ALA I 12 20.25 53.23 -83.09
C ALA I 12 21.28 54.31 -83.41
N ALA I 13 20.90 55.19 -84.32
CA ALA I 13 21.74 56.32 -84.70
C ALA I 13 21.56 57.47 -83.72
N PRO I 14 22.54 58.37 -83.64
CA PRO I 14 22.39 59.52 -82.74
C PRO I 14 21.17 60.36 -83.11
N GLY I 15 20.52 60.89 -82.08
CA GLY I 15 19.29 61.63 -82.27
C GLY I 15 18.03 60.78 -82.26
N GLN I 16 18.16 59.46 -82.19
CA GLN I 16 17.02 58.55 -82.15
C GLN I 16 16.92 57.90 -80.78
N LYS I 17 15.74 57.99 -80.17
CA LYS I 17 15.56 57.44 -78.84
C LYS I 17 15.74 55.93 -78.85
N VAL I 18 16.39 55.41 -77.80
CA VAL I 18 16.71 54.00 -77.67
C VAL I 18 15.87 53.42 -76.55
N THR I 19 15.21 52.30 -76.83
CA THR I 19 14.34 51.62 -75.90
C THR I 19 14.87 50.22 -75.65
N ILE I 20 14.98 49.83 -74.38
CA ILE I 20 15.43 48.51 -73.98
C ILE I 20 14.37 47.90 -73.08
N SER I 21 14.01 46.65 -73.32
CA SER I 21 12.95 45.97 -72.59
C SER I 21 13.50 44.75 -71.88
N CYS I 22 13.32 44.70 -70.57
CA CYS I 22 13.71 43.56 -69.74
C CYS I 22 12.43 42.86 -69.29
N SER I 23 12.27 41.61 -69.69
CA SER I 23 11.08 40.86 -69.37
C SER I 23 11.41 39.61 -68.57
N GLY I 24 10.57 39.33 -67.57
CA GLY I 24 10.79 38.17 -66.72
C GLY I 24 9.49 37.71 -66.12
N SER I 25 9.54 36.54 -65.50
CA SER I 25 8.37 35.97 -64.85
C SER I 25 7.92 36.84 -63.69
N SER I 26 6.60 36.91 -63.49
CA SER I 26 6.07 37.87 -62.49
C SER I 26 6.37 37.38 -61.08
N SER I 27 7.18 36.34 -60.94
CA SER I 27 7.59 35.97 -59.57
C SER I 27 8.55 37.03 -58.99
N ASN I 28 9.44 37.57 -59.82
CA ASN I 28 10.47 38.51 -59.31
C ASN I 28 10.28 39.92 -59.84
N ILE I 29 9.83 40.12 -61.07
CA ILE I 29 9.76 41.51 -61.58
C ILE I 29 8.33 42.03 -61.44
N GLY I 30 7.36 41.15 -61.21
CA GLY I 30 6.01 41.65 -61.00
C GLY I 30 5.70 41.99 -59.55
N ASN I 31 6.55 41.55 -58.62
CA ASN I 31 6.33 41.79 -57.21
C ASN I 31 7.46 42.55 -56.54
N ASN I 32 8.61 42.72 -57.20
CA ASN I 32 9.74 43.42 -56.65
C ASN I 32 10.17 44.53 -57.61
N TYR I 33 11.28 45.19 -57.26
CA TYR I 33 11.66 46.40 -58.00
C TYR I 33 12.79 46.17 -58.96
N VAL I 34 12.65 46.66 -60.18
CA VAL I 34 13.75 46.57 -61.18
C VAL I 34 14.80 47.59 -60.79
N SER I 35 15.98 47.53 -61.38
CA SER I 35 17.02 48.55 -61.16
C SER I 35 17.86 48.39 -62.41
N TRP I 36 18.57 49.41 -62.87
CA TRP I 36 19.26 49.26 -64.19
C TRP I 36 20.70 49.70 -64.13
N TYR I 37 21.65 48.87 -64.55
CA TYR I 37 23.06 49.19 -64.39
C TYR I 37 23.73 49.30 -65.76
N GLN I 38 24.78 50.12 -65.81
CA GLN I 38 25.54 50.39 -67.02
C GLN I 38 26.99 49.98 -66.77
N GLN I 39 27.53 49.19 -67.68
CA GLN I 39 28.92 48.72 -67.60
C GLN I 39 29.66 49.21 -68.83
N LEU I 40 30.45 50.26 -68.64
CA LEU I 40 31.37 50.73 -69.67
C LEU I 40 32.47 49.70 -69.87
N PRO I 41 33.10 49.67 -71.04
CA PRO I 41 34.12 48.65 -71.30
C PRO I 41 35.25 48.69 -70.30
N GLY I 42 35.67 47.50 -69.85
CA GLY I 42 36.81 47.37 -68.97
C GLY I 42 36.68 48.06 -67.62
N THR I 43 35.44 48.39 -67.24
CA THR I 43 35.20 49.08 -65.95
C THR I 43 34.27 48.25 -65.04
N ALA I 44 33.57 48.95 -64.16
CA ALA I 44 32.74 48.22 -63.19
C ALA I 44 31.33 48.75 -63.33
N PRO I 45 30.29 47.94 -63.09
CA PRO I 45 28.94 48.37 -63.34
C PRO I 45 28.69 49.70 -62.61
N LYS I 46 28.04 50.67 -63.25
CA LYS I 46 27.69 51.92 -62.53
C LYS I 46 26.17 52.05 -62.42
N LEU I 47 25.63 52.16 -61.21
CA LEU I 47 24.19 52.22 -61.12
C LEU I 47 23.64 53.33 -62.00
N LEU I 48 22.56 53.04 -62.71
CA LEU I 48 21.95 54.00 -63.63
C LEU I 48 20.53 54.36 -63.24
N ILE I 49 19.68 53.37 -62.97
CA ILE I 49 18.29 53.58 -62.59
C ILE I 49 17.95 52.67 -61.42
N TYR I 50 17.21 53.21 -60.44
CA TYR I 50 16.82 52.43 -59.27
C TYR I 50 15.36 52.66 -58.96
N ASP I 51 14.76 51.69 -58.26
CA ASP I 51 13.39 51.77 -57.74
C ASP I 51 12.37 52.10 -58.82
N ASN I 52 12.53 51.47 -59.99
CA ASN I 52 11.53 51.36 -61.05
C ASN I 52 11.32 52.65 -61.84
N ASN I 53 11.73 53.80 -61.32
CA ASN I 53 11.64 55.02 -62.13
C ASN I 53 12.75 56.02 -61.87
N LYS I 54 13.35 55.99 -60.67
CA LYS I 54 14.18 57.10 -60.22
C LYS I 54 15.49 57.18 -60.99
N ARG I 55 16.17 58.31 -60.82
CA ARG I 55 17.46 58.59 -61.42
C ARG I 55 18.38 59.17 -60.35
N PRO I 56 19.37 58.41 -59.86
CA PRO I 56 20.10 58.83 -58.67
C PRO I 56 21.22 59.80 -58.97
N SER I 57 21.56 60.58 -57.94
CA SER I 57 22.79 61.36 -57.87
C SER I 57 23.16 62.09 -59.16
N GLY I 58 22.17 62.68 -59.82
CA GLY I 58 22.46 63.48 -61.00
C GLY I 58 23.06 62.71 -62.15
N ILE I 59 22.49 61.55 -62.48
CA ILE I 59 22.85 60.89 -63.73
C ILE I 59 22.50 61.81 -64.89
N PRO I 60 23.29 61.85 -65.98
CA PRO I 60 22.87 62.60 -67.17
C PRO I 60 21.41 62.39 -67.51
N ASP I 61 20.70 63.47 -67.78
CA ASP I 61 19.26 63.44 -67.89
C ASP I 61 18.81 62.69 -69.15
N ARG I 62 17.50 62.68 -69.37
CA ARG I 62 16.84 62.00 -70.48
C ARG I 62 16.89 60.49 -70.31
N PHE I 63 17.56 60.02 -69.26
CA PHE I 63 17.52 58.60 -68.93
C PHE I 63 16.24 58.30 -68.14
N SER I 64 15.42 57.40 -68.69
CA SER I 64 14.12 57.15 -68.10
C SER I 64 13.95 55.66 -67.86
N GLY I 65 13.21 55.33 -66.80
CA GLY I 65 12.89 53.95 -66.50
C GLY I 65 11.44 53.79 -66.12
N SER I 66 10.80 52.75 -66.63
CA SER I 66 9.38 52.51 -66.39
C SER I 66 9.15 51.03 -66.17
N LYS I 67 8.02 50.70 -65.57
CA LYS I 67 7.64 49.31 -65.29
C LYS I 67 6.20 49.11 -65.73
N SER I 68 5.97 48.15 -66.62
CA SER I 68 4.64 47.82 -67.12
C SER I 68 4.39 46.34 -66.84
N GLY I 69 3.56 46.06 -65.84
CA GLY I 69 3.18 44.70 -65.55
C GLY I 69 4.33 43.83 -65.11
N THR I 70 4.74 42.91 -65.98
CA THR I 70 5.88 42.04 -65.73
C THR I 70 7.11 42.41 -66.54
N SER I 71 7.15 43.63 -67.09
CA SER I 71 8.28 44.07 -67.90
C SER I 71 8.79 45.41 -67.39
N ALA I 72 10.04 45.73 -67.72
CA ALA I 72 10.64 47.01 -67.41
C ALA I 72 11.27 47.58 -68.66
N THR I 73 11.32 48.90 -68.75
CA THR I 73 11.76 49.59 -69.95
C THR I 73 12.72 50.70 -69.58
N LEU I 74 13.86 50.76 -70.27
CA LEU I 74 14.80 51.85 -70.18
C LEU I 74 14.78 52.65 -71.47
N GLY I 75 14.87 53.97 -71.34
CA GLY I 75 14.81 54.84 -72.50
C GLY I 75 15.83 55.97 -72.47
N ILE I 76 16.49 56.19 -73.61
CA ILE I 76 17.48 57.25 -73.76
C ILE I 76 17.12 58.06 -74.99
N THR I 77 16.71 59.31 -74.80
CA THR I 77 16.39 60.16 -75.94
C THR I 77 17.65 60.43 -76.74
N GLY I 78 17.67 59.92 -77.98
CA GLY I 78 18.87 59.97 -78.79
C GLY I 78 19.83 58.84 -78.42
N LEU I 79 20.81 58.62 -79.29
CA LEU I 79 21.82 57.58 -79.09
C LEU I 79 23.21 58.24 -79.13
N GLN I 80 23.65 58.72 -77.98
CA GLN I 80 24.95 59.38 -77.90
C GLN I 80 26.07 58.35 -77.92
N THR I 81 27.22 58.75 -78.45
CA THR I 81 28.35 57.83 -78.57
C THR I 81 28.86 57.38 -77.20
N GLY I 82 28.89 58.30 -76.23
CA GLY I 82 29.45 57.96 -74.93
C GLY I 82 28.61 56.95 -74.17
N ASP I 83 27.34 56.81 -74.53
CA ASP I 83 26.44 55.93 -73.78
C ASP I 83 26.70 54.47 -74.12
N GLU I 84 27.55 54.20 -75.11
CA GLU I 84 27.85 52.82 -75.49
C GLU I 84 28.42 52.03 -74.32
N ALA I 85 27.73 50.97 -73.92
CA ALA I 85 28.10 50.14 -72.78
C ALA I 85 27.22 48.90 -72.82
N ASP I 86 27.32 48.07 -71.79
CA ASP I 86 26.36 46.99 -71.58
C ASP I 86 25.35 47.41 -70.53
N TYR I 87 24.10 47.01 -70.71
CA TYR I 87 23.02 47.41 -69.81
C TYR I 87 22.40 46.17 -69.20
N TYR I 88 22.22 46.18 -67.88
CA TYR I 88 21.69 45.04 -67.15
C TYR I 88 20.51 45.46 -66.31
N CYS I 89 19.59 44.52 -66.09
CA CYS I 89 18.40 44.73 -65.30
C CYS I 89 18.38 43.71 -64.17
N GLY I 90 18.14 44.16 -62.96
CA GLY I 90 18.26 43.30 -61.79
C GLY I 90 17.10 43.42 -60.84
N THR I 91 16.60 42.27 -60.40
CA THR I 91 15.51 42.22 -59.42
C THR I 91 15.81 41.15 -58.39
N TRP I 92 15.25 41.31 -57.19
CA TRP I 92 15.46 40.34 -56.13
C TRP I 92 14.42 39.25 -56.22
N ASP I 93 14.77 38.11 -56.85
CA ASP I 93 13.85 37.00 -56.99
C ASP I 93 13.69 36.33 -55.64
N SER I 94 12.53 36.54 -55.01
CA SER I 94 12.28 35.96 -53.70
C SER I 94 12.08 34.45 -53.78
N SER I 95 11.59 33.94 -54.91
CA SER I 95 11.42 32.49 -55.05
C SER I 95 12.76 31.78 -55.02
N LEU I 96 13.77 32.32 -55.72
CA LEU I 96 15.13 31.83 -55.64
C LEU I 96 15.91 32.45 -54.49
N SER I 97 15.35 33.48 -53.85
CA SER I 97 16.06 34.27 -52.84
C SER I 97 17.44 34.67 -53.35
N ALA I 98 17.45 35.37 -54.48
CA ALA I 98 18.71 35.70 -55.14
C ALA I 98 18.51 36.88 -56.07
N TRP I 99 19.53 37.73 -56.16
CA TRP I 99 19.54 38.76 -57.19
C TRP I 99 19.60 38.09 -58.57
N VAL I 100 18.75 38.52 -59.48
CA VAL I 100 18.72 37.99 -60.84
C VAL I 100 18.90 39.14 -61.82
N PHE I 101 19.82 38.94 -62.76
CA PHE I 101 20.22 39.94 -63.73
C PHE I 101 19.81 39.51 -65.13
N GLY I 102 19.71 40.48 -66.03
CA GLY I 102 19.36 40.20 -67.41
C GLY I 102 20.55 39.76 -68.24
N GLY I 103 20.25 39.46 -69.51
CA GLY I 103 21.31 39.01 -70.41
C GLY I 103 22.32 40.10 -70.72
N GLY I 104 21.86 41.32 -70.92
CA GLY I 104 22.75 42.43 -71.24
C GLY I 104 22.69 42.78 -72.71
N THR I 105 22.50 44.06 -73.00
CA THR I 105 22.40 44.56 -74.37
C THR I 105 23.70 45.25 -74.77
N LYS I 106 24.16 44.97 -75.98
CA LYS I 106 25.33 45.65 -76.54
C LYS I 106 24.82 46.84 -77.36
N LEU I 107 24.75 47.99 -76.70
CA LEU I 107 24.28 49.20 -77.37
C LEU I 107 25.37 49.73 -78.30
N THR I 108 25.08 49.79 -79.59
CA THR I 108 26.02 50.28 -80.59
C THR I 108 25.38 51.44 -81.33
N VAL I 109 26.12 52.53 -81.47
CA VAL I 109 25.63 53.72 -82.15
C VAL I 109 25.88 53.56 -83.65
N LEU I 110 24.84 53.77 -84.44
CA LEU I 110 24.95 53.65 -85.90
C LEU I 110 25.58 54.90 -86.50
N GLU J 1 -8.77 64.23 -13.76
CA GLU J 1 -7.82 63.20 -13.35
C GLU J 1 -6.99 62.77 -14.56
N VAL J 2 -7.43 63.15 -15.75
CA VAL J 2 -6.76 62.81 -17.00
C VAL J 2 -5.89 63.99 -17.40
N GLN J 3 -4.60 63.90 -17.09
CA GLN J 3 -3.61 64.87 -17.54
C GLN J 3 -2.82 64.28 -18.69
N LEU J 4 -2.66 65.04 -19.77
CA LEU J 4 -1.89 64.63 -20.93
C LEU J 4 -0.69 65.56 -21.03
N VAL J 5 0.48 65.04 -20.70
CA VAL J 5 1.71 65.83 -20.71
C VAL J 5 2.29 65.79 -22.13
N GLU J 6 2.98 66.87 -22.51
CA GLU J 6 3.62 66.96 -23.82
C GLU J 6 5.13 66.95 -23.64
N SER J 7 5.84 67.08 -24.75
CA SER J 7 7.31 67.16 -24.72
C SER J 7 7.79 67.59 -26.11
N GLY J 8 9.11 67.62 -26.27
CA GLY J 8 9.71 67.83 -27.57
C GLY J 8 9.40 69.15 -28.24
N GLY J 9 8.93 70.14 -27.48
CA GLY J 9 8.54 71.42 -28.04
C GLY J 9 9.66 72.44 -27.91
N GLY J 10 10.10 72.94 -29.05
CA GLY J 10 11.16 73.95 -29.04
C GLY J 10 11.52 74.36 -30.44
N LEU J 11 12.16 75.50 -30.59
CA LEU J 11 12.42 75.97 -31.96
C LEU J 11 13.21 74.88 -32.65
N VAL J 12 12.86 74.55 -33.88
CA VAL J 12 13.66 73.57 -34.67
C VAL J 12 13.94 74.25 -36.01
N GLN J 13 15.09 73.99 -36.61
CA GLN J 13 15.47 74.72 -37.84
C GLN J 13 14.63 74.25 -39.01
N PRO J 14 14.65 74.93 -40.17
CA PRO J 14 13.77 74.57 -41.26
C PRO J 14 13.90 73.13 -41.78
N GLY J 15 15.02 72.45 -41.61
CA GLY J 15 15.11 71.09 -42.19
C GLY J 15 15.28 69.94 -41.22
N ARG J 16 15.36 70.20 -39.92
CA ARG J 16 15.69 69.10 -38.98
C ARG J 16 14.43 68.40 -38.46
N SER J 17 14.57 67.16 -38.00
CA SER J 17 13.37 66.41 -37.62
C SER J 17 13.13 66.72 -36.18
N LEU J 18 12.09 66.14 -35.61
CA LEU J 18 11.70 66.40 -34.23
C LEU J 18 10.88 65.22 -33.72
N THR J 19 10.72 65.14 -32.41
CA THR J 19 9.96 64.07 -31.79
C THR J 19 9.11 64.63 -30.66
N LEU J 20 7.81 64.75 -30.90
CA LEU J 20 6.85 65.15 -29.88
C LEU J 20 6.34 63.91 -29.17
N SER J 21 6.48 63.87 -27.88
CA SER J 21 6.21 62.60 -27.20
C SER J 21 5.20 62.75 -26.09
N CYS J 22 3.94 62.84 -26.43
CA CYS J 22 2.88 62.96 -25.43
C CYS J 22 2.93 61.87 -24.38
N GLY J 23 2.22 62.08 -23.28
CA GLY J 23 2.16 61.06 -22.22
C GLY J 23 0.73 60.76 -21.86
N ALA J 24 0.47 60.37 -20.62
CA ALA J 24 -0.91 60.11 -20.17
C ALA J 24 -0.90 59.88 -18.67
N SER J 25 -2.09 59.77 -18.04
CA SER J 25 -2.20 59.59 -16.57
C SER J 25 -3.62 59.42 -16.08
N GLY J 26 -3.87 58.47 -15.19
CA GLY J 26 -5.16 58.32 -14.55
C GLY J 26 -6.23 57.59 -15.36
N PHE J 27 -5.87 56.98 -16.48
CA PHE J 27 -6.85 56.24 -17.26
C PHE J 27 -6.13 55.10 -17.99
N THR J 28 -6.91 54.09 -18.37
CA THR J 28 -6.38 52.96 -19.12
C THR J 28 -5.94 53.44 -20.49
N PHE J 29 -4.68 53.18 -20.83
CA PHE J 29 -4.11 53.72 -22.07
C PHE J 29 -4.45 52.85 -23.27
N GLU J 30 -4.20 51.55 -23.17
CA GLU J 30 -4.34 50.66 -24.31
C GLU J 30 -5.79 50.39 -24.68
N ASP J 31 -6.75 51.04 -24.03
CA ASP J 31 -8.15 50.90 -24.42
C ASP J 31 -8.62 52.00 -25.36
N TYR J 32 -7.90 53.11 -25.43
CA TYR J 32 -8.41 54.32 -26.05
C TYR J 32 -7.51 54.73 -27.21
N ALA J 33 -8.14 55.17 -28.29
CA ALA J 33 -7.39 55.45 -29.51
C ALA J 33 -7.05 56.94 -29.60
N MET J 34 -5.78 57.25 -29.35
CA MET J 34 -5.33 58.61 -29.17
C MET J 34 -5.15 59.30 -30.52
N HIS J 35 -4.81 60.59 -30.47
CA HIS J 35 -4.69 61.43 -31.66
C HIS J 35 -3.58 62.45 -31.47
N TRP J 36 -3.40 63.29 -32.49
CA TRP J 36 -2.46 64.41 -32.46
C TRP J 36 -3.02 65.49 -33.36
N VAL J 37 -3.44 66.62 -32.79
CA VAL J 37 -4.10 67.68 -33.53
C VAL J 37 -3.32 68.97 -33.34
N ARG J 38 -2.93 69.60 -34.44
CA ARG J 38 -2.17 70.85 -34.39
C ARG J 38 -3.10 72.03 -34.59
N GLN J 39 -2.61 73.21 -34.21
CA GLN J 39 -3.30 74.47 -34.42
C GLN J 39 -2.25 75.54 -34.70
N ALA J 40 -2.27 76.09 -35.90
CA ALA J 40 -1.41 77.22 -36.19
C ALA J 40 -1.94 78.45 -35.47
N PRO J 41 -1.06 79.36 -35.03
CA PRO J 41 -1.54 80.57 -34.34
C PRO J 41 -2.47 81.38 -35.23
N GLY J 42 -3.54 81.88 -34.62
CA GLY J 42 -4.51 82.66 -35.37
C GLY J 42 -5.32 81.86 -36.37
N LYS J 43 -5.45 80.55 -36.19
CA LYS J 43 -6.22 79.71 -37.10
C LYS J 43 -6.92 78.62 -36.30
N GLY J 44 -7.79 77.89 -36.99
CA GLY J 44 -8.50 76.79 -36.40
C GLY J 44 -7.69 75.52 -36.34
N LEU J 45 -8.34 74.45 -35.87
CA LEU J 45 -7.66 73.18 -35.69
C LEU J 45 -7.41 72.50 -37.03
N GLU J 46 -6.34 71.72 -37.09
CA GLU J 46 -5.98 70.93 -38.27
C GLU J 46 -5.54 69.55 -37.78
N TRP J 47 -6.36 68.54 -38.08
CA TRP J 47 -6.01 67.18 -37.69
C TRP J 47 -4.70 66.78 -38.33
N VAL J 48 -3.84 66.10 -37.56
CA VAL J 48 -2.50 65.74 -38.00
C VAL J 48 -2.32 64.23 -38.04
N SER J 49 -2.65 63.54 -36.96
CA SER J 49 -2.50 62.09 -37.04
C SER J 49 -3.42 61.40 -36.03
N GLY J 50 -3.66 60.12 -36.28
CA GLY J 50 -4.43 59.30 -35.37
C GLY J 50 -3.72 57.99 -35.14
N ILE J 51 -4.27 57.20 -34.22
CA ILE J 51 -3.76 55.87 -33.90
C ILE J 51 -4.83 55.15 -33.10
N ASP J 52 -4.72 53.84 -33.00
CA ASP J 52 -5.74 53.00 -32.37
C ASP J 52 -5.15 52.24 -31.19
N TRP J 53 -5.93 51.33 -30.63
CA TRP J 53 -5.47 50.60 -29.46
C TRP J 53 -4.44 49.54 -29.82
N ASN J 54 -4.43 49.08 -31.07
CA ASN J 54 -3.44 48.14 -31.54
C ASN J 54 -2.25 48.83 -32.20
N SER J 55 -2.15 50.15 -32.09
CA SER J 55 -1.11 50.94 -32.75
C SER J 55 -1.14 50.73 -34.26
N GLY J 56 -2.33 50.58 -34.83
CA GLY J 56 -2.50 50.56 -36.26
C GLY J 56 -2.98 51.90 -36.76
N VAL J 57 -2.08 52.63 -37.42
CA VAL J 57 -2.34 54.04 -37.71
C VAL J 57 -3.61 54.21 -38.53
N ILE J 58 -4.23 55.38 -38.39
CA ILE J 58 -5.47 55.70 -39.10
C ILE J 58 -5.16 56.36 -40.44
N GLY J 59 -4.13 57.18 -40.48
CA GLY J 59 -3.79 57.95 -41.67
C GLY J 59 -3.46 59.37 -41.26
N TYR J 60 -2.62 60.00 -42.06
CA TYR J 60 -2.15 61.35 -41.80
C TYR J 60 -2.91 62.34 -42.67
N ALA J 61 -2.90 63.60 -42.27
CA ALA J 61 -3.44 64.65 -43.13
C ALA J 61 -2.74 64.62 -44.47
N ASP J 62 -3.42 65.14 -45.50
CA ASP J 62 -2.88 65.07 -46.85
C ASP J 62 -1.59 65.88 -46.97
N SER J 63 -1.48 66.97 -46.20
CA SER J 63 -0.30 67.82 -46.31
C SER J 63 0.92 67.20 -45.64
N VAL J 64 0.73 66.28 -44.70
CA VAL J 64 1.83 65.72 -43.94
C VAL J 64 1.96 64.22 -44.16
N LYS J 65 1.57 63.71 -45.33
CA LYS J 65 1.69 62.28 -45.58
C LYS J 65 3.11 61.94 -46.02
N GLY J 66 3.70 60.95 -45.37
CA GLY J 66 5.04 60.51 -45.69
C GLY J 66 6.15 61.29 -45.01
N ARG J 67 5.82 62.16 -44.06
CA ARG J 67 6.83 62.90 -43.32
C ARG J 67 6.55 62.93 -41.82
N PHE J 68 5.42 62.38 -41.38
CA PHE J 68 5.09 62.24 -39.97
C PHE J 68 4.84 60.77 -39.68
N ILE J 69 5.46 60.26 -38.63
CA ILE J 69 5.33 58.86 -38.23
C ILE J 69 4.85 58.82 -36.79
N ILE J 70 3.66 58.29 -36.58
CA ILE J 70 3.03 58.25 -35.26
C ILE J 70 3.11 56.82 -34.74
N SER J 71 3.52 56.68 -33.50
CA SER J 71 3.56 55.37 -32.86
C SER J 71 3.21 55.55 -31.40
N ARG J 72 3.21 54.44 -30.66
CA ARG J 72 2.87 54.51 -29.26
C ARG J 72 3.36 53.27 -28.54
N ASP J 73 3.58 53.41 -27.24
CA ASP J 73 3.84 52.28 -26.36
C ASP J 73 2.82 52.31 -25.24
N ASN J 74 2.05 51.23 -25.13
CA ASN J 74 1.07 51.11 -24.06
C ASN J 74 1.73 50.73 -22.74
N ALA J 75 2.99 50.29 -22.77
CA ALA J 75 3.70 49.99 -21.54
C ALA J 75 4.22 51.28 -20.90
N LYS J 76 4.95 52.08 -21.66
CA LYS J 76 5.44 53.36 -21.18
C LYS J 76 4.37 54.44 -21.19
N ASN J 77 3.13 54.08 -21.53
CA ASN J 77 2.00 55.01 -21.57
C ASN J 77 2.37 56.29 -22.33
N SER J 78 2.68 56.14 -23.61
CA SER J 78 3.12 57.29 -24.38
C SER J 78 2.55 57.24 -25.78
N LEU J 79 2.77 58.32 -26.52
CA LEU J 79 2.30 58.43 -27.90
C LEU J 79 3.20 59.41 -28.65
N TYR J 80 4.08 58.87 -29.48
CA TYR J 80 5.15 59.63 -30.11
C TYR J 80 4.76 60.01 -31.54
N LEU J 81 5.24 61.17 -31.99
CA LEU J 81 5.00 61.61 -33.35
C LEU J 81 6.29 62.19 -33.91
N HIS J 82 7.07 61.36 -34.60
CA HIS J 82 8.39 61.73 -35.10
C HIS J 82 8.24 62.53 -36.40
N MET J 83 8.24 63.85 -36.27
CA MET J 83 8.23 64.71 -37.44
C MET J 83 9.53 64.58 -38.22
N ARG J 84 9.39 64.51 -39.54
CA ARG J 84 10.53 64.45 -40.44
C ARG J 84 10.44 65.59 -41.44
N SER J 85 11.58 66.25 -41.66
CA SER J 85 11.73 67.25 -42.72
C SER J 85 10.68 68.35 -42.61
N LEU J 86 10.78 69.12 -41.54
CA LEU J 86 9.82 70.18 -41.27
C LEU J 86 9.96 71.32 -42.28
N THR J 87 9.07 72.30 -42.16
CA THR J 87 9.04 73.44 -43.06
C THR J 87 8.44 74.62 -42.29
N ALA J 88 8.16 75.71 -43.02
CA ALA J 88 7.65 76.92 -42.37
C ALA J 88 6.22 76.72 -41.89
N GLU J 89 5.37 76.09 -42.69
CA GLU J 89 3.96 75.97 -42.34
C GLU J 89 3.71 75.02 -41.18
N ASP J 90 4.71 74.23 -40.78
CA ASP J 90 4.52 73.24 -39.73
C ASP J 90 4.63 73.81 -38.32
N THR J 91 4.83 75.11 -38.18
CA THR J 91 4.80 75.73 -36.86
C THR J 91 3.36 75.78 -36.34
N ALA J 92 3.17 75.32 -35.10
CA ALA J 92 1.83 75.24 -34.52
C ALA J 92 1.96 74.80 -33.07
N LEU J 93 0.82 74.73 -32.39
CA LEU J 93 0.73 74.15 -31.05
C LEU J 93 -0.01 72.83 -31.18
N TYR J 94 0.56 71.78 -30.61
CA TYR J 94 0.13 70.40 -30.87
C TYR J 94 -0.53 69.80 -29.64
N TYR J 95 -1.85 69.72 -29.66
CA TYR J 95 -2.60 69.06 -28.61
C TYR J 95 -2.53 67.55 -28.81
N CYS J 96 -2.33 66.83 -27.71
CA CYS J 96 -2.38 65.38 -27.69
C CYS J 96 -3.80 64.97 -27.34
N ALA J 97 -4.69 65.07 -28.32
CA ALA J 97 -6.10 64.82 -28.11
C ALA J 97 -6.35 63.35 -27.78
N LYS J 98 -7.63 63.02 -27.58
CA LYS J 98 -8.04 61.72 -27.12
C LYS J 98 -9.33 61.34 -27.82
N ASP J 99 -9.63 60.05 -27.89
CA ASP J 99 -10.88 59.57 -28.43
C ASP J 99 -11.52 58.61 -27.45
N VAL J 100 -12.85 58.66 -27.34
CA VAL J 100 -13.54 57.76 -26.43
C VAL J 100 -13.54 56.34 -26.98
N TYR J 101 -13.57 56.17 -28.28
CA TYR J 101 -13.63 54.85 -28.89
C TYR J 101 -12.24 54.22 -28.95
N SER J 102 -12.20 53.02 -29.50
CA SER J 102 -10.95 52.34 -29.84
C SER J 102 -10.81 52.10 -31.33
N GLU J 103 -11.65 52.73 -32.15
CA GLU J 103 -11.68 52.46 -33.58
C GLU J 103 -11.61 53.72 -34.43
N SER J 104 -12.00 54.87 -33.89
CA SER J 104 -11.59 56.15 -34.46
C SER J 104 -12.01 56.37 -35.90
N GLY J 105 -13.28 56.69 -36.16
CA GLY J 105 -13.74 56.83 -37.52
C GLY J 105 -15.15 56.36 -37.77
N SER J 106 -15.94 56.15 -36.72
CA SER J 106 -17.40 56.10 -36.86
C SER J 106 -18.03 57.44 -36.51
N GLY J 107 -17.23 58.50 -36.63
CA GLY J 107 -17.73 59.79 -36.15
C GLY J 107 -17.45 59.81 -34.67
N SER J 108 -16.24 60.16 -34.29
CA SER J 108 -15.90 60.03 -32.86
C SER J 108 -15.83 61.41 -32.22
N TYR J 109 -15.94 61.46 -30.91
CA TYR J 109 -15.79 62.74 -30.19
C TYR J 109 -14.52 62.65 -29.35
N TYR J 110 -13.67 63.66 -29.44
CA TYR J 110 -12.40 63.67 -28.72
C TYR J 110 -12.63 64.37 -27.41
N ASP J 111 -12.58 63.61 -26.32
CA ASP J 111 -12.88 64.16 -24.98
C ASP J 111 -11.75 65.02 -24.43
N TYR J 112 -10.70 64.41 -23.91
CA TYR J 112 -9.68 65.13 -23.15
C TYR J 112 -8.58 65.62 -24.08
N TRP J 113 -8.13 66.85 -23.85
CA TRP J 113 -7.08 67.47 -24.63
C TRP J 113 -5.96 67.93 -23.71
N GLY J 114 -4.72 67.62 -24.09
CA GLY J 114 -3.58 68.17 -23.38
C GLY J 114 -3.45 69.65 -23.58
N GLN J 115 -2.61 70.27 -22.74
CA GLN J 115 -2.40 71.71 -22.87
C GLN J 115 -1.58 72.04 -24.11
N GLY J 116 -0.89 71.06 -24.68
CA GLY J 116 -0.19 71.25 -25.93
C GLY J 116 1.16 71.89 -25.76
N THR J 117 2.00 71.73 -26.79
CA THR J 117 3.33 72.31 -26.84
C THR J 117 3.52 73.04 -28.16
N LEU J 118 4.35 74.07 -28.14
CA LEU J 118 4.54 74.97 -29.27
C LEU J 118 5.79 74.58 -30.02
N VAL J 119 5.63 74.25 -31.31
CA VAL J 119 6.75 73.98 -32.20
C VAL J 119 6.82 75.12 -33.20
N THR J 120 7.92 75.87 -33.16
CA THR J 120 8.16 76.97 -34.08
C THR J 120 9.36 76.63 -34.96
N VAL J 121 9.23 76.93 -36.25
CA VAL J 121 10.22 76.54 -37.25
C VAL J 121 10.61 77.80 -38.00
N SER J 122 11.70 78.43 -37.58
CA SER J 122 12.19 79.65 -38.20
C SER J 122 13.69 79.73 -38.02
N SER J 123 14.32 80.57 -38.84
CA SER J 123 15.76 80.77 -38.78
C SER J 123 16.11 81.91 -37.83
N GLN K 1 -11.65 67.42 -52.17
CA GLN K 1 -11.59 67.47 -50.71
C GLN K 1 -12.65 68.42 -50.15
N SER K 2 -13.78 67.85 -49.72
CA SER K 2 -14.81 68.65 -49.09
C SER K 2 -14.31 69.17 -47.74
N VAL K 3 -14.71 70.40 -47.41
CA VAL K 3 -14.27 71.06 -46.19
C VAL K 3 -15.51 71.60 -45.46
N LEU K 4 -15.54 71.41 -44.15
CA LEU K 4 -16.61 71.99 -43.34
C LEU K 4 -16.56 73.51 -43.41
N THR K 5 -17.73 74.14 -43.41
CA THR K 5 -17.86 75.59 -43.64
C THR K 5 -18.70 76.21 -42.53
N GLN K 6 -18.02 76.65 -41.47
CA GLN K 6 -18.64 77.46 -40.44
C GLN K 6 -18.67 78.92 -40.87
N PRO K 7 -19.49 79.76 -40.22
CA PRO K 7 -19.41 81.19 -40.47
C PRO K 7 -18.14 81.76 -39.87
N PRO K 8 -17.49 82.70 -40.56
CA PRO K 8 -16.23 83.25 -40.03
C PRO K 8 -16.38 83.91 -38.68
N SER K 9 -17.51 84.57 -38.42
CA SER K 9 -17.71 85.24 -37.14
C SER K 9 -19.21 85.41 -36.90
N VAL K 10 -19.56 85.61 -35.63
CA VAL K 10 -20.95 85.80 -35.23
C VAL K 10 -21.00 86.84 -34.13
N SER K 11 -22.06 87.65 -34.14
CA SER K 11 -22.28 88.67 -33.12
C SER K 11 -23.76 88.71 -32.77
N ALA K 12 -24.05 88.83 -31.47
CA ALA K 12 -25.43 88.87 -31.01
C ALA K 12 -25.49 89.51 -29.63
N ALA K 13 -26.60 90.20 -29.38
CA ALA K 13 -26.85 90.74 -28.05
C ALA K 13 -27.14 89.61 -27.06
N PRO K 14 -26.87 89.82 -25.78
CA PRO K 14 -27.14 88.76 -24.79
C PRO K 14 -28.62 88.44 -24.70
N GLY K 15 -28.91 87.14 -24.57
CA GLY K 15 -30.32 86.71 -24.40
C GLY K 15 -30.89 86.07 -25.65
N GLN K 16 -30.57 86.60 -26.83
CA GLN K 16 -31.18 86.07 -28.07
C GLN K 16 -30.68 84.65 -28.36
N LYS K 17 -31.22 84.02 -29.41
CA LYS K 17 -30.78 82.67 -29.81
C LYS K 17 -29.73 82.82 -30.93
N VAL K 18 -28.56 82.20 -30.78
CA VAL K 18 -27.45 82.40 -31.76
C VAL K 18 -27.27 81.12 -32.58
N ALA K 19 -27.22 81.25 -33.91
CA ALA K 19 -27.09 80.06 -34.78
C ALA K 19 -25.69 79.98 -35.38
N ILE K 20 -25.01 78.84 -35.23
CA ILE K 20 -23.66 78.63 -35.83
C ILE K 20 -23.82 77.44 -36.78
N SER K 21 -23.72 77.68 -38.09
CA SER K 21 -23.98 76.65 -39.09
C SER K 21 -22.69 76.11 -39.67
N CYS K 22 -22.47 74.81 -39.51
CA CYS K 22 -21.35 74.09 -40.11
C CYS K 22 -21.89 73.37 -41.33
N SER K 23 -21.47 73.82 -42.52
CA SER K 23 -22.00 73.32 -43.78
C SER K 23 -20.96 72.43 -44.46
N GLY K 24 -21.42 71.27 -44.95
CA GLY K 24 -20.54 70.34 -45.62
C GLY K 24 -21.22 69.63 -46.78
N SER K 25 -21.06 68.31 -46.85
CA SER K 25 -21.61 67.52 -47.95
C SER K 25 -22.07 66.17 -47.41
N THR K 26 -22.49 65.32 -48.34
CA THR K 26 -23.01 64.01 -47.95
C THR K 26 -21.96 63.15 -47.29
N SER K 27 -20.73 63.17 -47.79
CA SER K 27 -19.68 62.31 -47.26
C SER K 27 -19.36 62.65 -45.81
N ASN K 28 -19.41 63.94 -45.45
CA ASN K 28 -18.97 64.35 -44.13
C ASN K 28 -20.12 64.40 -43.13
N ILE K 29 -21.09 65.27 -43.37
CA ILE K 29 -22.17 65.46 -42.41
C ILE K 29 -23.40 64.68 -42.83
N GLY K 30 -23.61 64.52 -44.13
CA GLY K 30 -24.76 63.79 -44.63
C GLY K 30 -24.80 62.32 -44.26
N ASP K 31 -23.72 61.78 -43.72
CA ASP K 31 -23.67 60.35 -43.40
C ASP K 31 -23.27 60.04 -41.96
N ASN K 32 -22.59 60.93 -41.25
CA ASN K 32 -22.07 60.57 -39.93
C ASN K 32 -22.45 61.60 -38.87
N PHE K 33 -21.87 61.47 -37.68
CA PHE K 33 -22.17 62.34 -36.54
C PHE K 33 -21.23 63.52 -36.53
N VAL K 34 -21.69 64.65 -35.99
CA VAL K 34 -20.89 65.86 -35.86
C VAL K 34 -20.85 66.25 -34.38
N SER K 35 -19.69 66.67 -33.88
CA SER K 35 -19.57 67.11 -32.47
C SER K 35 -19.13 68.57 -32.46
N TRP K 36 -19.22 69.26 -31.33
CA TRP K 36 -18.89 70.69 -31.33
C TRP K 36 -17.91 70.98 -30.19
N TYR K 37 -16.93 71.86 -30.40
CA TYR K 37 -15.88 72.09 -29.39
C TYR K 37 -15.80 73.56 -29.01
N GLN K 38 -15.45 73.82 -27.75
CA GLN K 38 -15.45 75.21 -27.26
C GLN K 38 -14.03 75.56 -26.88
N GLN K 39 -13.58 76.70 -27.35
CA GLN K 39 -12.22 77.12 -27.03
C GLN K 39 -12.23 78.56 -26.53
N PHE K 40 -11.70 78.77 -25.32
CA PHE K 40 -11.41 80.10 -24.85
C PHE K 40 -10.00 80.50 -25.26
N PRO K 41 -9.70 81.80 -25.30
CA PRO K 41 -8.34 82.23 -25.61
C PRO K 41 -7.33 81.64 -24.63
N GLY K 42 -6.23 81.15 -25.17
CA GLY K 42 -5.18 80.56 -24.35
C GLY K 42 -5.60 79.34 -23.56
N THR K 43 -6.46 78.51 -24.13
CA THR K 43 -6.94 77.32 -23.44
C THR K 43 -7.00 76.18 -24.44
N ALA K 44 -6.99 74.96 -23.91
CA ALA K 44 -7.14 73.77 -24.74
C ALA K 44 -8.62 73.55 -25.03
N PRO K 45 -9.02 73.39 -26.29
CA PRO K 45 -10.44 73.22 -26.60
C PRO K 45 -11.06 72.09 -25.78
N LYS K 46 -12.37 72.22 -25.48
CA LYS K 46 -13.10 71.25 -24.61
C LYS K 46 -14.40 70.79 -25.26
N LEU K 47 -14.92 69.64 -24.86
CA LEU K 47 -16.17 69.06 -25.44
C LEU K 47 -17.37 69.93 -25.09
N LEU K 48 -18.26 70.21 -26.04
CA LEU K 48 -19.51 70.94 -25.72
C LEU K 48 -20.72 70.16 -26.24
N LEU K 49 -20.53 69.08 -26.99
CA LEU K 49 -21.66 68.22 -27.46
C LEU K 49 -21.12 66.89 -27.97
N TYR K 50 -21.92 66.04 -28.61
CA TYR K 50 -21.65 64.78 -29.32
C TYR K 50 -22.98 64.12 -29.64
N ASP K 51 -22.96 63.28 -30.67
CA ASP K 51 -24.17 62.64 -31.21
C ASP K 51 -25.18 63.65 -31.71
N ASP K 52 -24.68 64.84 -32.07
CA ASP K 52 -25.43 65.90 -32.75
C ASP K 52 -26.47 66.57 -31.85
N ALA K 53 -26.76 65.99 -30.70
CA ALA K 53 -27.68 66.63 -29.76
C ALA K 53 -27.16 66.60 -28.33
N ARG K 54 -26.53 65.49 -27.94
CA ARG K 54 -26.32 65.21 -26.53
C ARG K 54 -25.22 66.10 -25.95
N ARG K 55 -25.15 66.19 -24.64
CA ARG K 55 -24.19 67.14 -24.06
C ARG K 55 -23.36 66.47 -22.99
N PRO K 56 -22.06 66.78 -22.87
CA PRO K 56 -21.22 66.23 -21.81
C PRO K 56 -21.66 66.88 -20.50
N SER K 57 -21.43 66.22 -19.37
CA SER K 57 -21.92 66.80 -18.09
C SER K 57 -21.25 68.16 -17.89
N GLY K 58 -22.03 69.20 -17.63
CA GLY K 58 -21.46 70.56 -17.52
C GLY K 58 -21.70 71.35 -18.78
N ILE K 59 -22.07 70.68 -19.88
CA ILE K 59 -22.25 71.38 -21.19
C ILE K 59 -23.39 72.38 -21.07
N PRO K 60 -23.21 73.66 -21.48
CA PRO K 60 -24.26 74.65 -21.31
C PRO K 60 -25.53 74.19 -22.02
N ASP K 61 -26.64 74.14 -21.28
CA ASP K 61 -27.94 73.75 -21.87
C ASP K 61 -28.33 74.85 -22.84
N ARG K 62 -27.98 76.07 -22.49
CA ARG K 62 -28.36 77.23 -23.32
C ARG K 62 -27.77 77.02 -24.71
N PHE K 63 -26.57 76.43 -24.80
CA PHE K 63 -25.99 76.12 -26.13
C PHE K 63 -26.35 74.68 -26.50
N SER K 64 -27.28 74.47 -27.43
CA SER K 64 -27.65 73.11 -27.89
C SER K 64 -28.27 73.25 -29.27
N GLY K 65 -28.34 72.18 -30.06
CA GLY K 65 -29.03 72.30 -31.35
C GLY K 65 -28.65 71.20 -32.32
N SER K 66 -29.63 70.66 -33.05
CA SER K 66 -29.29 69.66 -34.06
C SER K 66 -29.89 70.07 -35.39
N LYS K 67 -29.23 69.70 -36.48
CA LYS K 67 -29.71 69.98 -37.82
C LYS K 67 -29.55 68.74 -38.70
N SER K 68 -30.38 68.67 -39.72
CA SER K 68 -30.38 67.56 -40.66
C SER K 68 -29.79 68.02 -41.99
N GLY K 69 -29.79 67.11 -42.96
CA GLY K 69 -29.23 67.42 -44.26
C GLY K 69 -27.71 67.43 -44.24
N THR K 70 -27.15 68.25 -45.13
CA THR K 70 -25.70 68.37 -45.23
C THR K 70 -25.12 69.34 -44.22
N SER K 71 -25.94 70.01 -43.43
CA SER K 71 -25.49 71.03 -42.50
C SER K 71 -25.85 70.66 -41.06
N ALA K 72 -25.05 71.16 -40.13
CA ALA K 72 -25.32 71.06 -38.69
C ALA K 72 -25.40 72.46 -38.12
N THR K 73 -26.10 72.61 -37.00
CA THR K 73 -26.29 73.93 -36.40
C THR K 73 -26.20 73.84 -34.89
N LEU K 74 -25.67 74.89 -34.28
CA LEU K 74 -25.60 75.04 -32.84
C LEU K 74 -26.41 76.26 -32.43
N GLY K 75 -27.27 76.11 -31.40
CA GLY K 75 -28.11 77.22 -30.91
C GLY K 75 -27.69 77.68 -29.52
N ILE K 76 -27.59 78.98 -29.27
CA ILE K 76 -27.07 79.47 -27.95
C ILE K 76 -28.02 80.49 -27.34
N THR K 77 -28.26 80.45 -26.03
CA THR K 77 -29.06 81.52 -25.38
C THR K 77 -28.31 81.98 -24.12
N GLY K 78 -28.87 82.93 -23.38
CA GLY K 78 -28.25 83.41 -22.13
C GLY K 78 -26.77 83.69 -22.29
N LEU K 79 -26.39 84.35 -23.39
CA LEU K 79 -24.97 84.63 -23.68
C LEU K 79 -24.34 85.44 -22.54
N GLN K 80 -23.60 84.79 -21.65
CA GLN K 80 -22.88 85.54 -20.60
C GLN K 80 -21.62 86.13 -21.24
N THR K 81 -21.04 87.17 -20.63
CA THR K 81 -19.86 87.84 -21.24
C THR K 81 -18.69 86.86 -21.22
N GLY K 82 -18.82 85.74 -20.51
CA GLY K 82 -17.79 84.72 -20.52
C GLY K 82 -17.92 83.75 -21.67
N ASP K 83 -19.09 83.71 -22.30
CA ASP K 83 -19.32 82.75 -23.38
C ASP K 83 -18.67 83.17 -24.68
N GLU K 84 -17.90 84.25 -24.67
CA GLU K 84 -17.13 84.61 -25.85
C GLU K 84 -16.01 83.60 -26.08
N ALA K 85 -16.06 82.95 -27.24
CA ALA K 85 -15.16 81.83 -27.51
C ALA K 85 -15.17 81.45 -28.99
N VAL K 86 -14.49 80.37 -29.33
CA VAL K 86 -14.45 79.87 -30.71
C VAL K 86 -15.03 78.46 -30.71
N TYR K 87 -15.93 78.20 -31.66
CA TYR K 87 -16.68 76.94 -31.70
C TYR K 87 -16.33 76.17 -32.96
N PHE K 88 -15.87 74.93 -32.78
CA PHE K 88 -15.41 74.08 -33.87
C PHE K 88 -16.37 72.91 -34.07
N CYS K 89 -16.72 72.65 -35.33
CA CYS K 89 -17.51 71.48 -35.70
C CYS K 89 -16.56 70.38 -36.16
N SER K 90 -16.60 69.24 -35.49
CA SER K 90 -15.74 68.11 -35.80
C SER K 90 -16.55 67.01 -36.45
N THR K 91 -15.96 66.36 -37.45
CA THR K 91 -16.67 65.41 -38.28
C THR K 91 -15.67 64.40 -38.85
N TRP K 92 -16.14 63.19 -39.06
CA TRP K 92 -15.39 62.14 -39.74
C TRP K 92 -15.86 62.05 -41.19
N ASP K 93 -14.98 61.55 -42.04
CA ASP K 93 -15.26 61.41 -43.46
C ASP K 93 -15.26 59.94 -43.83
N ASN K 94 -16.29 59.51 -44.57
CA ASN K 94 -16.42 58.10 -44.90
C ASN K 94 -15.63 57.74 -46.16
N SER K 95 -15.47 58.69 -47.07
CA SER K 95 -14.79 58.40 -48.34
C SER K 95 -13.29 58.67 -48.26
N LEU K 96 -12.92 59.89 -47.89
CA LEU K 96 -11.50 60.25 -47.84
C LEU K 96 -10.80 59.67 -46.62
N ASN K 97 -11.56 59.33 -45.58
CA ASN K 97 -11.09 58.66 -44.37
C ASN K 97 -10.12 59.50 -43.54
N VAL K 98 -10.35 60.80 -43.42
CA VAL K 98 -9.59 61.66 -42.51
C VAL K 98 -10.56 62.56 -41.76
N VAL K 99 -10.39 62.64 -40.45
CA VAL K 99 -11.24 63.52 -39.64
C VAL K 99 -11.15 64.95 -40.14
N LEU K 100 -12.30 65.58 -40.33
CA LEU K 100 -12.37 66.97 -40.74
C LEU K 100 -12.74 67.85 -39.55
N PHE K 101 -12.40 69.13 -39.64
CA PHE K 101 -12.65 70.09 -38.59
C PHE K 101 -13.21 71.37 -39.19
N GLY K 102 -13.93 72.14 -38.37
CA GLY K 102 -14.47 73.39 -38.83
C GLY K 102 -13.48 74.53 -38.74
N GLY K 103 -13.71 75.55 -39.57
CA GLY K 103 -12.82 76.70 -39.57
C GLY K 103 -12.75 77.39 -38.21
N GLY K 104 -13.90 77.55 -37.58
CA GLY K 104 -13.96 78.19 -36.26
C GLY K 104 -14.72 79.50 -36.35
N THR K 105 -15.71 79.65 -35.46
CA THR K 105 -16.53 80.84 -35.38
C THR K 105 -16.39 81.44 -33.99
N LYS K 106 -16.18 82.75 -33.94
CA LYS K 106 -15.96 83.47 -32.69
C LYS K 106 -17.23 84.19 -32.27
N LEU K 107 -17.58 84.07 -30.99
CA LEU K 107 -18.80 84.64 -30.45
C LEU K 107 -18.48 85.88 -29.63
N THR K 108 -19.19 86.97 -29.92
CA THR K 108 -18.96 88.25 -29.25
C THR K 108 -20.21 88.64 -28.47
N VAL K 109 -20.01 89.13 -27.26
CA VAL K 109 -21.09 89.63 -26.40
C VAL K 109 -21.07 91.15 -26.48
N LEU K 110 -22.12 91.73 -27.04
CA LEU K 110 -22.19 93.17 -27.24
C LEU K 110 -22.57 93.89 -25.95
N GLU L 1 52.33 20.64 -49.61
CA GLU L 1 53.40 19.93 -48.85
C GLU L 1 52.84 19.53 -47.49
N VAL L 2 53.36 18.43 -46.93
CA VAL L 2 52.89 17.98 -45.59
C VAL L 2 53.65 18.81 -44.55
N GLN L 3 52.97 19.21 -43.48
CA GLN L 3 53.68 19.94 -42.43
C GLN L 3 52.85 19.96 -41.16
N LEU L 4 53.51 19.92 -40.00
CA LEU L 4 52.83 20.10 -38.70
C LEU L 4 53.63 21.17 -37.94
N VAL L 5 53.01 22.28 -37.49
CA VAL L 5 53.67 23.40 -36.83
C VAL L 5 53.00 23.61 -35.47
N GLU L 6 53.82 23.70 -34.43
CA GLU L 6 53.36 23.78 -33.05
C GLU L 6 53.84 25.06 -32.38
N SER L 7 52.95 25.64 -31.58
CA SER L 7 53.18 26.88 -30.87
C SER L 7 52.61 26.76 -29.46
N GLY L 8 53.02 27.69 -28.60
CA GLY L 8 52.59 27.69 -27.21
C GLY L 8 53.71 27.50 -26.22
N GLY L 9 54.98 27.57 -26.65
CA GLY L 9 56.09 27.25 -25.77
C GLY L 9 56.81 28.47 -25.25
N GLY L 10 57.07 28.48 -23.95
CA GLY L 10 57.80 29.58 -23.32
C GLY L 10 57.97 29.31 -21.85
N LEU L 11 58.55 30.28 -21.17
CA LEU L 11 58.73 30.18 -19.72
C LEU L 11 57.37 30.13 -19.03
N VAL L 12 57.32 29.40 -17.91
CA VAL L 12 56.10 29.32 -17.11
C VAL L 12 56.49 28.86 -15.72
N GLN L 13 55.68 29.25 -14.74
CA GLN L 13 55.94 28.95 -13.34
C GLN L 13 55.48 27.53 -13.00
N PRO L 14 56.07 26.91 -11.99
CA PRO L 14 55.59 25.58 -11.55
C PRO L 14 54.12 25.63 -11.16
N GLY L 15 53.40 24.59 -11.52
CA GLY L 15 51.96 24.55 -11.31
C GLY L 15 51.14 25.34 -12.31
N GLY L 16 51.77 25.91 -13.33
CA GLY L 16 51.05 26.69 -14.31
C GLY L 16 50.19 25.82 -15.21
N SER L 17 49.65 26.46 -16.25
CA SER L 17 48.79 25.80 -17.23
C SER L 17 49.04 26.38 -18.61
N LEU L 18 49.17 25.51 -19.61
CA LEU L 18 49.42 25.91 -20.98
C LEU L 18 48.48 25.17 -21.91
N ARG L 19 48.26 25.75 -23.09
CA ARG L 19 47.57 25.09 -24.19
C ARG L 19 48.54 25.05 -25.36
N LEU L 20 49.35 24.00 -25.43
CA LEU L 20 50.16 23.84 -26.63
C LEU L 20 49.28 23.45 -27.80
N SER L 21 49.69 23.81 -28.99
CA SER L 21 48.78 23.47 -30.09
C SER L 21 49.55 22.87 -31.27
N CYS L 22 48.94 21.93 -32.00
CA CYS L 22 49.57 21.27 -33.18
C CYS L 22 48.70 21.58 -34.39
N GLU L 23 49.23 22.32 -35.37
CA GLU L 23 48.45 22.72 -36.57
C GLU L 23 48.84 21.83 -37.74
N ALA L 24 47.86 21.24 -38.42
CA ALA L 24 48.15 20.23 -39.46
C ALA L 24 47.73 20.69 -40.85
N SER L 25 48.63 20.59 -41.82
CA SER L 25 48.31 20.99 -43.21
C SER L 25 48.61 19.82 -44.16
N GLU L 26 47.86 19.66 -45.26
CA GLU L 26 48.04 18.53 -46.22
C GLU L 26 47.49 17.27 -45.59
N ILE L 27 47.30 17.28 -44.28
CA ILE L 27 46.84 16.08 -43.50
C ILE L 27 45.59 16.49 -42.73
N ILE L 28 44.84 15.56 -42.13
CA ILE L 28 43.59 15.94 -41.43
C ILE L 28 43.66 15.38 -40.01
N VAL L 29 43.80 16.23 -39.00
CA VAL L 29 44.07 15.74 -37.63
C VAL L 29 42.89 15.00 -37.05
N ASN L 30 41.75 15.06 -37.69
CA ASN L 30 40.54 14.44 -37.10
C ASN L 30 40.47 12.97 -37.54
N ARG L 31 41.55 12.49 -38.19
CA ARG L 31 41.59 11.11 -38.76
C ARG L 31 42.92 10.40 -38.47
N ASN L 32 44.04 10.92 -38.95
CA ASN L 32 45.30 10.19 -38.75
C ASN L 32 45.60 10.13 -37.26
N TYR L 33 46.14 9.01 -36.75
CA TYR L 33 46.40 8.81 -35.29
C TYR L 33 47.48 9.79 -34.91
N MET L 34 47.19 10.86 -34.15
CA MET L 34 48.22 11.88 -33.88
C MET L 34 48.90 11.67 -32.51
N ASN L 35 50.19 12.04 -32.33
CA ASN L 35 50.93 11.76 -31.06
C ASN L 35 51.71 12.97 -30.54
N TRP L 36 51.80 13.24 -29.22
CA TRP L 36 52.62 14.24 -28.56
C TRP L 36 53.75 13.52 -27.87
N VAL L 37 54.99 13.80 -28.28
CA VAL L 37 56.18 13.12 -27.69
C VAL L 37 57.12 14.21 -27.19
N ARG L 38 58.04 13.96 -26.25
CA ARG L 38 58.86 15.05 -25.67
C ARG L 38 60.30 14.65 -25.57
N GLN L 39 61.19 15.62 -25.38
CA GLN L 39 62.59 15.24 -25.13
C GLN L 39 63.29 16.35 -24.37
N ALA L 40 63.57 16.11 -23.10
CA ALA L 40 64.19 17.19 -22.31
C ALA L 40 65.57 17.41 -22.89
N PRO L 41 66.20 18.59 -22.74
CA PRO L 41 67.48 18.77 -23.37
C PRO L 41 68.39 17.64 -22.85
N GLY L 42 69.20 17.05 -23.73
CA GLY L 42 70.03 15.89 -23.35
C GLY L 42 69.23 14.70 -22.84
N LYS L 43 68.26 14.24 -23.62
CA LYS L 43 67.42 13.15 -23.11
C LYS L 43 66.77 12.41 -24.27
N GLY L 44 65.78 11.56 -23.99
CA GLY L 44 65.23 10.69 -25.02
C GLY L 44 63.76 10.85 -25.27
N LEU L 45 63.37 10.69 -26.52
CA LEU L 45 61.97 10.94 -26.85
C LEU L 45 61.19 10.07 -25.89
N GLU L 46 60.18 10.62 -25.26
CA GLU L 46 59.34 9.87 -24.33
C GLU L 46 57.90 10.02 -24.78
N TRP L 47 57.17 8.93 -24.88
CA TRP L 47 55.80 9.08 -25.40
C TRP L 47 54.96 9.79 -24.37
N VAL L 48 54.33 10.90 -24.73
CA VAL L 48 53.43 11.63 -23.84
C VAL L 48 51.97 11.25 -24.09
N SER L 49 51.49 11.45 -25.32
CA SER L 49 50.08 11.05 -25.63
C SER L 49 49.73 10.77 -27.09
N ILE L 50 48.80 9.82 -27.38
CA ILE L 50 48.36 9.45 -28.76
C ILE L 50 46.86 9.63 -28.88
N ILE L 51 46.40 10.30 -29.93
CA ILE L 51 44.94 10.44 -30.12
C ILE L 51 44.50 9.58 -31.29
N TYR L 52 43.52 8.73 -31.09
CA TYR L 52 43.01 7.80 -32.09
C TYR L 52 41.99 8.49 -32.99
N PRO L 53 41.77 7.99 -34.20
CA PRO L 53 40.64 8.45 -35.01
C PRO L 53 39.35 8.60 -34.22
N GLY L 54 39.02 7.60 -33.42
CA GLY L 54 37.73 7.56 -32.75
C GLY L 54 37.63 8.35 -31.46
N GLY L 55 38.65 9.15 -31.17
CA GLY L 55 38.63 10.03 -30.01
C GLY L 55 39.33 9.49 -28.79
N SER L 56 39.60 8.19 -28.73
CA SER L 56 40.26 7.61 -27.58
C SER L 56 41.66 8.19 -27.40
N THR L 57 42.08 8.34 -26.15
CA THR L 57 43.36 8.93 -25.81
C THR L 57 44.15 7.92 -24.98
N PHE L 58 45.47 8.00 -25.09
CA PHE L 58 46.37 7.27 -24.21
C PHE L 58 47.48 8.19 -23.74
N TYR L 59 47.81 8.11 -22.45
CA TYR L 59 48.87 8.91 -21.86
C TYR L 59 49.85 8.01 -21.13
N ALA L 60 51.06 8.51 -20.95
CA ALA L 60 52.10 7.74 -20.28
C ALA L 60 51.85 7.69 -18.78
N ASP L 61 52.78 7.06 -18.06
CA ASP L 61 52.64 6.95 -16.61
C ASP L 61 52.90 8.29 -15.93
N SER L 62 54.06 8.90 -16.20
CA SER L 62 54.44 10.13 -15.52
C SER L 62 53.52 11.29 -15.85
N VAL L 63 52.77 11.18 -16.94
CA VAL L 63 52.06 12.32 -17.51
C VAL L 63 50.56 12.04 -17.40
N LYS L 64 50.19 11.12 -16.52
CA LYS L 64 48.79 10.73 -16.40
C LYS L 64 48.02 11.75 -15.56
N GLY L 65 46.75 11.94 -15.91
CA GLY L 65 45.85 12.76 -15.11
C GLY L 65 46.01 14.26 -15.21
N ARG L 66 47.24 14.75 -15.07
CA ARG L 66 47.49 16.19 -15.12
C ARG L 66 47.19 16.75 -16.51
N PHE L 67 47.49 15.98 -17.55
CA PHE L 67 47.49 16.47 -18.91
C PHE L 67 46.19 16.10 -19.62
N THR L 68 46.07 16.57 -20.86
CA THR L 68 44.91 16.29 -21.70
C THR L 68 45.26 16.62 -23.14
N ILE L 69 44.84 15.74 -24.04
CA ILE L 69 44.98 15.94 -25.48
C ILE L 69 43.58 16.11 -26.06
N SER L 70 43.50 16.92 -27.11
CA SER L 70 42.20 17.24 -27.68
C SER L 70 42.35 17.54 -29.15
N ARG L 71 41.25 17.38 -29.88
CA ARG L 71 41.23 17.40 -31.34
C ARG L 71 40.14 18.36 -31.77
N ASP L 72 40.52 19.44 -32.44
CA ASP L 72 39.57 20.49 -32.77
C ASP L 72 38.49 19.98 -33.71
N ASN L 73 37.33 20.64 -33.67
CA ASN L 73 36.21 20.22 -34.51
C ASN L 73 36.42 20.60 -35.97
N SER L 74 36.90 21.82 -36.22
CA SER L 74 37.00 22.31 -37.59
C SER L 74 38.31 23.03 -37.94
N LYS L 75 39.13 23.39 -36.95
CA LYS L 75 40.31 24.20 -37.22
C LYS L 75 41.47 23.39 -37.82
N ASN L 76 41.37 22.06 -37.87
CA ASN L 76 42.46 21.20 -38.30
C ASN L 76 43.72 21.46 -37.47
N THR L 77 43.59 21.24 -36.16
CA THR L 77 44.64 21.57 -35.21
C THR L 77 44.35 20.82 -33.92
N MET L 78 45.41 20.35 -33.26
CA MET L 78 45.24 19.61 -32.01
C MET L 78 45.95 20.32 -30.86
N TYR L 79 45.49 20.03 -29.63
CA TYR L 79 46.03 20.83 -28.50
C TYR L 79 46.31 19.99 -27.26
N LEU L 80 47.36 20.34 -26.53
CA LEU L 80 47.70 19.63 -25.27
C LEU L 80 47.38 20.59 -24.15
N GLN L 81 46.59 20.16 -23.17
CA GLN L 81 46.36 21.09 -22.04
C GLN L 81 47.30 20.66 -20.94
N MET L 82 48.38 21.39 -20.77
CA MET L 82 49.34 20.90 -19.77
C MET L 82 48.97 21.60 -18.48
N ASN L 83 48.72 20.85 -17.41
CA ASN L 83 48.38 21.41 -16.08
C ASN L 83 49.24 20.74 -14.99
N SER L 84 49.50 21.41 -13.88
CA SER L 84 50.21 20.89 -12.70
C SER L 84 51.62 20.46 -13.05
N LEU L 85 52.42 21.41 -13.52
CA LEU L 85 53.76 21.09 -13.98
C LEU L 85 54.71 20.88 -12.81
N ARG L 86 55.86 20.28 -13.10
CA ARG L 86 56.92 20.10 -12.11
C ARG L 86 58.26 20.26 -12.82
N ALA L 87 59.33 19.84 -12.14
CA ALA L 87 60.68 20.03 -12.69
C ALA L 87 60.95 19.10 -13.86
N GLU L 88 60.34 17.91 -13.83
CA GLU L 88 60.63 16.89 -14.87
C GLU L 88 59.78 17.10 -16.13
N ASP L 89 59.16 18.28 -16.28
CA ASP L 89 58.39 18.56 -17.51
C ASP L 89 59.11 19.60 -18.36
N THR L 90 60.39 19.84 -18.07
CA THR L 90 61.20 20.72 -18.95
C THR L 90 61.34 19.93 -20.24
N ALA L 91 60.98 20.49 -21.40
CA ALA L 91 60.90 19.64 -22.61
C ALA L 91 60.97 20.38 -23.94
N VAL L 92 61.01 19.63 -25.03
CA VAL L 92 60.90 20.22 -26.39
C VAL L 92 59.79 19.40 -27.04
N TYR L 93 58.54 19.64 -26.66
CA TYR L 93 57.43 18.80 -27.13
C TYR L 93 57.34 18.82 -28.66
N TYR L 94 56.97 17.68 -29.29
CA TYR L 94 56.82 17.53 -30.75
C TYR L 94 55.46 16.87 -30.96
N CYS L 95 54.77 17.11 -32.06
CA CYS L 95 53.50 16.39 -32.33
C CYS L 95 53.83 15.52 -33.54
N ALA L 96 53.42 14.25 -33.56
CA ALA L 96 53.85 13.41 -34.70
C ALA L 96 52.77 12.43 -35.15
N ARG L 97 52.61 12.22 -36.45
CA ARG L 97 51.56 11.33 -36.98
C ARG L 97 52.03 9.90 -36.85
N SER L 98 51.22 8.98 -36.34
CA SER L 98 51.80 7.62 -36.23
C SER L 98 50.93 6.58 -36.90
N TYR L 99 51.33 6.07 -38.07
CA TYR L 99 50.56 4.98 -38.68
C TYR L 99 50.30 4.01 -37.55
N GLY L 100 49.05 3.83 -37.24
CA GLY L 100 48.67 2.82 -36.27
C GLY L 100 49.49 2.97 -35.00
N ASP L 101 49.90 1.83 -34.45
CA ASP L 101 50.77 1.77 -33.28
C ASP L 101 52.19 1.36 -33.64
N PHE L 102 52.59 1.47 -34.90
CA PHE L 102 53.79 0.79 -35.38
C PHE L 102 54.98 1.72 -35.52
N TYR L 103 54.79 2.90 -36.10
CA TYR L 103 55.91 3.81 -36.32
C TYR L 103 55.37 5.22 -36.52
N VAL L 104 56.21 6.22 -36.17
CA VAL L 104 55.79 7.65 -36.13
C VAL L 104 56.31 8.33 -37.38
N ASP L 105 55.50 8.43 -38.44
CA ASP L 105 55.97 8.93 -39.76
C ASP L 105 56.37 10.41 -39.83
N PHE L 106 55.60 11.35 -39.27
CA PHE L 106 55.94 12.79 -39.48
C PHE L 106 56.10 13.54 -38.17
N TRP L 107 57.19 14.29 -38.03
CA TRP L 107 57.47 14.98 -36.75
C TRP L 107 57.45 16.50 -36.91
N GLY L 108 56.77 17.22 -36.02
CA GLY L 108 56.76 18.69 -36.04
C GLY L 108 58.09 19.25 -35.60
N GLN L 109 58.38 20.52 -35.84
CA GLN L 109 59.74 21.08 -35.56
C GLN L 109 60.13 21.07 -34.09
N GLY L 110 59.24 21.42 -33.16
CA GLY L 110 59.66 21.49 -31.74
C GLY L 110 59.30 22.78 -31.00
N THR L 111 58.76 22.67 -29.78
CA THR L 111 58.28 23.84 -29.01
C THR L 111 58.81 23.80 -27.59
N LEU L 112 59.82 24.61 -27.30
CA LEU L 112 60.44 24.52 -25.98
C LEU L 112 59.40 24.69 -24.87
N VAL L 113 59.65 24.10 -23.71
CA VAL L 113 58.86 24.32 -22.50
C VAL L 113 59.81 24.33 -21.32
N THR L 114 59.65 25.31 -20.43
CA THR L 114 60.51 25.49 -19.27
C THR L 114 59.67 25.65 -18.02
N VAL L 115 60.12 25.04 -16.92
CA VAL L 115 59.45 25.14 -15.63
C VAL L 115 60.45 25.72 -14.65
N SER L 116 60.42 27.03 -14.48
CA SER L 116 61.30 27.73 -13.55
C SER L 116 60.72 29.10 -13.26
N SER L 117 61.25 29.74 -12.23
CA SER L 117 60.79 31.06 -11.83
C SER L 117 61.74 32.15 -12.33
N GLN M 1 59.39 -4.23 -15.61
CA GLN M 1 59.99 -2.92 -15.98
C GLN M 1 60.58 -3.04 -17.39
N SER M 2 59.89 -2.48 -18.39
CA SER M 2 60.35 -2.61 -19.79
C SER M 2 60.70 -1.25 -20.38
N VAL M 3 61.94 -1.06 -20.79
CA VAL M 3 62.39 0.17 -21.48
C VAL M 3 63.62 -0.39 -22.18
N LEU M 4 63.65 -0.33 -23.50
CA LEU M 4 64.67 -1.03 -24.27
C LEU M 4 66.03 -0.40 -24.00
N THR M 5 67.05 -1.25 -23.92
CA THR M 5 68.40 -0.82 -23.58
C THR M 5 69.22 -0.69 -24.86
N GLN M 6 69.96 0.40 -24.96
CA GLN M 6 70.76 0.71 -26.13
C GLN M 6 72.12 1.23 -25.69
N PRO M 7 73.19 0.82 -26.36
CA PRO M 7 74.55 1.23 -25.96
C PRO M 7 74.69 2.74 -25.93
N PRO M 8 75.42 3.28 -24.96
CA PRO M 8 75.56 4.74 -24.88
C PRO M 8 76.18 5.36 -26.12
N SER M 9 77.07 4.64 -26.80
CA SER M 9 77.71 5.20 -27.99
C SER M 9 78.25 4.06 -28.86
N VAL M 10 78.40 4.37 -30.14
CA VAL M 10 79.05 3.48 -31.11
C VAL M 10 79.80 4.36 -32.09
N SER M 11 81.03 3.95 -32.43
CA SER M 11 81.90 4.74 -33.28
C SER M 11 82.65 3.85 -34.26
N ALA M 12 82.80 4.31 -35.49
CA ALA M 12 83.57 3.60 -36.50
C ALA M 12 84.11 4.59 -37.52
N ALA M 13 85.16 4.17 -38.22
CA ALA M 13 85.75 4.97 -39.28
C ALA M 13 84.98 4.79 -40.59
N PRO M 14 85.07 5.74 -41.50
CA PRO M 14 84.40 5.59 -42.80
C PRO M 14 84.88 4.34 -43.53
N GLY M 15 83.95 3.69 -44.23
CA GLY M 15 84.22 2.43 -44.89
C GLY M 15 84.04 1.20 -44.03
N GLN M 16 83.74 1.37 -42.75
CA GLN M 16 83.52 0.25 -41.83
C GLN M 16 82.05 0.20 -41.44
N LYS M 17 81.44 -0.97 -41.60
CA LYS M 17 80.03 -1.11 -41.30
C LYS M 17 79.77 -0.89 -39.82
N VAL M 18 78.66 -0.22 -39.51
CA VAL M 18 78.30 0.15 -38.14
C VAL M 18 77.07 -0.65 -37.76
N THR M 19 77.14 -1.29 -36.59
CA THR M 19 76.07 -2.14 -36.07
C THR M 19 75.60 -1.56 -34.74
N ILE M 20 74.28 -1.42 -34.59
CA ILE M 20 73.66 -0.93 -33.37
C ILE M 20 72.63 -1.96 -32.92
N SER M 21 72.66 -2.28 -31.63
CA SER M 21 71.78 -3.32 -31.08
C SER M 21 70.88 -2.72 -30.00
N CYS M 22 69.58 -2.89 -30.18
CA CYS M 22 68.57 -2.44 -29.23
C CYS M 22 67.97 -3.70 -28.59
N SER M 23 68.15 -3.83 -27.28
CA SER M 23 67.66 -5.00 -26.57
C SER M 23 66.67 -4.62 -25.50
N GLY M 24 65.62 -5.43 -25.37
CA GLY M 24 64.57 -5.16 -24.40
C GLY M 24 63.87 -6.45 -24.02
N SER M 25 63.05 -6.36 -22.98
CA SER M 25 62.29 -7.50 -22.51
C SER M 25 61.30 -7.95 -23.57
N SER M 26 61.08 -9.27 -23.64
CA SER M 26 60.25 -9.80 -24.74
C SER M 26 58.78 -9.45 -24.53
N SER M 27 58.48 -8.62 -23.55
CA SER M 27 57.07 -8.16 -23.43
C SER M 27 56.70 -7.23 -24.59
N ASN M 28 57.64 -6.37 -25.00
CA ASN M 28 57.34 -5.36 -26.04
C ASN M 28 58.11 -5.58 -27.34
N ILE M 29 59.34 -6.06 -27.30
CA ILE M 29 60.09 -6.18 -28.58
C ILE M 29 60.02 -7.62 -29.08
N GLY M 30 59.59 -8.56 -28.24
CA GLY M 30 59.44 -9.91 -28.74
C GLY M 30 58.08 -10.20 -29.32
N ASN M 31 57.11 -9.33 -29.08
CA ASN M 31 55.76 -9.53 -29.56
C ASN M 31 55.25 -8.40 -30.45
N ASN M 32 55.97 -7.28 -30.51
CA ASN M 32 55.58 -6.14 -31.33
C ASN M 32 56.72 -5.77 -32.26
N TYR M 33 56.52 -4.67 -32.99
CA TYR M 33 57.48 -4.34 -34.06
C TYR M 33 58.40 -3.21 -33.68
N VAL M 34 59.69 -3.38 -33.95
CA VAL M 34 60.68 -2.31 -33.71
C VAL M 34 60.50 -1.27 -34.81
N SER M 35 61.10 -0.10 -34.66
CA SER M 35 61.10 0.92 -35.72
C SER M 35 62.32 1.73 -35.37
N TRP M 36 62.97 2.41 -36.30
CA TRP M 36 64.25 3.07 -35.93
C TRP M 36 64.31 4.51 -36.41
N TYR M 37 64.61 5.47 -35.53
CA TYR M 37 64.54 6.88 -35.91
C TYR M 37 65.91 7.51 -35.78
N GLN M 38 66.13 8.54 -36.61
CA GLN M 38 67.38 9.27 -36.67
C GLN M 38 67.10 10.72 -36.35
N GLN M 39 67.87 11.28 -35.41
CA GLN M 39 67.74 12.67 -34.99
C GLN M 39 69.06 13.39 -35.27
N LEU M 40 69.09 14.15 -36.36
CA LEU M 40 70.19 15.02 -36.65
C LEU M 40 70.23 16.16 -35.63
N PRO M 41 71.40 16.77 -35.41
CA PRO M 41 71.50 17.80 -34.36
C PRO M 41 70.54 18.96 -34.61
N GLY M 42 69.90 19.41 -33.54
CA GLY M 42 69.04 20.57 -33.58
C GLY M 42 67.83 20.44 -34.49
N THR M 43 67.49 19.21 -34.86
CA THR M 43 66.33 18.97 -35.76
C THR M 43 65.28 18.09 -35.10
N ALA M 44 64.51 17.39 -35.91
CA ALA M 44 63.41 16.58 -35.36
C ALA M 44 63.61 15.17 -35.83
N PRO M 45 63.20 14.16 -35.05
CA PRO M 45 63.49 12.79 -35.41
C PRO M 45 63.01 12.52 -36.83
N LYS M 46 63.79 11.83 -37.67
CA LYS M 46 63.29 11.47 -39.02
C LYS M 46 63.18 9.95 -39.14
N LEU M 47 61.99 9.43 -39.45
CA LEU M 47 61.87 7.99 -39.49
C LEU M 47 62.93 7.40 -40.42
N LEU M 48 63.55 6.30 -39.98
CA LEU M 48 64.61 5.66 -40.74
C LEU M 48 64.26 4.24 -41.14
N ILE M 49 63.79 3.42 -40.20
CA ILE M 49 63.42 2.03 -40.45
C ILE M 49 62.10 1.73 -39.76
N TYR M 50 61.22 1.01 -40.44
CA TYR M 50 59.92 0.66 -39.87
C TYR M 50 59.61 -0.81 -40.13
N ASP M 51 58.74 -1.36 -39.29
CA ASP M 51 58.22 -2.72 -39.43
C ASP M 51 59.31 -3.76 -39.54
N ASN M 52 60.35 -3.63 -38.71
CA ASN M 52 61.35 -4.64 -38.40
C ASN M 52 62.36 -4.90 -39.51
N ASN M 53 62.06 -4.51 -40.75
CA ASN M 53 63.07 -4.64 -41.80
C ASN M 53 63.01 -3.55 -42.87
N LYS M 54 61.85 -2.92 -43.05
CA LYS M 54 61.62 -2.12 -44.24
C LYS M 54 62.42 -0.82 -44.22
N ARG M 55 62.48 -0.16 -45.37
CA ARG M 55 63.14 1.11 -45.56
C ARG M 55 62.21 2.03 -46.34
N PRO M 56 61.62 3.03 -45.70
CA PRO M 56 60.53 3.79 -46.34
C PRO M 56 61.04 4.88 -47.28
N SER M 57 60.17 5.23 -48.23
CA SER M 57 60.27 6.44 -49.03
C SER M 57 61.67 6.76 -49.52
N GLY M 58 62.40 5.74 -49.96
CA GLY M 58 63.71 5.99 -50.55
C GLY M 58 64.72 6.58 -49.60
N ILE M 59 64.82 6.03 -48.40
CA ILE M 59 65.94 6.39 -47.53
C ILE M 59 67.24 5.99 -48.22
N PRO M 60 68.33 6.76 -48.08
CA PRO M 60 69.63 6.30 -48.60
C PRO M 60 69.90 4.84 -48.29
N ASP M 61 70.35 4.09 -49.30
CA ASP M 61 70.41 2.65 -49.22
C ASP M 61 71.51 2.20 -48.25
N ARG M 62 71.69 0.88 -48.18
CA ARG M 62 72.64 0.21 -47.29
C ARG M 62 72.20 0.31 -45.84
N PHE M 63 71.11 1.01 -45.58
CA PHE M 63 70.53 1.01 -44.25
C PHE M 63 69.68 -0.24 -44.06
N SER M 64 70.03 -1.05 -43.06
CA SER M 64 69.38 -2.33 -42.88
C SER M 64 68.88 -2.47 -41.46
N GLY M 65 67.76 -3.17 -41.31
CA GLY M 65 67.20 -3.45 -40.01
C GLY M 65 66.76 -4.89 -39.88
N SER M 66 67.07 -5.52 -38.75
CA SER M 66 66.76 -6.92 -38.53
C SER M 66 66.28 -7.11 -37.10
N LYS M 67 65.60 -8.23 -36.87
CA LYS M 67 65.07 -8.57 -35.55
C LYS M 67 65.44 -10.01 -35.24
N SER M 68 66.13 -10.23 -34.13
CA SER M 68 66.54 -11.55 -33.69
C SER M 68 65.99 -11.77 -32.28
N GLY M 69 64.94 -12.57 -32.17
CA GLY M 69 64.39 -12.91 -30.86
C GLY M 69 63.84 -11.73 -30.11
N THR M 70 64.54 -11.31 -29.06
CA THR M 70 64.16 -10.16 -28.27
C THR M 70 65.07 -8.95 -28.53
N SER M 71 65.82 -8.94 -29.62
CA SER M 71 66.72 -7.84 -29.94
C SER M 71 66.47 -7.36 -31.36
N ALA M 72 66.88 -6.12 -31.63
CA ALA M 72 66.81 -5.55 -32.97
C ALA M 72 68.17 -4.96 -33.32
N THR M 73 68.49 -4.94 -34.61
CA THR M 73 69.80 -4.54 -35.08
C THR M 73 69.65 -3.60 -36.26
N LEU M 74 70.38 -2.48 -36.21
CA LEU M 74 70.50 -1.57 -37.33
C LEU M 74 71.92 -1.63 -37.88
N GLY M 75 72.03 -1.57 -39.20
CA GLY M 75 73.31 -1.67 -39.85
C GLY M 75 73.51 -0.68 -40.99
N ILE M 76 74.68 -0.04 -41.01
CA ILE M 76 75.05 0.92 -42.06
C ILE M 76 76.39 0.51 -42.62
N THR M 77 76.41 0.07 -43.88
CA THR M 77 77.68 -0.29 -44.50
C THR M 77 78.55 0.95 -44.65
N GLY M 78 79.67 0.96 -43.94
CA GLY M 78 80.50 2.14 -43.86
C GLY M 78 79.96 3.13 -42.84
N LEU M 79 80.80 4.10 -42.49
CA LEU M 79 80.45 5.14 -41.53
C LEU M 79 80.64 6.50 -42.19
N GLN M 80 79.61 6.95 -42.88
CA GLN M 80 79.68 8.24 -43.56
C GLN M 80 79.53 9.38 -42.57
N THR M 81 80.15 10.52 -42.89
CA THR M 81 80.13 11.67 -41.98
C THR M 81 78.72 12.21 -41.80
N GLY M 82 77.93 12.25 -42.88
CA GLY M 82 76.60 12.83 -42.80
C GLY M 82 75.66 12.04 -41.91
N ASP M 83 75.96 10.76 -41.69
CA ASP M 83 75.05 9.90 -40.94
C ASP M 83 75.12 10.19 -39.44
N GLU M 84 76.07 11.03 -39.02
CA GLU M 84 76.20 11.35 -37.60
C GLU M 84 74.93 11.96 -37.04
N ALA M 85 74.33 11.31 -36.06
CA ALA M 85 73.07 11.72 -35.45
C ALA M 85 72.87 10.87 -34.20
N ASP M 86 71.71 11.01 -33.57
CA ASP M 86 71.29 10.08 -32.53
C ASP M 86 70.31 9.08 -33.12
N TYR M 87 70.38 7.84 -32.65
CA TYR M 87 69.54 6.77 -33.18
C TYR M 87 68.71 6.18 -32.06
N TYR M 88 67.41 6.03 -32.31
CA TYR M 88 66.48 5.54 -31.30
C TYR M 88 65.69 4.37 -31.84
N CYS M 89 65.29 3.48 -30.94
CA CYS M 89 64.51 2.30 -31.26
C CYS M 89 63.23 2.32 -30.45
N GLY M 90 62.11 2.10 -31.11
CA GLY M 90 60.81 2.28 -30.47
C GLY M 90 59.87 1.12 -30.74
N THR M 91 59.22 0.66 -29.67
CA THR M 91 58.22 -0.40 -29.77
C THR M 91 57.03 -0.05 -28.90
N TRP M 92 55.87 -0.61 -29.27
CA TRP M 92 54.65 -0.34 -28.51
C TRP M 92 54.53 -1.37 -27.40
N ASP M 93 54.94 -1.00 -26.19
CA ASP M 93 54.88 -1.89 -25.03
C ASP M 93 53.41 -2.01 -24.61
N SER M 94 52.81 -3.16 -24.91
CA SER M 94 51.41 -3.37 -24.55
C SER M 94 51.22 -3.53 -23.06
N SER M 95 52.22 -4.03 -22.35
CA SER M 95 52.11 -4.17 -20.90
C SER M 95 51.98 -2.81 -20.23
N LEU M 96 52.79 -1.84 -20.66
CA LEU M 96 52.65 -0.46 -20.21
C LEU M 96 51.65 0.33 -21.04
N SER M 97 51.19 -0.24 -22.16
CA SER M 97 50.35 0.47 -23.13
C SER M 97 50.96 1.83 -23.48
N ALA M 98 52.19 1.80 -23.95
CA ALA M 98 52.94 3.03 -24.17
C ALA M 98 54.06 2.79 -25.18
N TRP M 99 54.31 3.78 -26.03
CA TRP M 99 55.51 3.75 -26.85
C TRP M 99 56.74 3.80 -25.95
N VAL M 100 57.70 2.92 -26.20
CA VAL M 100 58.93 2.88 -25.43
C VAL M 100 60.12 3.01 -26.38
N PHE M 101 61.03 3.92 -26.04
CA PHE M 101 62.17 4.27 -26.87
C PHE M 101 63.46 3.84 -26.18
N GLY M 102 64.52 3.71 -26.97
CA GLY M 102 65.81 3.33 -26.45
C GLY M 102 66.59 4.51 -25.90
N GLY M 103 67.77 4.20 -25.36
CA GLY M 103 68.61 5.25 -24.79
C GLY M 103 69.12 6.23 -25.81
N GLY M 104 69.53 5.74 -26.98
CA GLY M 104 70.06 6.59 -28.04
C GLY M 104 71.58 6.49 -28.10
N THR M 105 72.08 6.27 -29.31
CA THR M 105 73.52 6.13 -29.56
C THR M 105 74.06 7.40 -30.19
N LYS M 106 75.21 7.85 -29.72
CA LYS M 106 75.91 8.99 -30.31
C LYS M 106 76.91 8.44 -31.32
N LEU M 107 76.48 8.35 -32.57
CA LEU M 107 77.34 7.84 -33.63
C LEU M 107 78.36 8.89 -34.02
N THR M 108 79.64 8.58 -33.82
CA THR M 108 80.73 9.49 -34.15
C THR M 108 81.65 8.81 -35.15
N VAL M 109 82.00 9.51 -36.22
CA VAL M 109 82.87 8.97 -37.25
C VAL M 109 84.32 9.20 -36.84
N LEU M 110 85.12 8.14 -36.88
CA LEU M 110 86.53 8.23 -36.51
C LEU M 110 87.36 8.81 -37.65
N GLU N 1 16.63 -24.31 -59.04
CA GLU N 1 16.06 -23.33 -58.12
C GLU N 1 17.19 -22.50 -57.50
N VAL N 2 18.42 -22.98 -57.66
CA VAL N 2 19.61 -22.34 -57.11
C VAL N 2 20.22 -21.49 -58.22
N GLN N 3 19.94 -20.19 -58.22
CA GLN N 3 20.58 -19.24 -59.10
C GLN N 3 21.62 -18.45 -58.33
N LEU N 4 22.82 -18.34 -58.90
CA LEU N 4 23.91 -17.59 -58.31
C LEU N 4 24.21 -16.41 -59.23
N VAL N 5 23.82 -15.22 -58.80
CA VAL N 5 23.99 -14.00 -59.59
C VAL N 5 25.39 -13.45 -59.32
N GLU N 6 25.98 -12.80 -60.32
CA GLU N 6 27.30 -12.19 -60.20
C GLU N 6 27.15 -10.67 -60.26
N SER N 7 28.28 -9.98 -60.19
CA SER N 7 28.31 -8.53 -60.31
C SER N 7 29.76 -8.08 -60.50
N GLY N 8 29.96 -6.77 -60.52
CA GLY N 8 31.29 -6.20 -60.52
C GLY N 8 32.17 -6.55 -61.69
N GLY N 9 31.59 -7.04 -62.78
CA GLY N 9 32.35 -7.46 -63.93
C GLY N 9 32.43 -6.37 -64.99
N GLY N 10 33.66 -5.97 -65.29
CA GLY N 10 33.84 -4.93 -66.30
C GLY N 10 35.31 -4.60 -66.46
N LEU N 11 35.68 -4.00 -67.59
CA LEU N 11 37.11 -3.77 -67.81
C LEU N 11 37.61 -2.97 -66.62
N VAL N 12 38.76 -3.34 -66.06
CA VAL N 12 39.38 -2.53 -64.98
C VAL N 12 40.83 -2.30 -65.41
N GLN N 13 41.40 -1.16 -65.07
CA GLN N 13 42.74 -0.82 -65.59
C GLN N 13 43.79 -1.67 -64.90
N PRO N 14 45.06 -1.68 -65.35
CA PRO N 14 46.05 -2.58 -64.80
C PRO N 14 46.30 -2.43 -63.29
N GLY N 15 46.05 -1.28 -62.67
CA GLY N 15 46.38 -1.17 -61.24
C GLY N 15 45.22 -0.95 -60.28
N ARG N 16 43.99 -0.85 -60.77
CA ARG N 16 42.88 -0.48 -59.85
C ARG N 16 42.22 -1.71 -59.24
N SER N 17 41.55 -1.54 -58.11
CA SER N 17 41.01 -2.70 -57.41
C SER N 17 39.64 -2.92 -57.96
N LEU N 18 38.96 -3.95 -57.47
CA LEU N 18 37.63 -4.30 -57.97
C LEU N 18 36.91 -5.09 -56.89
N THR N 19 35.59 -5.21 -57.02
CA THR N 19 34.77 -5.94 -56.06
C THR N 19 33.74 -6.78 -56.80
N LEU N 20 33.98 -8.08 -56.85
CA LEU N 20 33.01 -9.03 -57.40
C LEU N 20 32.09 -9.50 -56.29
N SER N 21 30.81 -9.33 -56.49
CA SER N 21 29.92 -9.56 -55.36
C SER N 21 28.83 -10.55 -55.68
N CYS N 22 29.15 -11.82 -55.68
CA CYS N 22 28.16 -12.87 -55.97
C CYS N 22 26.94 -12.78 -55.07
N GLY N 23 25.87 -13.45 -55.45
CA GLY N 23 24.64 -13.48 -54.64
C GLY N 23 24.21 -14.89 -54.38
N ALA N 24 22.91 -15.11 -54.22
CA ALA N 24 22.38 -16.48 -54.02
C ALA N 24 20.86 -16.45 -54.05
N SER N 25 20.20 -17.61 -54.03
CA SER N 25 18.72 -17.68 -54.12
C SER N 25 18.19 -19.10 -54.01
N GLY N 26 17.13 -19.30 -53.22
CA GLY N 26 16.45 -20.58 -53.17
C GLY N 26 17.08 -21.63 -52.28
N PHE N 27 18.09 -21.29 -51.48
CA PHE N 27 18.70 -22.25 -50.60
C PHE N 27 19.23 -21.54 -49.36
N THR N 28 19.40 -22.30 -48.29
CA THR N 28 19.95 -21.75 -47.05
C THR N 28 21.40 -21.35 -47.29
N PHE N 29 21.72 -20.08 -47.00
CA PHE N 29 23.05 -19.57 -47.33
C PHE N 29 24.06 -19.91 -46.25
N GLU N 30 23.74 -19.61 -44.99
CA GLU N 30 24.70 -19.76 -43.91
C GLU N 30 25.00 -21.21 -43.55
N ASP N 31 24.44 -22.17 -44.29
CA ASP N 31 24.76 -23.57 -44.04
C ASP N 31 25.87 -24.08 -44.95
N TYR N 32 26.16 -23.40 -46.05
CA TYR N 32 26.96 -23.95 -47.12
C TYR N 32 28.20 -23.09 -47.34
N ALA N 33 29.33 -23.74 -47.57
CA ALA N 33 30.60 -23.03 -47.64
C ALA N 33 30.95 -22.72 -49.09
N MET N 34 30.80 -21.46 -49.46
CA MET N 34 30.87 -21.04 -50.85
C MET N 34 32.32 -20.89 -51.30
N HIS N 35 32.52 -20.59 -52.58
CA HIS N 35 33.83 -20.51 -53.19
C HIS N 35 33.86 -19.42 -54.26
N TRP N 36 35.01 -19.29 -54.90
CA TRP N 36 35.19 -18.38 -56.03
C TRP N 36 36.27 -18.98 -56.92
N VAL N 37 35.89 -19.41 -58.12
CA VAL N 37 36.80 -20.11 -59.02
C VAL N 37 36.85 -19.36 -60.34
N ARG N 38 38.06 -19.01 -60.77
CA ARG N 38 38.25 -18.29 -62.03
C ARG N 38 38.64 -19.25 -63.14
N GLN N 39 38.48 -18.78 -64.37
CA GLN N 39 38.90 -19.50 -65.56
C GLN N 39 39.39 -18.50 -66.59
N ALA N 40 40.66 -18.54 -66.91
CA ALA N 40 41.17 -17.71 -67.99
C ALA N 40 40.67 -18.26 -69.33
N PRO N 41 40.41 -17.40 -70.31
CA PRO N 41 39.93 -17.89 -71.60
C PRO N 41 40.93 -18.86 -72.22
N GLY N 42 40.40 -19.93 -72.81
CA GLY N 42 41.24 -20.93 -73.42
C GLY N 42 42.07 -21.75 -72.45
N LYS N 43 41.66 -21.84 -71.18
CA LYS N 43 42.38 -22.60 -70.18
C LYS N 43 41.39 -23.26 -69.23
N GLY N 44 41.92 -24.12 -68.37
CA GLY N 44 41.13 -24.80 -67.38
C GLY N 44 40.87 -23.94 -66.16
N LEU N 45 40.20 -24.56 -65.19
CA LEU N 45 39.82 -23.85 -63.97
C LEU N 45 41.02 -23.61 -63.08
N GLU N 46 40.96 -22.52 -62.31
CA GLU N 46 41.99 -22.16 -61.34
C GLU N 46 41.28 -21.69 -60.08
N TRP N 47 41.37 -22.48 -59.02
CA TRP N 47 40.76 -22.10 -57.76
C TRP N 47 41.34 -20.79 -57.27
N VAL N 48 40.48 -19.90 -56.76
CA VAL N 48 40.88 -18.56 -56.35
C VAL N 48 40.67 -18.35 -54.86
N SER N 49 39.47 -18.63 -54.36
CA SER N 49 39.29 -18.45 -52.92
C SER N 49 38.16 -19.32 -52.42
N GLY N 50 38.17 -19.55 -51.10
CA GLY N 50 37.11 -20.28 -50.45
C GLY N 50 36.67 -19.53 -49.21
N ILE N 51 35.62 -20.04 -48.59
CA ILE N 51 35.07 -19.50 -47.35
C ILE N 51 34.13 -20.54 -46.75
N ASP N 52 33.81 -20.39 -45.48
CA ASP N 52 33.02 -21.37 -44.76
C ASP N 52 31.73 -20.74 -44.23
N TRP N 53 31.01 -21.49 -43.40
CA TRP N 53 29.72 -20.99 -42.91
C TRP N 53 29.93 -19.94 -41.84
N ASN N 54 31.07 -19.95 -41.15
CA ASN N 54 31.40 -18.94 -40.16
C ASN N 54 32.19 -17.78 -40.75
N SER N 55 32.32 -17.72 -42.07
CA SER N 55 33.13 -16.71 -42.75
C SER N 55 34.58 -16.76 -42.28
N GLY N 56 35.08 -17.95 -42.01
CA GLY N 56 36.48 -18.16 -41.72
C GLY N 56 37.20 -18.67 -42.95
N VAL N 57 38.01 -17.81 -43.57
CA VAL N 57 38.54 -18.11 -44.90
C VAL N 57 39.34 -19.39 -44.89
N ILE N 58 39.39 -20.04 -46.05
CA ILE N 58 40.13 -21.29 -46.21
C ILE N 58 41.57 -21.04 -46.63
N GLY N 59 41.78 -20.03 -47.45
CA GLY N 59 43.08 -19.73 -48.01
C GLY N 59 42.95 -19.43 -49.48
N TYR N 60 43.87 -18.62 -49.98
CA TYR N 60 43.86 -18.17 -51.37
C TYR N 60 44.87 -18.98 -52.16
N ALA N 61 44.70 -18.99 -53.48
CA ALA N 61 45.71 -19.57 -54.34
C ALA N 61 47.06 -18.89 -54.09
N ASP N 62 48.14 -19.62 -54.40
CA ASP N 62 49.47 -19.10 -54.11
C ASP N 62 49.76 -17.83 -54.92
N SER N 63 49.20 -17.73 -56.12
CA SER N 63 49.49 -16.58 -56.96
C SER N 63 48.75 -15.32 -56.50
N VAL N 64 47.66 -15.48 -55.75
CA VAL N 64 46.83 -14.35 -55.37
C VAL N 64 46.79 -14.18 -53.85
N LYS N 65 47.83 -14.58 -53.13
CA LYS N 65 47.83 -14.43 -51.68
C LYS N 65 48.24 -13.02 -51.29
N GLY N 66 47.43 -12.39 -50.45
CA GLY N 66 47.70 -11.04 -49.99
C GLY N 66 47.21 -9.95 -50.90
N ARG N 67 46.42 -10.27 -51.92
CA ARG N 67 45.84 -9.28 -52.81
C ARG N 67 44.37 -9.53 -53.10
N PHE N 68 43.80 -10.63 -52.61
CA PHE N 68 42.38 -10.93 -52.72
C PHE N 68 41.84 -11.13 -51.32
N ILE N 69 40.72 -10.47 -51.01
CA ILE N 69 40.08 -10.58 -49.71
C ILE N 69 38.65 -11.02 -49.91
N ILE N 70 38.31 -12.20 -49.40
CA ILE N 70 37.00 -12.80 -49.58
C ILE N 70 36.24 -12.67 -48.26
N SER N 71 34.99 -12.23 -48.36
CA SER N 71 34.14 -12.13 -47.19
C SER N 71 32.73 -12.47 -47.61
N ARG N 72 31.81 -12.43 -46.66
CA ARG N 72 30.42 -12.75 -46.97
C ARG N 72 29.51 -12.21 -45.88
N ASP N 73 28.26 -11.97 -46.25
CA ASP N 73 27.21 -11.66 -45.30
C ASP N 73 26.09 -12.66 -45.52
N ASN N 74 25.76 -13.41 -44.45
CA ASN N 74 24.66 -14.35 -44.50
C ASN N 74 23.31 -13.66 -44.39
N ALA N 75 23.30 -12.40 -43.97
CA ALA N 75 22.05 -11.64 -43.92
C ALA N 75 21.65 -11.15 -45.29
N LYS N 76 22.56 -10.45 -45.97
CA LYS N 76 22.34 -9.98 -47.33
C LYS N 76 22.51 -11.09 -48.36
N ASN N 77 22.75 -12.32 -47.93
CA ASN N 77 22.94 -13.47 -48.81
C ASN N 77 23.90 -13.15 -49.94
N SER N 78 25.15 -12.85 -49.57
CA SER N 78 26.12 -12.46 -50.57
C SER N 78 27.48 -13.06 -50.26
N LEU N 79 28.41 -12.88 -51.19
CA LEU N 79 29.77 -13.39 -51.05
C LEU N 79 30.70 -12.53 -51.90
N TYR N 80 31.45 -11.65 -51.24
CA TYR N 80 32.23 -10.61 -51.90
C TYR N 80 33.68 -11.03 -52.01
N LEU N 81 34.35 -10.59 -53.07
CA LEU N 81 35.77 -10.88 -53.27
C LEU N 81 36.45 -9.60 -53.77
N HIS N 82 37.01 -8.83 -52.84
CA HIS N 82 37.59 -7.52 -53.15
C HIS N 82 39.00 -7.72 -53.69
N MET N 83 39.11 -7.75 -55.02
CA MET N 83 40.41 -7.80 -55.66
C MET N 83 41.19 -6.51 -55.42
N ARG N 84 42.47 -6.68 -55.11
CA ARG N 84 43.37 -5.55 -54.91
C ARG N 84 44.56 -5.68 -55.86
N SER N 85 44.92 -4.57 -56.50
CA SER N 85 46.14 -4.47 -57.28
C SER N 85 46.20 -5.54 -58.37
N LEU N 86 45.29 -5.44 -59.33
CA LEU N 86 45.19 -6.42 -60.39
C LEU N 86 46.39 -6.33 -61.33
N THR N 87 46.42 -7.24 -62.30
CA THR N 87 47.50 -7.31 -63.27
C THR N 87 46.95 -7.92 -64.55
N ALA N 88 47.85 -8.24 -65.49
CA ALA N 88 47.41 -8.77 -66.78
C ALA N 88 46.87 -10.19 -66.65
N GLU N 89 47.53 -11.04 -65.86
CA GLU N 89 47.13 -12.44 -65.78
C GLU N 89 45.80 -12.64 -65.04
N ASP N 90 45.30 -11.61 -64.36
CA ASP N 90 44.09 -11.77 -63.57
C ASP N 90 42.81 -11.63 -64.37
N THR N 91 42.90 -11.48 -65.69
CA THR N 91 41.71 -11.49 -66.54
C THR N 91 41.18 -12.91 -66.65
N ALA N 92 39.88 -13.07 -66.41
CA ALA N 92 39.25 -14.40 -66.40
C ALA N 92 37.74 -14.22 -66.23
N LEU N 93 37.04 -15.35 -66.26
CA LEU N 93 35.62 -15.40 -65.92
C LEU N 93 35.49 -16.11 -64.59
N TYR N 94 34.76 -15.50 -63.66
CA TYR N 94 34.77 -15.91 -62.26
C TYR N 94 33.43 -16.53 -61.88
N TYR N 95 33.40 -17.84 -61.76
CA TYR N 95 32.22 -18.55 -61.28
C TYR N 95 32.16 -18.45 -59.77
N CYS N 96 30.96 -18.22 -59.25
CA CYS N 96 30.68 -18.22 -57.82
C CYS N 96 30.24 -19.62 -57.46
N ALA N 97 31.19 -20.53 -57.37
CA ALA N 97 30.91 -21.95 -57.13
C ALA N 97 30.32 -22.15 -55.74
N LYS N 98 30.04 -23.41 -55.43
CA LYS N 98 29.34 -23.78 -54.22
C LYS N 98 29.93 -25.08 -53.69
N ASP N 99 29.77 -25.34 -52.41
CA ASP N 99 30.18 -26.60 -51.81
C ASP N 99 29.03 -27.19 -51.02
N VAL N 100 28.90 -28.52 -51.07
CA VAL N 100 27.83 -29.17 -50.33
C VAL N 100 28.11 -29.15 -48.83
N TYR N 101 29.38 -29.19 -48.44
CA TYR N 101 29.73 -29.23 -47.03
C TYR N 101 29.71 -27.84 -46.43
N SER N 102 30.04 -27.77 -45.15
CA SER N 102 30.28 -26.52 -44.45
C SER N 102 31.71 -26.40 -43.95
N GLU N 103 32.61 -27.27 -44.41
CA GLU N 103 33.97 -27.32 -43.89
C GLU N 103 35.03 -27.30 -44.98
N SER N 104 34.68 -27.72 -46.20
CA SER N 104 35.49 -27.35 -47.36
C SER N 104 36.94 -27.79 -47.31
N GLY N 105 37.22 -29.06 -47.56
CA GLY N 105 38.56 -29.57 -47.43
C GLY N 105 38.70 -30.98 -46.90
N SER N 106 37.61 -31.74 -46.86
CA SER N 106 37.70 -33.19 -46.77
C SER N 106 37.57 -33.85 -48.14
N GLY N 107 37.91 -33.08 -49.16
CA GLY N 107 37.66 -33.60 -50.52
C GLY N 107 36.21 -33.30 -50.81
N SER N 108 35.92 -32.08 -51.24
CA SER N 108 34.50 -31.71 -51.37
C SER N 108 34.12 -31.67 -52.84
N TYR N 109 32.83 -31.74 -53.12
CA TYR N 109 32.36 -31.61 -54.51
C TYR N 109 31.55 -30.33 -54.60
N TYR N 110 31.83 -29.50 -55.59
CA TYR N 110 31.16 -28.21 -55.76
C TYR N 110 29.98 -28.44 -56.68
N ASP N 111 28.78 -28.35 -56.14
CA ASP N 111 27.55 -28.62 -56.90
C ASP N 111 27.19 -27.52 -57.87
N TYR N 112 26.59 -26.44 -57.39
CA TYR N 112 25.99 -25.43 -58.24
C TYR N 112 27.02 -24.35 -58.59
N TRP N 113 27.04 -23.94 -59.84
CA TRP N 113 27.93 -22.91 -60.33
C TRP N 113 27.13 -21.79 -60.97
N GLY N 114 27.48 -20.55 -60.63
CA GLY N 114 26.90 -19.42 -61.31
C GLY N 114 27.37 -19.32 -62.75
N GLN N 115 26.68 -18.49 -63.52
CA GLN N 115 27.07 -18.31 -64.92
C GLN N 115 28.37 -17.52 -65.04
N GLY N 116 28.76 -16.82 -64.00
CA GLY N 116 30.04 -16.15 -63.96
C GLY N 116 30.02 -14.80 -64.65
N THR N 117 31.03 -13.99 -64.33
CA THR N 117 31.21 -12.68 -64.92
C THR N 117 32.64 -12.53 -65.41
N LEU N 118 32.82 -11.72 -66.44
CA LEU N 118 34.10 -11.58 -67.13
C LEU N 118 34.81 -10.33 -66.63
N VAL N 119 36.00 -10.50 -66.08
CA VAL N 119 36.87 -9.40 -65.68
C VAL N 119 38.05 -9.38 -66.63
N THR N 120 38.16 -8.30 -67.39
CA THR N 120 39.27 -8.09 -68.32
C THR N 120 40.11 -6.92 -67.85
N VAL N 121 41.43 -7.07 -67.91
CA VAL N 121 42.36 -6.09 -67.36
C VAL N 121 43.34 -5.75 -68.48
N SER N 122 43.05 -4.67 -69.20
CA SER N 122 43.90 -4.22 -70.30
C SER N 122 43.77 -2.72 -70.45
N SER N 123 44.74 -2.12 -71.14
CA SER N 123 44.75 -0.69 -71.38
C SER N 123 44.03 -0.35 -72.68
N GLN O 1 54.90 -28.02 -55.30
CA GLN O 1 53.48 -27.94 -55.60
C GLN O 1 53.07 -29.01 -56.62
N SER O 2 52.53 -30.11 -56.12
CA SER O 2 52.02 -31.15 -56.99
C SER O 2 50.80 -30.64 -57.75
N VAL O 3 50.68 -31.05 -59.01
CA VAL O 3 49.60 -30.61 -59.89
C VAL O 3 48.96 -31.84 -60.52
N LEU O 4 47.63 -31.85 -60.58
CA LEU O 4 46.91 -32.92 -61.27
C LEU O 4 47.25 -32.91 -62.75
N THR O 5 47.33 -34.10 -63.35
CA THR O 5 47.82 -34.27 -64.72
C THR O 5 46.82 -35.10 -65.51
N GLN O 6 45.87 -34.41 -66.15
CA GLN O 6 44.97 -35.03 -67.11
C GLN O 6 45.66 -35.10 -68.48
N PRO O 7 45.14 -35.93 -69.39
CA PRO O 7 45.66 -35.89 -70.76
C PRO O 7 45.20 -34.62 -71.46
N PRO O 8 46.06 -34.01 -72.27
CA PRO O 8 45.66 -32.75 -72.93
C PRO O 8 44.44 -32.89 -73.83
N SER O 9 44.27 -34.02 -74.50
CA SER O 9 43.13 -34.22 -75.39
C SER O 9 42.89 -35.71 -75.56
N VAL O 10 41.67 -36.05 -75.97
CA VAL O 10 41.28 -37.44 -76.19
C VAL O 10 40.37 -37.49 -77.42
N SER O 11 40.50 -38.57 -78.19
CA SER O 11 39.68 -38.79 -79.37
C SER O 11 39.31 -40.26 -79.45
N ALA O 12 38.04 -40.54 -79.77
CA ALA O 12 37.57 -41.90 -79.88
C ALA O 12 36.32 -41.95 -80.75
N ALA O 13 36.16 -43.07 -81.46
CA ALA O 13 34.95 -43.31 -82.21
C ALA O 13 33.78 -43.56 -81.27
N PRO O 14 32.55 -43.27 -81.72
CA PRO O 14 31.38 -43.49 -80.85
C PRO O 14 31.20 -44.96 -80.50
N GLY O 15 30.84 -45.22 -79.25
CA GLY O 15 30.56 -46.61 -78.82
C GLY O 15 31.66 -47.18 -77.96
N GLN O 16 32.92 -46.90 -78.28
CA GLN O 16 34.04 -47.52 -77.53
C GLN O 16 34.09 -46.99 -76.09
N LYS O 17 34.99 -47.54 -75.27
CA LYS O 17 35.17 -47.07 -73.88
C LYS O 17 36.31 -46.06 -73.86
N VAL O 18 36.08 -44.87 -73.29
CA VAL O 18 37.10 -43.78 -73.34
C VAL O 18 37.70 -43.58 -71.94
N ALA O 19 39.03 -43.57 -71.82
CA ALA O 19 39.67 -43.43 -70.50
C ALA O 19 40.29 -42.03 -70.35
N ILE O 20 39.94 -41.32 -69.26
CA ILE O 20 40.54 -39.98 -68.98
C ILE O 20 41.25 -40.13 -67.64
N SER O 21 42.58 -40.06 -67.65
CA SER O 21 43.38 -40.32 -66.46
C SER O 21 43.89 -39.02 -65.84
N CYS O 22 43.50 -38.77 -64.59
CA CYS O 22 43.99 -37.65 -63.81
C CYS O 22 45.07 -38.18 -62.86
N SER O 23 46.31 -37.81 -63.11
CA SER O 23 47.46 -38.35 -62.38
C SER O 23 47.99 -37.30 -61.40
N GLY O 24 48.25 -37.74 -60.17
CA GLY O 24 48.78 -36.86 -59.15
C GLY O 24 49.77 -37.53 -58.23
N SER O 25 49.61 -37.34 -56.92
CA SER O 25 50.54 -37.89 -55.95
C SER O 25 49.76 -38.31 -54.70
N THR O 26 50.51 -38.73 -53.68
CA THR O 26 49.88 -39.22 -52.45
C THR O 26 49.10 -38.12 -51.75
N SER O 27 49.64 -36.91 -51.71
CA SER O 27 48.98 -35.83 -50.98
C SER O 27 47.62 -35.49 -51.58
N ASN O 28 47.50 -35.56 -52.90
CA ASN O 28 46.27 -35.11 -53.55
C ASN O 28 45.27 -36.24 -53.76
N ILE O 29 45.65 -37.24 -54.55
CA ILE O 29 44.71 -38.30 -54.89
C ILE O 29 44.96 -39.52 -54.02
N GLY O 30 46.21 -39.74 -53.63
CA GLY O 30 46.54 -40.89 -52.80
C GLY O 30 45.92 -40.89 -51.42
N ASP O 31 45.31 -39.78 -51.00
CA ASP O 31 44.74 -39.69 -49.66
C ASP O 31 43.28 -39.25 -49.61
N ASN O 32 42.75 -38.58 -50.63
CA ASN O 32 41.41 -38.03 -50.53
C ASN O 32 40.54 -38.42 -51.72
N PHE O 33 39.35 -37.81 -51.81
CA PHE O 33 38.38 -38.11 -52.85
C PHE O 33 38.60 -37.19 -54.04
N VAL O 34 38.25 -37.68 -55.24
CA VAL O 34 38.35 -36.90 -56.47
C VAL O 34 36.98 -36.84 -57.12
N SER O 35 36.59 -35.68 -57.65
CA SER O 35 35.28 -35.55 -58.33
C SER O 35 35.54 -35.14 -59.78
N TRP O 36 34.54 -35.22 -60.65
CA TRP O 36 34.81 -34.93 -62.08
C TRP O 36 33.77 -33.94 -62.58
N TYR O 37 34.15 -32.99 -63.42
CA TYR O 37 33.22 -31.91 -63.85
C TYR O 37 33.11 -31.87 -65.37
N GLN O 38 31.93 -31.50 -65.86
CA GLN O 38 31.70 -31.52 -67.31
C GLN O 38 31.42 -30.11 -67.75
N GLN O 39 32.09 -29.68 -68.81
CA GLN O 39 31.89 -28.33 -69.30
C GLN O 39 31.64 -28.37 -70.81
N PHE O 40 30.51 -27.83 -71.23
CA PHE O 40 30.28 -27.56 -72.64
C PHE O 40 30.79 -26.17 -72.99
N PRO O 41 31.07 -25.91 -74.27
CA PRO O 41 31.49 -24.55 -74.66
C PRO O 41 30.44 -23.52 -74.28
N GLY O 42 30.90 -22.41 -73.72
CA GLY O 42 30.02 -21.33 -73.30
C GLY O 42 29.02 -21.71 -72.24
N THR O 43 29.42 -22.56 -71.29
CA THR O 43 28.51 -22.99 -70.24
C THR O 43 29.29 -23.04 -68.93
N ALA O 44 28.55 -22.98 -67.83
CA ALA O 44 29.15 -23.13 -66.52
C ALA O 44 29.36 -24.61 -66.21
N PRO O 45 30.56 -25.03 -65.82
CA PRO O 45 30.81 -26.46 -65.57
C PRO O 45 29.80 -27.03 -64.59
N LYS O 46 29.48 -28.33 -64.75
CA LYS O 46 28.43 -29.02 -63.92
C LYS O 46 28.97 -30.33 -63.33
N LEU O 47 28.36 -30.82 -62.26
CA LEU O 47 28.80 -32.05 -61.57
C LEU O 47 28.58 -33.27 -62.47
N LEU O 48 29.54 -34.18 -62.55
CA LEU O 48 29.33 -35.45 -63.31
C LEU O 48 29.66 -36.65 -62.42
N LEU O 49 30.22 -36.45 -61.22
CA LEU O 49 30.50 -37.56 -60.27
C LEU O 49 30.78 -36.99 -58.88
N TYR O 50 31.24 -37.79 -57.91
CA TYR O 50 31.72 -37.50 -56.55
C TYR O 50 31.89 -38.82 -55.82
N ASP O 51 32.76 -38.81 -54.82
CA ASP O 51 33.14 -40.01 -54.06
C ASP O 51 33.79 -41.06 -54.95
N ASP O 52 34.37 -40.59 -56.06
CA ASP O 52 35.20 -41.38 -56.97
C ASP O 52 34.41 -42.41 -57.78
N ALA O 53 33.16 -42.66 -57.40
CA ALA O 53 32.34 -43.58 -58.17
C ALA O 53 30.93 -43.04 -58.40
N ARG O 54 30.38 -42.38 -57.40
CA ARG O 54 28.95 -42.13 -57.38
C ARG O 54 28.56 -41.05 -58.38
N ARG O 55 27.29 -40.96 -58.71
CA ARG O 55 26.91 -40.00 -59.77
C ARG O 55 25.75 -39.13 -59.30
N PRO O 56 25.72 -37.83 -59.66
CA PRO O 56 24.61 -36.97 -59.34
C PRO O 56 23.42 -37.39 -60.19
N SER O 57 22.19 -37.12 -59.75
CA SER O 57 21.03 -37.60 -60.54
C SER O 57 21.07 -36.96 -61.92
N GLY O 58 21.00 -37.76 -62.98
CA GLY O 58 21.13 -37.23 -64.34
C GLY O 58 22.52 -37.52 -64.89
N ILE O 59 23.47 -37.88 -64.02
CA ILE O 59 24.87 -38.10 -64.48
C ILE O 59 24.92 -39.27 -65.46
N PRO O 60 25.55 -39.12 -66.64
CA PRO O 60 25.53 -40.19 -67.62
C PRO O 60 26.12 -41.47 -67.03
N ASP O 61 25.36 -42.55 -67.10
CA ASP O 61 25.84 -43.86 -66.58
C ASP O 61 26.98 -44.30 -67.48
N ARG O 62 26.85 -43.97 -68.75
CA ARG O 62 27.87 -44.40 -69.72
C ARG O 62 29.21 -43.82 -69.29
N PHE O 63 29.22 -42.62 -68.72
CA PHE O 63 30.50 -42.05 -68.18
C PHE O 63 30.59 -42.38 -66.69
N SER O 64 31.45 -43.33 -66.30
CA SER O 64 31.65 -43.68 -64.87
C SER O 64 33.02 -44.33 -64.76
N GLY O 65 33.60 -44.39 -63.56
CA GLY O 65 34.88 -45.11 -63.44
C GLY O 65 35.64 -44.72 -62.18
N SER O 66 36.25 -45.69 -61.51
CA SER O 66 37.07 -45.35 -60.36
C SER O 66 38.44 -45.99 -60.52
N LYS O 67 39.46 -45.34 -59.97
CA LYS O 67 40.82 -45.85 -60.00
C LYS O 67 41.46 -45.68 -58.62
N SER O 68 42.43 -46.54 -58.34
CA SER O 68 43.17 -46.52 -57.09
C SER O 68 44.57 -45.97 -57.32
N GLY O 69 45.36 -45.96 -56.26
CA GLY O 69 46.71 -45.43 -56.34
C GLY O 69 46.73 -43.92 -56.38
N THR O 70 47.76 -43.40 -57.05
CA THR O 70 47.92 -41.95 -57.18
C THR O 70 47.10 -41.37 -58.33
N SER O 71 46.43 -42.21 -59.11
CA SER O 71 45.70 -41.75 -60.29
C SER O 71 44.22 -42.08 -60.17
N ALA O 72 43.40 -41.27 -60.84
CA ALA O 72 41.98 -41.51 -60.99
C ALA O 72 41.65 -41.62 -62.47
N THR O 73 40.56 -42.29 -62.81
CA THR O 73 40.20 -42.50 -64.20
C THR O 73 38.69 -42.39 -64.38
N LEU O 74 38.30 -41.86 -65.55
CA LEU O 74 36.90 -41.77 -65.94
C LEU O 74 36.70 -42.61 -67.20
N GLY O 75 35.65 -43.43 -67.22
CA GLY O 75 35.34 -44.29 -68.39
C GLY O 75 34.06 -43.87 -69.08
N ILE O 76 34.05 -43.79 -70.42
CA ILE O 76 32.85 -43.25 -71.14
C ILE O 76 32.41 -44.21 -72.24
N THR O 77 31.11 -44.43 -72.42
CA THR O 77 30.64 -45.24 -73.57
C THR O 77 29.51 -44.48 -74.26
N GLY O 78 28.92 -45.04 -75.32
CA GLY O 78 27.79 -44.41 -76.02
C GLY O 78 28.04 -42.95 -76.31
N LEU O 79 29.24 -42.61 -76.77
CA LEU O 79 29.61 -41.19 -77.01
C LEU O 79 28.65 -40.57 -78.03
N GLN O 80 27.68 -39.79 -77.57
CA GLN O 80 26.80 -39.06 -78.51
C GLN O 80 27.56 -37.84 -79.01
N THR O 81 27.16 -37.27 -80.13
CA THR O 81 27.89 -36.12 -80.71
C THR O 81 27.73 -34.91 -79.78
N GLY O 82 26.83 -35.01 -78.80
CA GLY O 82 26.69 -33.95 -77.82
C GLY O 82 27.66 -34.08 -76.65
N ASP O 83 28.24 -35.27 -76.48
CA ASP O 83 29.11 -35.50 -75.33
C ASP O 83 30.49 -34.88 -75.54
N GLU O 84 30.69 -34.14 -76.62
CA GLU O 84 31.93 -33.40 -76.78
C GLU O 84 32.00 -32.27 -75.76
N ALA O 85 33.03 -32.32 -74.91
CA ALA O 85 33.12 -31.40 -73.78
C ALA O 85 34.51 -31.43 -73.16
N VAL O 86 34.67 -30.73 -72.04
CA VAL O 86 35.93 -30.71 -71.30
C VAL O 86 35.67 -31.25 -69.90
N TYR O 87 36.54 -32.15 -69.45
CA TYR O 87 36.34 -32.88 -68.20
C TYR O 87 37.45 -32.53 -67.23
N PHE O 88 37.06 -32.05 -66.05
CA PHE O 88 37.99 -31.58 -65.02
C PHE O 88 37.96 -32.53 -63.83
N CYS O 89 39.15 -32.89 -63.33
CA CYS O 89 39.28 -33.66 -62.09
C CYS O 89 39.57 -32.69 -60.96
N SER O 90 38.70 -32.69 -59.95
CA SER O 90 38.83 -31.80 -58.80
C SER O 90 39.26 -32.60 -57.59
N THR O 91 40.13 -32.01 -56.78
CA THR O 91 40.78 -32.72 -55.69
C THR O 91 41.17 -31.71 -54.62
N TRP O 92 41.15 -32.16 -53.36
CA TRP O 92 41.66 -31.40 -52.24
C TRP O 92 43.05 -31.89 -51.88
N ASP O 93 43.83 -31.01 -51.26
CA ASP O 93 45.19 -31.32 -50.86
C ASP O 93 45.29 -31.29 -49.34
N ASN O 94 45.91 -32.32 -48.77
CA ASN O 94 45.99 -32.42 -47.32
C ASN O 94 47.18 -31.65 -46.76
N SER O 95 48.26 -31.53 -47.54
CA SER O 95 49.46 -30.87 -47.03
C SER O 95 49.47 -29.38 -47.36
N LEU O 96 49.33 -29.01 -48.63
CA LEU O 96 49.39 -27.61 -49.02
C LEU O 96 48.10 -26.87 -48.67
N ASN O 97 46.99 -27.61 -48.51
CA ASN O 97 45.70 -27.10 -48.08
C ASN O 97 45.06 -26.13 -49.07
N VAL O 98 45.15 -26.39 -50.36
CA VAL O 98 44.43 -25.63 -51.39
C VAL O 98 43.84 -26.62 -52.38
N VAL O 99 42.56 -26.43 -52.71
CA VAL O 99 41.90 -27.27 -53.70
C VAL O 99 42.65 -27.23 -55.02
N LEU O 100 42.92 -28.40 -55.57
CA LEU O 100 43.57 -28.50 -56.87
C LEU O 100 42.54 -28.88 -57.94
N PHE O 101 42.87 -28.57 -59.19
CA PHE O 101 42.00 -28.83 -60.32
C PHE O 101 42.81 -29.43 -61.46
N GLY O 102 42.12 -30.15 -62.35
CA GLY O 102 42.79 -30.73 -63.48
C GLY O 102 42.90 -29.76 -64.65
N GLY O 103 43.90 -30.03 -65.49
CA GLY O 103 44.12 -29.17 -66.64
C GLY O 103 42.91 -29.09 -67.56
N GLY O 104 42.30 -30.23 -67.82
CA GLY O 104 41.12 -30.28 -68.67
C GLY O 104 41.40 -31.07 -69.94
N THR O 105 40.54 -32.05 -70.21
CA THR O 105 40.66 -32.90 -71.39
C THR O 105 39.40 -32.74 -72.23
N LYS O 106 39.58 -32.57 -73.53
CA LYS O 106 38.48 -32.33 -74.46
C LYS O 106 38.17 -33.62 -75.23
N LEU O 107 36.89 -33.94 -75.33
CA LEU O 107 36.43 -35.16 -75.95
C LEU O 107 35.85 -34.86 -77.33
N THR O 108 36.30 -35.60 -78.34
CA THR O 108 35.88 -35.39 -79.72
C THR O 108 35.15 -36.63 -80.21
N VAL O 109 34.04 -36.42 -80.92
CA VAL O 109 33.27 -37.49 -81.53
C VAL O 109 33.62 -37.51 -83.02
N LEU O 110 34.24 -38.59 -83.46
CA LEU O 110 34.69 -38.69 -84.85
C LEU O 110 33.55 -39.07 -85.77
C1 NAG P . -44.88 -63.90 35.74
C2 NAG P . -43.76 -63.88 36.78
C3 NAG P . -42.40 -63.85 36.10
C4 NAG P . -42.27 -65.03 35.14
C5 NAG P . -43.43 -65.04 34.15
C6 NAG P . -43.45 -66.26 33.27
C7 NAG P . -44.33 -62.88 38.95
C8 NAG P . -44.41 -61.62 39.74
N2 NAG P . -43.91 -62.75 37.68
O3 NAG P . -41.38 -63.92 37.08
O4 NAG P . -41.05 -64.94 34.43
O5 NAG P . -44.69 -65.02 34.86
O6 NAG P . -44.12 -67.34 33.91
O7 NAG P . -44.62 -63.96 39.43
C1 NAG Q . -58.66 -66.66 44.85
C2 NAG Q . -58.49 -67.87 45.77
C3 NAG Q . -59.73 -68.04 46.65
C4 NAG Q . -60.03 -66.75 47.39
C5 NAG Q . -60.13 -65.57 46.41
C6 NAG Q . -60.29 -64.24 47.10
C7 NAG Q . -57.01 -69.55 44.76
C8 NAG Q . -56.95 -70.81 43.94
N2 NAG Q . -58.24 -69.07 45.00
O3 NAG Q . -59.50 -69.09 47.58
O4 NAG Q . -61.27 -66.87 48.08
O5 NAG Q . -58.93 -65.49 45.63
O6 NAG Q . -59.05 -63.57 47.24
O7 NAG Q . -56.01 -68.99 45.17
C1 NAG R . -39.49 -32.19 58.63
C2 NAG R . -39.96 -32.32 60.09
C3 NAG R . -38.92 -31.74 61.05
C4 NAG R . -37.55 -32.35 60.78
C5 NAG R . -37.17 -32.15 59.32
C6 NAG R . -35.86 -32.79 58.96
C7 NAG R . -42.03 -31.87 61.32
C8 NAG R . -43.32 -31.09 61.35
N2 NAG R . -41.24 -31.64 60.27
O3 NAG R . -39.31 -32.00 62.39
O4 NAG R . -36.57 -31.72 61.61
O5 NAG R . -38.18 -32.76 58.50
O6 NAG R . -35.97 -33.57 57.77
O7 NAG R . -41.74 -32.66 62.21
C1 NAG S . -53.30 -68.09 22.49
C2 NAG S . -54.73 -68.56 22.23
C3 NAG S . -54.76 -70.07 22.06
C4 NAG S . -53.78 -70.51 20.98
C5 NAG S . -52.38 -69.95 21.27
C6 NAG S . -51.39 -70.23 20.17
C7 NAG S . -56.44 -67.10 23.22
C8 NAG S . -57.28 -66.82 24.43
N2 NAG S . -55.62 -68.15 23.31
O3 NAG S . -56.08 -70.48 21.71
O4 NAG S . -53.70 -71.92 20.93
O5 NAG S . -52.45 -68.52 21.41
O6 NAG S . -51.02 -69.03 19.49
O7 NAG S . -56.51 -66.41 22.20
C1 NAG T . -12.65 -61.98 23.91
C2 NAG T . -11.89 -63.26 23.54
C3 NAG T . -11.14 -63.03 22.23
C4 NAG T . -12.08 -62.51 21.15
C5 NAG T . -12.86 -61.29 21.67
C6 NAG T . -13.87 -60.77 20.68
C7 NAG T . -11.26 -64.56 25.52
C8 NAG T . -10.17 -64.83 26.53
N2 NAG T . -10.96 -63.65 24.58
O3 NAG T . -10.52 -64.24 21.79
O4 NAG T . -11.31 -62.11 20.03
O5 NAG T . -13.57 -61.65 22.87
O6 NAG T . -13.21 -60.30 19.51
O7 NAG T . -12.34 -65.13 25.55
C1 NAG U . -5.00 -51.43 7.77
C2 NAG U . -5.67 -51.63 6.41
C3 NAG U . -6.00 -53.11 6.21
C4 NAG U . -4.76 -53.97 6.41
C5 NAG U . -4.14 -53.68 7.77
C6 NAG U . -2.84 -54.42 8.00
C7 NAG U . -7.16 -50.14 5.16
C8 NAG U . -8.42 -49.34 5.20
N2 NAG U . -6.86 -50.81 6.28
O3 NAG U . -6.52 -53.30 4.90
O4 NAG U . -5.10 -55.34 6.32
O5 NAG U . -3.85 -52.27 7.89
O6 NAG U . -2.90 -55.24 9.15
O7 NAG U . -6.44 -50.17 4.17
C1 NAG V . -9.60 -35.59 42.85
C2 NAG V . -10.86 -35.41 43.69
C3 NAG V . -11.95 -34.75 42.87
C4 NAG V . -11.44 -33.46 42.25
C5 NAG V . -10.14 -33.71 41.48
C6 NAG V . -9.51 -32.43 40.96
C7 NAG V . -10.86 -37.22 45.35
C8 NAG V . -11.45 -38.55 45.74
N2 NAG V . -11.31 -36.70 44.21
O3 NAG V . -13.07 -34.48 43.70
O4 NAG V . -12.41 -32.93 41.35
O5 NAG V . -9.17 -34.33 42.35
O6 NAG V . -8.21 -32.68 40.42
O7 NAG V . -10.02 -36.66 46.04
C1 NAG W . 43.94 -6.09 21.01
C2 NAG W . 43.06 -5.09 20.26
C3 NAG W . 42.85 -5.53 18.81
C4 NAG W . 44.16 -5.89 18.14
C5 NAG W . 44.91 -6.88 19.04
C6 NAG W . 46.24 -7.31 18.41
C7 NAG W . 41.54 -3.97 21.83
C8 NAG W . 40.21 -4.05 22.53
N2 NAG W . 41.78 -4.92 20.92
O3 NAG W . 42.16 -4.49 18.10
O4 NAG W . 43.96 -6.61 16.91
O5 NAG W . 45.15 -6.29 20.30
O6 NAG W . 47.07 -6.16 18.35
O7 NAG W . 42.34 -3.08 22.09
C1 NAG X . 29.19 -14.55 15.30
C2 NAG X . 29.79 -13.15 15.08
C3 NAG X . 29.10 -12.44 13.90
C4 NAG X . 29.02 -13.35 12.67
C5 NAG X . 28.44 -14.69 13.09
C6 NAG X . 28.31 -15.63 11.90
C7 NAG X . 30.53 -11.36 16.58
C8 NAG X . 30.37 -10.72 17.93
N2 NAG X . 29.67 -12.33 16.27
O3 NAG X . 29.80 -11.23 13.62
O4 NAG X . 28.11 -12.84 11.69
O5 NAG X . 29.24 -15.29 14.09
O6 NAG X . 29.59 -15.72 11.29
O7 NAG X . 31.41 -10.99 15.81
C1 NAG Y . 4.31 -14.67 50.69
C2 NAG Y . 4.41 -16.06 51.30
C3 NAG Y . 3.48 -16.13 52.50
C4 NAG Y . 3.86 -15.02 53.48
C5 NAG Y . 3.77 -13.67 52.78
C6 NAG Y . 4.16 -12.54 53.71
C7 NAG Y . 4.98 -17.76 49.67
C8 NAG Y . 5.33 -19.11 50.24
N2 NAG Y . 4.06 -17.08 50.34
O3 NAG Y . 3.62 -17.40 53.14
O4 NAG Y . 2.96 -15.04 54.59
O5 NAG Y . 4.64 -13.66 51.64
O6 NAG Y . 5.56 -12.65 54.02
O7 NAG Y . 5.50 -17.34 48.65
C1 NAG Z . -76.82 -35.12 5.35
C2 NAG Z . -76.07 -35.73 4.18
C3 NAG Z . -75.55 -34.58 3.34
C4 NAG Z . -76.62 -33.57 2.98
C5 NAG Z . -77.34 -33.08 4.22
C6 NAG Z . -78.59 -32.29 3.87
C7 NAG Z . -74.80 -37.78 4.62
C8 NAG Z . -73.39 -38.18 4.31
N2 NAG Z . -74.96 -36.46 4.74
O3 NAG Z . -75.04 -35.12 2.11
O4 NAG Z . -76.04 -32.43 2.35
O5 NAG Z . -77.79 -34.17 4.97
O6 NAG Z . -79.33 -32.12 5.08
O7 NAG Z . -75.70 -38.58 4.72
C1 NAG AA . -85.78 -46.29 13.48
C2 NAG AA . -86.48 -46.94 12.32
C3 NAG AA . -87.62 -47.76 12.87
C4 NAG AA . -87.12 -48.74 13.90
C5 NAG AA . -86.39 -48.00 15.02
C6 NAG AA . -85.75 -48.97 16.00
C7 NAG AA . -86.46 -45.41 10.42
C8 NAG AA . -87.22 -44.35 9.70
N2 NAG AA . -87.06 -45.92 11.49
O3 NAG AA . -88.14 -48.51 11.77
O4 NAG AA . -88.22 -49.46 14.44
O5 NAG AA . -85.34 -47.23 14.45
O6 NAG AA . -86.71 -49.38 16.97
O7 NAG AA . -85.35 -45.79 10.06
C1 NAG BA . -47.02 -60.73 7.50
C2 NAG BA . -47.38 -62.16 7.21
C3 NAG BA . -46.39 -62.76 6.26
C4 NAG BA . -46.29 -61.93 5.02
C5 NAG BA . -45.95 -60.50 5.37
C6 NAG BA . -45.88 -59.60 4.15
C7 NAG BA . -47.87 -63.86 8.87
C8 NAG BA . -47.41 -64.43 10.17
N2 NAG BA . -47.12 -62.90 8.41
O3 NAG BA . -46.84 -64.06 5.90
O4 NAG BA . -45.35 -62.51 4.12
O5 NAG BA . -46.90 -59.99 6.29
O6 NAG BA . -47.14 -59.62 3.49
O7 NAG BA . -48.86 -64.24 8.29
C1 NAG CA . -83.07 -22.82 15.16
C2 NAG CA . -83.47 -22.00 16.38
C3 NAG CA . -84.58 -21.04 16.03
C4 NAG CA . -84.20 -20.20 14.83
C5 NAG CA . -83.79 -21.07 13.67
C6 NAG CA . -83.33 -20.20 12.51
C7 NAG CA . -83.29 -23.52 18.41
C8 NAG CA . -83.76 -24.93 18.66
N2 NAG CA . -83.98 -22.84 17.46
O3 NAG CA . -84.81 -20.15 17.12
O4 NAG CA . -85.29 -19.36 14.44
O5 NAG CA . -82.77 -21.97 14.05
O6 NAG CA . -82.44 -19.21 13.05
O7 NAG CA . -82.37 -23.05 19.05
C1 NAG DA . -59.69 -16.23 -19.07
C2 NAG DA . -59.49 -16.54 -20.55
C3 NAG DA . -59.41 -15.20 -21.27
C4 NAG DA . -60.64 -14.35 -20.98
C5 NAG DA . -60.79 -14.14 -19.48
C6 NAG DA . -62.06 -13.40 -19.09
C7 NAG DA . -58.32 -18.65 -20.72
C8 NAG DA . -57.09 -19.34 -21.21
N2 NAG DA . -58.30 -17.32 -20.76
O3 NAG DA . -59.31 -15.43 -22.68
O4 NAG DA . -60.49 -13.09 -21.61
O5 NAG DA . -60.85 -15.41 -18.87
O6 NAG DA . -61.94 -11.99 -19.32
O7 NAG DA . -59.29 -19.28 -20.30
C1 NAG EA . -46.46 -1.12 -15.69
C2 NAG EA . -47.39 -1.17 -14.50
C3 NAG EA . -48.76 -0.68 -14.97
C4 NAG EA . -48.63 0.71 -15.56
C5 NAG EA . -47.63 0.67 -16.69
C6 NAG EA . -47.41 2.02 -17.36
C7 NAG EA . -47.87 -2.98 -12.92
C8 NAG EA . -49.15 -3.78 -12.91
N2 NAG EA . -47.46 -2.56 -14.11
O3 NAG EA . -49.69 -0.60 -13.88
O4 NAG EA . -49.91 1.15 -16.02
O5 NAG EA . -46.40 0.19 -16.22
O6 NAG EA . -46.56 1.80 -18.48
O7 NAG EA . -47.25 -2.74 -11.91
C1 NAG FA . -38.95 -37.94 -15.19
C2 NAG FA . -40.43 -38.25 -15.39
C3 NAG FA . -41.22 -37.39 -14.40
C4 NAG FA . -40.72 -37.65 -12.99
C5 NAG FA . -39.22 -37.36 -12.91
C6 NAG FA . -38.63 -37.65 -11.54
C7 NAG FA . -40.99 -38.87 -17.67
C8 NAG FA . -41.83 -38.51 -18.84
N2 NAG FA . -40.88 -37.94 -16.72
O3 NAG FA . -42.61 -37.69 -14.47
O4 NAG FA . -41.46 -36.85 -12.07
O5 NAG FA . -38.53 -38.17 -13.85
O6 NAG FA . -37.21 -37.53 -11.63
O7 NAG FA . -40.42 -39.95 -17.58
C1 NAG GA . 15.72 -10.64 -42.34
C2 NAG GA . 15.49 -10.35 -40.87
C3 NAG GA . 15.17 -8.89 -40.65
C4 NAG GA . 16.24 -8.02 -41.29
C5 NAG GA . 16.46 -8.38 -42.75
C6 NAG GA . 17.64 -7.60 -43.31
C7 NAG GA . 14.52 -12.23 -39.63
C8 NAG GA . 14.02 -12.08 -38.22
N2 NAG GA . 14.37 -11.15 -40.39
O3 NAG GA . 15.16 -8.60 -39.26
O4 NAG GA . 15.82 -6.66 -41.22
O5 NAG GA . 16.72 -9.77 -42.89
O6 NAG GA . 18.83 -7.98 -42.61
O7 NAG GA . 15.03 -13.25 -40.03
C1 NAG HA . 1.53 -6.95 -31.68
C2 NAG HA . 2.95 -6.66 -31.20
C3 NAG HA . 2.89 -5.91 -29.88
C4 NAG HA . 2.06 -4.66 -30.06
C5 NAG HA . 0.67 -5.01 -30.58
C6 NAG HA . -0.11 -3.74 -30.84
C7 NAG HA . 4.84 -8.14 -31.58
C8 NAG HA . 5.23 -9.59 -31.72
N2 NAG HA . 3.66 -7.91 -31.01
O3 NAG HA . 4.21 -5.56 -29.46
O4 NAG HA . 1.94 -3.96 -28.82
O5 NAG HA . 0.78 -5.74 -31.81
O6 NAG HA . 0.60 -2.95 -31.80
O7 NAG HA . 5.55 -7.24 -31.97
C1 NAG IA . -12.45 -46.63 -21.21
C2 NAG IA . -13.64 -46.89 -22.10
C3 NAG IA . -14.27 -48.19 -21.67
C4 NAG IA . -13.21 -49.27 -21.78
C5 NAG IA . -12.03 -48.91 -20.89
C6 NAG IA . -10.94 -49.95 -21.02
C7 NAG IA . -14.51 -44.82 -22.92
C8 NAG IA . -14.67 -45.23 -24.36
N2 NAG IA . -14.60 -45.80 -22.04
O3 NAG IA . -15.38 -48.49 -22.53
O4 NAG IA . -13.74 -50.52 -21.37
O5 NAG IA . -11.49 -47.66 -21.32
O6 NAG IA . -10.44 -49.92 -22.36
O7 NAG IA . -14.29 -43.67 -22.59
C1 NAG JA . -37.99 5.48 54.62
C2 NAG JA . -38.07 6.70 55.54
C3 NAG JA . -36.76 6.89 56.28
C4 NAG JA . -36.36 5.62 57.01
C5 NAG JA . -36.34 4.45 56.05
C6 NAG JA . -36.07 3.12 56.73
C7 NAG JA . -39.68 8.37 54.73
C8 NAG JA . -39.86 9.61 53.91
N2 NAG JA . -38.43 7.89 54.79
O3 NAG JA . -36.90 7.97 57.21
O4 NAG JA . -35.07 5.78 57.60
O5 NAG JA . -37.62 4.32 55.39
O6 NAG JA . -34.95 2.46 56.15
O7 NAG JA . -40.61 7.82 55.30
C1 NAG KA . -47.56 11.30 23.64
C2 NAG KA . -48.80 12.20 23.64
C3 NAG KA . -49.58 12.03 22.33
C4 NAG KA . -48.66 12.26 21.14
C5 NAG KA . -47.44 11.35 21.25
C6 NAG KA . -46.42 11.58 20.15
C7 NAG KA . -50.50 12.80 25.32
C8 NAG KA . -51.31 12.32 26.49
N2 NAG KA . -49.66 11.91 24.78
O3 NAG KA . -50.65 12.97 22.29
O4 NAG KA . -49.34 11.95 19.93
O5 NAG KA . -46.76 11.60 22.49
O6 NAG KA . -45.15 11.92 20.67
O7 NAG KA . -50.62 13.94 24.86
C1 NAG LA . -63.39 -18.17 54.06
C2 NAG LA . -63.64 -16.78 53.45
C3 NAG LA . -62.39 -15.92 53.60
C4 NAG LA . -61.94 -15.87 55.05
C5 NAG LA . -61.77 -17.28 55.59
C6 NAG LA . -61.45 -17.31 57.07
C7 NAG LA . -65.25 -16.56 51.61
C8 NAG LA . -65.47 -16.73 50.14
N2 NAG LA . -64.03 -16.89 52.06
O3 NAG LA . -62.67 -14.60 53.13
O4 NAG LA . -60.71 -15.17 55.15
O5 NAG LA . -62.98 -18.03 55.42
O6 NAG LA . -62.64 -17.30 57.86
O7 NAG LA . -66.12 -16.14 52.36
C1 NAG MA . -69.89 -42.30 64.34
C2 NAG MA . -69.06 -41.66 65.45
C3 NAG MA . -68.29 -42.73 66.23
C4 NAG MA . -69.22 -43.82 66.70
C5 NAG MA . -70.03 -44.37 65.54
C6 NAG MA . -71.07 -45.39 65.94
C7 NAG MA . -67.96 -39.46 65.45
C8 NAG MA . -66.97 -38.57 64.74
N2 NAG MA . -68.14 -40.66 64.90
O3 NAG MA . -67.64 -42.13 67.34
O4 NAG MA . -68.48 -44.88 67.29
O5 NAG MA . -70.74 -43.30 64.90
O6 NAG MA . -72.07 -45.53 64.95
O7 NAG MA . -68.56 -39.10 66.46
C1 NAG NA . -78.17 -26.28 54.56
C2 NAG NA . -79.00 -25.16 55.21
C3 NAG NA . -80.33 -25.71 55.70
C4 NAG NA . -81.06 -26.44 54.58
C5 NAG NA . -80.15 -27.51 53.98
C6 NAG NA . -80.77 -28.20 52.78
C7 NAG NA . -77.62 -23.39 56.18
C8 NAG NA . -76.93 -22.89 57.41
N2 NAG NA . -78.27 -24.54 56.31
O3 NAG NA . -81.14 -24.63 56.17
O4 NAG NA . -82.24 -27.07 55.09
O5 NAG NA . -78.93 -26.90 53.53
O6 NAG NA . -81.66 -29.23 53.19
O7 NAG NA . -77.59 -22.76 55.12
C1 NAG OA . -17.98 2.91 47.23
C2 NAG OA . -19.41 2.62 47.72
C3 NAG OA . -19.39 2.12 49.17
C4 NAG OA . -18.44 0.95 49.33
C5 NAG OA . -17.05 1.35 48.83
C6 NAG OA . -16.06 0.21 48.88
C7 NAG OA . -20.08 4.93 48.28
C8 NAG OA . -21.08 6.03 48.01
N2 NAG OA . -20.26 3.80 47.59
O3 NAG OA . -20.71 1.72 49.54
O4 NAG OA . -18.35 0.57 50.70
O5 NAG OA . -17.14 1.77 47.46
O6 NAG OA . -15.57 -0.10 47.58
O7 NAG OA . -19.15 5.09 49.06
C1 NAG PA . -55.81 -29.98 61.82
C2 NAG PA . -54.64 -30.73 62.46
C3 NAG PA . -54.48 -30.32 63.94
C4 NAG PA . -54.39 -28.81 64.06
C5 NAG PA . -55.61 -28.17 63.39
C6 NAG PA . -55.55 -26.65 63.39
C7 NAG PA . -55.75 -32.88 62.90
C8 NAG PA . -55.70 -34.36 62.65
N2 NAG PA . -54.77 -32.17 62.35
O3 NAG PA . -53.30 -30.93 64.46
O4 NAG PA . -54.36 -28.43 65.42
O5 NAG PA . -55.66 -28.57 62.02
O6 NAG PA . -56.74 -26.09 63.91
O7 NAG PA . -56.65 -32.37 63.57
C1 NAG QA . -74.12 -9.29 16.44
C2 NAG QA . -75.54 -8.69 16.44
C3 NAG QA . -75.59 -7.42 15.60
C4 NAG QA . -74.51 -6.44 16.06
C5 NAG QA . -73.15 -7.13 16.00
C6 NAG QA . -72.02 -6.25 16.51
C7 NAG QA . -77.70 -9.84 16.52
C8 NAG QA . -78.59 -10.87 15.89
N2 NAG QA . -76.50 -9.66 15.95
O3 NAG QA . -76.87 -6.82 15.74
O4 NAG QA . -74.50 -5.29 15.21
O5 NAG QA . -73.17 -8.29 16.83
O6 NAG QA . -72.43 -5.48 17.62
O7 NAG QA . -78.07 -9.20 17.50
C1 NAG RA . 0.87 46.13 -2.46
C2 NAG RA . 1.36 44.87 -3.19
C3 NAG RA . 2.44 44.15 -2.38
C4 NAG RA . 3.53 45.13 -1.92
C5 NAG RA . 2.87 46.32 -1.25
C6 NAG RA . 3.90 47.31 -0.74
C7 NAG RA . -0.45 43.96 -4.57
C8 NAG RA . -1.66 43.07 -4.61
N2 NAG RA . 0.26 43.96 -3.44
O3 NAG RA . 2.98 43.09 -3.16
O4 NAG RA . 4.37 44.55 -0.91
O5 NAG RA . 1.98 46.96 -2.15
O6 NAG RA . 4.55 47.87 -1.89
O7 NAG RA . -0.14 44.64 -5.54
C1 NAG SA . -2.27 31.89 7.98
C2 NAG SA . -1.53 32.12 6.67
C3 NAG SA . -0.66 30.90 6.31
C4 NAG SA . 0.19 30.48 7.51
C5 NAG SA . -0.70 30.33 8.74
C6 NAG SA . 0.09 29.88 9.95
C7 NAG SA . -2.16 33.11 4.51
C8 NAG SA . -3.29 33.41 3.56
N2 NAG SA . -2.46 32.37 5.57
O3 NAG SA . 0.15 31.21 5.18
O4 NAG SA . 0.77 29.18 7.31
O5 NAG SA . -1.35 31.55 9.01
O6 NAG SA . 1.17 30.80 10.13
O7 NAG SA . -1.02 33.52 4.31
C1 NAG TA . -44.14 23.99 0.44
C2 NAG TA . -44.93 24.57 1.62
C3 NAG TA . -46.40 24.22 1.43
C4 NAG TA . -46.86 24.79 0.09
C5 NAG TA . -46.00 24.20 -1.02
C6 NAG TA . -46.42 24.77 -2.38
C7 NAG TA . -43.60 24.68 3.66
C8 NAG TA . -44.22 25.44 4.78
N2 NAG TA . -44.45 24.01 2.88
O3 NAG TA . -47.17 24.82 2.49
O4 NAG TA . -48.23 24.43 -0.12
O5 NAG TA . -44.63 24.52 -0.79
O6 NAG TA . -46.11 26.16 -2.42
O7 NAG TA . -42.39 24.66 3.48
#